data_6ID2
#
_entry.id   6ID2
#
_cell.length_a   165.187
_cell.length_b   165.187
_cell.length_c   191.251
_cell.angle_alpha   90.00
_cell.angle_beta   90.00
_cell.angle_gamma   120.00
#
_symmetry.space_group_name_H-M   'P 3'
#
loop_
_entity.id
_entity.type
_entity.pdbx_description
1 polymer 'Hemagglutinin HA1 chain'
2 polymer 'Hemagglutinin HA2 chain'
3 water water
#
loop_
_entity_poly.entity_id
_entity_poly.type
_entity_poly.pdbx_seq_one_letter_code
_entity_poly.pdbx_strand_id
1 'polypeptide(L)'
;DKICLGHHAVSNGTKVNTLTERGVEVVNATETVERTNIPRICSKGKRTVDLGQCGLLGTITGPPQCDQFLEFSADLIIER
REGSDVCYPGKFVNEEALRQILRESGGIDKEAMGFTYSGIRTNGATSACRRSGSSFYAEMKWLLSNTDNAAFPQMTKSYK
NTRKSPALIVWGIHHSVSTAEQTKLYGSGNKLVTVGSSNYQQSFVPSPGARTQVNGLSGRIDFHWLMLNPNDTVTFSFNG
AFIAPDRASFLRGKSMGIQSGVQVDANCEGDCYHSGGTIISNLPFQNIDSRAVGKCPRYVKQRSLLLATGMKNVPEIPKG
R
;
A,C,E,G,I,K
2 'polypeptide(L)'
;GLFGAIAGFIENGWEGLIDGWYGFRHQNAQGEGTAADYKSTQSAIDQITGKLNRLIEKTNQQFELIDNEFNEVEKQIGNV
INWTRDSITEVWSYNAELLVAMENQHTIDLADSEMDKLYERVKRQLRENAEEDGTGCFEIFHKCDDDCMASIRNNTYDHS
KYREEAMQNRIQIDPVK
;
B,D,F,H,J,L
#
# COMPACT_ATOMS: atom_id res chain seq x y z
N ILE A 3 -62.82 -21.38 74.24
CA ILE A 3 -61.65 -21.48 73.38
C ILE A 3 -61.70 -20.42 72.29
N CYS A 4 -60.63 -19.65 72.16
CA CYS A 4 -60.51 -18.66 71.10
C CYS A 4 -59.59 -19.18 70.00
N LEU A 5 -59.54 -18.44 68.89
CA LEU A 5 -58.75 -18.86 67.75
C LEU A 5 -58.47 -17.64 66.87
N GLY A 6 -57.24 -17.52 66.42
CA GLY A 6 -56.83 -16.42 65.57
C GLY A 6 -55.78 -16.81 64.56
N HIS A 7 -55.22 -15.82 63.87
CA HIS A 7 -54.19 -16.03 62.87
C HIS A 7 -52.86 -15.44 63.33
N HIS A 8 -51.79 -15.85 62.67
CA HIS A 8 -50.45 -15.42 63.06
C HIS A 8 -50.18 -14.01 62.53
N ALA A 9 -49.10 -13.43 63.04
CA ALA A 9 -48.68 -12.09 62.62
C ALA A 9 -47.20 -11.93 62.97
N VAL A 10 -46.53 -11.09 62.19
CA VAL A 10 -45.11 -10.79 62.40
C VAL A 10 -44.96 -9.33 62.76
N SER A 11 -43.83 -9.01 63.41
CA SER A 11 -43.57 -7.63 63.82
C SER A 11 -43.16 -6.77 62.65
N ASN A 12 -42.38 -7.31 61.72
CA ASN A 12 -41.90 -6.58 60.54
C ASN A 12 -42.50 -7.22 59.29
N GLY A 13 -43.61 -6.65 58.82
CA GLY A 13 -44.24 -7.12 57.61
C GLY A 13 -43.61 -6.52 56.38
N THR A 14 -44.23 -6.81 55.23
CA THR A 14 -43.76 -6.31 53.94
C THR A 14 -44.92 -5.61 53.24
N LYS A 15 -44.73 -4.35 52.91
CA LYS A 15 -45.77 -3.57 52.23
C LYS A 15 -45.84 -3.95 50.76
N VAL A 16 -47.05 -4.21 50.28
CA VAL A 16 -47.32 -4.52 48.89
C VAL A 16 -48.43 -3.61 48.38
N ASN A 17 -48.74 -3.73 47.10
CA ASN A 17 -49.82 -2.98 46.48
C ASN A 17 -50.95 -3.93 46.10
N THR A 18 -52.19 -3.46 46.26
CA THR A 18 -53.37 -4.26 45.98
C THR A 18 -54.28 -3.50 45.02
N LEU A 19 -55.36 -4.17 44.61
CA LEU A 19 -56.34 -3.54 43.73
C LEU A 19 -57.02 -2.36 44.41
N THR A 20 -57.10 -2.38 45.74
CA THR A 20 -57.79 -1.35 46.51
C THR A 20 -56.81 -0.34 47.10
N GLU A 21 -55.93 -0.79 47.99
CA GLU A 21 -55.01 0.08 48.70
C GLU A 21 -53.62 0.02 48.07
N ARG A 22 -52.72 0.84 48.60
CA ARG A 22 -51.32 0.88 48.13
C ARG A 22 -50.44 0.96 49.36
N GLY A 23 -49.85 -0.17 49.75
CA GLY A 23 -48.98 -0.22 50.91
C GLY A 23 -49.52 -1.12 52.01
N VAL A 24 -50.30 -2.13 51.63
CA VAL A 24 -50.86 -3.06 52.61
C VAL A 24 -49.73 -3.94 53.13
N GLU A 25 -49.54 -3.95 54.44
CA GLU A 25 -48.46 -4.71 55.06
C GLU A 25 -48.92 -6.15 55.26
N VAL A 26 -48.29 -7.07 54.52
CA VAL A 26 -48.59 -8.50 54.65
C VAL A 26 -47.48 -9.17 55.43
N VAL A 27 -47.61 -10.47 55.67
CA VAL A 27 -46.61 -11.19 56.46
C VAL A 27 -45.32 -11.34 55.66
N ASN A 28 -45.39 -11.97 54.50
CA ASN A 28 -44.21 -12.19 53.67
C ASN A 28 -44.55 -11.86 52.22
N ALA A 29 -43.51 -11.52 51.46
CA ALA A 29 -43.67 -11.18 50.06
C ALA A 29 -42.36 -11.45 49.33
N THR A 30 -42.46 -11.78 48.05
CA THR A 30 -41.31 -12.06 47.20
C THR A 30 -41.25 -11.04 46.07
N GLU A 31 -40.17 -11.12 45.30
CA GLU A 31 -39.94 -10.19 44.19
C GLU A 31 -40.29 -10.86 42.87
N THR A 32 -40.90 -10.09 41.97
CA THR A 32 -41.26 -10.58 40.64
C THR A 32 -40.47 -9.92 39.53
N VAL A 33 -39.80 -8.81 39.79
CA VAL A 33 -39.02 -8.09 38.79
C VAL A 33 -37.54 -8.33 39.08
N GLU A 34 -36.86 -8.98 38.14
CA GLU A 34 -35.45 -9.32 38.33
C GLU A 34 -34.56 -8.10 38.11
N ARG A 35 -33.57 -7.95 38.98
CA ARG A 35 -32.58 -6.89 38.85
C ARG A 35 -31.13 -7.37 38.95
N THR A 36 -30.88 -8.55 39.52
CA THR A 36 -29.52 -9.04 39.64
C THR A 36 -29.00 -9.48 38.27
N ASN A 37 -27.82 -9.00 37.91
CA ASN A 37 -27.19 -9.30 36.63
C ASN A 37 -25.84 -9.92 36.84
N ILE A 38 -25.53 -10.94 36.04
CA ILE A 38 -24.22 -11.59 36.05
C ILE A 38 -23.35 -10.89 35.02
N PRO A 39 -22.29 -10.18 35.42
CA PRO A 39 -21.49 -9.41 34.44
C PRO A 39 -20.59 -10.28 33.58
N ARG A 40 -21.09 -11.42 33.13
CA ARG A 40 -20.35 -12.32 32.27
C ARG A 40 -21.31 -12.98 31.28
N ILE A 41 -20.77 -13.38 30.13
CA ILE A 41 -21.54 -14.06 29.10
C ILE A 41 -21.52 -15.55 29.45
N CYS A 42 -22.63 -16.03 30.03
CA CYS A 42 -22.72 -17.42 30.44
C CYS A 42 -22.92 -18.31 29.21
N SER A 43 -21.87 -19.04 28.85
CA SER A 43 -21.87 -19.87 27.63
C SER A 43 -21.61 -21.33 27.94
N LYS A 44 -22.03 -21.79 29.13
CA LYS A 44 -21.85 -23.19 29.51
C LYS A 44 -22.74 -24.08 28.66
N GLY A 45 -22.12 -25.00 27.92
CA GLY A 45 -22.87 -25.91 27.07
C GLY A 45 -23.24 -25.35 25.72
N LYS A 46 -22.56 -24.31 25.25
CA LYS A 46 -22.85 -23.70 23.97
C LYS A 46 -21.56 -23.47 23.20
N ARG A 47 -21.58 -23.79 21.91
CA ARG A 47 -20.47 -23.47 21.02
C ARG A 47 -20.44 -21.96 20.80
N THR A 48 -19.42 -21.30 21.33
CA THR A 48 -19.35 -19.84 21.35
C THR A 48 -18.14 -19.37 20.55
N VAL A 49 -18.36 -18.37 19.70
CA VAL A 49 -17.30 -17.73 18.94
C VAL A 49 -17.23 -16.28 19.39
N ASP A 50 -16.12 -15.91 20.02
CA ASP A 50 -15.85 -14.52 20.39
C ASP A 50 -15.08 -13.89 19.24
N LEU A 51 -15.77 -13.06 18.44
CA LEU A 51 -15.15 -12.50 17.24
C LEU A 51 -13.97 -11.60 17.59
N GLY A 52 -14.06 -10.88 18.70
CA GLY A 52 -12.94 -10.03 19.10
C GLY A 52 -12.76 -8.88 18.13
N GLN A 53 -11.53 -8.73 17.64
CA GLN A 53 -11.22 -7.67 16.69
C GLN A 53 -11.78 -7.94 15.30
N CYS A 54 -12.29 -9.14 15.05
CA CYS A 54 -12.85 -9.49 13.75
C CYS A 54 -14.31 -9.09 13.68
N GLY A 55 -14.68 -8.40 12.60
CA GLY A 55 -16.07 -8.04 12.40
C GLY A 55 -16.87 -9.21 11.83
N LEU A 56 -18.18 -9.19 12.11
CA LEU A 56 -19.03 -10.29 11.67
C LEU A 56 -19.10 -10.38 10.16
N LEU A 57 -19.20 -9.24 9.47
CA LEU A 57 -19.26 -9.26 8.02
C LEU A 57 -17.92 -9.64 7.40
N GLY A 58 -16.81 -9.28 8.06
CA GLY A 58 -15.50 -9.63 7.55
C GLY A 58 -15.31 -11.12 7.37
N THR A 59 -15.99 -11.93 8.20
CA THR A 59 -15.91 -13.37 8.07
C THR A 59 -16.31 -13.86 6.69
N ILE A 60 -17.05 -13.05 5.92
CA ILE A 60 -17.38 -13.42 4.56
C ILE A 60 -16.33 -12.93 3.57
N THR A 61 -15.72 -11.77 3.82
CA THR A 61 -14.70 -11.24 2.91
C THR A 61 -13.29 -11.68 3.31
N GLY A 62 -13.01 -11.72 4.61
CA GLY A 62 -11.76 -12.24 5.11
C GLY A 62 -10.63 -11.23 5.18
N PRO A 63 -10.73 -10.27 6.09
CA PRO A 63 -9.58 -9.43 6.40
C PRO A 63 -8.59 -10.20 7.27
N PRO A 64 -7.39 -9.66 7.50
CA PRO A 64 -6.43 -10.39 8.35
C PRO A 64 -6.98 -10.77 9.72
N GLN A 65 -7.63 -9.82 10.42
CA GLN A 65 -8.15 -10.09 11.75
C GLN A 65 -9.24 -11.16 11.77
N CYS A 66 -9.79 -11.51 10.61
CA CYS A 66 -10.79 -12.57 10.52
C CYS A 66 -10.24 -13.85 9.91
N ASP A 67 -8.91 -13.98 9.79
CA ASP A 67 -8.33 -15.16 9.16
C ASP A 67 -8.69 -16.44 9.89
N GLN A 68 -8.98 -16.35 11.19
CA GLN A 68 -9.35 -17.51 11.99
C GLN A 68 -10.85 -17.63 12.18
N PHE A 69 -11.65 -16.91 11.38
CA PHE A 69 -13.11 -16.98 11.46
C PHE A 69 -13.74 -17.16 10.09
N LEU A 70 -12.98 -17.69 9.11
CA LEU A 70 -13.51 -17.83 7.76
C LEU A 70 -14.54 -18.95 7.63
N GLU A 71 -14.41 -20.02 8.43
CA GLU A 71 -15.35 -21.13 8.40
C GLU A 71 -15.69 -21.54 9.84
N PHE A 72 -16.13 -20.58 10.64
CA PHE A 72 -16.44 -20.85 12.03
C PHE A 72 -17.78 -21.58 12.16
N SER A 73 -18.02 -22.11 13.36
CA SER A 73 -19.26 -22.80 13.67
C SER A 73 -19.57 -22.58 15.14
N ALA A 74 -20.79 -22.13 15.43
CA ALA A 74 -21.14 -21.79 16.80
C ALA A 74 -22.66 -21.79 16.98
N ASP A 75 -23.07 -21.85 18.24
CA ASP A 75 -24.46 -21.63 18.62
C ASP A 75 -24.69 -20.26 19.22
N LEU A 76 -23.62 -19.56 19.60
CA LEU A 76 -23.72 -18.22 20.17
C LEU A 76 -22.59 -17.38 19.60
N ILE A 77 -22.94 -16.30 18.90
CA ILE A 77 -21.96 -15.42 18.27
C ILE A 77 -21.92 -14.13 19.07
N ILE A 78 -20.71 -13.69 19.42
CA ILE A 78 -20.50 -12.50 20.23
C ILE A 78 -19.75 -11.47 19.39
N GLU A 79 -20.32 -10.27 19.26
CA GLU A 79 -19.69 -9.17 18.57
C GLU A 79 -19.04 -8.25 19.59
N ARG A 80 -17.79 -7.86 19.35
CA ARG A 80 -17.06 -6.97 20.22
C ARG A 80 -17.01 -5.57 19.63
N ARG A 81 -16.71 -4.59 20.49
CA ARG A 81 -16.72 -3.20 20.04
C ARG A 81 -15.47 -2.88 19.21
N GLU A 82 -14.38 -3.61 19.44
CA GLU A 82 -13.16 -3.41 18.66
C GLU A 82 -13.17 -4.17 17.35
N GLY A 83 -14.28 -4.80 16.98
CA GLY A 83 -14.33 -5.54 15.74
C GLY A 83 -14.41 -4.62 14.53
N SER A 84 -13.78 -5.05 13.44
CA SER A 84 -13.73 -4.30 12.20
C SER A 84 -14.08 -5.22 11.04
N ASP A 85 -15.04 -4.79 10.22
CA ASP A 85 -15.45 -5.59 9.06
C ASP A 85 -14.49 -5.47 7.89
N VAL A 86 -13.67 -4.43 7.83
CA VAL A 86 -12.83 -4.14 6.68
C VAL A 86 -11.40 -3.89 7.14
N CYS A 87 -10.46 -4.24 6.26
CA CYS A 87 -9.07 -3.82 6.39
C CYS A 87 -8.74 -2.68 5.43
N TYR A 88 -9.08 -2.83 4.15
CA TYR A 88 -9.10 -1.71 3.23
C TYR A 88 -10.40 -0.92 3.44
N PRO A 89 -10.32 0.41 3.49
CA PRO A 89 -11.52 1.20 3.82
C PRO A 89 -12.66 0.95 2.84
N GLY A 90 -13.78 0.49 3.38
CA GLY A 90 -14.95 0.21 2.57
C GLY A 90 -16.20 0.21 3.42
N LYS A 91 -17.28 -0.29 2.83
CA LYS A 91 -18.57 -0.34 3.51
C LYS A 91 -19.47 -1.36 2.81
N PHE A 92 -20.33 -1.99 3.60
CA PHE A 92 -21.28 -2.98 3.10
C PHE A 92 -22.63 -2.32 2.82
N VAL A 93 -23.23 -2.70 1.69
CA VAL A 93 -24.59 -2.28 1.36
C VAL A 93 -25.55 -3.26 1.99
N ASN A 94 -26.58 -2.73 2.66
CA ASN A 94 -27.48 -3.54 3.49
C ASN A 94 -26.68 -4.35 4.52
N GLU A 95 -25.85 -3.65 5.28
CA GLU A 95 -24.95 -4.32 6.20
C GLU A 95 -25.70 -4.96 7.37
N GLU A 96 -26.73 -4.27 7.88
CA GLU A 96 -27.43 -4.77 9.06
C GLU A 96 -28.24 -6.01 8.74
N ALA A 97 -28.83 -6.08 7.55
CA ALA A 97 -29.56 -7.28 7.15
C ALA A 97 -28.63 -8.47 7.05
N LEU A 98 -27.45 -8.29 6.46
CA LEU A 98 -26.47 -9.37 6.39
C LEU A 98 -25.98 -9.77 7.77
N ARG A 99 -25.84 -8.79 8.68
CA ARG A 99 -25.47 -9.09 10.05
C ARG A 99 -26.53 -9.96 10.72
N GLN A 100 -27.80 -9.59 10.57
CA GLN A 100 -28.87 -10.39 11.15
C GLN A 100 -28.98 -11.76 10.51
N ILE A 101 -28.55 -11.89 9.25
CA ILE A 101 -28.51 -13.20 8.62
C ILE A 101 -27.40 -14.05 9.20
N LEU A 102 -26.23 -13.45 9.43
CA LEU A 102 -25.08 -14.20 9.95
C LEU A 102 -25.20 -14.51 11.45
N ARG A 103 -25.99 -13.74 12.19
CA ARG A 103 -26.12 -14.00 13.62
C ARG A 103 -26.81 -15.33 13.89
N GLU A 104 -27.86 -15.64 13.13
CA GLU A 104 -28.60 -16.89 13.28
C GLU A 104 -28.17 -17.93 12.26
N SER A 105 -26.98 -17.79 11.67
CA SER A 105 -26.54 -18.70 10.63
C SER A 105 -25.95 -19.99 11.17
N GLY A 106 -25.55 -20.02 12.45
CA GLY A 106 -24.90 -21.20 12.99
C GLY A 106 -23.53 -21.46 12.43
N GLY A 107 -22.89 -20.45 11.86
CA GLY A 107 -21.60 -20.61 11.22
C GLY A 107 -21.69 -20.50 9.72
N ILE A 108 -20.52 -20.44 9.09
CA ILE A 108 -20.43 -20.31 7.64
C ILE A 108 -19.49 -21.39 7.11
N ASP A 109 -19.78 -21.85 5.90
CA ASP A 109 -18.98 -22.86 5.21
C ASP A 109 -18.64 -22.35 3.82
N LYS A 110 -17.35 -22.14 3.58
CA LYS A 110 -16.89 -21.59 2.31
C LYS A 110 -16.69 -22.70 1.28
N GLU A 111 -16.86 -22.33 0.01
CA GLU A 111 -16.64 -23.26 -1.09
C GLU A 111 -16.10 -22.48 -2.28
N ALA A 112 -15.09 -23.04 -2.94
CA ALA A 112 -14.44 -22.35 -4.04
C ALA A 112 -15.40 -22.15 -5.21
N MET A 113 -15.39 -20.95 -5.78
CA MET A 113 -16.24 -20.63 -6.91
C MET A 113 -15.61 -20.96 -8.26
N GLY A 114 -14.29 -21.17 -8.30
CA GLY A 114 -13.63 -21.72 -9.46
C GLY A 114 -13.20 -20.74 -10.52
N PHE A 115 -13.43 -19.43 -10.32
CA PHE A 115 -13.05 -18.44 -11.33
C PHE A 115 -11.55 -18.50 -11.58
N THR A 116 -11.17 -18.55 -12.85
CA THR A 116 -9.78 -18.43 -13.26
C THR A 116 -9.68 -17.33 -14.31
N TYR A 117 -8.54 -16.65 -14.33
CA TYR A 117 -8.40 -15.39 -15.06
C TYR A 117 -7.23 -15.47 -16.04
N SER A 118 -7.38 -14.75 -17.15
CA SER A 118 -6.40 -14.77 -18.23
C SER A 118 -6.23 -13.36 -18.77
N GLY A 119 -5.01 -12.83 -18.70
CA GLY A 119 -4.67 -11.57 -19.32
C GLY A 119 -4.62 -10.37 -18.42
N ILE A 120 -4.82 -10.53 -17.12
CA ILE A 120 -4.78 -9.42 -16.17
C ILE A 120 -3.95 -9.84 -14.96
N ARG A 121 -3.75 -8.89 -14.05
CA ARG A 121 -3.17 -9.16 -12.75
C ARG A 121 -4.27 -9.48 -11.75
N THR A 122 -3.98 -10.39 -10.82
CA THR A 122 -4.97 -10.85 -9.85
C THR A 122 -4.48 -10.72 -8.41
N ASN A 123 -3.31 -10.14 -8.19
CA ASN A 123 -2.70 -10.06 -6.86
C ASN A 123 -2.67 -8.63 -6.34
N GLY A 124 -3.75 -7.89 -6.51
CA GLY A 124 -3.86 -6.57 -5.93
C GLY A 124 -3.83 -6.63 -4.42
N ALA A 125 -2.96 -5.82 -3.81
CA ALA A 125 -2.79 -5.83 -2.36
C ALA A 125 -2.54 -4.41 -1.88
N THR A 126 -2.79 -4.20 -0.59
CA THR A 126 -2.66 -2.88 0.03
C THR A 126 -1.92 -3.01 1.35
N SER A 127 -1.28 -1.92 1.77
CA SER A 127 -0.58 -1.89 3.04
C SER A 127 -1.51 -1.95 4.23
N ALA A 128 -2.82 -1.83 4.02
CA ALA A 128 -3.77 -1.90 5.14
C ALA A 128 -4.08 -3.34 5.52
N CYS A 129 -4.25 -4.22 4.54
CA CYS A 129 -4.57 -5.62 4.80
C CYS A 129 -3.27 -6.42 4.90
N ARG A 130 -2.52 -6.15 5.97
CA ARG A 130 -1.20 -6.72 6.16
C ARG A 130 -1.28 -8.12 6.76
N ARG A 131 -0.55 -9.07 6.17
CA ARG A 131 -0.33 -10.38 6.77
C ARG A 131 1.16 -10.56 6.96
N SER A 132 1.81 -11.38 6.13
CA SER A 132 3.26 -11.40 6.10
C SER A 132 3.80 -10.06 5.59
N GLY A 133 3.29 -9.62 4.43
CA GLY A 133 3.53 -8.28 3.94
C GLY A 133 2.20 -7.61 3.63
N SER A 134 2.11 -6.95 2.48
CA SER A 134 0.84 -6.39 2.05
C SER A 134 0.00 -7.47 1.37
N SER A 135 -1.26 -7.58 1.79
CA SER A 135 -2.16 -8.58 1.23
C SER A 135 -3.50 -7.90 0.97
N PHE A 136 -4.55 -8.70 0.86
CA PHE A 136 -5.89 -8.19 0.55
C PHE A 136 -6.89 -9.03 1.34
N TYR A 137 -8.17 -8.94 0.95
CA TYR A 137 -9.19 -9.78 1.56
C TYR A 137 -8.98 -11.23 1.15
N ALA A 138 -9.05 -12.14 2.13
CA ALA A 138 -8.71 -13.54 1.89
C ALA A 138 -9.64 -14.18 0.87
N GLU A 139 -10.93 -13.87 0.94
CA GLU A 139 -11.92 -14.49 0.07
C GLU A 139 -12.19 -13.67 -1.19
N MET A 140 -11.44 -12.61 -1.43
CA MET A 140 -11.68 -11.70 -2.54
C MET A 140 -10.45 -11.60 -3.43
N LYS A 141 -10.66 -11.11 -4.65
CA LYS A 141 -9.62 -10.99 -5.66
C LYS A 141 -9.64 -9.57 -6.21
N TRP A 142 -8.55 -8.85 -6.05
CA TRP A 142 -8.42 -7.49 -6.58
C TRP A 142 -7.82 -7.59 -7.98
N LEU A 143 -8.69 -7.60 -8.98
CA LEU A 143 -8.26 -7.75 -10.37
C LEU A 143 -7.71 -6.42 -10.88
N LEU A 144 -6.45 -6.43 -11.29
CA LEU A 144 -5.76 -5.27 -11.83
C LEU A 144 -5.55 -5.43 -13.33
N SER A 145 -4.97 -4.40 -13.94
CA SER A 145 -4.45 -4.55 -15.29
C SER A 145 -3.13 -5.32 -15.25
N ASN A 146 -2.71 -5.83 -16.41
CA ASN A 146 -1.49 -6.62 -16.45
C ASN A 146 -0.26 -5.75 -16.20
N THR A 147 -0.23 -4.55 -16.79
CA THR A 147 0.85 -3.60 -16.57
C THR A 147 0.27 -2.28 -16.10
N ASP A 148 1.16 -1.30 -15.89
CA ASP A 148 0.88 -0.13 -15.05
C ASP A 148 -0.21 0.80 -15.60
N ASN A 149 -0.61 0.66 -16.87
CA ASN A 149 -1.80 1.35 -17.33
C ASN A 149 -2.61 0.40 -18.19
N ALA A 150 -2.04 0.01 -19.34
CA ALA A 150 -2.46 -1.17 -20.08
C ALA A 150 -3.93 -1.05 -20.50
N ALA A 151 -4.60 -2.18 -20.65
CA ALA A 151 -6.00 -2.24 -20.99
C ALA A 151 -6.60 -3.46 -20.29
N PHE A 152 -7.80 -3.30 -19.75
CA PHE A 152 -8.47 -4.38 -19.03
C PHE A 152 -9.56 -4.95 -19.93
N PRO A 153 -9.44 -6.20 -20.38
CA PRO A 153 -10.45 -6.73 -21.31
C PRO A 153 -11.76 -7.01 -20.61
N GLN A 154 -12.84 -6.96 -21.38
CA GLN A 154 -14.16 -7.33 -20.86
C GLN A 154 -14.18 -8.82 -20.56
N MET A 155 -14.39 -9.17 -19.31
CA MET A 155 -14.45 -10.56 -18.87
C MET A 155 -15.83 -10.87 -18.32
N THR A 156 -16.24 -12.13 -18.46
CA THR A 156 -17.52 -12.61 -17.96
C THR A 156 -17.28 -13.90 -17.20
N LYS A 157 -17.71 -13.95 -15.94
CA LYS A 157 -17.48 -15.08 -15.06
C LYS A 157 -18.80 -15.48 -14.42
N SER A 158 -19.21 -16.73 -14.63
CA SER A 158 -20.49 -17.23 -14.13
C SER A 158 -20.25 -18.33 -13.11
N TYR A 159 -21.13 -18.39 -12.11
CA TYR A 159 -21.06 -19.39 -11.04
C TYR A 159 -22.45 -19.90 -10.75
N LYS A 160 -22.60 -21.23 -10.71
CA LYS A 160 -23.88 -21.88 -10.48
C LYS A 160 -23.87 -22.53 -9.09
N ASN A 161 -24.94 -22.31 -8.34
CA ASN A 161 -25.08 -22.91 -7.02
C ASN A 161 -25.57 -24.35 -7.17
N THR A 162 -24.75 -25.31 -6.73
CA THR A 162 -25.04 -26.73 -6.89
C THR A 162 -25.28 -27.42 -5.55
N ARG A 163 -25.78 -26.70 -4.56
CA ARG A 163 -26.04 -27.25 -3.25
C ARG A 163 -27.48 -26.95 -2.84
N LYS A 164 -27.96 -27.68 -1.85
CA LYS A 164 -29.36 -27.61 -1.45
C LYS A 164 -29.69 -26.38 -0.61
N SER A 165 -28.70 -25.59 -0.21
CA SER A 165 -28.94 -24.41 0.60
C SER A 165 -28.56 -23.14 -0.16
N PRO A 166 -29.20 -22.02 0.15
CA PRO A 166 -28.85 -20.76 -0.52
C PRO A 166 -27.40 -20.37 -0.23
N ALA A 167 -26.76 -19.77 -1.23
CA ALA A 167 -25.38 -19.35 -1.14
C ALA A 167 -25.28 -17.85 -0.95
N LEU A 168 -24.30 -17.42 -0.16
CA LEU A 168 -24.06 -16.00 0.08
C LEU A 168 -22.93 -15.54 -0.84
N ILE A 169 -23.26 -14.67 -1.79
CA ILE A 169 -22.31 -14.15 -2.76
C ILE A 169 -22.03 -12.69 -2.42
N VAL A 170 -20.74 -12.35 -2.32
CA VAL A 170 -20.31 -11.00 -1.97
C VAL A 170 -19.24 -10.56 -2.96
N TRP A 171 -19.46 -9.42 -3.61
CA TRP A 171 -18.48 -8.83 -4.51
C TRP A 171 -18.25 -7.38 -4.09
N GLY A 172 -17.34 -6.71 -4.80
CA GLY A 172 -16.98 -5.36 -4.45
C GLY A 172 -16.74 -4.50 -5.67
N ILE A 173 -17.07 -3.22 -5.53
CA ILE A 173 -16.83 -2.20 -6.56
C ILE A 173 -15.80 -1.22 -5.99
N HIS A 174 -14.70 -1.04 -6.72
CA HIS A 174 -13.60 -0.22 -6.25
C HIS A 174 -13.77 1.23 -6.70
N HIS A 175 -13.49 2.14 -5.78
CA HIS A 175 -13.55 3.59 -6.03
C HIS A 175 -12.18 4.16 -5.70
N SER A 176 -11.44 4.54 -6.74
CA SER A 176 -10.09 5.05 -6.59
C SER A 176 -10.10 6.48 -6.04
N VAL A 177 -8.91 6.97 -5.71
CA VAL A 177 -8.78 8.31 -5.15
C VAL A 177 -9.09 9.36 -6.20
N SER A 178 -8.87 9.06 -7.48
CA SER A 178 -9.16 9.99 -8.55
C SER A 178 -9.43 9.20 -9.82
N THR A 179 -9.87 9.92 -10.86
CA THR A 179 -10.12 9.27 -12.13
C THR A 179 -8.85 8.79 -12.81
N ALA A 180 -7.69 9.32 -12.43
CA ALA A 180 -6.44 8.96 -13.09
C ALA A 180 -5.88 7.65 -12.54
N GLU A 181 -5.85 7.51 -11.21
CA GLU A 181 -5.42 6.25 -10.62
C GLU A 181 -6.29 5.08 -11.08
N GLN A 182 -7.56 5.36 -11.39
CA GLN A 182 -8.42 4.34 -11.98
C GLN A 182 -7.86 3.86 -13.31
N THR A 183 -7.29 4.77 -14.11
CA THR A 183 -6.66 4.35 -15.36
C THR A 183 -5.33 3.67 -15.09
N LYS A 184 -4.65 4.03 -13.99
CA LYS A 184 -3.43 3.30 -13.66
C LYS A 184 -3.73 1.86 -13.27
N LEU A 185 -4.88 1.60 -12.63
CA LEU A 185 -5.19 0.24 -12.20
C LEU A 185 -5.91 -0.57 -13.26
N TYR A 186 -6.71 0.06 -14.12
CA TYR A 186 -7.53 -0.68 -15.07
C TYR A 186 -7.54 -0.10 -16.48
N GLY A 187 -6.75 0.94 -16.75
CA GLY A 187 -6.72 1.53 -18.07
C GLY A 187 -7.69 2.70 -18.21
N SER A 188 -7.45 3.50 -19.25
CA SER A 188 -8.23 4.70 -19.47
C SER A 188 -9.64 4.36 -19.93
N GLY A 189 -10.57 5.29 -19.68
CA GLY A 189 -11.94 5.17 -20.12
C GLY A 189 -12.81 4.39 -19.14
N ASN A 190 -14.10 4.33 -19.48
CA ASN A 190 -15.04 3.47 -18.79
C ASN A 190 -15.22 2.03 -19.27
N LYS A 191 -14.90 1.03 -18.42
CA LYS A 191 -15.36 0.88 -17.01
C LYS A 191 -16.50 0.59 -16.04
N LEU A 192 -17.25 -0.46 -16.36
CA LEU A 192 -18.63 -0.87 -16.13
C LEU A 192 -18.64 -2.29 -15.56
N VAL A 193 -19.34 -2.50 -14.44
CA VAL A 193 -19.52 -3.82 -13.86
C VAL A 193 -21.00 -4.16 -13.92
N THR A 194 -21.30 -5.44 -14.13
CA THR A 194 -22.68 -5.90 -14.23
C THR A 194 -22.80 -7.28 -13.60
N VAL A 195 -23.55 -7.35 -12.51
CA VAL A 195 -23.88 -8.60 -11.81
C VAL A 195 -25.32 -8.95 -12.15
N GLY A 196 -25.57 -10.23 -12.40
CA GLY A 196 -26.91 -10.67 -12.74
C GLY A 196 -27.18 -12.05 -12.20
N SER A 197 -28.44 -12.29 -11.84
CA SER A 197 -28.92 -13.62 -11.51
C SER A 197 -30.31 -13.81 -12.07
N SER A 198 -31.11 -14.69 -11.45
CA SER A 198 -32.51 -14.81 -11.86
C SER A 198 -33.38 -13.74 -11.20
N ASN A 199 -33.03 -13.34 -9.97
CA ASN A 199 -33.75 -12.31 -9.25
C ASN A 199 -33.09 -10.94 -9.29
N TYR A 200 -31.79 -10.89 -9.59
CA TYR A 200 -30.97 -9.69 -9.36
C TYR A 200 -30.29 -9.28 -10.65
N GLN A 201 -30.17 -7.96 -10.85
CA GLN A 201 -29.35 -7.42 -11.93
C GLN A 201 -29.01 -5.93 -11.99
N GLN A 202 -27.72 -5.64 -11.80
CA GLN A 202 -27.08 -4.36 -11.48
C GLN A 202 -25.56 -4.34 -11.39
N SER A 203 -24.78 -3.78 -12.35
CA SER A 203 -24.91 -2.42 -12.93
C SER A 203 -24.28 -1.41 -11.99
N PHE A 204 -22.97 -1.21 -12.15
CA PHE A 204 -22.19 -0.28 -11.35
C PHE A 204 -21.17 0.41 -12.25
N VAL A 205 -21.02 1.71 -12.07
CA VAL A 205 -19.95 2.48 -12.69
C VAL A 205 -19.12 3.08 -11.56
N PRO A 206 -17.79 2.93 -11.58
CA PRO A 206 -16.99 3.46 -10.47
C PRO A 206 -17.20 4.94 -10.28
N SER A 207 -17.21 5.36 -9.02
CA SER A 207 -17.33 6.77 -8.67
C SER A 207 -16.02 7.25 -8.06
N PRO A 208 -15.00 7.52 -8.88
CA PRO A 208 -13.71 7.92 -8.31
C PRO A 208 -13.78 9.32 -7.72
N GLY A 209 -12.97 9.54 -6.69
CA GLY A 209 -12.93 10.81 -6.01
C GLY A 209 -12.27 10.69 -4.67
N ALA A 210 -11.91 11.84 -4.11
CA ALA A 210 -11.24 11.89 -2.82
C ALA A 210 -12.25 11.70 -1.69
N ARG A 211 -11.98 10.75 -0.82
CA ARG A 211 -12.79 10.53 0.38
C ARG A 211 -11.99 10.90 1.62
N THR A 212 -12.69 10.92 2.75
CA THR A 212 -12.02 11.10 4.03
C THR A 212 -11.05 9.96 4.26
N GLN A 213 -9.84 10.30 4.73
CA GLN A 213 -8.83 9.28 4.96
C GLN A 213 -9.25 8.32 6.05
N VAL A 214 -9.63 7.10 5.65
CA VAL A 214 -9.88 6.00 6.56
C VAL A 214 -8.83 4.93 6.27
N ASN A 215 -8.06 4.57 7.30
CA ASN A 215 -6.98 3.59 7.20
C ASN A 215 -5.86 4.08 6.27
N GLY A 216 -5.57 5.37 6.32
CA GLY A 216 -4.51 5.95 5.53
C GLY A 216 -4.72 5.95 4.04
N LEU A 217 -5.90 5.54 3.56
CA LEU A 217 -6.21 5.50 2.14
C LEU A 217 -7.47 6.33 1.88
N SER A 218 -7.52 6.95 0.70
CA SER A 218 -8.67 7.75 0.30
C SER A 218 -9.61 7.01 -0.65
N GLY A 219 -9.27 5.78 -1.03
CA GLY A 219 -10.14 4.99 -1.88
C GLY A 219 -11.11 4.14 -1.07
N ARG A 220 -12.25 3.84 -1.67
CA ARG A 220 -13.29 3.07 -1.02
C ARG A 220 -13.56 1.78 -1.80
N ILE A 221 -14.18 0.81 -1.13
CA ILE A 221 -14.60 -0.44 -1.74
C ILE A 221 -16.01 -0.74 -1.27
N ASP A 222 -16.97 -0.71 -2.18
CA ASP A 222 -18.35 -1.04 -1.84
C ASP A 222 -18.54 -2.55 -1.88
N PHE A 223 -19.06 -3.11 -0.79
CA PHE A 223 -19.30 -4.54 -0.70
C PHE A 223 -20.80 -4.82 -0.88
N HIS A 224 -21.13 -5.55 -1.93
CA HIS A 224 -22.50 -5.96 -2.22
C HIS A 224 -22.64 -7.47 -2.08
N TRP A 225 -23.88 -7.91 -1.88
CA TRP A 225 -24.13 -9.32 -1.63
C TRP A 225 -25.52 -9.69 -2.13
N LEU A 226 -25.70 -10.96 -2.45
CA LEU A 226 -27.01 -11.51 -2.76
C LEU A 226 -27.02 -12.99 -2.38
N MET A 227 -28.23 -13.53 -2.23
CA MET A 227 -28.44 -14.90 -1.81
C MET A 227 -28.90 -15.70 -3.04
N LEU A 228 -28.00 -16.54 -3.56
CA LEU A 228 -28.36 -17.43 -4.66
C LEU A 228 -29.18 -18.60 -4.15
N ASN A 229 -30.18 -18.98 -4.91
CA ASN A 229 -30.95 -20.18 -4.63
C ASN A 229 -30.33 -21.36 -5.35
N PRO A 230 -30.58 -22.58 -4.87
CA PRO A 230 -30.03 -23.77 -5.54
C PRO A 230 -30.36 -23.80 -7.03
N ASN A 231 -29.37 -24.19 -7.82
CA ASN A 231 -29.44 -24.32 -9.28
C ASN A 231 -29.56 -22.99 -10.02
N ASP A 232 -29.35 -21.87 -9.33
CA ASP A 232 -29.31 -20.56 -9.98
C ASP A 232 -27.85 -20.14 -10.22
N THR A 233 -27.67 -19.27 -11.20
CA THR A 233 -26.35 -18.85 -11.64
C THR A 233 -26.23 -17.33 -11.58
N VAL A 234 -25.10 -16.85 -11.09
CA VAL A 234 -24.77 -15.43 -11.05
C VAL A 234 -23.66 -15.16 -12.06
N THR A 235 -23.77 -14.06 -12.78
CA THR A 235 -22.85 -13.70 -13.85
C THR A 235 -22.26 -12.33 -13.57
N PHE A 236 -20.96 -12.21 -13.78
CA PHE A 236 -20.19 -10.98 -13.57
C PHE A 236 -19.54 -10.60 -14.90
N SER A 237 -20.07 -9.56 -15.54
CA SER A 237 -19.48 -9.01 -16.76
C SER A 237 -18.86 -7.67 -16.40
N PHE A 238 -17.54 -7.59 -16.48
CA PHE A 238 -16.83 -6.42 -15.99
C PHE A 238 -15.63 -6.13 -16.87
N ASN A 239 -15.03 -4.96 -16.64
CA ASN A 239 -13.77 -4.64 -17.30
C ASN A 239 -12.86 -3.76 -16.43
N GLY A 240 -13.04 -3.74 -15.13
CA GLY A 240 -12.22 -2.93 -14.24
C GLY A 240 -12.98 -2.57 -12.98
N ALA A 241 -12.22 -2.25 -11.94
CA ALA A 241 -12.76 -1.84 -10.64
C ALA A 241 -13.71 -2.89 -10.08
N PHE A 242 -13.26 -4.14 -10.09
CA PHE A 242 -14.07 -5.27 -9.63
C PHE A 242 -13.30 -6.07 -8.61
N ILE A 243 -13.88 -6.23 -7.43
CA ILE A 243 -13.31 -7.08 -6.39
C ILE A 243 -14.08 -8.39 -6.47
N ALA A 244 -13.52 -9.35 -7.19
CA ALA A 244 -14.24 -10.58 -7.53
C ALA A 244 -14.30 -11.53 -6.33
N PRO A 245 -15.39 -12.26 -6.19
CA PRO A 245 -15.46 -13.28 -5.13
C PRO A 245 -14.72 -14.55 -5.54
N ASP A 246 -14.03 -15.14 -4.57
CA ASP A 246 -13.30 -16.38 -4.79
C ASP A 246 -13.95 -17.58 -4.11
N ARG A 247 -14.60 -17.39 -2.97
CA ARG A 247 -15.28 -18.47 -2.26
C ARG A 247 -16.63 -17.98 -1.77
N ALA A 248 -17.66 -18.78 -2.01
CA ALA A 248 -19.00 -18.49 -1.54
C ALA A 248 -19.23 -19.06 -0.14
N SER A 249 -20.22 -18.50 0.54
CA SER A 249 -20.54 -18.89 1.91
C SER A 249 -21.88 -19.64 1.94
N PHE A 250 -21.98 -20.59 2.86
CA PHE A 250 -23.21 -21.36 3.06
C PHE A 250 -23.51 -21.40 4.55
N LEU A 251 -24.77 -21.17 4.91
CA LEU A 251 -25.16 -21.18 6.32
C LEU A 251 -25.16 -22.61 6.84
N ARG A 252 -24.53 -22.80 8.01
CA ARG A 252 -24.42 -24.13 8.58
C ARG A 252 -25.73 -24.59 9.21
N GLY A 253 -26.24 -23.82 10.17
CA GLY A 253 -27.47 -24.20 10.85
C GLY A 253 -28.21 -23.04 11.50
N LYS A 254 -28.21 -23.01 12.82
CA LYS A 254 -28.94 -21.99 13.57
C LYS A 254 -28.14 -21.61 14.80
N SER A 255 -28.18 -20.31 15.15
CA SER A 255 -27.44 -19.81 16.30
C SER A 255 -28.11 -18.51 16.76
N MET A 256 -27.43 -17.78 17.64
CA MET A 256 -27.91 -16.51 18.14
C MET A 256 -26.75 -15.52 18.19
N GLY A 257 -27.03 -14.27 17.87
CA GLY A 257 -26.00 -13.25 17.91
C GLY A 257 -26.24 -12.18 18.97
N ILE A 258 -25.21 -11.86 19.75
CA ILE A 258 -25.31 -10.85 20.79
C ILE A 258 -24.15 -9.88 20.66
N GLN A 259 -24.34 -8.68 21.21
CA GLN A 259 -23.31 -7.65 21.27
C GLN A 259 -23.03 -7.36 22.73
N SER A 260 -21.84 -7.72 23.19
CA SER A 260 -21.49 -7.58 24.60
C SER A 260 -20.07 -7.02 24.72
N GLY A 261 -19.72 -6.63 25.94
CA GLY A 261 -18.41 -6.11 26.24
C GLY A 261 -17.80 -6.71 27.50
N VAL A 262 -18.43 -7.76 28.01
CA VAL A 262 -17.94 -8.43 29.21
C VAL A 262 -17.27 -9.73 28.80
N GLN A 263 -16.66 -10.40 29.78
CA GLN A 263 -15.91 -11.62 29.52
C GLN A 263 -16.86 -12.79 29.28
N VAL A 264 -16.28 -13.89 28.81
CA VAL A 264 -17.02 -15.13 28.53
C VAL A 264 -16.78 -16.09 29.68
N ASP A 265 -17.86 -16.64 30.23
CA ASP A 265 -17.79 -17.58 31.33
C ASP A 265 -18.41 -18.90 30.91
N ALA A 266 -17.68 -19.99 31.10
CA ALA A 266 -18.12 -21.32 30.70
C ALA A 266 -18.62 -22.16 31.87
N ASN A 267 -18.79 -21.55 33.05
CA ASN A 267 -19.32 -22.26 34.21
C ASN A 267 -20.75 -21.92 34.56
N CYS A 268 -21.20 -20.70 34.26
CA CYS A 268 -22.59 -20.33 34.45
C CYS A 268 -23.36 -20.53 33.14
N GLU A 269 -24.65 -20.79 33.26
CA GLU A 269 -25.50 -21.09 32.12
C GLU A 269 -26.69 -20.14 32.11
N GLY A 270 -27.04 -19.64 30.92
CA GLY A 270 -28.16 -18.75 30.78
C GLY A 270 -28.60 -18.65 29.33
N ASP A 271 -29.84 -18.23 29.14
CA ASP A 271 -30.42 -18.06 27.82
C ASP A 271 -30.86 -16.63 27.55
N CYS A 272 -30.58 -15.70 28.48
CA CYS A 272 -30.92 -14.30 28.32
C CYS A 272 -29.64 -13.47 28.38
N TYR A 273 -29.35 -12.75 27.30
CA TYR A 273 -28.11 -12.00 27.18
C TYR A 273 -28.39 -10.54 26.86
N HIS A 274 -27.46 -9.69 27.29
CA HIS A 274 -27.46 -8.27 26.91
C HIS A 274 -26.02 -7.79 26.93
N SER A 275 -25.83 -6.50 26.61
CA SER A 275 -24.49 -5.95 26.52
C SER A 275 -23.76 -5.96 27.87
N GLY A 276 -24.50 -5.99 28.99
CA GLY A 276 -23.91 -5.97 30.32
C GLY A 276 -23.61 -7.33 30.92
N GLY A 277 -24.18 -8.39 30.39
CA GLY A 277 -23.91 -9.70 30.89
C GLY A 277 -25.07 -10.65 30.57
N THR A 278 -25.34 -11.56 31.51
CA THR A 278 -26.36 -12.59 31.37
C THR A 278 -27.38 -12.45 32.47
N ILE A 279 -28.66 -12.54 32.13
CA ILE A 279 -29.76 -12.46 33.07
C ILE A 279 -30.21 -13.89 33.38
N ILE A 280 -29.78 -14.41 34.52
CA ILE A 280 -30.17 -15.74 34.98
C ILE A 280 -31.23 -15.58 36.04
N SER A 281 -32.49 -15.87 35.71
CA SER A 281 -33.57 -15.67 36.65
C SER A 281 -34.74 -16.57 36.28
N ASN A 282 -35.61 -16.78 37.26
CA ASN A 282 -36.86 -17.52 37.07
C ASN A 282 -38.08 -16.62 37.17
N LEU A 283 -37.89 -15.33 37.42
CA LEU A 283 -38.99 -14.38 37.56
C LEU A 283 -39.58 -14.04 36.19
N PRO A 284 -40.87 -13.71 36.13
CA PRO A 284 -41.49 -13.39 34.84
C PRO A 284 -41.14 -12.01 34.29
N PHE A 285 -40.54 -11.13 35.10
CA PHE A 285 -40.24 -9.78 34.67
C PHE A 285 -38.80 -9.42 35.05
N GLN A 286 -38.27 -8.41 34.37
CA GLN A 286 -36.91 -7.94 34.61
C GLN A 286 -36.83 -6.46 34.30
N ASN A 287 -35.94 -5.77 35.00
CA ASN A 287 -35.70 -4.34 34.83
C ASN A 287 -34.20 -4.08 34.69
N ILE A 288 -33.57 -4.78 33.77
CA ILE A 288 -32.13 -4.67 33.53
C ILE A 288 -31.84 -4.05 32.17
N ASP A 289 -32.36 -4.64 31.10
CA ASP A 289 -32.13 -4.13 29.75
C ASP A 289 -33.37 -4.41 28.91
N SER A 290 -33.92 -3.36 28.31
CA SER A 290 -35.09 -3.52 27.45
C SER A 290 -34.75 -4.21 26.13
N ARG A 291 -33.48 -4.20 25.73
CA ARG A 291 -33.04 -4.83 24.49
C ARG A 291 -32.42 -6.21 24.72
N ALA A 292 -32.77 -6.86 25.82
CA ALA A 292 -32.23 -8.20 26.09
C ALA A 292 -32.80 -9.20 25.11
N VAL A 293 -31.92 -10.08 24.61
CA VAL A 293 -32.29 -11.03 23.56
C VAL A 293 -32.18 -12.44 24.11
N GLY A 294 -32.84 -13.37 23.41
CA GLY A 294 -32.88 -14.75 23.84
C GLY A 294 -34.21 -15.11 24.46
N LYS A 295 -34.20 -15.98 25.46
CA LYS A 295 -35.40 -16.35 26.21
C LYS A 295 -35.37 -15.62 27.54
N CYS A 296 -35.79 -14.36 27.50
CA CYS A 296 -35.71 -13.44 28.62
C CYS A 296 -37.07 -13.23 29.27
N PRO A 297 -37.10 -12.82 30.54
CA PRO A 297 -38.32 -12.29 31.13
C PRO A 297 -38.73 -10.99 30.46
N ARG A 298 -40.01 -10.67 30.58
CA ARG A 298 -40.55 -9.48 29.91
C ARG A 298 -40.07 -8.22 30.63
N TYR A 299 -39.52 -7.28 29.88
CA TYR A 299 -39.01 -6.05 30.47
C TYR A 299 -40.14 -5.15 30.91
N VAL A 300 -40.01 -4.61 32.12
CA VAL A 300 -40.96 -3.65 32.67
C VAL A 300 -40.19 -2.47 33.22
N LYS A 301 -40.87 -1.32 33.30
CA LYS A 301 -40.23 -0.11 33.79
C LYS A 301 -40.20 -0.04 35.32
N GLN A 302 -41.05 -0.80 35.99
CA GLN A 302 -41.05 -0.80 37.45
C GLN A 302 -39.78 -1.46 37.97
N ARG A 303 -39.21 -0.88 39.03
CA ARG A 303 -38.01 -1.44 39.63
C ARG A 303 -38.33 -2.63 40.51
N SER A 304 -39.44 -2.58 41.25
CA SER A 304 -39.81 -3.66 42.15
C SER A 304 -41.32 -3.79 42.20
N LEU A 305 -41.81 -5.02 42.16
CA LEU A 305 -43.24 -5.33 42.27
C LEU A 305 -43.37 -6.53 43.19
N LEU A 306 -43.67 -6.26 44.46
CA LEU A 306 -43.64 -7.30 45.50
C LEU A 306 -44.94 -8.11 45.48
N LEU A 307 -44.82 -9.40 45.19
CA LEU A 307 -45.96 -10.31 45.23
C LEU A 307 -46.17 -10.81 46.66
N ALA A 308 -47.40 -10.71 47.13
CA ALA A 308 -47.71 -11.11 48.51
C ALA A 308 -47.72 -12.64 48.62
N THR A 309 -46.95 -13.16 49.57
CA THR A 309 -46.90 -14.59 49.84
C THR A 309 -47.37 -14.93 51.26
N GLY A 310 -47.96 -13.97 51.97
CA GLY A 310 -48.45 -14.19 53.31
C GLY A 310 -49.78 -13.50 53.53
N MET A 311 -50.34 -13.72 54.72
CA MET A 311 -51.63 -13.14 55.07
C MET A 311 -51.46 -11.66 55.41
N LYS A 312 -52.59 -10.99 55.65
CA LYS A 312 -52.56 -9.60 56.07
C LYS A 312 -51.93 -9.51 57.46
N ASN A 313 -50.84 -8.77 57.58
CA ASN A 313 -50.14 -8.64 58.85
C ASN A 313 -50.86 -7.62 59.72
N VAL A 314 -51.52 -8.09 60.77
CA VAL A 314 -52.17 -7.22 61.74
C VAL A 314 -51.46 -7.39 63.07
N PRO A 315 -50.30 -6.76 63.27
CA PRO A 315 -49.54 -6.98 64.50
C PRO A 315 -50.08 -6.20 65.68
N GLU A 316 -49.25 -6.03 66.71
CA GLU A 316 -49.67 -5.30 67.90
C GLU A 316 -48.50 -4.48 68.46
N ALA B 7 -59.20 -10.97 60.39
CA ALA B 7 -58.38 -9.76 60.52
C ALA B 7 -59.24 -8.55 60.82
N GLY B 8 -60.53 -8.78 61.04
CA GLY B 8 -61.46 -7.71 61.36
C GLY B 8 -61.71 -7.55 62.84
N PHE B 9 -62.64 -8.34 63.38
CA PHE B 9 -62.90 -8.30 64.81
C PHE B 9 -61.76 -8.87 65.63
N ILE B 10 -60.88 -9.67 65.01
CA ILE B 10 -59.62 -10.05 65.63
C ILE B 10 -58.74 -8.81 65.65
N GLU B 11 -58.66 -8.15 66.81
CA GLU B 11 -58.08 -6.81 66.87
C GLU B 11 -56.60 -6.80 66.47
N ASN B 12 -55.89 -7.90 66.71
CA ASN B 12 -54.47 -7.97 66.37
C ASN B 12 -54.05 -9.42 66.31
N GLY B 13 -52.84 -9.65 65.76
CA GLY B 13 -52.29 -10.97 65.69
C GLY B 13 -51.38 -11.30 66.85
N TRP B 14 -50.95 -12.55 66.91
CA TRP B 14 -50.13 -13.06 68.00
C TRP B 14 -48.68 -13.15 67.51
N GLU B 15 -47.84 -12.23 67.97
CA GLU B 15 -46.43 -12.26 67.59
C GLU B 15 -45.70 -13.45 68.24
N GLY B 16 -46.21 -13.93 69.37
CA GLY B 16 -45.61 -15.09 70.01
C GLY B 16 -45.94 -16.40 69.32
N LEU B 17 -46.97 -16.42 68.49
CA LEU B 17 -47.34 -17.63 67.74
C LEU B 17 -46.33 -17.83 66.61
N ILE B 18 -45.31 -18.65 66.86
CA ILE B 18 -44.27 -18.91 65.88
C ILE B 18 -44.34 -20.34 65.36
N ASP B 19 -45.43 -21.06 65.63
CA ASP B 19 -45.56 -22.45 65.23
C ASP B 19 -46.33 -22.64 63.92
N GLY B 20 -47.28 -21.75 63.63
CA GLY B 20 -48.04 -21.86 62.41
C GLY B 20 -48.72 -20.55 62.07
N TRP B 21 -49.57 -20.60 61.05
CA TRP B 21 -50.31 -19.42 60.62
C TRP B 21 -51.58 -19.20 61.42
N TYR B 22 -52.21 -20.26 61.93
CA TYR B 22 -53.39 -20.17 62.76
C TYR B 22 -53.18 -20.99 64.02
N GLY B 23 -54.04 -20.78 65.01
CA GLY B 23 -53.91 -21.52 66.25
C GLY B 23 -54.90 -21.06 67.28
N PHE B 24 -54.85 -21.72 68.43
CA PHE B 24 -55.73 -21.45 69.56
C PHE B 24 -54.89 -21.10 70.79
N ARG B 25 -55.44 -20.24 71.63
CA ARG B 25 -54.83 -19.89 72.92
C ARG B 25 -55.93 -19.99 73.98
N HIS B 26 -56.00 -21.13 74.65
CA HIS B 26 -57.02 -21.39 75.64
C HIS B 26 -56.53 -21.05 77.04
N GLN B 27 -57.40 -20.42 77.83
CA GLN B 27 -57.11 -20.08 79.23
C GLN B 27 -58.21 -20.68 80.08
N ASN B 28 -58.00 -21.91 80.56
CA ASN B 28 -58.96 -22.57 81.43
C ASN B 28 -58.48 -22.52 82.87
N ALA B 29 -58.86 -23.51 83.67
CA ALA B 29 -58.47 -23.51 85.08
C ALA B 29 -57.10 -24.17 85.26
N GLN B 30 -56.81 -25.20 84.47
CA GLN B 30 -55.55 -25.93 84.65
C GLN B 30 -54.34 -25.07 84.29
N GLY B 31 -54.49 -24.17 83.33
CA GLY B 31 -53.38 -23.31 82.94
C GLY B 31 -53.66 -22.49 81.70
N GLU B 32 -52.85 -22.71 80.66
CA GLU B 32 -52.99 -21.95 79.42
C GLU B 32 -52.29 -22.73 78.31
N GLY B 33 -52.75 -22.53 77.08
CA GLY B 33 -52.18 -23.22 75.94
C GLY B 33 -52.24 -22.37 74.70
N THR B 34 -51.28 -22.59 73.79
CA THR B 34 -51.20 -21.89 72.52
C THR B 34 -50.66 -22.89 71.50
N ALA B 35 -51.56 -23.51 70.74
CA ALA B 35 -51.21 -24.55 69.78
C ALA B 35 -51.68 -24.16 68.39
N ALA B 36 -50.79 -24.30 67.41
CA ALA B 36 -51.11 -23.90 66.05
C ALA B 36 -51.91 -24.99 65.34
N ASP B 37 -52.96 -24.56 64.63
CA ASP B 37 -53.75 -25.47 63.82
C ASP B 37 -53.03 -25.72 62.49
N TYR B 38 -52.84 -27.01 62.17
CA TYR B 38 -52.06 -27.40 61.00
C TYR B 38 -52.88 -27.41 59.71
N LYS B 39 -54.18 -27.69 59.79
CA LYS B 39 -54.97 -27.86 58.57
C LYS B 39 -55.15 -26.54 57.83
N SER B 40 -55.63 -25.52 58.53
CA SER B 40 -55.87 -24.23 57.88
C SER B 40 -54.56 -23.57 57.48
N THR B 41 -53.55 -23.63 58.35
CA THR B 41 -52.23 -23.11 58.02
C THR B 41 -51.69 -23.74 56.75
N GLN B 42 -51.72 -25.07 56.69
CA GLN B 42 -51.25 -25.76 55.49
C GLN B 42 -52.13 -25.45 54.28
N SER B 43 -53.41 -25.12 54.51
CA SER B 43 -54.29 -24.75 53.41
C SER B 43 -53.84 -23.44 52.78
N ALA B 44 -53.72 -22.38 53.61
CA ALA B 44 -53.26 -21.10 53.08
C ALA B 44 -51.86 -21.20 52.50
N ILE B 45 -51.00 -21.98 53.13
CA ILE B 45 -49.64 -22.16 52.60
C ILE B 45 -49.67 -22.85 51.24
N ASP B 46 -50.56 -23.84 51.07
CA ASP B 46 -50.65 -24.50 49.78
C ASP B 46 -51.25 -23.59 48.72
N GLN B 47 -52.16 -22.69 49.11
CA GLN B 47 -52.73 -21.76 48.14
C GLN B 47 -51.68 -20.74 47.69
N ILE B 48 -50.98 -20.12 48.64
CA ILE B 48 -49.92 -19.18 48.29
C ILE B 48 -48.84 -19.87 47.47
N THR B 49 -48.50 -21.11 47.84
CA THR B 49 -47.54 -21.88 47.06
C THR B 49 -48.05 -22.13 45.65
N GLY B 50 -49.35 -22.32 45.49
CA GLY B 50 -49.91 -22.45 44.16
C GLY B 50 -49.76 -21.18 43.34
N LYS B 51 -50.04 -20.03 43.96
CA LYS B 51 -49.82 -18.76 43.28
C LYS B 51 -48.35 -18.58 42.88
N LEU B 52 -47.44 -18.95 43.77
CA LEU B 52 -46.01 -18.79 43.49
C LEU B 52 -45.57 -19.71 42.35
N ASN B 53 -46.01 -20.97 42.38
CA ASN B 53 -45.68 -21.89 41.29
C ASN B 53 -46.34 -21.48 39.98
N ARG B 54 -47.45 -20.74 40.03
CA ARG B 54 -48.10 -20.32 38.80
C ARG B 54 -47.45 -19.09 38.19
N LEU B 55 -47.05 -18.12 39.02
CA LEU B 55 -46.51 -16.86 38.50
C LEU B 55 -45.03 -17.00 38.14
N ILE B 56 -44.23 -17.59 39.02
CA ILE B 56 -42.84 -17.84 38.71
C ILE B 56 -42.78 -18.86 37.57
N GLU B 57 -42.40 -18.39 36.39
CA GLU B 57 -42.52 -19.21 35.18
C GLU B 57 -41.39 -18.87 34.22
N LYS B 58 -40.99 -19.86 33.43
CA LYS B 58 -40.01 -19.68 32.37
C LYS B 58 -40.71 -19.61 31.02
N THR B 59 -40.30 -18.65 30.19
CA THR B 59 -40.88 -18.45 28.88
C THR B 59 -40.01 -19.15 27.84
N ASN B 60 -40.61 -20.05 27.05
CA ASN B 60 -39.89 -20.75 26.00
C ASN B 60 -39.79 -19.95 24.71
N GLN B 61 -40.42 -18.78 24.64
CA GLN B 61 -40.36 -17.94 23.46
C GLN B 61 -39.03 -17.20 23.42
N GLN B 62 -38.35 -17.28 22.28
CA GLN B 62 -37.06 -16.64 22.08
C GLN B 62 -37.22 -15.44 21.15
N PHE B 63 -36.65 -14.31 21.55
CA PHE B 63 -36.64 -13.10 20.74
C PHE B 63 -35.23 -12.80 20.25
N GLU B 64 -35.10 -12.47 18.98
CA GLU B 64 -33.81 -12.22 18.37
C GLU B 64 -33.45 -10.73 18.46
N LEU B 65 -32.21 -10.43 18.11
CA LEU B 65 -31.72 -9.06 18.13
C LEU B 65 -32.24 -8.31 16.91
N ILE B 66 -33.04 -7.28 17.15
CA ILE B 66 -33.61 -6.49 16.06
C ILE B 66 -32.90 -5.14 15.88
N ASP B 67 -32.16 -4.69 16.88
CA ASP B 67 -31.40 -3.45 16.83
C ASP B 67 -29.92 -3.74 16.64
N ASN B 68 -29.09 -2.73 16.90
CA ASN B 68 -27.64 -2.88 16.82
C ASN B 68 -27.01 -1.80 17.67
N GLU B 69 -26.28 -2.19 18.71
CA GLU B 69 -25.72 -1.23 19.65
C GLU B 69 -24.40 -0.63 19.16
N PHE B 70 -23.70 -1.31 18.25
CA PHE B 70 -22.41 -0.83 17.77
C PHE B 70 -22.55 0.00 16.49
N ASN B 71 -23.45 -0.38 15.60
CA ASN B 71 -23.73 0.37 14.38
C ASN B 71 -25.22 0.66 14.35
N GLU B 72 -25.60 1.91 14.62
CA GLU B 72 -27.01 2.27 14.64
C GLU B 72 -27.63 2.05 13.26
N VAL B 73 -28.83 1.48 13.26
CA VAL B 73 -29.55 1.15 12.02
C VAL B 73 -30.16 2.41 11.43
N GLU B 74 -30.94 2.26 10.36
CA GLU B 74 -31.61 3.39 9.74
C GLU B 74 -32.47 4.13 10.77
N LYS B 75 -32.47 5.46 10.67
CA LYS B 75 -33.15 6.27 11.68
C LYS B 75 -34.64 6.00 11.71
N GLN B 76 -35.26 5.80 10.55
CA GLN B 76 -36.70 5.62 10.49
C GLN B 76 -37.11 4.27 11.10
N ILE B 77 -36.55 3.18 10.58
CA ILE B 77 -36.88 1.86 11.11
C ILE B 77 -36.41 1.74 12.56
N GLY B 78 -35.36 2.47 12.94
CA GLY B 78 -34.96 2.50 14.33
C GLY B 78 -35.97 3.17 15.23
N ASN B 79 -36.55 4.27 14.76
CA ASN B 79 -37.62 4.93 15.51
C ASN B 79 -38.87 4.06 15.58
N VAL B 80 -39.15 3.29 14.52
CA VAL B 80 -40.27 2.36 14.57
C VAL B 80 -40.01 1.26 15.60
N ILE B 81 -38.77 0.75 15.64
CA ILE B 81 -38.43 -0.31 16.57
C ILE B 81 -38.52 0.20 18.01
N ASN B 82 -37.98 1.40 18.27
CA ASN B 82 -38.07 1.96 19.61
C ASN B 82 -39.52 2.28 19.98
N TRP B 83 -40.34 2.68 19.01
CA TRP B 83 -41.74 2.94 19.28
C TRP B 83 -42.48 1.67 19.69
N THR B 84 -42.29 0.60 18.91
CA THR B 84 -42.94 -0.67 19.24
C THR B 84 -42.43 -1.22 20.58
N ARG B 85 -41.11 -1.13 20.81
CA ARG B 85 -40.55 -1.63 22.06
C ARG B 85 -41.06 -0.84 23.26
N ASP B 86 -41.22 0.47 23.11
CA ASP B 86 -41.77 1.27 24.20
C ASP B 86 -43.23 0.94 24.45
N SER B 87 -44.00 0.70 23.38
CA SER B 87 -45.40 0.32 23.54
C SER B 87 -45.51 -1.01 24.29
N ILE B 88 -44.74 -2.02 23.85
CA ILE B 88 -44.77 -3.32 24.52
C ILE B 88 -44.30 -3.18 25.96
N THR B 89 -43.31 -2.32 26.21
CA THR B 89 -42.84 -2.09 27.58
C THR B 89 -43.96 -1.52 28.44
N GLU B 90 -44.74 -0.58 27.90
CA GLU B 90 -45.88 -0.05 28.65
C GLU B 90 -46.91 -1.14 28.91
N VAL B 91 -47.16 -1.99 27.93
CA VAL B 91 -48.15 -3.05 28.09
C VAL B 91 -47.74 -4.00 29.20
N TRP B 92 -46.49 -4.45 29.19
CA TRP B 92 -46.03 -5.40 30.19
C TRP B 92 -45.89 -4.75 31.56
N SER B 93 -45.57 -3.45 31.61
CA SER B 93 -45.53 -2.76 32.88
C SER B 93 -46.92 -2.69 33.50
N TYR B 94 -47.93 -2.34 32.69
CA TYR B 94 -49.30 -2.31 33.18
C TYR B 94 -49.75 -3.69 33.64
N ASN B 95 -49.50 -4.72 32.81
CA ASN B 95 -49.93 -6.07 33.16
C ASN B 95 -49.24 -6.57 34.42
N ALA B 96 -47.98 -6.20 34.62
CA ALA B 96 -47.28 -6.63 35.82
C ALA B 96 -47.80 -5.91 37.06
N GLU B 97 -48.00 -4.60 36.96
CA GLU B 97 -48.55 -3.83 38.08
C GLU B 97 -49.92 -4.37 38.48
N LEU B 98 -50.84 -4.46 37.52
CA LEU B 98 -52.18 -4.95 37.82
C LEU B 98 -52.17 -6.39 38.31
N LEU B 99 -51.28 -7.21 37.75
CA LEU B 99 -51.17 -8.60 38.19
C LEU B 99 -50.76 -8.66 39.66
N VAL B 100 -49.69 -7.96 40.03
CA VAL B 100 -49.23 -7.96 41.42
C VAL B 100 -50.32 -7.45 42.35
N ALA B 101 -50.97 -6.35 41.97
CA ALA B 101 -52.01 -5.78 42.81
C ALA B 101 -53.15 -6.78 43.04
N MET B 102 -53.70 -7.33 41.96
CA MET B 102 -54.81 -8.26 42.09
C MET B 102 -54.42 -9.49 42.90
N GLU B 103 -53.22 -10.03 42.65
CA GLU B 103 -52.79 -11.23 43.37
C GLU B 103 -52.64 -10.94 44.86
N ASN B 104 -52.11 -9.77 45.21
CA ASN B 104 -52.00 -9.42 46.63
C ASN B 104 -53.37 -9.28 47.27
N GLN B 105 -54.31 -8.62 46.58
CA GLN B 105 -55.66 -8.48 47.11
C GLN B 105 -56.30 -9.84 47.35
N HIS B 106 -56.26 -10.72 46.36
CA HIS B 106 -56.87 -12.04 46.50
C HIS B 106 -56.15 -12.88 47.55
N THR B 107 -54.85 -12.64 47.76
CA THR B 107 -54.13 -13.34 48.81
C THR B 107 -54.62 -12.91 50.18
N ILE B 108 -54.75 -11.59 50.40
CA ILE B 108 -55.21 -11.09 51.68
C ILE B 108 -56.63 -11.57 51.97
N ASP B 109 -57.55 -11.33 51.04
CA ASP B 109 -58.93 -11.75 51.25
C ASP B 109 -59.05 -13.26 51.37
N LEU B 110 -58.16 -14.00 50.68
CA LEU B 110 -58.16 -15.45 50.79
C LEU B 110 -57.79 -15.89 52.20
N ALA B 111 -56.70 -15.33 52.75
CA ALA B 111 -56.28 -15.70 54.09
C ALA B 111 -57.33 -15.31 55.13
N ASP B 112 -57.93 -14.12 54.98
CA ASP B 112 -59.02 -13.75 55.86
C ASP B 112 -60.18 -14.73 55.76
N SER B 113 -60.46 -15.21 54.55
CA SER B 113 -61.51 -16.23 54.37
C SER B 113 -61.16 -17.51 55.12
N GLU B 114 -59.89 -17.92 55.09
CA GLU B 114 -59.49 -19.10 55.84
C GLU B 114 -59.68 -18.88 57.34
N MET B 115 -59.29 -17.70 57.83
CA MET B 115 -59.49 -17.37 59.24
C MET B 115 -60.96 -17.49 59.63
N ASP B 116 -61.86 -16.89 58.84
CA ASP B 116 -63.28 -16.99 59.14
C ASP B 116 -63.78 -18.43 59.06
N LYS B 117 -63.23 -19.21 58.13
CA LYS B 117 -63.56 -20.63 58.05
C LYS B 117 -63.25 -21.34 59.36
N LEU B 118 -62.04 -21.12 59.89
CA LEU B 118 -61.67 -21.75 61.15
C LEU B 118 -62.57 -21.28 62.28
N TYR B 119 -62.83 -19.96 62.34
CA TYR B 119 -63.67 -19.40 63.40
C TYR B 119 -65.05 -20.04 63.41
N GLU B 120 -65.75 -20.03 62.27
CA GLU B 120 -67.08 -20.62 62.22
C GLU B 120 -67.05 -22.13 62.35
N ARG B 121 -65.91 -22.77 62.04
CA ARG B 121 -65.80 -24.21 62.24
C ARG B 121 -65.81 -24.55 63.73
N VAL B 122 -64.93 -23.92 64.51
CA VAL B 122 -64.92 -24.14 65.95
C VAL B 122 -66.23 -23.67 66.56
N LYS B 123 -66.83 -22.61 66.00
CA LYS B 123 -68.15 -22.18 66.47
C LYS B 123 -69.19 -23.28 66.27
N ARG B 124 -69.14 -23.96 65.13
CA ARG B 124 -70.06 -25.07 64.90
C ARG B 124 -69.72 -26.30 65.74
N GLN B 125 -68.48 -26.41 66.21
CA GLN B 125 -68.14 -27.50 67.11
C GLN B 125 -68.85 -27.35 68.46
N LEU B 126 -68.97 -26.11 68.95
CA LEU B 126 -69.61 -25.83 70.25
C LEU B 126 -71.00 -25.26 69.95
N ARG B 127 -72.02 -26.11 70.09
CA ARG B 127 -73.36 -25.71 69.64
C ARG B 127 -74.04 -24.81 70.68
N GLU B 128 -74.38 -25.37 71.83
CA GLU B 128 -74.96 -24.60 72.92
C GLU B 128 -74.10 -24.59 74.17
N ASN B 129 -72.94 -25.24 74.14
CA ASN B 129 -72.06 -25.31 75.31
C ASN B 129 -71.17 -24.08 75.45
N ALA B 130 -71.16 -23.18 74.47
CA ALA B 130 -70.35 -21.97 74.53
C ALA B 130 -71.08 -20.86 73.79
N GLU B 131 -70.65 -19.62 74.05
CA GLU B 131 -71.25 -18.45 73.44
C GLU B 131 -70.16 -17.52 72.93
N GLU B 132 -70.44 -16.85 71.82
CA GLU B 132 -69.49 -15.89 71.26
C GLU B 132 -69.34 -14.70 72.20
N ASP B 133 -68.14 -14.10 72.18
CA ASP B 133 -67.86 -12.95 73.02
C ASP B 133 -67.81 -11.64 72.26
N GLY B 134 -67.52 -11.68 70.96
CA GLY B 134 -67.48 -10.50 70.11
C GLY B 134 -66.11 -10.21 69.54
N THR B 135 -65.04 -10.58 70.26
CA THR B 135 -63.68 -10.32 69.83
C THR B 135 -62.97 -11.59 69.36
N GLY B 136 -63.73 -12.54 68.82
CA GLY B 136 -63.15 -13.78 68.35
C GLY B 136 -62.88 -14.81 69.43
N CYS B 137 -63.67 -14.80 70.50
CA CYS B 137 -63.53 -15.76 71.59
C CYS B 137 -64.85 -16.46 71.83
N PHE B 138 -64.77 -17.65 72.43
CA PHE B 138 -65.93 -18.48 72.76
C PHE B 138 -65.91 -18.73 74.26
N GLU B 139 -66.69 -17.95 75.00
CA GLU B 139 -66.85 -18.19 76.44
C GLU B 139 -67.52 -19.55 76.66
N ILE B 140 -66.85 -20.39 77.45
CA ILE B 140 -67.35 -21.73 77.77
C ILE B 140 -68.03 -21.69 79.12
N PHE B 141 -69.27 -22.18 79.19
CA PHE B 141 -70.04 -22.20 80.42
C PHE B 141 -69.78 -23.44 81.27
N HIS B 142 -68.66 -24.13 81.03
CA HIS B 142 -68.25 -25.25 81.85
C HIS B 142 -66.73 -25.35 81.78
N LYS B 143 -66.11 -25.67 82.90
CA LYS B 143 -64.66 -25.83 82.95
C LYS B 143 -64.20 -26.91 82.00
N CYS B 144 -63.58 -26.51 80.90
CA CYS B 144 -63.06 -27.44 79.88
C CYS B 144 -61.57 -27.63 80.13
N ASP B 145 -61.20 -28.83 80.60
CA ASP B 145 -59.83 -29.11 80.99
C ASP B 145 -58.92 -29.13 79.75
N ASP B 146 -57.62 -29.33 80.00
CA ASP B 146 -56.65 -29.33 78.90
C ASP B 146 -56.90 -30.48 77.94
N ASP B 147 -57.34 -31.63 78.46
CA ASP B 147 -57.69 -32.74 77.58
C ASP B 147 -58.93 -32.40 76.76
N CYS B 148 -59.87 -31.66 77.35
CA CYS B 148 -61.04 -31.19 76.61
C CYS B 148 -60.63 -30.18 75.54
N MET B 149 -59.72 -29.27 75.88
CA MET B 149 -59.23 -28.32 74.89
C MET B 149 -58.55 -29.03 73.72
N ALA B 150 -57.71 -30.03 74.04
CA ALA B 150 -57.09 -30.83 72.99
C ALA B 150 -58.13 -31.59 72.19
N SER B 151 -59.25 -31.96 72.81
CA SER B 151 -60.34 -32.60 72.06
C SER B 151 -61.02 -31.61 71.13
N ILE B 152 -61.08 -30.33 71.51
CA ILE B 152 -61.63 -29.33 70.61
C ILE B 152 -60.68 -29.03 69.47
N ARG B 153 -59.37 -29.10 69.72
CA ARG B 153 -58.39 -28.77 68.69
C ARG B 153 -58.41 -29.76 67.55
N ASN B 154 -58.40 -31.07 67.86
CA ASN B 154 -58.39 -32.11 66.84
C ASN B 154 -59.80 -32.50 66.40
N ASN B 155 -60.80 -31.67 66.69
CA ASN B 155 -62.18 -31.88 66.25
C ASN B 155 -62.73 -33.21 66.75
N THR B 156 -62.64 -33.41 68.07
CA THR B 156 -63.21 -34.59 68.71
C THR B 156 -64.07 -34.22 69.91
N TYR B 157 -64.34 -32.93 70.13
CA TYR B 157 -65.16 -32.51 71.25
C TYR B 157 -66.60 -32.96 71.05
N ASP B 158 -67.13 -33.70 72.04
CA ASP B 158 -68.51 -34.15 71.97
C ASP B 158 -69.44 -32.97 72.26
N HIS B 159 -70.30 -32.65 71.30
CA HIS B 159 -71.22 -31.53 71.40
C HIS B 159 -72.50 -31.86 72.17
N SER B 160 -72.54 -33.00 72.86
CA SER B 160 -73.72 -33.37 73.65
C SER B 160 -73.39 -33.87 75.05
N LYS B 161 -72.20 -34.41 75.30
CA LYS B 161 -71.84 -34.90 76.63
C LYS B 161 -71.41 -33.78 77.58
N TYR B 162 -71.53 -32.53 77.14
CA TYR B 162 -71.33 -31.36 78.01
C TYR B 162 -72.49 -30.38 77.88
N ARG B 163 -73.62 -30.82 77.31
CA ARG B 163 -74.69 -29.90 76.97
C ARG B 163 -75.43 -29.39 78.21
N GLU B 164 -75.93 -30.31 79.04
CA GLU B 164 -76.78 -29.91 80.15
C GLU B 164 -76.03 -29.04 81.16
N GLU B 165 -74.76 -29.36 81.41
CA GLU B 165 -73.97 -28.62 82.39
C GLU B 165 -73.81 -27.17 81.98
N ALA B 166 -73.39 -26.92 80.74
CA ALA B 166 -73.25 -25.55 80.27
C ALA B 166 -74.59 -24.87 80.06
N MET B 167 -75.64 -25.66 79.79
CA MET B 167 -76.97 -25.09 79.63
C MET B 167 -77.51 -24.56 80.95
N GLN B 168 -77.21 -25.24 82.05
CA GLN B 168 -77.60 -24.73 83.36
C GLN B 168 -76.91 -23.42 83.69
N ASN B 169 -75.74 -23.18 83.12
CA ASN B 169 -74.99 -21.95 83.37
C ASN B 169 -75.30 -20.89 82.32
N ILE C 3 -83.74 -31.82 58.47
CA ILE C 3 -83.59 -31.64 57.02
C ILE C 3 -82.16 -31.19 56.69
N CYS C 4 -81.54 -31.90 55.76
CA CYS C 4 -80.22 -31.54 55.26
C CYS C 4 -80.33 -30.93 53.87
N LEU C 5 -79.27 -30.25 53.45
CA LEU C 5 -79.24 -29.60 52.15
C LEU C 5 -77.82 -29.56 51.63
N GLY C 6 -77.67 -29.69 50.32
CA GLY C 6 -76.36 -29.70 49.72
C GLY C 6 -76.43 -29.32 48.26
N HIS C 7 -75.40 -29.74 47.51
CA HIS C 7 -75.27 -29.43 46.10
C HIS C 7 -75.08 -30.71 45.30
N HIS C 8 -75.12 -30.56 43.98
CA HIS C 8 -75.05 -31.71 43.08
C HIS C 8 -73.60 -32.04 42.75
N ALA C 9 -73.41 -33.16 42.07
CA ALA C 9 -72.08 -33.61 41.65
C ALA C 9 -72.25 -34.61 40.53
N VAL C 10 -71.14 -34.88 39.83
CA VAL C 10 -71.10 -35.83 38.74
C VAL C 10 -69.94 -36.79 38.97
N SER C 11 -70.03 -37.97 38.36
CA SER C 11 -68.99 -38.97 38.51
C SER C 11 -67.75 -38.61 37.70
N ASN C 12 -67.93 -38.07 36.50
CA ASN C 12 -66.84 -37.69 35.62
C ASN C 12 -66.85 -36.18 35.46
N GLY C 13 -65.96 -35.50 36.21
CA GLY C 13 -65.83 -34.06 36.13
C GLY C 13 -64.83 -33.64 35.07
N THR C 14 -64.55 -32.34 35.06
CA THR C 14 -63.62 -31.76 34.11
C THR C 14 -62.60 -30.91 34.87
N LYS C 15 -61.32 -31.24 34.73
CA LYS C 15 -60.27 -30.52 35.42
C LYS C 15 -59.99 -29.19 34.71
N VAL C 16 -59.90 -28.12 35.50
CA VAL C 16 -59.59 -26.78 35.00
C VAL C 16 -58.46 -26.22 35.85
N ASN C 17 -58.00 -25.02 35.47
CA ASN C 17 -56.95 -24.32 36.18
C ASN C 17 -57.49 -23.03 36.76
N THR C 18 -57.11 -22.74 38.00
CA THR C 18 -57.59 -21.56 38.72
C THR C 18 -56.39 -20.71 39.15
N LEU C 19 -56.70 -19.63 39.89
CA LEU C 19 -55.66 -18.77 40.42
C LEU C 19 -54.86 -19.44 41.53
N THR C 20 -55.43 -20.47 42.16
CA THR C 20 -54.78 -21.15 43.28
C THR C 20 -54.21 -22.51 42.89
N GLU C 21 -55.06 -23.44 42.47
CA GLU C 21 -54.66 -24.80 42.15
C GLU C 21 -54.55 -24.97 40.64
N ARG C 22 -54.15 -26.18 40.23
CA ARG C 22 -54.04 -26.53 38.82
C ARG C 22 -54.57 -27.95 38.66
N GLY C 23 -55.82 -28.07 38.23
CA GLY C 23 -56.44 -29.36 38.06
C GLY C 23 -57.68 -29.54 38.90
N VAL C 24 -58.37 -28.44 39.18
CA VAL C 24 -59.60 -28.50 39.99
C VAL C 24 -60.69 -29.14 39.16
N GLU C 25 -61.22 -30.27 39.63
CA GLU C 25 -62.26 -30.99 38.92
C GLU C 25 -63.61 -30.33 39.20
N VAL C 26 -64.19 -29.69 38.19
CA VAL C 26 -65.50 -29.06 38.31
C VAL C 26 -66.53 -29.92 37.61
N VAL C 27 -67.80 -29.51 37.71
CA VAL C 27 -68.89 -30.30 37.11
C VAL C 27 -68.77 -30.28 35.59
N ASN C 28 -68.86 -29.09 34.99
CA ASN C 28 -68.81 -28.95 33.55
C ASN C 28 -67.88 -27.80 33.20
N ALA C 29 -67.33 -27.85 31.99
CA ALA C 29 -66.43 -26.81 31.50
C ALA C 29 -66.47 -26.78 29.98
N THR C 30 -66.21 -25.61 29.42
CA THR C 30 -66.22 -25.42 27.97
C THR C 30 -64.83 -24.98 27.50
N GLU C 31 -64.67 -24.94 26.18
CA GLU C 31 -63.41 -24.57 25.56
C GLU C 31 -63.44 -23.11 25.13
N THR C 32 -62.31 -22.42 25.33
CA THR C 32 -62.18 -21.03 24.94
C THR C 32 -61.18 -20.81 23.81
N VAL C 33 -60.35 -21.79 23.51
CA VAL C 33 -59.34 -21.69 22.45
C VAL C 33 -59.80 -22.53 21.28
N GLU C 34 -60.04 -21.89 20.14
CA GLU C 34 -60.55 -22.59 18.97
C GLU C 34 -59.44 -23.35 18.27
N ARG C 35 -59.75 -24.59 17.86
CA ARG C 35 -58.82 -25.41 17.08
C ARG C 35 -59.43 -26.00 15.82
N THR C 36 -60.75 -26.07 15.71
CA THR C 36 -61.37 -26.63 14.51
C THR C 36 -61.25 -25.66 13.34
N ASN C 37 -60.76 -26.16 12.21
CA ASN C 37 -60.55 -25.35 11.02
C ASN C 37 -61.32 -25.95 9.85
N ILE C 38 -61.96 -25.08 9.07
CA ILE C 38 -62.65 -25.48 7.84
C ILE C 38 -61.65 -25.39 6.70
N PRO C 39 -61.28 -26.50 6.06
CA PRO C 39 -60.25 -26.44 5.02
C PRO C 39 -60.75 -25.88 3.69
N ARG C 40 -61.57 -24.84 3.75
CA ARG C 40 -62.09 -24.18 2.57
C ARG C 40 -62.18 -22.68 2.84
N ILE C 41 -62.16 -21.90 1.77
CA ILE C 41 -62.30 -20.46 1.85
C ILE C 41 -63.80 -20.14 1.80
N CYS C 42 -64.37 -19.83 2.96
CA CYS C 42 -65.79 -19.53 3.05
C CYS C 42 -66.06 -18.14 2.49
N SER C 43 -66.70 -18.08 1.32
CA SER C 43 -66.93 -16.83 0.60
C SER C 43 -68.42 -16.60 0.34
N LYS C 44 -69.27 -17.11 1.22
CA LYS C 44 -70.72 -16.93 1.06
C LYS C 44 -71.10 -15.48 1.29
N GLY C 45 -71.68 -14.84 0.29
CA GLY C 45 -72.09 -13.46 0.40
C GLY C 45 -71.01 -12.44 0.13
N LYS C 46 -69.90 -12.85 -0.49
CA LYS C 46 -68.80 -11.95 -0.79
C LYS C 46 -68.40 -12.09 -2.24
N ARG C 47 -68.14 -10.95 -2.88
CA ARG C 47 -67.59 -10.94 -4.24
C ARG C 47 -66.15 -11.42 -4.18
N THR C 48 -65.88 -12.62 -4.70
CA THR C 48 -64.58 -13.27 -4.58
C THR C 48 -63.97 -13.42 -5.97
N VAL C 49 -62.70 -13.08 -6.08
CA VAL C 49 -61.93 -13.26 -7.32
C VAL C 49 -60.75 -14.14 -6.98
N ASP C 50 -60.75 -15.37 -7.50
CA ASP C 50 -59.65 -16.30 -7.36
C ASP C 50 -58.65 -16.03 -8.48
N LEU C 51 -57.52 -15.42 -8.13
CA LEU C 51 -56.55 -15.00 -9.16
C LEU C 51 -55.99 -16.20 -9.90
N GLY C 52 -55.79 -17.32 -9.22
CA GLY C 52 -55.28 -18.51 -9.89
C GLY C 52 -53.85 -18.32 -10.35
N GLN C 53 -53.61 -18.56 -11.63
CA GLN C 53 -52.27 -18.41 -12.20
C GLN C 53 -51.90 -16.96 -12.44
N CYS C 54 -52.83 -16.03 -12.26
CA CYS C 54 -52.56 -14.61 -12.47
C CYS C 54 -52.05 -13.98 -11.17
N GLY C 55 -50.92 -13.30 -11.25
CA GLY C 55 -50.40 -12.59 -10.11
C GLY C 55 -51.17 -11.30 -9.84
N LEU C 56 -51.17 -10.90 -8.56
CA LEU C 56 -51.94 -9.72 -8.17
C LEU C 56 -51.38 -8.47 -8.84
N LEU C 57 -50.05 -8.34 -8.91
CA LEU C 57 -49.46 -7.17 -9.55
C LEU C 57 -49.65 -7.20 -11.05
N GLY C 58 -49.66 -8.38 -11.65
CA GLY C 58 -49.87 -8.48 -13.08
C GLY C 58 -51.16 -7.85 -13.55
N THR C 59 -52.19 -7.84 -12.69
CA THR C 59 -53.45 -7.20 -13.02
C THR C 59 -53.28 -5.74 -13.41
N ILE C 60 -52.18 -5.11 -13.01
CA ILE C 60 -51.92 -3.74 -13.40
C ILE C 60 -51.17 -3.67 -14.73
N THR C 61 -50.24 -4.60 -14.97
CA THR C 61 -49.46 -4.62 -16.20
C THR C 61 -50.14 -5.44 -17.30
N GLY C 62 -50.75 -6.56 -16.93
CA GLY C 62 -51.54 -7.33 -17.85
C GLY C 62 -50.76 -8.35 -18.67
N PRO C 63 -50.26 -9.40 -18.01
CA PRO C 63 -49.72 -10.54 -18.76
C PRO C 63 -50.87 -11.37 -19.32
N PRO C 64 -50.57 -12.35 -20.18
CA PRO C 64 -51.66 -13.20 -20.71
C PRO C 64 -52.53 -13.82 -19.63
N GLN C 65 -51.91 -14.43 -18.62
CA GLN C 65 -52.67 -15.11 -17.57
C GLN C 65 -53.55 -14.17 -16.77
N CYS C 66 -53.34 -12.85 -16.87
CA CYS C 66 -54.18 -11.87 -16.20
C CYS C 66 -55.13 -11.16 -17.14
N ASP C 67 -55.31 -11.67 -18.36
CA ASP C 67 -56.17 -10.98 -19.34
C ASP C 67 -57.60 -10.85 -18.84
N GLN C 68 -58.04 -11.75 -17.96
CA GLN C 68 -59.39 -11.71 -17.41
C GLN C 68 -59.44 -11.06 -16.04
N PHE C 69 -58.38 -10.38 -15.61
CA PHE C 69 -58.35 -9.70 -14.32
C PHE C 69 -57.88 -8.26 -14.46
N LEU C 70 -58.07 -7.66 -15.63
CA LEU C 70 -57.57 -6.31 -15.85
C LEU C 70 -58.44 -5.26 -15.16
N GLU C 71 -59.74 -5.51 -15.04
CA GLU C 71 -60.65 -4.59 -14.36
C GLU C 71 -61.59 -5.38 -13.45
N PHE C 72 -61.02 -6.18 -12.57
CA PHE C 72 -61.82 -7.01 -11.69
C PHE C 72 -62.42 -6.17 -10.55
N SER C 73 -63.39 -6.76 -9.87
CA SER C 73 -64.04 -6.13 -8.72
C SER C 73 -64.42 -7.22 -7.73
N ALA C 74 -64.02 -7.04 -6.47
CA ALA C 74 -64.24 -8.08 -5.48
C ALA C 74 -64.19 -7.48 -4.08
N ASP C 75 -64.73 -8.24 -3.13
CA ASP C 75 -64.61 -7.93 -1.70
C ASP C 75 -63.59 -8.82 -1.01
N LEU C 76 -63.18 -9.92 -1.65
CA LEU C 76 -62.19 -10.84 -1.10
C LEU C 76 -61.29 -11.30 -2.24
N ILE C 77 -59.99 -10.98 -2.15
CA ILE C 77 -59.02 -11.35 -3.16
C ILE C 77 -58.19 -12.52 -2.64
N ILE C 78 -58.04 -13.55 -3.47
CA ILE C 78 -57.30 -14.76 -3.10
C ILE C 78 -56.10 -14.88 -4.03
N GLU C 79 -54.91 -14.96 -3.44
CA GLU C 79 -53.68 -15.17 -4.19
C GLU C 79 -53.32 -16.65 -4.14
N ARG C 80 -52.94 -17.21 -5.29
CA ARG C 80 -52.56 -18.61 -5.39
C ARG C 80 -51.05 -18.73 -5.56
N ARG C 81 -50.54 -19.90 -5.19
CA ARG C 81 -49.10 -20.13 -5.24
C ARG C 81 -48.57 -20.26 -6.66
N GLU C 82 -49.42 -20.65 -7.61
CA GLU C 82 -49.04 -20.74 -9.01
C GLU C 82 -49.18 -19.42 -9.75
N GLY C 83 -49.51 -18.34 -9.04
CA GLY C 83 -49.66 -17.06 -9.69
C GLY C 83 -48.32 -16.46 -10.09
N SER C 84 -48.34 -15.70 -11.19
CA SER C 84 -47.14 -15.06 -11.70
C SER C 84 -47.47 -13.62 -12.09
N ASP C 85 -46.69 -12.69 -11.54
CA ASP C 85 -46.90 -11.27 -11.84
C ASP C 85 -46.39 -10.88 -13.23
N VAL C 86 -45.47 -11.65 -13.80
CA VAL C 86 -44.83 -11.29 -15.05
C VAL C 86 -44.90 -12.45 -16.02
N CYS C 87 -44.85 -12.13 -17.32
CA CYS C 87 -44.66 -13.10 -18.38
C CYS C 87 -43.28 -12.98 -19.01
N TYR C 88 -42.86 -11.75 -19.33
CA TYR C 88 -41.45 -11.50 -19.59
C TYR C 88 -40.70 -11.42 -18.27
N PRO C 89 -39.52 -12.04 -18.17
CA PRO C 89 -38.84 -12.10 -16.87
C PRO C 89 -38.55 -10.72 -16.31
N GLY C 90 -38.81 -10.56 -15.02
CA GLY C 90 -38.67 -9.27 -14.36
C GLY C 90 -39.29 -9.33 -12.99
N LYS C 91 -39.40 -8.15 -12.37
CA LYS C 91 -39.95 -8.07 -11.01
C LYS C 91 -40.37 -6.64 -10.71
N PHE C 92 -41.37 -6.52 -9.84
CA PHE C 92 -41.81 -5.22 -9.35
C PHE C 92 -40.89 -4.73 -8.23
N VAL C 93 -40.63 -3.42 -8.23
CA VAL C 93 -39.92 -2.77 -7.15
C VAL C 93 -40.96 -2.18 -6.20
N ASN C 94 -40.70 -2.30 -4.89
CA ASN C 94 -41.70 -2.03 -3.86
C ASN C 94 -42.95 -2.90 -4.11
N GLU C 95 -42.71 -4.18 -4.37
CA GLU C 95 -43.78 -5.08 -4.77
C GLU C 95 -44.76 -5.34 -3.63
N GLU C 96 -44.25 -5.49 -2.41
CA GLU C 96 -45.13 -5.85 -1.30
C GLU C 96 -46.04 -4.70 -0.92
N ALA C 97 -45.54 -3.46 -0.99
CA ALA C 97 -46.40 -2.31 -0.73
C ALA C 97 -47.54 -2.23 -1.75
N LEU C 98 -47.23 -2.44 -3.03
CA LEU C 98 -48.25 -2.42 -4.06
C LEU C 98 -49.24 -3.58 -3.87
N ARG C 99 -48.74 -4.73 -3.44
CA ARG C 99 -49.64 -5.85 -3.15
C ARG C 99 -50.60 -5.49 -2.02
N GLN C 100 -50.08 -4.90 -0.94
CA GLN C 100 -50.94 -4.49 0.16
C GLN C 100 -51.91 -3.40 -0.25
N ILE C 101 -51.55 -2.58 -1.23
CA ILE C 101 -52.47 -1.58 -1.74
C ILE C 101 -53.59 -2.24 -2.55
N LEU C 102 -53.24 -3.20 -3.39
CA LEU C 102 -54.22 -3.85 -4.25
C LEU C 102 -55.11 -4.84 -3.52
N ARG C 103 -54.67 -5.35 -2.36
CA ARG C 103 -55.49 -6.31 -1.62
C ARG C 103 -56.74 -5.64 -1.06
N GLU C 104 -56.61 -4.44 -0.50
CA GLU C 104 -57.73 -3.69 0.06
C GLU C 104 -58.28 -2.67 -0.93
N SER C 105 -58.02 -2.86 -2.22
CA SER C 105 -58.45 -1.89 -3.23
C SER C 105 -59.91 -2.07 -3.65
N GLY C 106 -60.49 -3.26 -3.42
CA GLY C 106 -61.83 -3.51 -3.89
C GLY C 106 -61.95 -3.65 -5.39
N GLY C 107 -60.85 -3.91 -6.07
CA GLY C 107 -60.84 -3.97 -7.52
C GLY C 107 -60.10 -2.78 -8.13
N ILE C 108 -59.87 -2.89 -9.43
CA ILE C 108 -59.17 -1.85 -10.18
C ILE C 108 -60.00 -1.46 -11.38
N ASP C 109 -59.85 -0.20 -11.80
CA ASP C 109 -60.56 0.35 -12.96
C ASP C 109 -59.55 1.06 -13.84
N LYS C 110 -59.35 0.54 -15.05
CA LYS C 110 -58.37 1.08 -15.97
C LYS C 110 -58.96 2.24 -16.78
N GLU C 111 -58.10 3.17 -17.17
CA GLU C 111 -58.51 4.29 -18.00
C GLU C 111 -57.35 4.66 -18.92
N ALA C 112 -57.67 4.93 -20.18
CA ALA C 112 -56.64 5.25 -21.17
C ALA C 112 -55.93 6.55 -20.79
N MET C 113 -54.61 6.48 -20.68
CA MET C 113 -53.81 7.64 -20.35
C MET C 113 -53.60 8.59 -21.53
N GLY C 114 -53.91 8.14 -22.74
CA GLY C 114 -53.84 9.01 -23.91
C GLY C 114 -52.44 9.44 -24.30
N PHE C 115 -51.54 8.47 -24.49
CA PHE C 115 -50.17 8.74 -24.91
C PHE C 115 -50.04 8.42 -26.39
N THR C 116 -49.78 9.45 -27.19
CA THR C 116 -49.54 9.30 -28.62
C THR C 116 -48.04 9.38 -28.90
N TYR C 117 -47.61 8.63 -29.91
CA TYR C 117 -46.20 8.54 -30.26
C TYR C 117 -46.01 8.83 -31.74
N SER C 118 -44.77 9.22 -32.08
CA SER C 118 -44.44 9.58 -33.46
C SER C 118 -42.94 9.51 -33.63
N GLY C 119 -42.48 8.64 -34.53
CA GLY C 119 -41.07 8.54 -34.86
C GLY C 119 -40.36 7.32 -34.32
N ILE C 120 -41.05 6.45 -33.58
CA ILE C 120 -40.49 5.21 -33.07
C ILE C 120 -41.51 4.10 -33.28
N ARG C 121 -41.12 2.87 -32.90
CA ARG C 121 -42.06 1.77 -32.82
C ARG C 121 -42.61 1.66 -31.41
N THR C 122 -43.89 1.30 -31.31
CA THR C 122 -44.51 1.01 -30.03
C THR C 122 -44.99 -0.43 -29.94
N ASN C 123 -44.54 -1.29 -30.84
CA ASN C 123 -45.03 -2.67 -30.90
C ASN C 123 -43.93 -3.67 -30.55
N GLY C 124 -43.18 -3.39 -29.49
CA GLY C 124 -42.23 -4.35 -28.98
C GLY C 124 -42.95 -5.50 -28.31
N ALA C 125 -42.68 -6.72 -28.76
CA ALA C 125 -43.34 -7.91 -28.24
C ALA C 125 -42.30 -8.98 -27.95
N THR C 126 -42.71 -9.99 -27.18
CA THR C 126 -41.83 -11.08 -26.79
C THR C 126 -42.55 -12.40 -26.94
N SER C 127 -41.77 -13.46 -27.08
CA SER C 127 -42.31 -14.81 -27.14
C SER C 127 -42.70 -15.36 -25.78
N ALA C 128 -42.34 -14.67 -24.69
CA ALA C 128 -42.73 -15.11 -23.35
C ALA C 128 -44.14 -14.66 -22.99
N CYS C 129 -44.56 -13.49 -23.46
CA CYS C 129 -45.92 -13.00 -23.26
C CYS C 129 -46.72 -13.38 -24.51
N ARG C 130 -47.04 -14.66 -24.62
CA ARG C 130 -47.68 -15.21 -25.81
C ARG C 130 -49.19 -15.21 -25.68
N ARG C 131 -49.87 -14.76 -26.74
CA ARG C 131 -51.31 -14.90 -26.87
C ARG C 131 -51.66 -15.72 -28.11
N SER C 132 -52.16 -15.04 -29.15
CA SER C 132 -52.29 -15.69 -30.45
C SER C 132 -50.92 -16.03 -31.01
N GLY C 133 -50.10 -15.01 -31.23
CA GLY C 133 -48.68 -15.21 -31.51
C GLY C 133 -47.86 -14.66 -30.36
N SER C 134 -46.78 -13.95 -30.67
CA SER C 134 -45.98 -13.29 -29.65
C SER C 134 -46.54 -11.91 -29.36
N SER C 135 -46.77 -11.62 -28.09
CA SER C 135 -47.39 -10.36 -27.69
C SER C 135 -46.58 -9.75 -26.54
N PHE C 136 -47.20 -8.84 -25.80
CA PHE C 136 -46.56 -8.15 -24.70
C PHE C 136 -47.62 -7.90 -23.62
N TYR C 137 -47.26 -7.11 -22.62
CA TYR C 137 -48.21 -6.76 -21.57
C TYR C 137 -49.36 -5.95 -22.15
N ALA C 138 -50.58 -6.28 -21.73
CA ALA C 138 -51.77 -5.66 -22.32
C ALA C 138 -51.85 -4.18 -21.98
N GLU C 139 -51.44 -3.79 -20.78
CA GLU C 139 -51.54 -2.40 -20.34
C GLU C 139 -50.24 -1.63 -20.56
N MET C 140 -49.24 -2.23 -21.18
CA MET C 140 -47.95 -1.60 -21.40
C MET C 140 -47.63 -1.57 -22.89
N LYS C 141 -46.64 -0.75 -23.25
CA LYS C 141 -46.19 -0.63 -24.64
C LYS C 141 -44.67 -0.54 -24.64
N TRP C 142 -44.03 -1.56 -25.21
CA TRP C 142 -42.57 -1.62 -25.30
C TRP C 142 -42.11 -0.63 -26.36
N LEU C 143 -41.39 0.41 -25.94
CA LEU C 143 -40.97 1.47 -26.86
C LEU C 143 -39.59 1.16 -27.41
N LEU C 144 -39.49 0.99 -28.72
CA LEU C 144 -38.25 0.67 -29.43
C LEU C 144 -37.85 1.82 -30.34
N SER C 145 -36.67 1.68 -30.96
CA SER C 145 -36.19 2.64 -31.95
C SER C 145 -36.71 2.27 -33.34
N ASN C 146 -36.92 3.30 -34.16
CA ASN C 146 -37.63 3.15 -35.44
C ASN C 146 -37.04 2.02 -36.29
N THR C 147 -35.72 1.96 -36.39
CA THR C 147 -35.03 0.88 -37.08
C THR C 147 -33.99 0.28 -36.16
N ASP C 148 -33.35 -0.79 -36.63
CA ASP C 148 -32.24 -1.36 -35.87
C ASP C 148 -31.14 -0.33 -35.71
N ASN C 149 -30.59 -0.26 -34.49
CA ASN C 149 -29.68 0.84 -34.09
C ASN C 149 -30.47 2.14 -34.27
N ALA C 150 -29.85 3.19 -34.82
CA ALA C 150 -30.48 4.49 -35.03
C ALA C 150 -30.89 5.14 -33.72
N ALA C 151 -31.14 6.45 -33.74
CA ALA C 151 -31.35 7.19 -32.50
C ALA C 151 -32.80 7.14 -32.07
N PHE C 152 -33.01 6.78 -30.81
CA PHE C 152 -34.32 6.95 -30.17
C PHE C 152 -34.45 8.40 -29.73
N PRO C 153 -35.40 9.16 -30.26
CA PRO C 153 -35.49 10.58 -29.90
C PRO C 153 -35.85 10.78 -28.43
N GLN C 154 -35.36 11.89 -27.89
CA GLN C 154 -35.75 12.29 -26.53
C GLN C 154 -37.21 12.72 -26.53
N MET C 155 -37.99 12.12 -25.64
CA MET C 155 -39.43 12.36 -25.56
C MET C 155 -39.83 12.68 -24.13
N THR C 156 -40.93 13.41 -23.99
CA THR C 156 -41.50 13.78 -22.71
C THR C 156 -43.00 13.60 -22.77
N LYS C 157 -43.54 12.74 -21.91
CA LYS C 157 -44.97 12.44 -21.89
C LYS C 157 -45.50 12.70 -20.49
N SER C 158 -46.53 13.53 -20.39
CA SER C 158 -47.14 13.87 -19.10
C SER C 158 -48.60 13.45 -19.11
N TYR C 159 -49.09 13.10 -17.91
CA TYR C 159 -50.47 12.67 -17.72
C TYR C 159 -51.01 13.31 -16.44
N LYS C 160 -52.16 13.95 -16.55
CA LYS C 160 -52.80 14.62 -15.43
C LYS C 160 -53.96 13.77 -14.92
N ASN C 161 -54.01 13.57 -13.61
CA ASN C 161 -55.08 12.78 -12.98
C ASN C 161 -56.32 13.67 -12.88
N THR C 162 -57.25 13.48 -13.82
CA THR C 162 -58.47 14.27 -13.89
C THR C 162 -59.64 13.62 -13.15
N ARG C 163 -59.36 12.82 -12.12
CA ARG C 163 -60.41 12.14 -11.36
C ARG C 163 -60.20 12.43 -9.88
N LYS C 164 -61.24 12.12 -9.08
CA LYS C 164 -61.25 12.45 -7.68
C LYS C 164 -60.48 11.45 -6.81
N SER C 165 -59.98 10.37 -7.38
CA SER C 165 -59.24 9.38 -6.63
C SER C 165 -57.81 9.27 -7.15
N PRO C 166 -56.86 8.88 -6.29
CA PRO C 166 -55.47 8.73 -6.74
C PRO C 166 -55.35 7.65 -7.80
N ALA C 167 -54.50 7.90 -8.78
CA ALA C 167 -54.25 6.96 -9.88
C ALA C 167 -52.98 6.17 -9.63
N LEU C 168 -52.98 4.93 -10.11
CA LEU C 168 -51.83 4.04 -9.99
C LEU C 168 -51.10 4.01 -11.32
N ILE C 169 -49.92 4.62 -11.37
CA ILE C 169 -49.12 4.71 -12.58
C ILE C 169 -47.97 3.70 -12.48
N VAL C 170 -47.85 2.84 -13.48
CA VAL C 170 -46.82 1.80 -13.52
C VAL C 170 -46.12 1.87 -14.86
N TRP C 171 -44.81 2.03 -14.84
CA TRP C 171 -43.97 2.00 -16.03
C TRP C 171 -42.89 0.94 -15.86
N GLY C 172 -42.07 0.78 -16.88
CA GLY C 172 -41.05 -0.24 -16.86
C GLY C 172 -39.73 0.16 -17.48
N ILE C 173 -38.63 -0.31 -16.89
CA ILE C 173 -37.28 -0.11 -17.41
C ILE C 173 -36.82 -1.45 -17.95
N HIS C 174 -36.24 -1.44 -19.16
CA HIS C 174 -35.79 -2.63 -19.84
C HIS C 174 -34.27 -2.77 -19.71
N HIS C 175 -33.82 -4.00 -19.45
CA HIS C 175 -32.41 -4.32 -19.32
C HIS C 175 -32.08 -5.43 -20.30
N SER C 176 -31.34 -5.10 -21.36
CA SER C 176 -31.09 -6.05 -22.43
C SER C 176 -30.03 -7.06 -22.02
N VAL C 177 -29.83 -8.06 -22.91
CA VAL C 177 -28.86 -9.11 -22.67
C VAL C 177 -27.42 -8.64 -22.87
N SER C 178 -27.24 -7.43 -23.39
CA SER C 178 -25.90 -6.85 -23.56
C SER C 178 -26.06 -5.40 -23.98
N THR C 179 -24.95 -4.68 -24.03
CA THR C 179 -24.97 -3.30 -24.48
C THR C 179 -25.17 -3.21 -25.99
N ALA C 180 -24.76 -4.24 -26.73
CA ALA C 180 -25.02 -4.25 -28.16
C ALA C 180 -26.50 -4.41 -28.44
N GLU C 181 -27.20 -5.24 -27.66
CA GLU C 181 -28.64 -5.38 -27.80
C GLU C 181 -29.36 -4.08 -27.45
N GLN C 182 -28.90 -3.40 -26.40
CA GLN C 182 -29.48 -2.10 -26.06
C GLN C 182 -29.25 -1.08 -27.17
N THR C 183 -28.07 -1.08 -27.77
CA THR C 183 -27.78 -0.20 -28.90
C THR C 183 -28.67 -0.54 -30.10
N LYS C 184 -28.97 -1.82 -30.31
CA LYS C 184 -29.81 -2.19 -31.43
C LYS C 184 -31.25 -1.77 -31.19
N LEU C 185 -31.77 -1.99 -29.99
CA LEU C 185 -33.17 -1.69 -29.72
C LEU C 185 -33.42 -0.19 -29.59
N TYR C 186 -32.46 0.56 -29.08
CA TYR C 186 -32.69 1.97 -28.77
C TYR C 186 -31.61 2.93 -29.26
N GLY C 187 -30.43 2.44 -29.62
CA GLY C 187 -29.35 3.30 -30.07
C GLY C 187 -28.23 3.37 -29.04
N SER C 188 -27.10 3.89 -29.50
CA SER C 188 -25.94 4.07 -28.65
C SER C 188 -26.13 5.29 -27.75
N GLY C 189 -25.25 5.41 -26.75
CA GLY C 189 -25.32 6.49 -25.81
C GLY C 189 -25.96 6.08 -24.49
N ASN C 190 -25.77 6.91 -23.48
CA ASN C 190 -26.27 6.62 -22.14
C ASN C 190 -27.78 6.81 -22.10
N LYS C 191 -28.52 5.71 -21.97
CA LYS C 191 -29.97 5.76 -21.86
C LYS C 191 -30.38 6.03 -20.41
N LEU C 192 -31.54 6.66 -20.25
CA LEU C 192 -31.98 7.11 -18.95
C LEU C 192 -33.46 7.49 -19.02
N VAL C 193 -34.20 7.17 -17.96
CA VAL C 193 -35.61 7.50 -17.85
C VAL C 193 -35.80 8.37 -16.62
N THR C 194 -36.67 9.39 -16.73
CA THR C 194 -36.95 10.29 -15.62
C THR C 194 -38.44 10.32 -15.36
N VAL C 195 -38.82 10.18 -14.09
CA VAL C 195 -40.22 10.19 -13.67
C VAL C 195 -40.34 11.16 -12.50
N GLY C 196 -41.29 12.09 -12.62
CA GLY C 196 -41.50 13.07 -11.58
C GLY C 196 -42.96 13.50 -11.48
N SER C 197 -43.38 13.80 -10.26
CA SER C 197 -44.69 14.40 -10.01
C SER C 197 -44.54 15.49 -8.95
N SER C 198 -45.57 15.68 -8.11
CA SER C 198 -45.51 16.70 -7.07
C SER C 198 -44.88 16.20 -5.78
N ASN C 199 -44.90 14.89 -5.53
CA ASN C 199 -44.25 14.30 -4.36
C ASN C 199 -43.45 13.08 -4.77
N TYR C 200 -42.81 13.14 -5.94
CA TYR C 200 -42.06 12.00 -6.46
C TYR C 200 -41.07 12.49 -7.51
N GLN C 201 -39.92 11.81 -7.57
CA GLN C 201 -38.87 12.02 -8.56
C GLN C 201 -37.84 10.92 -8.42
N GLN C 202 -37.52 10.16 -9.48
CA GLN C 202 -36.65 9.03 -9.18
C GLN C 202 -35.50 8.74 -10.15
N SER C 203 -35.72 8.87 -11.46
CA SER C 203 -34.63 8.87 -12.43
C SER C 203 -33.91 7.53 -12.58
N PHE C 204 -34.50 6.58 -13.30
CA PHE C 204 -33.97 5.23 -13.47
C PHE C 204 -33.00 5.14 -14.65
N VAL C 205 -32.17 4.09 -14.61
CA VAL C 205 -31.13 3.84 -15.60
C VAL C 205 -31.06 2.33 -15.87
N PRO C 206 -30.96 1.89 -17.12
CA PRO C 206 -30.96 0.46 -17.42
C PRO C 206 -29.62 -0.20 -17.11
N SER C 207 -29.62 -1.52 -17.23
CA SER C 207 -28.49 -2.36 -16.80
C SER C 207 -28.23 -3.45 -17.81
N PRO C 208 -27.71 -3.10 -18.99
CA PRO C 208 -27.41 -4.14 -19.99
C PRO C 208 -26.21 -4.98 -19.56
N GLY C 209 -26.47 -6.18 -19.05
CA GLY C 209 -25.40 -7.03 -18.56
C GLY C 209 -25.34 -8.39 -19.21
N ALA C 210 -25.41 -9.44 -18.40
CA ALA C 210 -25.44 -10.81 -18.89
C ALA C 210 -25.98 -11.68 -17.77
N ARG C 211 -27.06 -12.41 -18.06
CA ARG C 211 -27.76 -13.17 -17.04
C ARG C 211 -28.11 -14.54 -17.59
N THR C 212 -28.51 -15.44 -16.69
CA THR C 212 -29.09 -16.69 -17.12
C THR C 212 -30.54 -16.49 -17.54
N GLN C 213 -31.15 -17.54 -18.06
CA GLN C 213 -32.41 -17.44 -18.80
C GLN C 213 -33.58 -17.84 -17.92
N VAL C 214 -34.41 -16.86 -17.58
CA VAL C 214 -35.76 -17.10 -17.08
C VAL C 214 -36.71 -16.90 -18.25
N ASN C 215 -37.61 -17.87 -18.46
CA ASN C 215 -38.43 -17.92 -19.68
C ASN C 215 -37.56 -17.98 -20.93
N GLY C 216 -36.39 -18.60 -20.81
CA GLY C 216 -35.46 -18.63 -21.93
C GLY C 216 -34.86 -17.29 -22.31
N LEU C 217 -35.11 -16.25 -21.52
CA LEU C 217 -34.66 -14.90 -21.83
C LEU C 217 -33.70 -14.41 -20.75
N SER C 218 -32.61 -13.79 -21.17
CA SER C 218 -31.64 -13.21 -20.25
C SER C 218 -31.87 -11.74 -19.99
N GLY C 219 -32.81 -11.10 -20.69
CA GLY C 219 -33.14 -9.72 -20.43
C GLY C 219 -34.26 -9.59 -19.40
N ARG C 220 -34.28 -8.45 -18.73
CA ARG C 220 -35.25 -8.18 -17.68
C ARG C 220 -36.06 -6.94 -18.01
N ILE C 221 -37.22 -6.83 -17.37
CA ILE C 221 -38.07 -5.65 -17.46
C ILE C 221 -38.65 -5.41 -16.06
N ASP C 222 -38.18 -4.38 -15.39
CA ASP C 222 -38.60 -4.10 -14.02
C ASP C 222 -39.63 -2.98 -14.00
N PHE C 223 -40.67 -3.16 -13.19
CA PHE C 223 -41.79 -2.22 -13.13
C PHE C 223 -41.70 -1.35 -11.88
N HIS C 224 -41.93 -0.06 -12.08
CA HIS C 224 -42.01 0.90 -10.99
C HIS C 224 -43.38 1.57 -11.02
N TRP C 225 -43.79 2.11 -9.87
CA TRP C 225 -45.13 2.64 -9.74
C TRP C 225 -45.15 3.82 -8.78
N LEU C 226 -46.10 4.73 -9.01
CA LEU C 226 -46.36 5.82 -8.09
C LEU C 226 -47.85 6.13 -8.10
N MET C 227 -48.30 6.87 -7.09
CA MET C 227 -49.70 7.21 -6.90
C MET C 227 -49.88 8.70 -7.18
N LEU C 228 -50.56 9.02 -8.28
CA LEU C 228 -50.87 10.40 -8.62
C LEU C 228 -52.08 10.89 -7.81
N ASN C 229 -51.99 12.10 -7.30
CA ASN C 229 -53.09 12.72 -6.59
C ASN C 229 -54.04 13.39 -7.57
N PRO C 230 -55.27 13.68 -7.15
CA PRO C 230 -56.19 14.40 -8.04
C PRO C 230 -55.62 15.75 -8.47
N ASN C 231 -55.76 16.03 -9.77
CA ASN C 231 -55.27 17.25 -10.40
C ASN C 231 -53.75 17.35 -10.39
N ASP C 232 -53.08 16.31 -9.90
CA ASP C 232 -51.62 16.24 -9.96
C ASP C 232 -51.19 15.65 -11.30
N THR C 233 -50.02 16.07 -11.76
CA THR C 233 -49.52 15.68 -13.06
C THR C 233 -48.23 14.87 -12.90
N VAL C 234 -48.07 13.85 -13.74
CA VAL C 234 -46.84 13.07 -13.79
C VAL C 234 -46.16 13.32 -15.13
N THR C 235 -44.83 13.32 -15.11
CA THR C 235 -44.04 13.61 -16.30
C THR C 235 -42.92 12.59 -16.44
N PHE C 236 -42.76 12.08 -17.67
CA PHE C 236 -41.74 11.13 -18.05
C PHE C 236 -40.84 11.75 -19.12
N SER C 237 -39.53 11.57 -18.97
CA SER C 237 -38.57 11.99 -19.98
C SER C 237 -37.67 10.80 -20.29
N PHE C 238 -37.76 10.27 -21.50
CA PHE C 238 -37.07 9.04 -21.86
C PHE C 238 -36.47 9.18 -23.25
N ASN C 239 -35.63 8.21 -23.61
CA ASN C 239 -35.09 8.14 -24.97
C ASN C 239 -34.63 6.73 -25.30
N GLY C 240 -35.32 5.74 -24.75
CA GLY C 240 -35.00 4.34 -25.00
C GLY C 240 -35.11 3.51 -23.73
N ALA C 241 -35.26 2.21 -23.92
CA ALA C 241 -35.40 1.25 -22.83
C ALA C 241 -36.56 1.64 -21.91
N PHE C 242 -37.70 1.93 -22.53
CA PHE C 242 -38.87 2.41 -21.82
C PHE C 242 -40.07 1.52 -22.14
N ILE C 243 -40.69 0.99 -21.09
CA ILE C 243 -41.95 0.27 -21.18
C ILE C 243 -43.03 1.24 -20.73
N ALA C 244 -43.65 1.92 -21.70
CA ALA C 244 -44.57 3.00 -21.39
C ALA C 244 -45.92 2.47 -20.90
N PRO C 245 -46.56 3.18 -19.98
CA PRO C 245 -47.92 2.80 -19.58
C PRO C 245 -48.95 3.28 -20.58
N ASP C 246 -49.94 2.43 -20.84
CA ASP C 246 -51.03 2.77 -21.73
C ASP C 246 -52.34 3.05 -21.02
N ARG C 247 -52.58 2.40 -19.88
CA ARG C 247 -53.79 2.61 -19.11
C ARG C 247 -53.43 2.69 -17.62
N ALA C 248 -54.01 3.66 -16.94
CA ALA C 248 -53.81 3.83 -15.51
C ALA C 248 -54.89 3.07 -14.73
N SER C 249 -54.61 2.82 -13.46
CA SER C 249 -55.50 2.08 -12.58
C SER C 249 -56.07 2.99 -11.51
N PHE C 250 -57.33 2.75 -11.14
CA PHE C 250 -57.99 3.49 -10.09
C PHE C 250 -58.64 2.50 -9.13
N LEU C 251 -58.47 2.73 -7.83
CA LEU C 251 -59.02 1.83 -6.84
C LEU C 251 -60.54 1.97 -6.79
N ARG C 252 -61.23 0.83 -6.80
CA ARG C 252 -62.70 0.85 -6.80
C ARG C 252 -63.24 1.21 -5.43
N GLY C 253 -62.90 0.42 -4.41
CA GLY C 253 -63.40 0.66 -3.08
C GLY C 253 -62.56 0.04 -1.98
N LYS C 254 -63.11 -1.00 -1.33
CA LYS C 254 -62.45 -1.65 -0.21
C LYS C 254 -62.68 -3.15 -0.29
N SER C 255 -61.68 -3.92 0.12
CA SER C 255 -61.77 -5.38 0.10
C SER C 255 -60.72 -5.93 1.08
N MET C 256 -60.47 -7.23 0.96
CA MET C 256 -59.47 -7.90 1.79
C MET C 256 -58.70 -8.90 0.94
N GLY C 257 -57.40 -9.02 1.20
CA GLY C 257 -56.58 -9.95 0.46
C GLY C 257 -56.01 -11.06 1.31
N ILE C 258 -56.12 -12.29 0.84
CA ILE C 258 -55.63 -13.47 1.57
C ILE C 258 -54.81 -14.32 0.61
N GLN C 259 -53.91 -15.10 1.20
CA GLN C 259 -53.09 -16.09 0.48
C GLN C 259 -53.48 -17.46 0.98
N SER C 260 -54.08 -18.27 0.11
CA SER C 260 -54.57 -19.59 0.50
C SER C 260 -54.26 -20.60 -0.60
N GLY C 261 -54.40 -21.88 -0.26
CA GLY C 261 -54.18 -22.95 -1.20
C GLY C 261 -55.29 -23.99 -1.19
N VAL C 262 -56.41 -23.65 -0.56
CA VAL C 262 -57.56 -24.53 -0.48
C VAL C 262 -58.64 -24.01 -1.42
N GLN C 263 -59.70 -24.81 -1.57
CA GLN C 263 -60.77 -24.51 -2.51
C GLN C 263 -61.66 -23.40 -1.96
N VAL C 264 -62.49 -22.85 -2.84
CA VAL C 264 -63.42 -21.78 -2.50
C VAL C 264 -64.81 -22.40 -2.29
N ASP C 265 -65.42 -22.09 -1.15
CA ASP C 265 -66.74 -22.60 -0.81
C ASP C 265 -67.70 -21.44 -0.65
N ALA C 266 -68.84 -21.51 -1.34
CA ALA C 266 -69.83 -20.45 -1.33
C ALA C 266 -71.02 -20.75 -0.44
N ASN C 267 -70.96 -21.83 0.36
CA ASN C 267 -72.04 -22.18 1.27
C ASN C 267 -71.73 -21.87 2.72
N CYS C 268 -70.47 -21.91 3.13
CA CYS C 268 -70.09 -21.50 4.48
C CYS C 268 -69.67 -20.04 4.48
N GLU C 269 -69.84 -19.39 5.62
CA GLU C 269 -69.55 -17.97 5.77
C GLU C 269 -68.59 -17.75 6.93
N GLY C 270 -67.64 -16.86 6.73
CA GLY C 270 -66.67 -16.54 7.77
C GLY C 270 -65.94 -15.27 7.44
N ASP C 271 -65.37 -14.66 8.49
CA ASP C 271 -64.59 -13.44 8.36
C ASP C 271 -63.14 -13.61 8.78
N CYS C 272 -62.71 -14.82 9.13
CA CYS C 272 -61.33 -15.10 9.52
C CYS C 272 -60.74 -16.10 8.54
N TYR C 273 -59.65 -15.72 7.90
CA TYR C 273 -59.04 -16.54 6.87
C TYR C 273 -57.56 -16.76 7.17
N HIS C 274 -57.04 -17.88 6.68
CA HIS C 274 -55.62 -18.17 6.71
C HIS C 274 -55.30 -19.10 5.54
N SER C 275 -54.03 -19.45 5.39
CA SER C 275 -53.60 -20.26 4.25
C SER C 275 -54.19 -21.66 4.26
N GLY C 276 -54.66 -22.13 5.42
CA GLY C 276 -55.21 -23.47 5.52
C GLY C 276 -56.72 -23.52 5.35
N GLY C 277 -57.39 -22.39 5.50
CA GLY C 277 -58.83 -22.35 5.35
C GLY C 277 -59.50 -21.18 6.04
N THR C 278 -60.66 -21.43 6.63
CA THR C 278 -61.47 -20.41 7.29
C THR C 278 -61.71 -20.82 8.74
N ILE C 279 -61.53 -19.86 9.65
CA ILE C 279 -61.75 -20.08 11.07
C ILE C 279 -63.13 -19.52 11.40
N ILE C 280 -64.10 -20.40 11.58
CA ILE C 280 -65.46 -20.03 11.94
C ILE C 280 -65.67 -20.39 13.40
N SER C 281 -65.69 -19.39 14.27
CA SER C 281 -65.82 -19.63 15.70
C SER C 281 -66.27 -18.36 16.39
N ASN C 282 -66.86 -18.54 17.58
CA ASN C 282 -67.24 -17.44 18.44
C ASN C 282 -66.34 -17.33 19.67
N LEU C 283 -65.38 -18.23 19.81
CA LEU C 283 -64.50 -18.21 20.97
C LEU C 283 -63.54 -17.01 20.88
N PRO C 284 -63.12 -16.46 22.02
CA PRO C 284 -62.24 -15.28 21.99
C PRO C 284 -60.81 -15.58 21.58
N PHE C 285 -60.39 -16.84 21.57
CA PHE C 285 -59.02 -17.19 21.24
C PHE C 285 -58.98 -18.33 20.23
N GLN C 286 -57.83 -18.50 19.59
CA GLN C 286 -57.63 -19.55 18.61
C GLN C 286 -56.17 -19.92 18.56
N ASN C 287 -55.89 -21.19 18.28
CA ASN C 287 -54.55 -21.73 18.19
C ASN C 287 -54.37 -22.48 16.87
N ILE C 288 -54.73 -21.81 15.77
CA ILE C 288 -54.66 -22.40 14.44
C ILE C 288 -53.55 -21.75 13.61
N ASP C 289 -53.60 -20.43 13.44
CA ASP C 289 -52.60 -19.72 12.65
C ASP C 289 -52.38 -18.35 13.26
N SER C 290 -51.11 -18.05 13.58
CA SER C 290 -50.79 -16.74 14.17
C SER C 290 -50.89 -15.62 13.15
N ARG C 291 -50.89 -15.93 11.86
CA ARG C 291 -50.97 -14.93 10.81
C ARG C 291 -52.35 -14.86 10.17
N ALA C 292 -53.40 -15.27 10.91
CA ALA C 292 -54.75 -15.19 10.38
C ALA C 292 -55.18 -13.73 10.26
N VAL C 293 -55.85 -13.41 9.14
CA VAL C 293 -56.25 -12.05 8.84
C VAL C 293 -57.77 -11.96 8.82
N GLY C 294 -58.27 -10.75 8.96
CA GLY C 294 -59.70 -10.50 9.01
C GLY C 294 -60.16 -10.19 10.42
N LYS C 295 -61.37 -10.63 10.77
CA LYS C 295 -61.91 -10.46 12.12
C LYS C 295 -61.79 -11.81 12.82
N CYS C 296 -60.61 -12.05 13.40
CA CYS C 296 -60.24 -13.33 13.99
C CYS C 296 -60.19 -13.25 15.51
N PRO C 297 -60.34 -14.39 16.18
CA PRO C 297 -60.00 -14.44 17.61
C PRO C 297 -58.50 -14.24 17.80
N ARG C 298 -58.15 -13.78 19.01
CA ARG C 298 -56.76 -13.47 19.30
C ARG C 298 -55.95 -14.75 19.42
N TYR C 299 -54.86 -14.83 18.67
CA TYR C 299 -54.03 -16.03 18.67
C TYR C 299 -53.29 -16.18 19.99
N VAL C 300 -53.28 -17.41 20.51
CA VAL C 300 -52.56 -17.75 21.73
C VAL C 300 -51.75 -19.01 21.47
N LYS C 301 -50.75 -19.24 22.32
CA LYS C 301 -49.91 -20.43 22.20
C LYS C 301 -50.49 -21.64 22.91
N GLN C 302 -51.40 -21.44 23.85
CA GLN C 302 -52.00 -22.57 24.56
C GLN C 302 -52.93 -23.34 23.62
N ARG C 303 -52.88 -24.67 23.71
CA ARG C 303 -53.75 -25.50 22.90
C ARG C 303 -55.18 -25.51 23.43
N SER C 304 -55.33 -25.53 24.76
CA SER C 304 -56.66 -25.58 25.37
C SER C 304 -56.64 -24.78 26.67
N LEU C 305 -57.71 -24.03 26.91
CA LEU C 305 -57.90 -23.26 28.14
C LEU C 305 -59.36 -23.45 28.55
N LEU C 306 -59.61 -24.47 29.38
CA LEU C 306 -60.97 -24.82 29.75
C LEU C 306 -61.53 -23.81 30.75
N LEU C 307 -62.66 -23.20 30.40
CA LEU C 307 -63.36 -22.29 31.29
C LEU C 307 -64.42 -23.06 32.06
N ALA C 308 -64.44 -22.86 33.38
CA ALA C 308 -65.37 -23.59 34.24
C ALA C 308 -66.78 -23.03 34.10
N THR C 309 -67.74 -23.91 33.82
CA THR C 309 -69.14 -23.54 33.72
C THR C 309 -69.99 -24.16 34.81
N GLY C 310 -69.39 -24.95 35.70
CA GLY C 310 -70.12 -25.57 36.80
C GLY C 310 -69.39 -25.38 38.12
N MET C 311 -70.03 -25.87 39.18
CA MET C 311 -69.47 -25.76 40.51
C MET C 311 -68.34 -26.77 40.70
N LYS C 312 -67.74 -26.75 41.89
CA LYS C 312 -66.70 -27.70 42.22
C LYS C 312 -67.30 -29.09 42.38
N ASN C 313 -66.74 -30.07 41.66
CA ASN C 313 -67.25 -31.44 41.67
C ASN C 313 -66.58 -32.19 42.81
N VAL C 314 -67.36 -32.53 43.84
CA VAL C 314 -66.88 -33.33 44.96
C VAL C 314 -67.65 -34.64 44.98
N PRO C 315 -67.27 -35.63 44.16
CA PRO C 315 -68.06 -36.86 44.08
C PRO C 315 -67.76 -37.83 45.21
N GLU C 316 -68.19 -39.09 45.04
CA GLU C 316 -67.99 -40.11 46.07
C GLU C 316 -67.55 -41.42 45.44
N ALA D 7 -68.72 -25.77 49.88
CA ALA D 7 -67.87 -26.86 49.45
C ALA D 7 -66.79 -27.16 50.50
N GLY D 8 -66.97 -26.60 51.70
CA GLY D 8 -66.04 -26.80 52.78
C GLY D 8 -66.49 -27.85 53.77
N PHE D 9 -67.34 -27.45 54.73
CA PHE D 9 -67.87 -28.42 55.70
C PHE D 9 -68.85 -29.39 55.05
N ILE D 10 -69.40 -29.04 53.89
CA ILE D 10 -70.14 -30.00 53.07
C ILE D 10 -69.11 -30.98 52.50
N GLU D 11 -69.03 -32.16 53.10
CA GLU D 11 -67.91 -33.06 52.83
C GLU D 11 -67.88 -33.52 51.37
N ASN D 12 -69.04 -33.67 50.74
CA ASN D 12 -69.09 -34.12 49.36
C ASN D 12 -70.42 -33.70 48.75
N GLY D 13 -70.50 -33.83 47.42
CA GLY D 13 -71.71 -33.50 46.70
C GLY D 13 -72.61 -34.71 46.51
N TRP D 14 -73.81 -34.43 45.98
CA TRP D 14 -74.82 -35.46 45.76
C TRP D 14 -74.86 -35.80 44.28
N GLU D 15 -74.30 -36.96 43.92
CA GLU D 15 -74.32 -37.39 42.53
C GLU D 15 -75.72 -37.77 42.09
N GLY D 16 -76.59 -38.16 43.02
CA GLY D 16 -77.96 -38.47 42.69
C GLY D 16 -78.81 -37.25 42.42
N LEU D 17 -78.40 -36.09 42.90
CA LEU D 17 -79.12 -34.84 42.67
C LEU D 17 -78.91 -34.43 41.21
N ILE D 18 -79.87 -34.78 40.35
CA ILE D 18 -79.82 -34.47 38.93
C ILE D 18 -80.86 -33.44 38.54
N ASP D 19 -81.52 -32.81 39.51
CA ASP D 19 -82.59 -31.86 39.20
C ASP D 19 -82.09 -30.42 39.18
N GLY D 20 -81.04 -30.11 39.92
CA GLY D 20 -80.52 -28.76 39.98
C GLY D 20 -79.14 -28.72 40.57
N TRP D 21 -78.64 -27.49 40.77
CA TRP D 21 -77.32 -27.31 41.36
C TRP D 21 -77.35 -27.42 42.87
N TYR D 22 -78.40 -26.87 43.50
CA TYR D 22 -78.57 -26.94 44.94
C TYR D 22 -79.91 -27.63 45.25
N GLY D 23 -80.05 -28.07 46.49
CA GLY D 23 -81.28 -28.73 46.88
C GLY D 23 -81.23 -29.20 48.31
N PHE D 24 -82.34 -29.77 48.75
CA PHE D 24 -82.51 -30.27 50.11
C PHE D 24 -82.79 -31.77 50.07
N ARG D 25 -82.37 -32.47 51.12
CA ARG D 25 -82.65 -33.90 51.29
C ARG D 25 -83.06 -34.09 52.75
N HIS D 26 -84.36 -34.13 53.00
CA HIS D 26 -84.91 -34.24 54.35
C HIS D 26 -85.22 -35.69 54.67
N GLN D 27 -84.91 -36.08 55.92
CA GLN D 27 -85.22 -37.42 56.43
C GLN D 27 -85.97 -37.24 57.73
N ASN D 28 -87.29 -37.24 57.66
CA ASN D 28 -88.18 -37.11 58.80
C ASN D 28 -88.79 -38.47 59.12
N ALA D 29 -89.99 -38.46 59.72
CA ALA D 29 -90.68 -39.71 60.04
C ALA D 29 -91.51 -40.25 58.88
N GLN D 30 -92.05 -39.36 58.05
CA GLN D 30 -92.90 -39.82 56.94
C GLN D 30 -92.09 -40.53 55.87
N GLY D 31 -90.82 -40.18 55.70
CA GLY D 31 -89.99 -40.82 54.70
C GLY D 31 -88.71 -40.05 54.41
N GLU D 32 -88.57 -39.60 53.16
CA GLU D 32 -87.37 -38.90 52.74
C GLU D 32 -87.68 -38.11 51.48
N GLY D 33 -86.93 -37.05 51.26
CA GLY D 33 -87.13 -36.20 50.10
C GLY D 33 -85.85 -35.58 49.63
N THR D 34 -85.78 -35.29 48.33
CA THR D 34 -84.62 -34.64 47.72
C THR D 34 -85.14 -33.75 46.60
N ALA D 35 -85.30 -32.46 46.90
CA ALA D 35 -85.87 -31.49 45.97
C ALA D 35 -84.88 -30.36 45.74
N ALA D 36 -84.63 -30.03 44.47
CA ALA D 36 -83.67 -29.00 44.13
C ALA D 36 -84.25 -27.61 44.33
N ASP D 37 -83.43 -26.70 44.85
CA ASP D 37 -83.83 -25.31 45.01
C ASP D 37 -83.60 -24.56 43.71
N TYR D 38 -84.65 -23.91 43.21
CA TYR D 38 -84.59 -23.28 41.89
C TYR D 38 -83.96 -21.89 41.93
N LYS D 39 -84.12 -21.15 43.03
CA LYS D 39 -83.68 -19.77 43.07
C LYS D 39 -82.16 -19.67 43.03
N SER D 40 -81.47 -20.34 43.95
CA SER D 40 -80.01 -20.26 44.00
C SER D 40 -79.38 -20.91 42.77
N THR D 41 -79.92 -22.05 42.35
CA THR D 41 -79.43 -22.70 41.12
C THR D 41 -79.53 -21.76 39.93
N GLN D 42 -80.69 -21.13 39.75
CA GLN D 42 -80.85 -20.20 38.65
C GLN D 42 -79.98 -18.96 38.83
N SER D 43 -79.64 -18.61 40.08
CA SER D 43 -78.74 -17.48 40.31
C SER D 43 -77.33 -17.79 39.82
N ALA D 44 -76.76 -18.91 40.26
CA ALA D 44 -75.43 -19.29 39.80
C ALA D 44 -75.42 -19.53 38.29
N ILE D 45 -76.49 -20.14 37.76
CA ILE D 45 -76.56 -20.38 36.32
C ILE D 45 -76.61 -19.06 35.56
N ASP D 46 -77.33 -18.07 36.07
CA ASP D 46 -77.38 -16.77 35.41
C ASP D 46 -76.05 -16.04 35.50
N GLN D 47 -75.31 -16.22 36.60
CA GLN D 47 -74.01 -15.58 36.71
C GLN D 47 -73.00 -16.20 35.75
N ILE D 48 -72.92 -17.53 35.74
CA ILE D 48 -72.02 -18.21 34.80
C ILE D 48 -72.41 -17.89 33.36
N THR D 49 -73.72 -17.82 33.09
CA THR D 49 -74.18 -17.44 31.76
C THR D 49 -73.76 -16.02 31.42
N GLY D 50 -73.75 -15.13 32.42
CA GLY D 50 -73.25 -13.78 32.19
C GLY D 50 -71.78 -13.77 31.84
N LYS D 51 -70.98 -14.56 32.56
CA LYS D 51 -69.57 -14.68 32.22
C LYS D 51 -69.37 -15.21 30.80
N LEU D 52 -70.18 -16.21 30.42
CA LEU D 52 -70.06 -16.78 29.07
C LEU D 52 -70.43 -15.76 28.01
N ASN D 53 -71.52 -15.02 28.22
CA ASN D 53 -71.93 -14.01 27.25
C ASN D 53 -70.93 -12.85 27.19
N ARG D 54 -70.20 -12.61 28.28
CA ARG D 54 -69.22 -11.52 28.27
C ARG D 54 -67.91 -11.93 27.59
N LEU D 55 -67.46 -13.17 27.83
CA LEU D 55 -66.19 -13.61 27.28
C LEU D 55 -66.31 -14.02 25.82
N ILE D 56 -67.28 -14.86 25.49
CA ILE D 56 -67.54 -15.24 24.10
C ILE D 56 -67.96 -13.99 23.35
N GLU D 57 -67.07 -13.46 22.52
CA GLU D 57 -67.27 -12.17 21.88
C GLU D 57 -66.66 -12.18 20.49
N LYS D 58 -67.25 -11.38 19.61
CA LYS D 58 -66.77 -11.21 18.25
C LYS D 58 -66.11 -9.84 18.12
N THR D 59 -64.92 -9.81 17.55
CA THR D 59 -64.16 -8.58 17.39
C THR D 59 -64.45 -7.95 16.03
N ASN D 60 -64.80 -6.66 16.04
CA ASN D 60 -65.09 -5.93 14.82
C ASN D 60 -63.84 -5.33 14.19
N GLN D 61 -62.68 -5.49 14.80
CA GLN D 61 -61.43 -4.96 14.26
C GLN D 61 -60.87 -5.92 13.23
N GLN D 62 -60.60 -5.40 12.03
CA GLN D 62 -60.07 -6.20 10.92
C GLN D 62 -58.59 -5.89 10.74
N PHE D 63 -57.78 -6.95 10.65
CA PHE D 63 -56.36 -6.83 10.40
C PHE D 63 -56.03 -7.33 9.00
N GLU D 64 -55.20 -6.58 8.29
CA GLU D 64 -54.83 -6.91 6.92
C GLU D 64 -53.57 -7.78 6.90
N LEU D 65 -53.27 -8.31 5.71
CA LEU D 65 -52.09 -9.13 5.52
C LEU D 65 -50.86 -8.25 5.42
N ILE D 66 -49.94 -8.40 6.39
CA ILE D 66 -48.73 -7.60 6.41
C ILE D 66 -47.51 -8.37 5.89
N ASP D 67 -47.58 -9.69 5.81
CA ASP D 67 -46.49 -10.51 5.31
C ASP D 67 -46.85 -11.06 3.94
N ASN D 68 -46.08 -12.06 3.49
CA ASN D 68 -46.30 -12.69 2.20
C ASN D 68 -45.76 -14.11 2.27
N GLU D 69 -46.64 -15.09 2.14
CA GLU D 69 -46.25 -16.49 2.28
C GLU D 69 -45.66 -17.07 1.01
N PHE D 70 -45.97 -16.50 -0.16
CA PHE D 70 -45.48 -17.03 -1.42
C PHE D 70 -44.18 -16.39 -1.87
N ASN D 71 -43.97 -15.11 -1.56
CA ASN D 71 -42.74 -14.41 -1.89
C ASN D 71 -42.30 -13.62 -0.67
N GLU D 72 -41.26 -14.11 0.01
CA GLU D 72 -40.83 -13.50 1.26
C GLU D 72 -40.40 -12.06 1.05
N VAL D 73 -40.76 -11.20 2.00
CA VAL D 73 -40.46 -9.77 1.93
C VAL D 73 -39.00 -9.52 2.30
N GLU D 74 -38.65 -8.25 2.46
CA GLU D 74 -37.29 -7.90 2.90
C GLU D 74 -37.00 -8.53 4.25
N LYS D 75 -35.76 -9.02 4.41
CA LYS D 75 -35.42 -9.76 5.62
C LYS D 75 -35.46 -8.88 6.86
N GLN D 76 -35.09 -7.61 6.74
CA GLN D 76 -35.08 -6.72 7.91
C GLN D 76 -36.50 -6.41 8.37
N ILE D 77 -37.33 -5.86 7.48
CA ILE D 77 -38.71 -5.56 7.83
C ILE D 77 -39.47 -6.83 8.15
N GLY D 78 -39.06 -7.96 7.55
CA GLY D 78 -39.67 -9.22 7.91
C GLY D 78 -39.34 -9.65 9.32
N ASN D 79 -38.09 -9.44 9.75
CA ASN D 79 -37.71 -9.73 11.13
C ASN D 79 -38.41 -8.78 12.10
N VAL D 80 -38.64 -7.53 11.70
CA VAL D 80 -39.40 -6.61 12.54
C VAL D 80 -40.85 -7.07 12.67
N ILE D 81 -41.45 -7.52 11.57
CA ILE D 81 -42.83 -7.99 11.60
C ILE D 81 -42.95 -9.24 12.48
N ASN D 82 -42.02 -10.19 12.31
CA ASN D 82 -42.05 -11.39 13.15
C ASN D 82 -41.81 -11.06 14.61
N TRP D 83 -40.96 -10.07 14.88
CA TRP D 83 -40.70 -9.66 16.26
C TRP D 83 -41.95 -9.07 16.90
N THR D 84 -42.60 -8.12 16.21
CA THR D 84 -43.82 -7.52 16.75
C THR D 84 -44.93 -8.56 16.90
N ARG D 85 -45.08 -9.45 15.91
CA ARG D 85 -46.11 -10.47 15.99
C ARG D 85 -45.86 -11.42 17.15
N ASP D 86 -44.59 -11.76 17.40
CA ASP D 86 -44.27 -12.63 18.53
C ASP D 86 -44.54 -11.93 19.86
N SER D 87 -44.22 -10.63 19.95
CA SER D 87 -44.51 -9.89 21.17
C SER D 87 -46.01 -9.85 21.45
N ILE D 88 -46.79 -9.49 20.43
CA ILE D 88 -48.25 -9.45 20.59
C ILE D 88 -48.78 -10.83 20.94
N THR D 89 -48.20 -11.88 20.35
CA THR D 89 -48.62 -13.24 20.67
C THR D 89 -48.38 -13.57 22.14
N GLU D 90 -47.22 -13.15 22.67
CA GLU D 90 -46.96 -13.37 24.09
C GLU D 90 -47.92 -12.59 24.97
N VAL D 91 -48.23 -11.35 24.56
CA VAL D 91 -49.16 -10.54 25.35
C VAL D 91 -50.53 -11.20 25.41
N TRP D 92 -51.05 -11.63 24.25
CA TRP D 92 -52.38 -12.24 24.24
C TRP D 92 -52.39 -13.61 24.91
N SER D 93 -51.28 -14.35 24.83
CA SER D 93 -51.21 -15.62 25.56
C SER D 93 -51.26 -15.39 27.06
N TYR D 94 -50.50 -14.40 27.55
CA TYR D 94 -50.54 -14.07 28.98
C TYR D 94 -51.93 -13.63 29.40
N ASN D 95 -52.54 -12.72 28.62
CA ASN D 95 -53.87 -12.23 28.97
C ASN D 95 -54.91 -13.35 28.96
N ALA D 96 -54.77 -14.30 28.03
CA ALA D 96 -55.71 -15.42 27.98
C ALA D 96 -55.53 -16.34 29.18
N GLU D 97 -54.27 -16.67 29.52
CA GLU D 97 -54.02 -17.53 30.67
C GLU D 97 -54.55 -16.91 31.95
N LEU D 98 -54.13 -15.67 32.24
CA LEU D 98 -54.57 -15.00 33.46
C LEU D 98 -56.09 -14.80 33.46
N LEU D 99 -56.67 -14.53 32.30
CA LEU D 99 -58.12 -14.35 32.21
C LEU D 99 -58.84 -15.64 32.60
N VAL D 100 -58.45 -16.76 31.99
CA VAL D 100 -59.11 -18.04 32.28
C VAL D 100 -58.93 -18.40 33.75
N ALA D 101 -57.71 -18.25 34.28
CA ALA D 101 -57.47 -18.59 35.68
C ALA D 101 -58.34 -17.76 36.62
N MET D 102 -58.35 -16.44 36.41
CA MET D 102 -59.13 -15.55 37.27
C MET D 102 -60.62 -15.87 37.18
N GLU D 103 -61.13 -16.09 35.96
CA GLU D 103 -62.55 -16.40 35.80
C GLU D 103 -62.92 -17.71 36.48
N ASN D 104 -62.03 -18.70 36.41
CA ASN D 104 -62.31 -19.97 37.10
C ASN D 104 -62.31 -19.78 38.61
N GLN D 105 -61.34 -19.04 39.15
CA GLN D 105 -61.29 -18.79 40.58
C GLN D 105 -62.57 -18.09 41.06
N HIS D 106 -62.93 -16.99 40.40
CA HIS D 106 -64.13 -16.25 40.79
C HIS D 106 -65.39 -17.07 40.59
N THR D 107 -65.37 -18.01 39.64
CA THR D 107 -66.52 -18.89 39.43
C THR D 107 -66.69 -19.85 40.60
N ILE D 108 -65.59 -20.50 41.00
CA ILE D 108 -65.66 -21.45 42.11
C ILE D 108 -66.07 -20.73 43.40
N ASP D 109 -65.36 -19.64 43.72
CA ASP D 109 -65.71 -18.89 44.93
C ASP D 109 -67.12 -18.33 44.86
N LEU D 110 -67.60 -18.03 43.66
CA LEU D 110 -68.97 -17.57 43.49
C LEU D 110 -69.97 -18.66 43.84
N ALA D 111 -69.76 -19.87 43.30
CA ALA D 111 -70.66 -20.98 43.61
C ALA D 111 -70.65 -21.30 45.10
N ASP D 112 -69.47 -21.32 45.72
CA ASP D 112 -69.40 -21.53 47.16
C ASP D 112 -70.14 -20.43 47.92
N SER D 113 -70.03 -19.20 47.45
CA SER D 113 -70.76 -18.10 48.07
C SER D 113 -72.27 -18.33 48.00
N GLU D 114 -72.77 -18.80 46.85
CA GLU D 114 -74.19 -19.09 46.74
C GLU D 114 -74.60 -20.20 47.69
N MET D 115 -73.78 -21.25 47.78
CA MET D 115 -74.07 -22.35 48.71
C MET D 115 -74.18 -21.84 50.15
N ASP D 116 -73.22 -21.02 50.57
CA ASP D 116 -73.29 -20.46 51.92
C ASP D 116 -74.49 -19.55 52.09
N LYS D 117 -74.88 -18.83 51.03
CA LYS D 117 -76.10 -18.01 51.09
C LYS D 117 -77.31 -18.87 51.39
N LEU D 118 -77.47 -19.99 50.66
CA LEU D 118 -78.59 -20.87 50.90
C LEU D 118 -78.55 -21.46 52.31
N TYR D 119 -77.36 -21.89 52.74
CA TYR D 119 -77.23 -22.49 54.07
C TYR D 119 -77.66 -21.51 55.16
N GLU D 120 -77.09 -20.29 55.15
CA GLU D 120 -77.45 -19.32 56.16
C GLU D 120 -78.88 -18.81 56.03
N ARG D 121 -79.45 -18.87 54.82
CA ARG D 121 -80.84 -18.50 54.66
C ARG D 121 -81.76 -19.50 55.35
N VAL D 122 -81.55 -20.79 55.09
CA VAL D 122 -82.32 -21.82 55.78
C VAL D 122 -82.06 -21.78 57.27
N LYS D 123 -80.83 -21.42 57.68
CA LYS D 123 -80.54 -21.26 59.10
C LYS D 123 -81.35 -20.13 59.71
N ARG D 124 -81.48 -19.01 58.99
CA ARG D 124 -82.29 -17.90 59.50
C ARG D 124 -83.77 -18.21 59.47
N GLN D 125 -84.21 -19.16 58.63
CA GLN D 125 -85.60 -19.57 58.65
C GLN D 125 -85.95 -20.28 59.95
N LEU D 126 -85.06 -21.13 60.44
CA LEU D 126 -85.26 -21.89 61.67
C LEU D 126 -84.50 -21.20 62.79
N ARG D 127 -85.21 -20.39 63.57
CA ARG D 127 -84.54 -19.53 64.56
C ARG D 127 -84.09 -20.34 65.77
N GLU D 128 -85.04 -20.78 66.59
CA GLU D 128 -84.75 -21.60 67.76
C GLU D 128 -85.35 -23.00 67.67
N ASN D 129 -86.03 -23.32 66.58
CA ASN D 129 -86.68 -24.62 66.43
C ASN D 129 -85.72 -25.69 65.93
N ALA D 130 -84.50 -25.32 65.53
CA ALA D 130 -83.53 -26.28 65.04
C ALA D 130 -82.13 -25.82 65.46
N GLU D 131 -81.18 -26.73 65.40
CA GLU D 131 -79.80 -26.45 65.76
C GLU D 131 -78.85 -27.01 64.72
N GLU D 132 -77.76 -26.29 64.47
CA GLU D 132 -76.74 -26.76 63.53
C GLU D 132 -76.08 -28.03 64.05
N ASP D 133 -75.70 -28.90 63.11
CA ASP D 133 -75.03 -30.14 63.47
C ASP D 133 -73.52 -30.11 63.21
N GLY D 134 -73.06 -29.30 62.27
CA GLY D 134 -71.64 -29.15 61.97
C GLY D 134 -71.27 -29.55 60.56
N THR D 135 -72.04 -30.46 59.95
CA THR D 135 -71.74 -30.97 58.63
C THR D 135 -72.74 -30.48 57.57
N GLY D 136 -73.41 -29.37 57.83
CA GLY D 136 -74.35 -28.82 56.88
C GLY D 136 -75.78 -29.28 57.03
N CYS D 137 -76.17 -29.76 58.21
CA CYS D 137 -77.54 -30.18 58.48
C CYS D 137 -78.10 -29.38 59.65
N PHE D 138 -79.42 -29.40 59.77
CA PHE D 138 -80.14 -28.70 60.83
C PHE D 138 -80.99 -29.71 61.58
N GLU D 139 -80.51 -30.16 62.74
CA GLU D 139 -81.29 -31.04 63.59
C GLU D 139 -82.54 -30.33 64.08
N ILE D 140 -83.70 -30.93 63.79
CA ILE D 140 -84.99 -30.37 64.17
C ILE D 140 -85.47 -31.07 65.44
N PHE D 141 -85.83 -30.29 66.45
CA PHE D 141 -86.30 -30.83 67.71
C PHE D 141 -87.80 -31.08 67.73
N HIS D 142 -88.43 -31.21 66.56
CA HIS D 142 -89.83 -31.57 66.46
C HIS D 142 -90.06 -32.24 65.12
N LYS D 143 -90.91 -33.27 65.11
CA LYS D 143 -91.18 -34.04 63.90
C LYS D 143 -91.83 -33.17 62.83
N CYS D 144 -91.01 -32.65 61.91
CA CYS D 144 -91.48 -31.81 60.82
C CYS D 144 -91.90 -32.71 59.66
N ASP D 145 -93.21 -32.78 59.40
CA ASP D 145 -93.75 -33.66 58.39
C ASP D 145 -93.36 -33.17 56.99
N ASP D 146 -93.78 -33.94 55.98
CA ASP D 146 -93.42 -33.60 54.60
C ASP D 146 -94.02 -32.28 54.17
N ASP D 147 -95.23 -31.97 54.64
CA ASP D 147 -95.82 -30.67 54.32
C ASP D 147 -95.05 -29.54 55.01
N CYS D 148 -94.55 -29.81 56.22
CA CYS D 148 -93.70 -28.83 56.89
C CYS D 148 -92.37 -28.66 56.15
N MET D 149 -91.80 -29.76 55.66
CA MET D 149 -90.57 -29.66 54.87
C MET D 149 -90.80 -28.84 53.61
N ALA D 150 -91.90 -29.10 52.91
CA ALA D 150 -92.25 -28.28 51.75
C ALA D 150 -92.48 -26.83 52.12
N SER D 151 -92.98 -26.58 53.34
CA SER D 151 -93.11 -25.21 53.81
C SER D 151 -91.75 -24.57 54.05
N ILE D 152 -90.75 -25.37 54.45
CA ILE D 152 -89.41 -24.83 54.62
C ILE D 152 -88.75 -24.57 53.27
N ARG D 153 -89.06 -25.40 52.26
CA ARG D 153 -88.40 -25.24 50.96
C ARG D 153 -88.83 -23.94 50.27
N ASN D 154 -90.13 -23.67 50.24
CA ASN D 154 -90.65 -22.47 49.58
C ASN D 154 -90.66 -21.26 50.50
N ASN D 155 -89.93 -21.31 51.61
CA ASN D 155 -89.78 -20.18 52.54
C ASN D 155 -91.15 -19.73 53.07
N THR D 156 -91.90 -20.68 53.62
CA THR D 156 -93.17 -20.38 54.28
C THR D 156 -93.25 -21.00 55.67
N TYR D 157 -92.15 -21.53 56.19
CA TYR D 157 -92.14 -22.13 57.52
C TYR D 157 -92.32 -21.05 58.57
N ASP D 158 -93.33 -21.22 59.43
CA ASP D 158 -93.57 -20.28 60.50
C ASP D 158 -92.55 -20.50 61.61
N HIS D 159 -91.77 -19.46 61.90
CA HIS D 159 -90.71 -19.54 62.90
C HIS D 159 -91.23 -19.35 64.33
N SER D 160 -92.55 -19.44 64.55
CA SER D 160 -93.07 -19.19 65.89
C SER D 160 -94.16 -20.21 66.27
N LYS D 161 -94.83 -20.75 65.27
CA LYS D 161 -95.87 -21.74 65.55
C LYS D 161 -95.32 -23.14 65.84
N TYR D 162 -93.99 -23.28 65.90
CA TYR D 162 -93.35 -24.51 66.33
C TYR D 162 -92.29 -24.23 67.39
N ARG D 163 -92.33 -23.06 68.01
CA ARG D 163 -91.23 -22.63 68.88
C ARG D 163 -91.24 -23.37 70.19
N GLU D 164 -92.36 -23.37 70.91
CA GLU D 164 -92.39 -23.93 72.25
C GLU D 164 -92.11 -25.43 72.24
N GLU D 165 -92.63 -26.13 71.23
CA GLU D 165 -92.46 -27.59 71.16
C GLU D 165 -90.99 -27.96 71.05
N ALA D 166 -90.29 -27.38 70.07
CA ALA D 166 -88.86 -27.64 69.91
C ALA D 166 -88.03 -27.05 71.05
N MET D 167 -88.52 -26.00 71.70
CA MET D 167 -87.81 -25.43 72.83
C MET D 167 -87.84 -26.37 74.03
N GLN D 168 -88.96 -27.07 74.23
CA GLN D 168 -89.02 -28.06 75.31
C GLN D 168 -88.05 -29.20 75.08
N ASN D 169 -87.69 -29.47 73.82
CA ASN D 169 -86.77 -30.55 73.50
C ASN D 169 -85.33 -30.03 73.39
N ILE E 3 -84.50 -3.25 66.37
CA ILE E 3 -83.71 -2.32 65.57
C ILE E 3 -83.26 -2.99 64.28
N CYS E 4 -83.51 -2.32 63.16
CA CYS E 4 -83.07 -2.78 61.85
C CYS E 4 -81.95 -1.89 61.33
N LEU E 5 -81.22 -2.41 60.35
CA LEU E 5 -80.09 -1.68 59.77
C LEU E 5 -79.98 -2.04 58.30
N GLY E 6 -79.61 -1.06 57.49
CA GLY E 6 -79.49 -1.27 56.06
C GLY E 6 -78.54 -0.27 55.43
N HIS E 7 -78.67 -0.13 54.11
CA HIS E 7 -77.82 0.76 53.33
C HIS E 7 -78.68 1.76 52.55
N HIS E 8 -78.01 2.71 51.93
CA HIS E 8 -78.68 3.79 51.21
C HIS E 8 -78.95 3.40 49.76
N ALA E 9 -79.75 4.23 49.09
CA ALA E 9 -80.07 4.02 47.70
C ALA E 9 -80.53 5.34 47.09
N VAL E 10 -80.53 5.39 45.76
CA VAL E 10 -80.96 6.57 45.02
C VAL E 10 -82.01 6.14 43.99
N SER E 11 -82.80 7.13 43.56
CA SER E 11 -83.84 6.85 42.57
C SER E 11 -83.26 6.66 41.18
N ASN E 12 -82.29 7.48 40.79
CA ASN E 12 -81.66 7.42 39.49
C ASN E 12 -80.21 6.96 39.68
N GLY E 13 -79.97 5.66 39.45
CA GLY E 13 -78.65 5.09 39.53
C GLY E 13 -77.90 5.20 38.21
N THR E 14 -76.73 4.58 38.17
CA THR E 14 -75.88 4.58 36.99
C THR E 14 -75.51 3.16 36.64
N LYS E 15 -75.87 2.72 35.43
CA LYS E 15 -75.57 1.37 34.99
C LYS E 15 -74.10 1.25 34.61
N VAL E 16 -73.46 0.19 35.10
CA VAL E 16 -72.07 -0.12 34.80
C VAL E 16 -71.99 -1.58 34.35
N ASN E 17 -70.78 -2.00 33.98
CA ASN E 17 -70.52 -3.37 33.57
C ASN E 17 -69.57 -4.04 34.55
N THR E 18 -69.86 -5.29 34.89
CA THR E 18 -69.07 -6.05 35.85
C THR E 18 -68.56 -7.33 35.19
N LEU E 19 -67.83 -8.13 35.97
CA LEU E 19 -67.35 -9.42 35.49
C LEU E 19 -68.48 -10.42 35.27
N THR E 20 -69.62 -10.22 35.94
CA THR E 20 -70.75 -11.14 35.86
C THR E 20 -71.85 -10.62 34.94
N GLU E 21 -72.45 -9.48 35.29
CA GLU E 21 -73.57 -8.94 34.54
C GLU E 21 -73.11 -7.77 33.67
N ARG E 22 -74.06 -7.19 32.93
CA ARG E 22 -73.80 -6.04 32.07
C ARG E 22 -74.99 -5.08 32.22
N GLY E 23 -74.81 -4.03 33.00
CA GLY E 23 -75.88 -3.07 33.24
C GLY E 23 -76.30 -3.00 34.69
N VAL E 24 -75.38 -3.32 35.60
CA VAL E 24 -75.68 -3.26 37.02
C VAL E 24 -75.83 -1.81 37.45
N GLU E 25 -77.00 -1.46 37.96
CA GLU E 25 -77.28 -0.09 38.37
C GLU E 25 -76.70 0.14 39.76
N VAL E 26 -75.68 0.98 39.84
CA VAL E 26 -75.06 1.31 41.12
C VAL E 26 -75.48 2.73 41.52
N VAL E 27 -75.03 3.18 42.69
CA VAL E 27 -75.41 4.50 43.18
C VAL E 27 -74.77 5.59 42.32
N ASN E 28 -73.44 5.63 42.30
CA ASN E 28 -72.72 6.64 41.55
C ASN E 28 -71.58 5.98 40.77
N ALA E 29 -71.18 6.63 39.69
CA ALA E 29 -70.10 6.13 38.85
C ALA E 29 -69.43 7.30 38.14
N THR E 30 -68.18 7.11 37.76
CA THR E 30 -67.41 8.13 37.07
C THR E 30 -66.92 7.58 35.73
N GLU E 31 -66.35 8.48 34.93
CA GLU E 31 -65.85 8.13 33.60
C GLU E 31 -64.35 7.90 33.65
N THR E 32 -63.89 6.90 32.90
CA THR E 32 -62.47 6.59 32.80
C THR E 32 -61.88 6.81 31.42
N VAL E 33 -62.72 7.03 30.41
CA VAL E 33 -62.27 7.26 29.03
C VAL E 33 -62.53 8.71 28.70
N GLU E 34 -61.46 9.46 28.43
CA GLU E 34 -61.57 10.88 28.16
C GLU E 34 -62.05 11.12 26.74
N ARG E 35 -62.96 12.09 26.59
CA ARG E 35 -63.46 12.50 25.29
C ARG E 35 -63.43 14.00 25.06
N THR E 36 -63.36 14.82 26.11
CA THR E 36 -63.34 16.26 25.94
C THR E 36 -61.98 16.71 25.40
N ASN E 37 -62.01 17.50 24.33
CA ASN E 37 -60.80 17.98 23.68
C ASN E 37 -60.78 19.50 23.65
N ILE E 38 -59.62 20.07 23.92
CA ILE E 38 -59.41 21.52 23.83
C ILE E 38 -58.93 21.82 22.41
N PRO E 39 -59.72 22.55 21.59
CA PRO E 39 -59.32 22.77 20.21
C PRO E 39 -58.22 23.83 20.06
N ARG E 40 -57.23 23.79 20.94
CA ARG E 40 -56.10 24.70 20.89
C ARG E 40 -54.85 23.97 21.33
N ILE E 41 -53.69 24.48 20.91
CA ILE E 41 -52.40 23.93 21.29
C ILE E 41 -51.98 24.62 22.58
N CYS E 42 -52.16 23.94 23.70
CA CYS E 42 -51.82 24.49 25.01
C CYS E 42 -50.31 24.51 25.17
N SER E 43 -49.72 25.71 25.12
CA SER E 43 -48.26 25.87 25.17
C SER E 43 -47.84 26.76 26.33
N LYS E 44 -48.59 26.74 27.43
CA LYS E 44 -48.26 27.54 28.60
C LYS E 44 -47.00 26.99 29.26
N GLY E 45 -45.97 27.82 29.36
CA GLY E 45 -44.72 27.39 29.98
C GLY E 45 -43.80 26.61 29.07
N LYS E 46 -43.95 26.72 27.76
CA LYS E 46 -43.12 26.00 26.81
C LYS E 46 -42.68 26.95 25.70
N ARG E 47 -41.40 26.87 25.35
CA ARG E 47 -40.86 27.59 24.20
C ARG E 47 -41.43 26.97 22.93
N THR E 48 -42.31 27.70 22.25
CA THR E 48 -43.03 27.18 21.10
C THR E 48 -42.64 27.96 19.85
N VAL E 49 -42.37 27.25 18.77
CA VAL E 49 -42.07 27.83 17.48
C VAL E 49 -43.11 27.31 16.49
N ASP E 50 -44.03 28.18 16.07
CA ASP E 50 -45.02 27.84 15.06
C ASP E 50 -44.40 28.07 13.68
N LEU E 51 -44.07 26.99 12.99
CA LEU E 51 -43.36 27.10 11.72
C LEU E 51 -44.18 27.85 10.68
N GLY E 52 -45.49 27.64 10.67
CA GLY E 52 -46.34 28.33 9.72
C GLY E 52 -46.08 27.86 8.31
N GLN E 53 -45.78 28.81 7.42
CA GLN E 53 -45.49 28.49 6.02
C GLN E 53 -44.11 27.92 5.82
N CYS E 54 -43.26 27.90 6.85
CA CYS E 54 -41.91 27.36 6.75
C CYS E 54 -41.92 25.88 7.06
N GLY E 55 -41.31 25.09 6.18
CA GLY E 55 -41.18 23.67 6.42
C GLY E 55 -40.07 23.35 7.40
N LEU E 56 -40.24 22.23 8.11
CA LEU E 56 -39.26 21.85 9.13
C LEU E 56 -37.89 21.58 8.52
N LEU E 57 -37.86 20.88 7.39
CA LEU E 57 -36.58 20.61 6.74
C LEU E 57 -35.97 21.87 6.15
N GLY E 58 -36.80 22.80 5.68
CA GLY E 58 -36.29 24.04 5.12
C GLY E 58 -35.41 24.82 6.09
N THR E 59 -35.69 24.71 7.39
CA THR E 59 -34.88 25.37 8.40
C THR E 59 -33.41 25.00 8.31
N ILE E 60 -33.10 23.87 7.66
CA ILE E 60 -31.70 23.49 7.47
C ILE E 60 -31.15 24.06 6.17
N THR E 61 -31.97 24.14 5.12
CA THR E 61 -31.52 24.67 3.84
C THR E 61 -31.75 26.17 3.73
N GLY E 62 -32.89 26.66 4.23
CA GLY E 62 -33.15 28.08 4.30
C GLY E 62 -33.78 28.66 3.05
N PRO E 63 -35.05 28.32 2.80
CA PRO E 63 -35.82 29.05 1.78
C PRO E 63 -36.25 30.39 2.34
N PRO E 64 -36.81 31.27 1.50
CA PRO E 64 -37.27 32.58 2.03
C PRO E 64 -38.23 32.46 3.21
N GLN E 65 -39.26 31.61 3.09
CA GLN E 65 -40.24 31.48 4.15
C GLN E 65 -39.66 30.97 5.46
N CYS E 66 -38.44 30.43 5.44
CA CYS E 66 -37.77 29.97 6.66
C CYS E 66 -36.66 30.89 7.10
N ASP E 67 -36.59 32.11 6.56
CA ASP E 67 -35.50 33.02 6.91
C ASP E 67 -35.50 33.35 8.40
N GLN E 68 -36.65 33.29 9.06
CA GLN E 68 -36.76 33.57 10.48
C GLN E 68 -36.76 32.31 11.34
N PHE E 69 -36.34 31.17 10.76
CA PHE E 69 -36.28 29.91 11.50
C PHE E 69 -34.95 29.20 11.28
N LEU E 70 -33.92 29.95 10.91
CA LEU E 70 -32.62 29.33 10.60
C LEU E 70 -31.89 28.86 11.85
N GLU E 71 -32.06 29.54 12.98
CA GLU E 71 -31.43 29.17 14.24
C GLU E 71 -32.43 29.26 15.38
N PHE E 72 -33.58 28.61 15.20
CA PHE E 72 -34.64 28.68 16.19
C PHE E 72 -34.30 27.80 17.41
N SER E 73 -35.05 28.03 18.49
CA SER E 73 -34.90 27.25 19.71
C SER E 73 -36.27 27.11 20.35
N ALA E 74 -36.66 25.87 20.66
CA ALA E 74 -37.99 25.64 21.19
C ALA E 74 -38.04 24.32 21.93
N ASP E 75 -39.05 24.19 22.79
CA ASP E 75 -39.37 22.93 23.45
C ASP E 75 -40.54 22.22 22.80
N LEU E 76 -41.32 22.92 21.96
CA LEU E 76 -42.45 22.34 21.25
C LEU E 76 -42.47 22.91 19.85
N ILE E 77 -42.32 22.04 18.85
CA ILE E 77 -42.30 22.44 17.44
C ILE E 77 -43.64 22.05 16.82
N ILE E 78 -44.24 22.99 16.10
CA ILE E 78 -45.54 22.80 15.47
C ILE E 78 -45.37 22.92 13.96
N GLU E 79 -45.77 21.90 13.23
CA GLU E 79 -45.76 21.92 11.77
C GLU E 79 -47.16 22.26 11.26
N ARG E 80 -47.22 23.15 10.27
CA ARG E 80 -48.48 23.56 9.69
C ARG E 80 -48.63 22.95 8.29
N ARG E 81 -49.88 22.85 7.85
CA ARG E 81 -50.17 22.22 6.57
C ARG E 81 -49.73 23.07 5.39
N GLU E 82 -49.62 24.38 5.56
CA GLU E 82 -49.16 25.28 4.51
C GLU E 82 -47.65 25.40 4.46
N GLY E 83 -46.93 24.62 5.26
CA GLY E 83 -45.48 24.70 5.27
C GLY E 83 -44.88 24.08 4.02
N SER E 84 -43.73 24.62 3.62
CA SER E 84 -43.02 24.15 2.44
C SER E 84 -41.54 24.03 2.75
N ASP E 85 -40.96 22.86 2.48
CA ASP E 85 -39.55 22.65 2.74
C ASP E 85 -38.66 23.27 1.68
N VAL E 86 -39.18 23.55 0.49
CA VAL E 86 -38.36 24.00 -0.63
C VAL E 86 -38.98 25.24 -1.26
N CYS E 87 -38.12 26.06 -1.86
CA CYS E 87 -38.55 27.14 -2.74
C CYS E 87 -38.30 26.79 -4.20
N TYR E 88 -37.09 26.36 -4.53
CA TYR E 88 -36.85 25.70 -5.81
C TYR E 88 -37.34 24.26 -5.72
N PRO E 89 -38.06 23.76 -6.72
CA PRO E 89 -38.67 22.43 -6.62
C PRO E 89 -37.62 21.35 -6.37
N GLY E 90 -37.77 20.64 -5.27
CA GLY E 90 -36.85 19.59 -4.90
C GLY E 90 -37.48 18.62 -3.94
N LYS E 91 -36.63 17.76 -3.36
CA LYS E 91 -37.10 16.74 -2.44
C LYS E 91 -35.93 16.27 -1.59
N PHE E 92 -36.24 15.85 -0.36
CA PHE E 92 -35.26 15.35 0.58
C PHE E 92 -35.23 13.83 0.56
N VAL E 93 -34.03 13.26 0.53
CA VAL E 93 -33.87 11.82 0.67
C VAL E 93 -33.85 11.47 2.15
N ASN E 94 -34.62 10.45 2.54
CA ASN E 94 -34.87 10.12 3.94
C ASN E 94 -35.42 11.34 4.68
N GLU E 95 -36.49 11.92 4.14
CA GLU E 95 -37.04 13.14 4.68
C GLU E 95 -37.69 12.92 6.04
N GLU E 96 -38.41 11.81 6.20
CA GLU E 96 -39.13 11.58 7.45
C GLU E 96 -38.18 11.33 8.62
N ALA E 97 -37.08 10.64 8.37
CA ALA E 97 -36.09 10.42 9.41
C ALA E 97 -35.50 11.76 9.88
N LEU E 98 -35.14 12.63 8.93
CA LEU E 98 -34.62 13.93 9.28
C LEU E 98 -35.66 14.77 10.02
N ARG E 99 -36.93 14.65 9.63
CA ARG E 99 -38.00 15.33 10.35
C ARG E 99 -38.07 14.85 11.79
N GLN E 100 -38.02 13.54 12.01
CA GLN E 100 -38.06 13.00 13.37
C GLN E 100 -36.82 13.40 14.16
N ILE E 101 -35.69 13.63 13.48
CA ILE E 101 -34.50 14.11 14.17
C ILE E 101 -34.69 15.57 14.60
N LEU E 102 -35.27 16.39 13.72
CA LEU E 102 -35.43 17.81 14.01
C LEU E 102 -36.57 18.09 14.98
N ARG E 103 -37.53 17.17 15.11
CA ARG E 103 -38.65 17.41 16.04
C ARG E 103 -38.18 17.39 17.49
N GLU E 104 -37.30 16.46 17.84
CA GLU E 104 -36.77 16.35 19.19
C GLU E 104 -35.40 17.01 19.33
N SER E 105 -35.06 17.92 18.42
CA SER E 105 -33.74 18.53 18.42
C SER E 105 -33.62 19.69 19.40
N GLY E 106 -34.74 20.26 19.84
CA GLY E 106 -34.68 21.43 20.69
C GLY E 106 -34.18 22.67 20.02
N GLY E 107 -34.24 22.72 18.70
CA GLY E 107 -33.71 23.82 17.92
C GLY E 107 -32.43 23.43 17.19
N ILE E 108 -31.98 24.36 16.34
CA ILE E 108 -30.78 24.16 15.55
C ILE E 108 -29.86 25.36 15.71
N ASP E 109 -28.56 25.12 15.58
CA ASP E 109 -27.54 26.15 15.67
C ASP E 109 -26.62 26.02 14.47
N LYS E 110 -26.59 27.03 13.62
CA LYS E 110 -25.79 27.01 12.41
C LYS E 110 -24.37 27.49 12.69
N GLU E 111 -23.43 26.97 11.90
CA GLU E 111 -22.04 27.37 12.01
C GLU E 111 -21.40 27.32 10.62
N ALA E 112 -20.63 28.35 10.29
CA ALA E 112 -20.01 28.43 8.97
C ALA E 112 -19.05 27.27 8.76
N MET E 113 -19.24 26.54 7.66
CA MET E 113 -18.37 25.41 7.35
C MET E 113 -17.04 25.84 6.75
N GLY E 114 -16.93 27.08 6.29
CA GLY E 114 -15.67 27.60 5.79
C GLY E 114 -15.22 26.98 4.49
N PHE E 115 -16.08 27.02 3.47
CA PHE E 115 -15.75 26.52 2.14
C PHE E 115 -15.43 27.70 1.23
N THR E 116 -14.18 27.79 0.79
CA THR E 116 -13.75 28.81 -0.14
C THR E 116 -13.64 28.22 -1.54
N TYR E 117 -13.96 29.04 -2.55
CA TYR E 117 -14.01 28.60 -3.92
C TYR E 117 -13.16 29.52 -4.79
N SER E 118 -12.72 28.99 -5.94
CA SER E 118 -11.84 29.74 -6.83
C SER E 118 -12.00 29.20 -8.24
N GLY E 119 -12.46 30.04 -9.15
CA GLY E 119 -12.52 29.71 -10.56
C GLY E 119 -13.90 29.40 -11.12
N ILE E 120 -14.95 29.54 -10.32
CA ILE E 120 -16.31 29.28 -10.76
C ILE E 120 -17.20 30.44 -10.31
N ARG E 121 -18.46 30.40 -10.75
CA ARG E 121 -19.46 31.38 -10.36
C ARG E 121 -20.34 30.76 -9.28
N THR E 122 -20.33 31.35 -8.09
CA THR E 122 -20.97 30.78 -6.91
C THR E 122 -22.32 31.40 -6.58
N ASN E 123 -22.72 32.46 -7.28
CA ASN E 123 -23.98 33.16 -6.98
C ASN E 123 -25.14 32.64 -7.82
N GLY E 124 -25.25 31.33 -7.99
CA GLY E 124 -26.38 30.78 -8.72
C GLY E 124 -27.66 30.93 -7.92
N ALA E 125 -28.70 31.42 -8.59
CA ALA E 125 -29.97 31.69 -7.93
C ALA E 125 -31.12 31.43 -8.90
N THR E 126 -32.34 31.56 -8.40
CA THR E 126 -33.53 31.34 -9.19
C THR E 126 -34.61 32.32 -8.77
N SER E 127 -35.58 32.53 -9.67
CA SER E 127 -36.68 33.45 -9.40
C SER E 127 -37.74 32.86 -8.48
N ALA E 128 -37.68 31.56 -8.20
CA ALA E 128 -38.63 30.96 -7.26
C ALA E 128 -38.29 31.30 -5.82
N CYS E 129 -36.99 31.30 -5.48
CA CYS E 129 -36.54 31.65 -4.14
C CYS E 129 -36.32 33.17 -4.08
N ARG E 130 -37.43 33.90 -4.12
CA ARG E 130 -37.41 35.35 -4.23
C ARG E 130 -37.29 36.00 -2.87
N ARG E 131 -36.35 36.92 -2.73
CA ARG E 131 -36.26 37.80 -1.57
C ARG E 131 -36.42 39.24 -2.01
N SER E 132 -35.32 40.01 -2.06
CA SER E 132 -35.37 41.32 -2.69
C SER E 132 -35.57 41.16 -4.20
N GLY E 133 -34.68 40.44 -4.85
CA GLY E 133 -34.89 40.02 -6.22
C GLY E 133 -34.98 38.51 -6.30
N SER E 134 -34.21 37.89 -7.18
CA SER E 134 -34.11 36.44 -7.24
C SER E 134 -32.93 35.99 -6.40
N SER E 135 -33.15 35.00 -5.55
CA SER E 135 -32.13 34.53 -4.61
C SER E 135 -32.14 33.01 -4.63
N PHE E 136 -31.52 32.42 -3.61
CA PHE E 136 -31.40 30.97 -3.50
C PHE E 136 -31.56 30.61 -2.03
N TYR E 137 -31.29 29.34 -1.70
CA TYR E 137 -31.34 28.92 -0.31
C TYR E 137 -30.28 29.64 0.51
N ALA E 138 -30.67 30.10 1.70
CA ALA E 138 -29.78 30.92 2.53
C ALA E 138 -28.58 30.13 3.02
N GLU E 139 -28.76 28.84 3.32
CA GLU E 139 -27.69 28.01 3.85
C GLU E 139 -27.00 27.18 2.77
N MET E 140 -27.33 27.40 1.50
CA MET E 140 -26.76 26.65 0.39
C MET E 140 -26.13 27.62 -0.61
N LYS E 141 -25.32 27.05 -1.50
CA LYS E 141 -24.66 27.83 -2.56
C LYS E 141 -24.70 27.01 -3.85
N TRP E 142 -25.46 27.49 -4.83
CA TRP E 142 -25.58 26.84 -6.12
C TRP E 142 -24.27 27.02 -6.90
N LEU E 143 -23.53 25.93 -7.09
CA LEU E 143 -22.22 26.01 -7.75
C LEU E 143 -22.40 25.82 -9.25
N LEU E 144 -22.10 26.87 -10.00
CA LEU E 144 -22.18 26.87 -11.46
C LEU E 144 -20.78 27.03 -12.05
N SER E 145 -20.71 26.94 -13.38
CA SER E 145 -19.46 27.22 -14.07
C SER E 145 -19.24 28.73 -14.14
N ASN E 146 -18.03 29.12 -14.54
CA ASN E 146 -17.64 30.52 -14.46
C ASN E 146 -18.36 31.37 -15.51
N THR E 147 -18.41 30.89 -16.76
CA THR E 147 -19.05 31.63 -17.83
C THR E 147 -20.33 30.92 -18.27
N ASP E 148 -20.83 31.27 -19.46
CA ASP E 148 -22.10 30.74 -19.93
C ASP E 148 -22.04 29.24 -20.19
N ASN E 149 -20.87 28.71 -20.56
CA ASN E 149 -20.69 27.28 -20.71
C ASN E 149 -19.42 26.85 -19.98
N ALA E 150 -18.27 27.12 -20.59
CA ALA E 150 -16.96 26.90 -19.97
C ALA E 150 -16.75 25.48 -19.50
N ALA E 151 -15.78 25.28 -18.61
CA ALA E 151 -15.47 23.97 -18.05
C ALA E 151 -15.39 24.12 -16.53
N PHE E 152 -16.27 23.44 -15.83
CA PHE E 152 -16.30 23.46 -14.37
C PHE E 152 -15.10 22.66 -13.85
N PRO E 153 -14.14 23.31 -13.19
CA PRO E 153 -12.96 22.58 -12.70
C PRO E 153 -13.32 21.62 -11.58
N GLN E 154 -12.58 20.52 -11.51
CA GLN E 154 -12.78 19.54 -10.45
C GLN E 154 -12.35 20.13 -9.12
N MET E 155 -13.22 20.02 -8.11
CA MET E 155 -12.98 20.59 -6.80
C MET E 155 -13.24 19.56 -5.71
N THR E 156 -12.57 19.76 -4.57
CA THR E 156 -12.69 18.88 -3.41
C THR E 156 -12.72 19.75 -2.17
N LYS E 157 -13.78 19.60 -1.36
CA LYS E 157 -13.95 20.39 -0.14
C LYS E 157 -14.13 19.44 1.03
N SER E 158 -13.33 19.65 2.08
CA SER E 158 -13.35 18.81 3.27
C SER E 158 -13.76 19.64 4.48
N TYR E 159 -14.51 19.02 5.40
CA TYR E 159 -14.98 19.69 6.59
C TYR E 159 -14.86 18.75 7.78
N LYS E 160 -14.28 19.24 8.87
CA LYS E 160 -14.09 18.47 10.08
C LYS E 160 -14.99 19.02 11.18
N ASN E 161 -15.72 18.13 11.86
CA ASN E 161 -16.61 18.51 12.96
C ASN E 161 -15.75 18.74 14.20
N THR E 162 -15.49 20.00 14.53
CA THR E 162 -14.65 20.36 15.66
C THR E 162 -15.46 20.68 16.91
N ARG E 163 -16.62 20.07 17.06
CA ARG E 163 -17.49 20.29 18.21
C ARG E 163 -17.87 18.95 18.83
N LYS E 164 -18.36 19.01 20.07
CA LYS E 164 -18.66 17.81 20.84
C LYS E 164 -19.98 17.16 20.47
N SER E 165 -20.75 17.75 19.55
CA SER E 165 -22.02 17.18 19.16
C SER E 165 -22.02 16.86 17.66
N PRO E 166 -22.79 15.85 17.24
CA PRO E 166 -22.83 15.52 15.81
C PRO E 166 -23.40 16.68 14.99
N ALA E 167 -22.83 16.88 13.80
CA ALA E 167 -23.23 17.94 12.89
C ALA E 167 -24.15 17.40 11.81
N LEU E 168 -25.10 18.23 11.39
CA LEU E 168 -26.04 17.89 10.33
C LEU E 168 -25.56 18.55 9.04
N ILE E 169 -25.13 17.74 8.08
CA ILE E 169 -24.61 18.22 6.81
C ILE E 169 -25.64 17.91 5.72
N VAL E 170 -26.00 18.93 4.94
CA VAL E 170 -26.98 18.80 3.88
C VAL E 170 -26.42 19.40 2.60
N TRP E 171 -26.41 18.62 1.53
CA TRP E 171 -25.99 19.09 0.21
C TRP E 171 -27.08 18.76 -0.80
N GLY E 172 -26.85 19.14 -2.04
CA GLY E 172 -27.85 18.95 -3.08
C GLY E 172 -27.22 18.59 -4.41
N ILE E 173 -27.95 17.79 -5.19
CA ILE E 173 -27.57 17.41 -6.54
C ILE E 173 -28.61 18.00 -7.49
N HIS E 174 -28.16 18.83 -8.42
CA HIS E 174 -29.06 19.54 -9.32
C HIS E 174 -29.38 18.69 -10.54
N HIS E 175 -30.64 18.73 -10.95
CA HIS E 175 -31.14 18.02 -12.13
C HIS E 175 -31.77 19.05 -13.06
N SER E 176 -31.09 19.35 -14.17
CA SER E 176 -31.56 20.38 -15.08
C SER E 176 -32.74 19.84 -15.91
N VAL E 177 -33.35 20.77 -16.68
CA VAL E 177 -34.48 20.40 -17.51
C VAL E 177 -34.06 19.51 -18.67
N SER E 178 -32.81 19.63 -19.11
CA SER E 178 -32.31 18.82 -20.20
C SER E 178 -30.80 18.71 -20.08
N THR E 179 -30.21 17.83 -20.89
CA THR E 179 -28.76 17.69 -20.89
C THR E 179 -28.07 18.94 -21.43
N ALA E 180 -28.75 19.68 -22.32
CA ALA E 180 -28.17 20.91 -22.83
C ALA E 180 -28.04 21.97 -21.74
N GLU E 181 -29.02 22.04 -20.84
CA GLU E 181 -28.92 22.98 -19.73
C GLU E 181 -27.85 22.55 -18.73
N GLN E 182 -27.65 21.24 -18.56
CA GLN E 182 -26.55 20.78 -17.71
C GLN E 182 -25.20 21.14 -18.31
N THR E 183 -25.04 20.93 -19.62
CA THR E 183 -23.80 21.34 -20.28
C THR E 183 -23.63 22.85 -20.27
N LYS E 184 -24.74 23.60 -20.19
CA LYS E 184 -24.62 25.05 -20.09
C LYS E 184 -24.18 25.47 -18.69
N LEU E 185 -24.78 24.89 -17.66
CA LEU E 185 -24.48 25.32 -16.29
C LEU E 185 -23.13 24.81 -15.79
N TYR E 186 -22.71 23.61 -16.19
CA TYR E 186 -21.50 23.02 -15.63
C TYR E 186 -20.54 22.46 -16.68
N GLY E 187 -20.78 22.70 -17.96
CA GLY E 187 -19.94 22.16 -19.01
C GLY E 187 -20.33 20.75 -19.38
N SER E 188 -19.82 20.32 -20.54
CA SER E 188 -20.14 19.00 -21.07
C SER E 188 -19.38 17.92 -20.33
N GLY E 189 -19.69 16.67 -20.66
CA GLY E 189 -19.04 15.53 -20.04
C GLY E 189 -19.83 14.97 -18.87
N ASN E 190 -19.31 13.87 -18.33
CA ASN E 190 -19.95 13.21 -17.20
C ASN E 190 -19.71 14.01 -15.92
N LYS E 191 -20.79 14.31 -15.21
CA LYS E 191 -20.73 14.97 -13.91
C LYS E 191 -20.84 13.93 -12.80
N LEU E 192 -20.11 14.17 -11.72
CA LEU E 192 -20.04 13.19 -10.64
C LEU E 192 -19.76 13.90 -9.32
N VAL E 193 -20.53 13.56 -8.29
CA VAL E 193 -20.32 14.08 -6.94
C VAL E 193 -20.12 12.89 -6.00
N THR E 194 -19.03 12.93 -5.24
CA THR E 194 -18.75 11.88 -4.27
C THR E 194 -18.68 12.49 -2.87
N VAL E 195 -19.23 11.76 -1.90
CA VAL E 195 -19.29 12.19 -0.51
C VAL E 195 -18.82 11.04 0.37
N GLY E 196 -17.86 11.31 1.25
CA GLY E 196 -17.29 10.27 2.08
C GLY E 196 -17.06 10.75 3.50
N SER E 197 -17.12 9.80 4.43
CA SER E 197 -16.83 10.07 5.83
C SER E 197 -16.43 8.75 6.51
N SER E 198 -16.77 8.62 7.79
CA SER E 198 -16.48 7.38 8.52
C SER E 198 -17.61 6.38 8.46
N ASN E 199 -18.86 6.83 8.37
CA ASN E 199 -20.01 5.95 8.28
C ASN E 199 -20.80 6.10 6.99
N TYR E 200 -20.33 6.92 6.05
CA TYR E 200 -21.10 7.29 4.87
C TYR E 200 -20.21 7.31 3.65
N GLN E 201 -20.76 6.85 2.54
CA GLN E 201 -20.15 6.85 1.25
C GLN E 201 -21.13 6.68 0.11
N GLN E 202 -20.98 7.48 -0.92
CA GLN E 202 -21.71 7.47 -2.21
C GLN E 202 -22.06 8.73 -2.68
N SER E 203 -21.62 9.33 -3.77
CA SER E 203 -21.74 8.75 -5.08
C SER E 203 -23.05 9.05 -5.79
N PHE E 204 -23.06 10.17 -6.47
CA PHE E 204 -24.19 10.64 -7.19
C PHE E 204 -23.87 11.10 -8.55
N VAL E 205 -24.72 10.79 -9.48
CA VAL E 205 -24.63 11.23 -10.86
C VAL E 205 -25.93 11.96 -11.19
N PRO E 206 -25.88 13.18 -11.72
CA PRO E 206 -27.12 13.90 -12.01
C PRO E 206 -27.90 13.24 -13.13
N SER E 207 -29.22 13.37 -13.05
CA SER E 207 -30.15 12.78 -14.01
C SER E 207 -30.96 13.90 -14.65
N PRO E 208 -30.43 14.52 -15.71
CA PRO E 208 -31.16 15.63 -16.35
C PRO E 208 -32.41 15.13 -17.05
N GLY E 209 -33.41 15.98 -17.10
CA GLY E 209 -34.68 15.66 -17.72
C GLY E 209 -35.77 16.55 -17.23
N ALA E 210 -36.88 16.55 -17.97
CA ALA E 210 -38.03 17.39 -17.66
C ALA E 210 -38.95 16.65 -16.71
N ARG E 211 -39.17 17.22 -15.53
CA ARG E 211 -40.10 16.69 -14.55
C ARG E 211 -41.43 17.42 -14.65
N THR E 212 -42.35 17.11 -13.74
CA THR E 212 -43.60 17.85 -13.67
C THR E 212 -43.35 19.28 -13.24
N GLN E 213 -44.07 20.22 -13.85
CA GLN E 213 -43.87 21.63 -13.58
C GLN E 213 -44.24 21.96 -12.14
N VAL E 214 -43.24 22.39 -11.36
CA VAL E 214 -43.44 22.89 -10.01
C VAL E 214 -42.71 24.21 -9.89
N ASN E 215 -43.40 25.25 -9.40
CA ASN E 215 -42.88 26.60 -9.37
C ASN E 215 -42.46 27.07 -10.77
N GLY E 216 -43.22 26.66 -11.79
CA GLY E 216 -42.91 27.02 -13.16
C GLY E 216 -41.55 26.51 -13.62
N LEU E 217 -40.95 25.61 -12.84
CA LEU E 217 -39.62 25.07 -13.13
C LEU E 217 -39.71 23.57 -13.29
N SER E 218 -39.05 23.05 -14.31
CA SER E 218 -39.03 21.61 -14.59
C SER E 218 -37.77 20.94 -14.05
N GLY E 219 -36.83 21.70 -13.50
CA GLY E 219 -35.66 21.11 -12.87
C GLY E 219 -35.87 20.81 -11.40
N ARG E 220 -35.08 19.86 -10.89
CA ARG E 220 -35.21 19.42 -9.52
C ARG E 220 -33.88 19.55 -8.79
N ILE E 221 -33.92 19.42 -7.47
CA ILE E 221 -32.74 19.44 -6.62
C ILE E 221 -32.92 18.38 -5.54
N ASP E 222 -32.07 17.36 -5.56
CA ASP E 222 -32.11 16.32 -4.54
C ASP E 222 -31.31 16.76 -3.31
N PHE E 223 -31.96 16.76 -2.15
CA PHE E 223 -31.32 17.15 -0.90
C PHE E 223 -30.94 15.90 -0.12
N HIS E 224 -29.64 15.78 0.16
CA HIS E 224 -29.11 14.66 0.94
C HIS E 224 -28.46 15.19 2.21
N TRP E 225 -28.33 14.33 3.20
CA TRP E 225 -27.83 14.74 4.50
C TRP E 225 -27.15 13.58 5.20
N LEU E 226 -26.19 13.91 6.07
CA LEU E 226 -25.56 12.93 6.93
C LEU E 226 -25.20 13.60 8.25
N MET E 227 -24.91 12.77 9.24
CA MET E 227 -24.56 13.22 10.59
C MET E 227 -23.08 12.94 10.84
N LEU E 228 -22.28 14.00 10.89
CA LEU E 228 -20.88 13.88 11.22
C LEU E 228 -20.70 13.72 12.73
N ASN E 229 -19.80 12.84 13.11
CA ASN E 229 -19.46 12.64 14.51
C ASN E 229 -18.38 13.62 14.93
N PRO E 230 -18.18 13.83 16.24
CA PRO E 230 -17.10 14.70 16.70
C PRO E 230 -15.75 14.22 16.20
N ASN E 231 -14.95 15.17 15.69
CA ASN E 231 -13.61 14.91 15.17
C ASN E 231 -13.67 14.06 13.89
N ASP E 232 -14.87 13.75 13.42
CA ASP E 232 -14.99 13.05 12.14
C ASP E 232 -14.97 14.04 10.99
N THR E 233 -14.52 13.59 9.83
CA THR E 233 -14.31 14.46 8.68
C THR E 233 -15.14 13.96 7.49
N VAL E 234 -15.78 14.90 6.80
CA VAL E 234 -16.52 14.62 5.58
C VAL E 234 -15.78 15.26 4.41
N THR E 235 -15.88 14.61 3.25
CA THR E 235 -15.16 15.04 2.07
C THR E 235 -16.09 14.98 0.85
N PHE E 236 -16.04 16.04 0.05
CA PHE E 236 -16.83 16.18 -1.16
C PHE E 236 -15.88 16.32 -2.35
N SER E 237 -16.13 15.55 -3.41
CA SER E 237 -15.36 15.64 -4.64
C SER E 237 -16.35 15.80 -5.79
N PHE E 238 -16.39 16.99 -6.38
CA PHE E 238 -17.41 17.33 -7.36
C PHE E 238 -16.80 18.05 -8.54
N ASN E 239 -17.62 18.23 -9.58
CA ASN E 239 -17.21 19.06 -10.72
C ASN E 239 -18.39 19.69 -11.44
N GLY E 240 -19.55 19.81 -10.82
CA GLY E 240 -20.74 20.35 -11.46
C GLY E 240 -21.99 19.75 -10.86
N ALA E 241 -23.09 20.47 -11.04
CA ALA E 241 -24.40 20.08 -10.52
C ALA E 241 -24.33 19.84 -9.01
N PHE E 242 -23.80 20.82 -8.30
CA PHE E 242 -23.56 20.70 -6.86
C PHE E 242 -24.15 21.91 -6.15
N ILE E 243 -25.06 21.65 -5.21
CA ILE E 243 -25.58 22.64 -4.30
C ILE E 243 -24.79 22.49 -3.01
N ALA E 244 -23.74 23.30 -2.86
CA ALA E 244 -22.81 23.13 -1.76
C ALA E 244 -23.39 23.66 -0.45
N PRO E 245 -23.06 23.02 0.67
CA PRO E 245 -23.47 23.57 1.97
C PRO E 245 -22.56 24.68 2.42
N ASP E 246 -23.15 25.72 3.01
CA ASP E 246 -22.41 26.85 3.55
C ASP E 246 -22.36 26.88 5.06
N ARG E 247 -23.41 26.42 5.73
CA ARG E 247 -23.47 26.39 7.19
C ARG E 247 -24.03 25.05 7.65
N ALA E 248 -23.38 24.46 8.63
CA ALA E 248 -23.82 23.20 9.21
C ALA E 248 -24.74 23.46 10.41
N SER E 249 -25.53 22.44 10.75
CA SER E 249 -26.50 22.53 11.83
C SER E 249 -26.06 21.65 12.99
N PHE E 250 -26.37 22.11 14.20
CA PHE E 250 -26.09 21.39 15.43
C PHE E 250 -27.33 21.39 16.30
N LEU E 251 -27.68 20.23 16.84
CA LEU E 251 -28.87 20.11 17.67
C LEU E 251 -28.64 20.80 19.02
N ARG E 252 -29.61 21.63 19.42
CA ARG E 252 -29.45 22.39 20.66
C ARG E 252 -29.66 21.50 21.88
N GLY E 253 -30.83 20.86 21.97
CA GLY E 253 -31.12 20.03 23.13
C GLY E 253 -32.20 18.99 22.87
N LYS E 254 -33.37 19.19 23.47
CA LYS E 254 -34.47 18.25 23.38
C LYS E 254 -35.78 19.00 23.30
N SER E 255 -36.72 18.47 22.52
CA SER E 255 -38.03 19.07 22.34
C SER E 255 -39.01 18.00 21.86
N MET E 256 -40.17 18.45 21.37
CA MET E 256 -41.19 17.57 20.85
C MET E 256 -41.82 18.22 19.62
N GLY E 257 -42.14 17.40 18.62
CA GLY E 257 -42.70 17.87 17.37
C GLY E 257 -44.11 17.33 17.17
N ILE E 258 -45.03 18.24 16.83
CA ILE E 258 -46.43 17.89 16.59
C ILE E 258 -46.87 18.52 15.28
N GLN E 259 -47.91 17.93 14.70
CA GLN E 259 -48.55 18.43 13.50
C GLN E 259 -49.99 18.78 13.84
N SER E 260 -50.33 20.07 13.79
CA SER E 260 -51.65 20.54 14.19
C SER E 260 -52.13 21.59 13.20
N GLY E 261 -53.42 21.92 13.30
CA GLY E 261 -54.02 22.94 12.47
C GLY E 261 -54.85 23.92 13.24
N VAL E 262 -54.77 23.87 14.57
CA VAL E 262 -55.52 24.77 15.43
C VAL E 262 -54.58 25.85 15.94
N GLN E 263 -55.15 26.81 16.67
CA GLN E 263 -54.40 27.96 17.14
C GLN E 263 -53.53 27.59 18.35
N VAL E 264 -52.61 28.48 18.69
CA VAL E 264 -51.71 28.30 19.83
C VAL E 264 -52.27 29.10 20.99
N ASP E 265 -52.37 28.45 22.16
CA ASP E 265 -52.89 29.08 23.37
C ASP E 265 -51.83 29.01 24.46
N ALA E 266 -51.53 30.15 25.05
CA ALA E 266 -50.50 30.26 26.08
C ALA E 266 -51.08 30.35 27.48
N ASN E 267 -52.38 30.13 27.65
CA ASN E 267 -53.01 30.16 28.97
C ASN E 267 -53.34 28.78 29.51
N CYS E 268 -53.64 27.81 28.65
CA CYS E 268 -53.86 26.44 29.06
C CYS E 268 -52.58 25.64 28.93
N GLU E 269 -52.44 24.61 29.76
CA GLU E 269 -51.24 23.79 29.81
C GLU E 269 -51.59 22.33 29.62
N GLY E 270 -50.77 21.63 28.84
CA GLY E 270 -50.99 20.21 28.59
C GLY E 270 -49.75 19.57 28.02
N ASP E 271 -49.69 18.25 28.17
CA ASP E 271 -48.58 17.46 27.65
C ASP E 271 -49.00 16.43 26.62
N CYS E 272 -50.28 16.41 26.24
CA CYS E 272 -50.79 15.48 25.24
C CYS E 272 -51.36 16.29 24.08
N TYR E 273 -50.81 16.09 22.88
CA TYR E 273 -51.19 16.87 21.72
C TYR E 273 -51.61 15.95 20.58
N HIS E 274 -52.46 16.49 19.70
CA HIS E 274 -52.83 15.83 18.46
C HIS E 274 -53.20 16.91 17.45
N SER E 275 -53.59 16.48 16.25
CA SER E 275 -53.88 17.43 15.19
C SER E 275 -55.11 18.29 15.49
N GLY E 276 -55.97 17.84 16.40
CA GLY E 276 -57.20 18.57 16.74
C GLY E 276 -57.06 19.54 17.89
N GLY E 277 -56.06 19.35 18.72
CA GLY E 277 -55.83 20.24 19.82
C GLY E 277 -55.01 19.54 20.89
N THR E 278 -55.37 19.83 22.14
CA THR E 278 -54.67 19.32 23.32
C THR E 278 -55.63 18.52 24.20
N ILE E 279 -55.17 17.38 24.68
CA ILE E 279 -55.95 16.51 25.57
C ILE E 279 -55.47 16.77 26.99
N ILE E 280 -56.27 17.49 27.77
CA ILE E 280 -55.97 17.79 29.16
C ILE E 280 -56.89 16.93 30.02
N SER E 281 -56.33 15.90 30.63
CA SER E 281 -57.13 14.98 31.44
C SER E 281 -56.23 14.20 32.38
N ASN E 282 -56.84 13.68 33.43
CA ASN E 282 -56.17 12.80 34.38
C ASN E 282 -56.64 11.36 34.26
N LEU E 283 -57.60 11.08 33.37
CA LEU E 283 -58.11 9.74 33.22
C LEU E 283 -57.06 8.84 32.55
N PRO E 284 -57.08 7.53 32.86
CA PRO E 284 -56.07 6.62 32.30
C PRO E 284 -56.28 6.28 30.83
N PHE E 285 -57.44 6.58 30.26
CA PHE E 285 -57.74 6.24 28.87
C PHE E 285 -58.35 7.42 28.16
N GLN E 286 -58.30 7.38 26.83
CA GLN E 286 -58.87 8.43 26.00
C GLN E 286 -59.31 7.84 24.68
N ASN E 287 -60.35 8.42 24.09
CA ASN E 287 -60.92 8.00 22.82
C ASN E 287 -61.06 9.20 21.89
N ILE E 288 -59.96 9.93 21.70
CA ILE E 288 -59.95 11.13 20.87
C ILE E 288 -59.10 10.93 19.62
N ASP E 289 -57.84 10.56 19.79
CA ASP E 289 -56.94 10.36 18.66
C ASP E 289 -55.96 9.26 19.00
N SER E 290 -55.91 8.21 18.16
CA SER E 290 -54.99 7.11 18.39
C SER E 290 -53.54 7.50 18.11
N ARG E 291 -53.31 8.61 17.41
CA ARG E 291 -51.98 9.08 17.09
C ARG E 291 -51.54 10.26 17.95
N ALA E 292 -52.14 10.41 19.13
CA ALA E 292 -51.74 11.49 20.04
C ALA E 292 -50.34 11.23 20.57
N VAL E 293 -49.54 12.30 20.66
CA VAL E 293 -48.15 12.19 21.06
C VAL E 293 -47.94 12.96 22.35
N GLY E 294 -46.83 12.65 23.03
CA GLY E 294 -46.53 13.25 24.31
C GLY E 294 -46.79 12.31 25.47
N LYS E 295 -47.25 12.85 26.60
CA LYS E 295 -47.62 12.03 27.76
C LYS E 295 -49.13 11.95 27.81
N CYS E 296 -49.68 11.01 27.04
CA CYS E 296 -51.10 10.87 26.83
C CYS E 296 -51.67 9.67 27.58
N PRO E 297 -52.97 9.68 27.86
CA PRO E 297 -53.63 8.44 28.28
C PRO E 297 -53.65 7.42 27.15
N ARG E 298 -53.75 6.15 27.53
CA ARG E 298 -53.72 5.08 26.56
C ARG E 298 -54.99 5.08 25.73
N TYR E 299 -54.85 5.07 24.41
CA TYR E 299 -56.00 5.12 23.52
C TYR E 299 -56.75 3.79 23.53
N VAL E 300 -58.07 3.87 23.65
CA VAL E 300 -58.94 2.71 23.57
C VAL E 300 -60.05 3.03 22.58
N LYS E 301 -60.68 1.98 22.04
CA LYS E 301 -61.76 2.17 21.09
C LYS E 301 -63.13 2.25 21.75
N GLN E 302 -63.23 1.95 23.04
CA GLN E 302 -64.49 2.15 23.76
C GLN E 302 -64.74 3.64 23.96
N ARG E 303 -65.99 4.05 23.75
CA ARG E 303 -66.35 5.46 23.93
C ARG E 303 -66.47 5.80 25.41
N SER E 304 -67.03 4.89 26.21
CA SER E 304 -67.23 5.14 27.63
C SER E 304 -67.05 3.84 28.40
N LEU E 305 -66.36 3.94 29.55
CA LEU E 305 -66.16 2.80 30.46
C LEU E 305 -66.38 3.33 31.88
N LEU E 306 -67.61 3.21 32.36
CA LEU E 306 -67.99 3.78 33.65
C LEU E 306 -67.45 2.93 34.78
N LEU E 307 -66.65 3.54 35.64
CA LEU E 307 -66.15 2.89 36.85
C LEU E 307 -67.10 3.17 38.01
N ALA E 308 -67.47 2.12 38.73
CA ALA E 308 -68.42 2.25 39.83
C ALA E 308 -67.75 2.85 41.05
N THR E 309 -68.34 3.93 41.57
CA THR E 309 -67.85 4.59 42.77
C THR E 309 -68.81 4.45 43.95
N GLY E 310 -69.92 3.76 43.77
CA GLY E 310 -70.89 3.56 44.84
C GLY E 310 -71.31 2.10 44.93
N MET E 311 -72.17 1.84 45.91
CA MET E 311 -72.67 0.49 46.14
C MET E 311 -73.76 0.15 45.13
N LYS E 312 -74.27 -1.08 45.23
CA LYS E 312 -75.36 -1.51 44.34
C LYS E 312 -76.64 -0.77 44.71
N ASN E 313 -77.27 -0.17 43.71
CA ASN E 313 -78.48 0.63 43.92
C ASN E 313 -79.69 -0.29 43.86
N VAL E 314 -80.32 -0.53 45.00
CA VAL E 314 -81.54 -1.33 45.07
C VAL E 314 -82.67 -0.40 45.50
N PRO E 315 -83.46 0.15 44.57
CA PRO E 315 -84.42 1.19 44.94
C PRO E 315 -85.66 0.66 45.64
N GLU E 316 -86.72 1.46 45.64
CA GLU E 316 -87.95 1.18 46.40
C GLU E 316 -87.64 1.05 47.89
N ALA F 7 -76.74 -6.85 50.63
CA ALA F 7 -77.58 -6.56 49.48
C ALA F 7 -78.39 -7.80 49.08
N GLY F 8 -78.28 -8.85 49.88
CA GLY F 8 -79.00 -10.08 49.61
C GLY F 8 -80.32 -10.17 50.36
N PHE F 9 -80.29 -10.62 51.60
CA PHE F 9 -81.50 -10.68 52.41
C PHE F 9 -82.00 -9.29 52.79
N ILE F 10 -81.16 -8.27 52.66
CA ILE F 10 -81.63 -6.88 52.74
C ILE F 10 -82.35 -6.58 51.43
N GLU F 11 -83.69 -6.61 51.46
CA GLU F 11 -84.46 -6.63 50.23
C GLU F 11 -84.28 -5.36 49.40
N ASN F 12 -84.02 -4.23 50.05
CA ASN F 12 -83.85 -2.98 49.33
C ASN F 12 -83.08 -2.01 50.20
N GLY F 13 -82.71 -0.87 49.60
CA GLY F 13 -82.00 0.17 50.30
C GLY F 13 -82.93 1.26 50.83
N TRP F 14 -82.35 2.17 51.58
CA TRP F 14 -83.07 3.27 52.21
C TRP F 14 -82.75 4.56 51.44
N GLU F 15 -83.70 4.99 50.61
CA GLU F 15 -83.51 6.23 49.87
C GLU F 15 -83.53 7.45 50.79
N GLY F 16 -84.19 7.34 51.95
CA GLY F 16 -84.18 8.43 52.90
C GLY F 16 -82.89 8.57 53.67
N LEU F 17 -82.08 7.52 53.70
CA LEU F 17 -80.77 7.58 54.37
C LEU F 17 -79.80 8.40 53.54
N ILE F 18 -79.69 9.69 53.87
CA ILE F 18 -78.82 10.61 53.15
C ILE F 18 -77.64 11.05 53.99
N ASP F 19 -77.42 10.41 55.14
CA ASP F 19 -76.32 10.77 56.04
C ASP F 19 -75.06 9.94 55.81
N GLY F 20 -75.20 8.70 55.34
CA GLY F 20 -74.04 7.87 55.10
C GLY F 20 -74.41 6.68 54.24
N TRP F 21 -73.43 5.79 54.08
CA TRP F 21 -73.65 4.58 53.28
C TRP F 21 -74.37 3.51 54.09
N TYR F 22 -74.02 3.35 55.37
CA TYR F 22 -74.64 2.39 56.25
C TYR F 22 -75.27 3.11 57.44
N GLY F 23 -76.18 2.43 58.11
CA GLY F 23 -76.82 3.04 59.27
C GLY F 23 -77.87 2.11 59.85
N PHE F 24 -78.46 2.57 60.95
CA PHE F 24 -79.48 1.83 61.67
C PHE F 24 -80.78 2.64 61.69
N ARG F 25 -81.90 1.92 61.80
CA ARG F 25 -83.22 2.52 61.94
C ARG F 25 -83.97 1.73 63.00
N HIS F 26 -83.96 2.23 64.23
CA HIS F 26 -84.56 1.54 65.36
C HIS F 26 -85.99 2.03 65.59
N GLN F 27 -86.88 1.09 65.89
CA GLN F 27 -88.28 1.38 66.21
C GLN F 27 -88.59 0.71 67.55
N ASN F 28 -88.45 1.46 68.64
CA ASN F 28 -88.73 0.99 69.98
C ASN F 28 -90.05 1.60 70.46
N ALA F 29 -90.20 1.78 71.77
CA ALA F 29 -91.42 2.35 72.33
C ALA F 29 -91.36 3.88 72.43
N GLN F 30 -90.17 4.45 72.65
CA GLN F 30 -90.06 5.89 72.78
C GLN F 30 -90.28 6.60 71.46
N GLY F 31 -89.86 6.00 70.34
CA GLY F 31 -90.05 6.61 69.04
C GLY F 31 -89.40 5.84 67.92
N GLU F 32 -88.53 6.50 67.16
CA GLU F 32 -87.86 5.89 66.02
C GLU F 32 -86.62 6.69 65.69
N GLY F 33 -85.63 6.03 65.12
CA GLY F 33 -84.37 6.69 64.80
C GLY F 33 -83.75 6.11 63.55
N THR F 34 -82.94 6.94 62.88
CA THR F 34 -82.22 6.52 61.68
C THR F 34 -80.89 7.26 61.68
N ALA F 35 -79.84 6.59 62.14
CA ALA F 35 -78.52 7.20 62.29
C ALA F 35 -77.49 6.41 61.51
N ALA F 36 -76.68 7.10 60.72
CA ALA F 36 -75.69 6.46 59.88
C ALA F 36 -74.46 6.06 60.67
N ASP F 37 -73.92 4.87 60.37
CA ASP F 37 -72.70 4.40 60.99
C ASP F 37 -71.50 4.96 60.24
N TYR F 38 -70.60 5.63 60.97
CA TYR F 38 -69.50 6.35 60.34
C TYR F 38 -68.32 5.44 60.01
N LYS F 39 -68.09 4.39 60.82
CA LYS F 39 -66.89 3.58 60.67
C LYS F 39 -66.92 2.77 59.37
N SER F 40 -68.00 2.00 59.16
CA SER F 40 -68.09 1.18 57.96
C SER F 40 -68.22 2.04 56.70
N THR F 41 -69.04 3.08 56.76
CA THR F 41 -69.15 4.00 55.63
C THR F 41 -67.81 4.59 55.25
N GLN F 42 -67.05 5.06 56.25
CA GLN F 42 -65.73 5.61 55.97
C GLN F 42 -64.77 4.52 55.48
N SER F 43 -65.00 3.27 55.88
CA SER F 43 -64.16 2.18 55.40
C SER F 43 -64.36 1.95 53.90
N ALA F 44 -65.62 1.77 53.48
CA ALA F 44 -65.90 1.58 52.06
C ALA F 44 -65.49 2.82 51.25
N ILE F 45 -65.69 4.00 51.82
CA ILE F 45 -65.31 5.23 51.11
C ILE F 45 -63.79 5.31 50.96
N ASP F 46 -63.04 4.90 51.99
CA ASP F 46 -61.59 4.91 51.87
C ASP F 46 -61.10 3.84 50.89
N GLN F 47 -61.80 2.71 50.79
CA GLN F 47 -61.40 1.69 49.84
C GLN F 47 -61.66 2.14 48.40
N ILE F 48 -62.86 2.65 48.13
CA ILE F 48 -63.16 3.16 46.79
C ILE F 48 -62.23 4.31 46.44
N THR F 49 -61.94 5.18 47.43
CA THR F 49 -61.00 6.27 47.21
C THR F 49 -59.61 5.72 46.88
N GLY F 50 -59.23 4.60 47.50
CA GLY F 50 -57.96 3.98 47.15
C GLY F 50 -57.95 3.48 45.72
N LYS F 51 -59.05 2.84 45.29
CA LYS F 51 -59.14 2.41 43.90
C LYS F 51 -59.04 3.60 42.94
N LEU F 52 -59.69 4.70 43.28
CA LEU F 52 -59.65 5.88 42.43
C LEU F 52 -58.25 6.47 42.36
N ASN F 53 -57.57 6.56 43.51
CA ASN F 53 -56.22 7.10 43.52
C ASN F 53 -55.24 6.18 42.80
N ARG F 54 -55.53 4.88 42.75
CA ARG F 54 -54.64 3.95 42.05
C ARG F 54 -54.87 3.96 40.55
N LEU F 55 -56.14 4.04 40.12
CA LEU F 55 -56.43 3.95 38.68
C LEU F 55 -56.17 5.28 37.98
N ILE F 56 -56.71 6.39 38.53
CA ILE F 56 -56.44 7.71 37.98
C ILE F 56 -54.96 7.99 38.14
N GLU F 57 -54.21 7.93 37.04
CA GLU F 57 -52.76 7.98 37.08
C GLU F 57 -52.24 8.72 35.86
N LYS F 58 -51.12 9.39 36.02
CA LYS F 58 -50.43 10.10 34.95
C LYS F 58 -49.21 9.31 34.51
N THR F 59 -49.06 9.12 33.21
CA THR F 59 -47.95 8.35 32.66
C THR F 59 -46.80 9.28 32.30
N ASN F 60 -45.60 8.95 32.79
CA ASN F 60 -44.41 9.74 32.51
C ASN F 60 -43.73 9.33 31.19
N GLN F 61 -44.21 8.27 30.54
CA GLN F 61 -43.62 7.83 29.29
C GLN F 61 -44.11 8.71 28.15
N GLN F 62 -43.17 9.25 27.38
CA GLN F 62 -43.47 10.13 26.26
C GLN F 62 -43.25 9.39 24.95
N PHE F 63 -44.24 9.45 24.07
CA PHE F 63 -44.15 8.85 22.74
C PHE F 63 -44.04 9.95 21.70
N GLU F 64 -43.17 9.74 20.72
CA GLU F 64 -42.92 10.72 19.68
C GLU F 64 -43.81 10.45 18.47
N LEU F 65 -43.82 11.41 17.55
CA LEU F 65 -44.60 11.28 16.32
C LEU F 65 -43.89 10.33 15.36
N ILE F 66 -44.56 9.23 15.00
CA ILE F 66 -43.97 8.23 14.12
C ILE F 66 -44.56 8.29 12.72
N ASP F 67 -45.71 8.93 12.53
CA ASP F 67 -46.35 9.06 11.23
C ASP F 67 -46.21 10.51 10.74
N ASN F 68 -47.01 10.86 9.73
CA ASN F 68 -46.99 12.22 9.18
C ASN F 68 -48.35 12.47 8.54
N GLU F 69 -49.11 13.40 9.10
CA GLU F 69 -50.47 13.66 8.63
C GLU F 69 -50.49 14.55 7.40
N PHE F 70 -49.45 15.36 7.18
CA PHE F 70 -49.44 16.28 6.05
C PHE F 70 -48.79 15.69 4.80
N ASN F 71 -47.78 14.84 4.96
CA ASN F 71 -47.12 14.17 3.84
C ASN F 71 -46.96 12.70 4.22
N GLU F 72 -47.78 11.84 3.63
CA GLU F 72 -47.79 10.43 3.99
C GLU F 72 -46.44 9.78 3.71
N VAL F 73 -46.02 8.92 4.62
CA VAL F 73 -44.73 8.25 4.53
C VAL F 73 -44.82 7.10 3.53
N GLU F 74 -43.79 6.27 3.48
CA GLU F 74 -43.79 5.10 2.61
C GLU F 74 -44.96 4.19 2.96
N LYS F 75 -45.58 3.61 1.93
CA LYS F 75 -46.79 2.82 2.12
C LYS F 75 -46.53 1.56 2.92
N GLN F 76 -45.36 0.94 2.74
CA GLN F 76 -45.06 -0.30 3.44
C GLN F 76 -44.84 -0.06 4.93
N ILE F 77 -43.88 0.83 5.26
CA ILE F 77 -43.63 1.15 6.66
C ILE F 77 -44.85 1.81 7.29
N GLY F 78 -45.65 2.51 6.48
CA GLY F 78 -46.90 3.07 7.00
C GLY F 78 -47.90 1.99 7.36
N ASN F 79 -47.99 0.94 6.54
CA ASN F 79 -48.87 -0.17 6.87
C ASN F 79 -48.37 -0.94 8.08
N VAL F 80 -47.05 -1.02 8.27
CA VAL F 80 -46.51 -1.65 9.47
C VAL F 80 -46.83 -0.80 10.69
N ILE F 81 -46.72 0.52 10.58
CA ILE F 81 -47.02 1.40 11.70
C ILE F 81 -48.50 1.31 12.07
N ASN F 82 -49.39 1.36 11.08
CA ASN F 82 -50.82 1.22 11.35
C ASN F 82 -51.15 -0.15 11.92
N TRP F 83 -50.44 -1.19 11.47
CA TRP F 83 -50.66 -2.54 11.99
C TRP F 83 -50.29 -2.62 13.47
N THR F 84 -49.09 -2.16 13.82
CA THR F 84 -48.67 -2.18 15.22
C THR F 84 -49.56 -1.31 16.08
N ARG F 85 -49.93 -0.13 15.58
CA ARG F 85 -50.79 0.77 16.36
C ARG F 85 -52.17 0.15 16.58
N ASP F 86 -52.69 -0.56 15.58
CA ASP F 86 -53.98 -1.22 15.75
C ASP F 86 -53.88 -2.37 16.75
N SER F 87 -52.78 -3.12 16.71
CA SER F 87 -52.58 -4.19 17.68
C SER F 87 -52.52 -3.64 19.10
N ILE F 88 -51.71 -2.60 19.32
CA ILE F 88 -51.61 -1.99 20.64
C ILE F 88 -52.96 -1.43 21.07
N THR F 89 -53.71 -0.85 20.12
CA THR F 89 -55.03 -0.34 20.43
C THR F 89 -55.96 -1.45 20.92
N GLU F 90 -55.92 -2.61 20.26
CA GLU F 90 -56.71 -3.74 20.72
C GLU F 90 -56.29 -4.20 22.11
N VAL F 91 -54.98 -4.24 22.36
CA VAL F 91 -54.48 -4.67 23.67
C VAL F 91 -54.98 -3.74 24.77
N TRP F 92 -54.84 -2.43 24.56
CA TRP F 92 -55.27 -1.48 25.59
C TRP F 92 -56.78 -1.42 25.73
N SER F 93 -57.52 -1.68 24.65
CA SER F 93 -58.98 -1.75 24.76
C SER F 93 -59.40 -2.95 25.61
N TYR F 94 -58.79 -4.11 25.36
CA TYR F 94 -59.09 -5.28 26.17
C TYR F 94 -58.71 -5.06 27.63
N ASN F 95 -57.52 -4.49 27.87
CA ASN F 95 -57.07 -4.25 29.23
C ASN F 95 -57.98 -3.27 29.96
N ALA F 96 -58.46 -2.24 29.25
CA ALA F 96 -59.35 -1.28 29.86
C ALA F 96 -60.71 -1.90 30.19
N GLU F 97 -61.26 -2.67 29.25
CA GLU F 97 -62.55 -3.32 29.48
C GLU F 97 -62.47 -4.27 30.68
N LEU F 98 -61.51 -5.20 30.65
CA LEU F 98 -61.37 -6.16 31.74
C LEU F 98 -61.05 -5.46 33.05
N LEU F 99 -60.26 -4.39 33.00
CA LEU F 99 -59.94 -3.64 34.21
C LEU F 99 -61.20 -3.05 34.84
N VAL F 100 -61.98 -2.33 34.04
CA VAL F 100 -63.20 -1.70 34.57
C VAL F 100 -64.16 -2.76 35.10
N ALA F 101 -64.34 -3.85 34.36
CA ALA F 101 -65.27 -4.89 34.81
C ALA F 101 -64.82 -5.49 36.13
N MET F 102 -63.54 -5.86 36.23
CA MET F 102 -63.04 -6.47 37.47
C MET F 102 -63.14 -5.51 38.64
N GLU F 103 -62.77 -4.23 38.42
CA GLU F 103 -62.84 -3.26 39.51
C GLU F 103 -64.28 -3.06 39.98
N ASN F 104 -65.23 -3.05 39.04
CA ASN F 104 -66.64 -2.92 39.43
C ASN F 104 -67.10 -4.14 40.24
N GLN F 105 -66.74 -5.35 39.79
CA GLN F 105 -67.12 -6.55 40.51
C GLN F 105 -66.56 -6.54 41.94
N HIS F 106 -65.26 -6.30 42.08
CA HIS F 106 -64.66 -6.27 43.41
C HIS F 106 -65.20 -5.11 44.26
N THR F 107 -65.64 -4.03 43.61
CA THR F 107 -66.25 -2.93 44.36
C THR F 107 -67.59 -3.33 44.95
N ILE F 108 -68.45 -3.95 44.13
CA ILE F 108 -69.76 -4.39 44.61
C ILE F 108 -69.60 -5.43 45.71
N ASP F 109 -68.82 -6.47 45.45
CA ASP F 109 -68.61 -7.51 46.46
C ASP F 109 -67.94 -6.93 47.71
N LEU F 110 -67.13 -5.89 47.54
CA LEU F 110 -66.51 -5.24 48.69
C LEU F 110 -67.55 -4.54 49.56
N ALA F 111 -68.44 -3.76 48.94
CA ALA F 111 -69.49 -3.09 49.69
C ALA F 111 -70.39 -4.10 50.40
N ASP F 112 -70.77 -5.17 49.70
CA ASP F 112 -71.57 -6.22 50.33
C ASP F 112 -70.83 -6.84 51.50
N SER F 113 -69.52 -7.03 51.35
CA SER F 113 -68.72 -7.58 52.45
C SER F 113 -68.74 -6.66 53.67
N GLU F 114 -68.64 -5.34 53.43
CA GLU F 114 -68.73 -4.40 54.55
C GLU F 114 -70.09 -4.44 55.22
N MET F 115 -71.16 -4.53 54.41
CA MET F 115 -72.51 -4.64 54.98
C MET F 115 -72.64 -5.86 55.88
N ASP F 116 -72.15 -7.01 55.39
CA ASP F 116 -72.20 -8.23 56.21
C ASP F 116 -71.33 -8.09 57.45
N LYS F 117 -70.20 -7.39 57.35
CA LYS F 117 -69.37 -7.13 58.53
C LYS F 117 -70.16 -6.37 59.59
N LEU F 118 -70.85 -5.30 59.19
CA LEU F 118 -71.65 -4.54 60.14
C LEU F 118 -72.77 -5.39 60.73
N TYR F 119 -73.46 -6.16 59.89
CA TYR F 119 -74.55 -6.99 60.36
C TYR F 119 -74.08 -7.99 61.41
N GLU F 120 -73.04 -8.76 61.09
CA GLU F 120 -72.56 -9.75 62.06
C GLU F 120 -71.89 -9.11 63.26
N ARG F 121 -71.40 -7.88 63.14
CA ARG F 121 -70.86 -7.17 64.30
C ARG F 121 -71.97 -6.81 65.28
N VAL F 122 -73.05 -6.20 64.78
CA VAL F 122 -74.19 -5.91 65.64
C VAL F 122 -74.79 -7.20 66.19
N LYS F 123 -74.74 -8.28 65.40
CA LYS F 123 -75.21 -9.57 65.89
C LYS F 123 -74.37 -10.07 67.06
N ARG F 124 -73.05 -9.91 66.96
CA ARG F 124 -72.18 -10.31 68.06
C ARG F 124 -72.29 -9.39 69.26
N GLN F 125 -72.76 -8.16 69.08
CA GLN F 125 -73.01 -7.30 70.23
C GLN F 125 -74.16 -7.82 71.07
N LEU F 126 -75.23 -8.30 70.44
CA LEU F 126 -76.41 -8.81 71.13
C LEU F 126 -76.31 -10.34 71.13
N ARG F 127 -75.85 -10.90 72.25
CA ARG F 127 -75.55 -12.33 72.29
C ARG F 127 -76.83 -13.15 72.42
N GLU F 128 -77.48 -13.09 73.57
CA GLU F 128 -78.74 -13.79 73.78
C GLU F 128 -79.91 -12.85 74.06
N ASN F 129 -79.67 -11.53 74.05
CA ASN F 129 -80.73 -10.57 74.33
C ASN F 129 -81.57 -10.24 73.10
N ALA F 130 -81.19 -10.74 71.93
CA ALA F 130 -81.94 -10.50 70.70
C ALA F 130 -81.82 -11.70 69.80
N GLU F 131 -82.74 -11.80 68.84
CA GLU F 131 -82.76 -12.92 67.90
C GLU F 131 -82.92 -12.38 66.48
N GLU F 132 -82.27 -13.04 65.53
CA GLU F 132 -82.40 -12.65 64.13
C GLU F 132 -83.84 -12.87 63.65
N ASP F 133 -84.26 -12.03 62.70
CA ASP F 133 -85.59 -12.15 62.13
C ASP F 133 -85.60 -12.73 60.73
N GLY F 134 -84.50 -12.61 59.98
CA GLY F 134 -84.38 -13.16 58.64
C GLY F 134 -84.20 -12.11 57.56
N THR F 135 -84.73 -10.91 57.77
CA THR F 135 -84.68 -9.83 56.80
C THR F 135 -83.70 -8.72 57.21
N GLY F 136 -82.71 -9.06 58.02
CA GLY F 136 -81.72 -8.08 58.42
C GLY F 136 -82.10 -7.26 59.63
N CYS F 137 -82.96 -7.78 60.49
CA CYS F 137 -83.36 -7.11 61.72
C CYS F 137 -83.08 -8.01 62.91
N PHE F 138 -82.99 -7.39 64.09
CA PHE F 138 -82.73 -8.09 65.34
C PHE F 138 -83.87 -7.80 66.30
N GLU F 139 -84.79 -8.76 66.43
CA GLU F 139 -85.88 -8.64 67.39
C GLU F 139 -85.32 -8.65 68.80
N ILE F 140 -85.61 -7.61 69.57
CA ILE F 140 -85.13 -7.44 70.93
C ILE F 140 -86.24 -7.86 71.88
N PHE F 141 -85.92 -8.77 72.82
CA PHE F 141 -86.88 -9.26 73.78
C PHE F 141 -86.97 -8.40 75.04
N HIS F 142 -86.56 -7.13 74.94
CA HIS F 142 -86.70 -6.19 76.05
C HIS F 142 -86.74 -4.78 75.47
N LYS F 143 -87.59 -3.93 76.04
CA LYS F 143 -87.75 -2.57 75.54
C LYS F 143 -86.46 -1.77 75.67
N CYS F 144 -85.69 -1.72 74.58
CA CYS F 144 -84.43 -0.98 74.56
C CYS F 144 -84.74 0.47 74.21
N ASP F 145 -84.54 1.37 75.19
CA ASP F 145 -84.88 2.77 75.01
C ASP F 145 -83.92 3.44 74.04
N ASP F 146 -84.13 4.73 73.79
CA ASP F 146 -83.31 5.46 72.83
C ASP F 146 -81.87 5.56 73.30
N ASP F 147 -81.65 5.72 74.61
CA ASP F 147 -80.28 5.73 75.12
C ASP F 147 -79.63 4.36 74.97
N CYS F 148 -80.42 3.29 75.11
CA CYS F 148 -79.89 1.94 74.87
C CYS F 148 -79.56 1.74 73.40
N MET F 149 -80.41 2.25 72.50
CA MET F 149 -80.11 2.19 71.07
C MET F 149 -78.82 2.93 70.75
N ALA F 150 -78.66 4.14 71.31
CA ALA F 150 -77.41 4.87 71.13
C ALA F 150 -76.23 4.13 71.72
N SER F 151 -76.45 3.35 72.79
CA SER F 151 -75.38 2.52 73.32
C SER F 151 -75.04 1.38 72.38
N ILE F 152 -76.02 0.88 71.62
CA ILE F 152 -75.74 -0.16 70.65
C ILE F 152 -75.01 0.42 69.44
N ARG F 153 -75.31 1.67 69.08
CA ARG F 153 -74.69 2.27 67.89
C ARG F 153 -73.19 2.49 68.10
N ASN F 154 -72.81 3.07 69.23
CA ASN F 154 -71.40 3.35 69.50
C ASN F 154 -70.68 2.17 70.15
N ASN F 155 -71.26 0.98 70.09
CA ASN F 155 -70.64 -0.26 70.59
C ASN F 155 -70.32 -0.14 72.08
N THR F 156 -71.33 0.22 72.87
CA THR F 156 -71.21 0.25 74.32
C THR F 156 -72.33 -0.50 75.02
N TYR F 157 -73.15 -1.23 74.27
CA TYR F 157 -74.24 -2.01 74.87
C TYR F 157 -73.69 -3.16 75.70
N ASP F 158 -74.09 -3.21 76.96
CA ASP F 158 -73.67 -4.29 77.84
C ASP F 158 -74.45 -5.56 77.50
N HIS F 159 -73.72 -6.61 77.11
CA HIS F 159 -74.28 -7.89 76.71
C HIS F 159 -74.64 -8.79 77.89
N SER F 160 -74.63 -8.27 79.11
CA SER F 160 -74.99 -9.04 80.30
C SER F 160 -75.94 -8.34 81.26
N LYS F 161 -76.01 -7.00 81.31
CA LYS F 161 -76.93 -6.28 82.18
C LYS F 161 -78.35 -6.22 81.63
N TYR F 162 -78.61 -6.92 80.52
CA TYR F 162 -79.96 -7.09 80.00
C TYR F 162 -80.24 -8.55 79.68
N ARG F 163 -79.43 -9.48 80.21
CA ARG F 163 -79.52 -10.88 79.78
C ARG F 163 -80.75 -11.56 80.33
N GLU F 164 -80.95 -11.52 81.66
CA GLU F 164 -82.02 -12.29 82.28
C GLU F 164 -83.39 -11.82 81.81
N GLU F 165 -83.55 -10.51 81.64
CA GLU F 165 -84.84 -9.97 81.24
C GLU F 165 -85.27 -10.48 79.86
N ALA F 166 -84.38 -10.36 78.87
CA ALA F 166 -84.68 -10.86 77.54
C ALA F 166 -84.69 -12.38 77.47
N MET F 167 -83.98 -13.05 78.39
CA MET F 167 -84.02 -14.51 78.43
C MET F 167 -85.35 -15.02 78.94
N GLN F 168 -85.99 -14.31 79.88
CA GLN F 168 -87.31 -14.71 80.33
C GLN F 168 -88.34 -14.58 79.22
N ASN F 169 -88.10 -13.70 78.25
CA ASN F 169 -89.04 -13.50 77.14
C ASN F 169 -88.66 -14.36 75.94
N ASP G 1 -3.39 -2.77 19.86
CA ASP G 1 -2.87 -1.68 19.05
C ASP G 1 -1.51 -2.02 18.44
N LYS G 2 -1.23 -1.43 17.28
CA LYS G 2 0.04 -1.65 16.59
C LYS G 2 0.51 -0.34 15.98
N ILE G 3 1.81 -0.09 16.07
CA ILE G 3 2.49 0.91 15.25
C ILE G 3 3.61 0.20 14.50
N CYS G 4 3.62 0.36 13.19
CA CYS G 4 4.63 -0.27 12.36
C CYS G 4 5.35 0.81 11.55
N LEU G 5 6.37 0.39 10.83
CA LEU G 5 7.17 1.30 10.03
C LEU G 5 7.63 0.58 8.77
N GLY G 6 7.84 1.36 7.72
CA GLY G 6 8.22 0.80 6.45
C GLY G 6 8.84 1.86 5.55
N HIS G 7 9.18 1.42 4.34
CA HIS G 7 9.81 2.25 3.34
C HIS G 7 8.87 2.49 2.17
N HIS G 8 9.14 3.53 1.41
CA HIS G 8 8.33 3.82 0.23
C HIS G 8 8.79 2.96 -0.93
N ALA G 9 7.84 2.58 -1.78
CA ALA G 9 8.12 1.77 -2.96
C ALA G 9 7.34 2.32 -4.14
N VAL G 10 7.91 2.16 -5.33
CA VAL G 10 7.27 2.58 -6.56
C VAL G 10 6.90 1.34 -7.36
N SER G 11 5.85 1.46 -8.17
CA SER G 11 5.41 0.33 -8.98
C SER G 11 6.35 0.06 -10.13
N ASN G 12 7.00 1.10 -10.66
CA ASN G 12 7.93 0.99 -11.79
C ASN G 12 9.30 1.47 -11.36
N GLY G 13 10.15 0.53 -10.94
CA GLY G 13 11.51 0.86 -10.56
C GLY G 13 12.43 0.90 -11.75
N THR G 14 13.72 1.09 -11.46
CA THR G 14 14.76 1.15 -12.48
C THR G 14 15.84 0.14 -12.15
N LYS G 15 16.11 -0.77 -13.08
CA LYS G 15 17.12 -1.80 -12.88
C LYS G 15 18.51 -1.22 -13.06
N VAL G 16 19.40 -1.49 -12.11
CA VAL G 16 20.78 -1.07 -12.15
C VAL G 16 21.66 -2.29 -11.90
N ASN G 17 22.97 -2.08 -12.00
CA ASN G 17 23.95 -3.13 -11.74
C ASN G 17 24.71 -2.82 -10.45
N THR G 18 25.01 -3.86 -9.69
CA THR G 18 25.70 -3.73 -8.42
C THR G 18 26.94 -4.62 -8.41
N LEU G 19 27.72 -4.51 -7.33
CA LEU G 19 28.88 -5.38 -7.16
C LEU G 19 28.49 -6.85 -7.01
N THR G 20 27.26 -7.12 -6.58
CA THR G 20 26.80 -8.48 -6.33
C THR G 20 25.89 -8.99 -7.45
N GLU G 21 24.77 -8.32 -7.67
CA GLU G 21 23.76 -8.74 -8.64
C GLU G 21 23.83 -7.86 -9.88
N ARG G 22 23.01 -8.22 -10.87
CA ARG G 22 22.95 -7.49 -12.13
C ARG G 22 21.47 -7.35 -12.52
N GLY G 23 20.89 -6.19 -12.25
CA GLY G 23 19.49 -5.96 -12.55
C GLY G 23 18.66 -5.67 -11.32
N VAL G 24 19.30 -5.13 -10.28
CA VAL G 24 18.59 -4.81 -9.04
C VAL G 24 17.68 -3.62 -9.30
N GLU G 25 16.39 -3.79 -9.04
CA GLU G 25 15.40 -2.74 -9.28
C GLU G 25 15.39 -1.79 -8.10
N VAL G 26 15.83 -0.55 -8.33
CA VAL G 26 15.82 0.48 -7.30
C VAL G 26 14.68 1.45 -7.58
N VAL G 27 14.50 2.43 -6.69
CA VAL G 27 13.39 3.37 -6.84
C VAL G 27 13.66 4.31 -8.02
N ASN G 28 14.78 5.02 -7.98
CA ASN G 28 15.13 5.97 -9.04
C ASN G 28 16.59 5.83 -9.38
N ALA G 29 16.95 6.22 -10.60
CA ALA G 29 18.31 6.15 -11.08
C ALA G 29 18.51 7.19 -12.18
N THR G 30 19.75 7.63 -12.34
CA THR G 30 20.12 8.60 -13.35
C THR G 30 21.17 8.02 -14.29
N GLU G 31 21.45 8.74 -15.36
CA GLU G 31 22.41 8.30 -16.37
C GLU G 31 23.76 8.96 -16.13
N THR G 32 24.83 8.18 -16.33
CA THR G 32 26.19 8.68 -16.17
C THR G 32 26.97 8.74 -17.49
N VAL G 33 26.48 8.11 -18.54
CA VAL G 33 27.15 8.09 -19.85
C VAL G 33 26.34 8.97 -20.79
N GLU G 34 26.97 10.02 -21.30
CA GLU G 34 26.28 10.96 -22.17
C GLU G 34 26.16 10.40 -23.59
N ARG G 35 24.98 10.57 -24.18
CA ARG G 35 24.75 10.20 -25.57
C ARG G 35 24.13 11.31 -26.41
N THR G 36 23.47 12.29 -25.81
CA THR G 36 22.87 13.39 -26.57
C THR G 36 23.97 14.32 -27.08
N ASN G 37 23.90 14.67 -28.36
CA ASN G 37 24.89 15.51 -29.01
C ASN G 37 24.20 16.72 -29.65
N ILE G 38 24.88 17.86 -29.60
CA ILE G 38 24.41 19.08 -30.26
C ILE G 38 24.94 19.07 -31.69
N PRO G 39 24.09 18.92 -32.70
CA PRO G 39 24.62 18.75 -34.06
C PRO G 39 25.06 20.08 -34.66
N ARG G 40 25.74 20.91 -33.87
CA ARG G 40 26.29 22.18 -34.32
C ARG G 40 27.57 22.45 -33.54
N ILE G 41 28.43 23.28 -34.11
CA ILE G 41 29.67 23.69 -33.44
C ILE G 41 29.33 24.88 -32.55
N CYS G 42 29.19 24.63 -31.26
CA CYS G 42 28.84 25.68 -30.30
C CYS G 42 30.06 26.58 -30.08
N SER G 43 29.99 27.80 -30.61
CA SER G 43 31.10 28.74 -30.55
C SER G 43 30.69 30.05 -29.86
N LYS G 44 29.76 29.98 -28.92
CA LYS G 44 29.32 31.17 -28.21
C LYS G 44 30.43 31.67 -27.29
N GLY G 45 30.88 32.90 -27.51
CA GLY G 45 31.93 33.48 -26.71
C GLY G 45 33.33 33.11 -27.12
N LYS G 46 33.52 32.63 -28.34
CA LYS G 46 34.83 32.21 -28.83
C LYS G 46 35.08 32.81 -30.21
N ARG G 47 36.28 33.34 -30.40
CA ARG G 47 36.71 33.81 -31.72
C ARG G 47 36.89 32.61 -32.63
N THR G 48 36.01 32.46 -33.60
CA THR G 48 35.98 31.28 -34.46
C THR G 48 36.28 31.68 -35.90
N VAL G 49 37.16 30.92 -36.55
CA VAL G 49 37.49 31.10 -37.96
C VAL G 49 37.16 29.81 -38.67
N ASP G 50 36.10 29.84 -39.49
CA ASP G 50 35.72 28.69 -40.32
C ASP G 50 36.51 28.75 -41.61
N LEU G 51 37.49 27.86 -41.77
CA LEU G 51 38.38 27.92 -42.92
C LEU G 51 37.62 27.68 -44.23
N GLY G 52 36.64 26.79 -44.20
CA GLY G 52 35.86 26.55 -45.41
C GLY G 52 36.69 25.86 -46.47
N GLN G 53 36.72 26.44 -47.66
CA GLN G 53 37.50 25.88 -48.76
C GLN G 53 39.00 26.12 -48.62
N CYS G 54 39.41 26.93 -47.65
CA CYS G 54 40.83 27.21 -47.43
C CYS G 54 41.43 26.17 -46.51
N GLY G 55 42.58 25.63 -46.90
CA GLY G 55 43.29 24.69 -46.04
C GLY G 55 44.08 25.40 -44.95
N LEU G 56 44.30 24.67 -43.86
CA LEU G 56 45.01 25.26 -42.72
C LEU G 56 46.45 25.61 -43.07
N LEU G 57 47.13 24.73 -43.82
CA LEU G 57 48.51 25.01 -44.21
C LEU G 57 48.58 26.13 -45.24
N GLY G 58 47.58 26.22 -46.12
CA GLY G 58 47.57 27.27 -47.12
C GLY G 58 47.64 28.67 -46.53
N THR G 59 47.11 28.85 -45.32
CA THR G 59 47.19 30.15 -44.66
C THR G 59 48.62 30.64 -44.49
N ILE G 60 49.60 29.75 -44.59
CA ILE G 60 51.00 30.16 -44.53
C ILE G 60 51.55 30.48 -45.92
N THR G 61 51.12 29.73 -46.94
CA THR G 61 51.58 29.96 -48.30
C THR G 61 50.70 30.95 -49.05
N GLY G 62 49.39 30.86 -48.85
CA GLY G 62 48.46 31.83 -49.40
C GLY G 62 48.00 31.52 -50.81
N PRO G 63 47.19 30.47 -50.97
CA PRO G 63 46.48 30.28 -52.25
C PRO G 63 45.33 31.25 -52.36
N PRO G 64 44.68 31.33 -53.53
CA PRO G 64 43.53 32.25 -53.65
C PRO G 64 42.45 32.03 -52.59
N GLN G 65 42.04 30.78 -52.38
CA GLN G 65 40.97 30.48 -51.42
C GLN G 65 41.34 30.85 -49.98
N CYS G 66 42.62 31.09 -49.70
CA CYS G 66 43.06 31.51 -48.37
C CYS G 66 43.42 32.98 -48.31
N ASP G 67 43.04 33.78 -49.33
CA ASP G 67 43.42 35.19 -49.33
C ASP G 67 42.84 35.94 -48.15
N GLN G 68 41.74 35.47 -47.58
CA GLN G 68 41.12 36.08 -46.42
C GLN G 68 41.49 35.38 -45.12
N PHE G 69 42.53 34.55 -45.13
CA PHE G 69 42.99 33.87 -43.92
C PHE G 69 44.51 33.99 -43.74
N LEU G 70 45.12 35.03 -44.30
CA LEU G 70 46.58 35.16 -44.23
C LEU G 70 47.05 35.61 -42.87
N GLU G 71 46.27 36.44 -42.17
CA GLU G 71 46.61 36.92 -40.83
C GLU G 71 45.40 36.83 -39.92
N PHE G 72 44.82 35.64 -39.83
CA PHE G 72 43.62 35.43 -39.03
C PHE G 72 43.99 35.36 -37.54
N SER G 73 42.95 35.45 -36.70
CA SER G 73 43.11 35.36 -35.26
C SER G 73 41.85 34.71 -34.69
N ALA G 74 42.02 33.64 -33.92
CA ALA G 74 40.87 32.90 -33.42
C ALA G 74 41.27 32.12 -32.18
N ASP G 75 40.25 31.73 -31.41
CA ASP G 75 40.41 30.80 -30.31
C ASP G 75 39.97 29.38 -30.65
N LEU G 76 39.21 29.22 -31.74
CA LEU G 76 38.75 27.92 -32.19
C LEU G 76 38.87 27.87 -33.71
N ILE G 77 39.71 26.97 -34.21
CA ILE G 77 39.94 26.82 -35.64
C ILE G 77 39.19 25.60 -36.14
N ILE G 78 38.38 25.78 -37.18
CA ILE G 78 37.57 24.71 -37.74
C ILE G 78 38.07 24.40 -39.15
N GLU G 79 38.45 23.15 -39.38
CA GLU G 79 38.82 22.69 -40.69
C GLU G 79 37.62 22.04 -41.37
N ARG G 80 37.50 22.25 -42.68
CA ARG G 80 36.41 21.69 -43.46
C ARG G 80 36.95 20.65 -44.44
N ARG G 81 36.05 19.78 -44.91
CA ARG G 81 36.46 18.71 -45.81
C ARG G 81 36.74 19.21 -47.21
N GLU G 82 36.16 20.33 -47.62
CA GLU G 82 36.42 20.93 -48.92
C GLU G 82 37.64 21.84 -48.91
N GLY G 83 38.37 21.90 -47.81
CA GLY G 83 39.55 22.75 -47.75
C GLY G 83 40.70 22.18 -48.54
N SER G 84 41.49 23.07 -49.13
CA SER G 84 42.65 22.71 -49.93
C SER G 84 43.84 23.55 -49.50
N ASP G 85 44.97 22.90 -49.27
CA ASP G 85 46.18 23.60 -48.86
C ASP G 85 46.93 24.23 -50.03
N VAL G 86 46.68 23.76 -51.25
CA VAL G 86 47.46 24.19 -52.41
C VAL G 86 46.52 24.57 -53.55
N CYS G 87 46.97 25.50 -54.38
CA CYS G 87 46.35 25.79 -55.67
C CYS G 87 47.15 25.20 -56.82
N TYR G 88 48.47 25.39 -56.81
CA TYR G 88 49.36 24.60 -57.64
C TYR G 88 49.58 23.25 -56.96
N PRO G 89 49.41 22.13 -57.67
CA PRO G 89 49.52 20.81 -57.02
C PRO G 89 50.88 20.60 -56.38
N GLY G 90 50.87 20.43 -55.07
CA GLY G 90 52.07 20.19 -54.31
C GLY G 90 51.80 19.41 -53.04
N LYS G 91 52.74 19.43 -52.09
CA LYS G 91 52.57 18.71 -50.84
C LYS G 91 53.52 19.29 -49.80
N PHE G 92 53.10 19.23 -48.55
CA PHE G 92 53.90 19.70 -47.42
C PHE G 92 54.65 18.54 -46.79
N VAL G 93 55.93 18.78 -46.49
CA VAL G 93 56.73 17.82 -45.73
C VAL G 93 56.49 18.06 -44.26
N ASN G 94 56.22 16.98 -43.51
CA ASN G 94 55.77 17.06 -42.13
C ASN G 94 54.52 17.93 -42.01
N GLU G 95 53.53 17.60 -42.83
CA GLU G 95 52.32 18.42 -42.90
C GLU G 95 51.52 18.34 -41.61
N GLU G 96 51.42 17.16 -41.01
CA GLU G 96 50.59 16.99 -39.83
C GLU G 96 51.16 17.71 -38.63
N ALA G 97 52.49 17.72 -38.48
CA ALA G 97 53.11 18.46 -37.39
C ALA G 97 52.84 19.95 -37.51
N LEU G 98 52.95 20.49 -38.73
CA LEU G 98 52.66 21.90 -38.94
C LEU G 98 51.18 22.19 -38.70
N ARG G 99 50.30 21.25 -39.06
CA ARG G 99 48.88 21.42 -38.77
C ARG G 99 48.64 21.49 -37.26
N GLN G 100 49.26 20.59 -36.51
CA GLN G 100 49.10 20.60 -35.05
C GLN G 100 49.73 21.85 -34.44
N ILE G 101 50.74 22.43 -35.09
CA ILE G 101 51.31 23.68 -34.60
C ILE G 101 50.34 24.83 -34.85
N LEU G 102 49.70 24.85 -36.02
CA LEU G 102 48.80 25.94 -36.37
C LEU G 102 47.45 25.85 -35.66
N ARG G 103 47.04 24.65 -35.22
CA ARG G 103 45.75 24.52 -34.55
C ARG G 103 45.75 25.25 -33.21
N GLU G 104 46.84 25.15 -32.45
CA GLU G 104 46.96 25.80 -31.15
C GLU G 104 47.75 27.10 -31.23
N SER G 105 47.85 27.70 -32.41
CA SER G 105 48.65 28.90 -32.60
C SER G 105 47.91 30.18 -32.20
N GLY G 106 46.58 30.14 -32.14
CA GLY G 106 45.83 31.34 -31.85
C GLY G 106 45.84 32.37 -32.96
N GLY G 107 46.16 31.96 -34.18
CA GLY G 107 46.29 32.85 -35.31
C GLY G 107 47.73 33.00 -35.75
N ILE G 108 47.88 33.64 -36.90
CA ILE G 108 49.20 33.88 -37.49
C ILE G 108 49.35 35.35 -37.81
N ASP G 109 50.59 35.84 -37.74
CA ASP G 109 50.92 37.22 -38.04
C ASP G 109 52.09 37.24 -39.01
N LYS G 110 51.85 37.75 -40.22
CA LYS G 110 52.85 37.77 -41.26
C LYS G 110 53.72 39.02 -41.15
N GLU G 111 54.98 38.89 -41.55
CA GLU G 111 55.91 40.01 -41.56
C GLU G 111 56.85 39.85 -42.74
N ALA G 112 57.11 40.96 -43.44
CA ALA G 112 57.96 40.90 -44.63
C ALA G 112 59.38 40.49 -44.26
N MET G 113 59.88 39.44 -44.92
CA MET G 113 61.22 38.94 -44.65
C MET G 113 62.31 39.83 -45.26
N GLY G 114 61.96 40.68 -46.22
CA GLY G 114 62.91 41.60 -46.81
C GLY G 114 63.93 40.94 -47.70
N PHE G 115 63.48 40.17 -48.69
CA PHE G 115 64.35 39.53 -49.66
C PHE G 115 64.31 40.29 -50.97
N THR G 116 65.43 40.88 -51.34
CA THR G 116 65.57 41.59 -52.61
C THR G 116 66.31 40.73 -53.62
N TYR G 117 65.92 40.85 -54.89
CA TYR G 117 66.47 40.04 -55.96
C TYR G 117 66.98 40.93 -57.07
N SER G 118 67.92 40.40 -57.86
CA SER G 118 68.55 41.16 -58.93
C SER G 118 69.06 40.20 -59.98
N GLY G 119 68.53 40.31 -61.20
CA GLY G 119 69.02 39.57 -62.33
C GLY G 119 68.19 38.39 -62.78
N ILE G 120 67.02 38.16 -62.19
CA ILE G 120 66.13 37.07 -62.56
C ILE G 120 64.71 37.60 -62.72
N ARG G 121 63.80 36.71 -63.09
CA ARG G 121 62.39 37.02 -63.24
C ARG G 121 61.64 36.42 -62.07
N THR G 122 61.04 37.28 -61.24
CA THR G 122 60.45 36.86 -59.97
C THR G 122 58.94 36.73 -60.00
N ASN G 123 58.28 37.12 -61.10
CA ASN G 123 56.83 37.06 -61.18
C ASN G 123 56.33 35.75 -61.78
N GLY G 124 56.90 34.62 -61.38
CA GLY G 124 56.44 33.33 -61.87
C GLY G 124 55.07 33.00 -61.32
N ALA G 125 54.15 32.66 -62.20
CA ALA G 125 52.77 32.37 -61.82
C ALA G 125 52.29 31.13 -62.58
N THR G 126 51.03 30.77 -62.34
CA THR G 126 50.43 29.61 -62.98
C THR G 126 48.94 29.85 -63.15
N SER G 127 48.34 29.08 -64.05
CA SER G 127 46.92 29.23 -64.34
C SER G 127 46.01 28.64 -63.27
N ALA G 128 46.54 27.72 -62.44
CA ALA G 128 45.71 27.10 -61.41
C ALA G 128 45.43 28.06 -60.26
N CYS G 129 46.41 28.90 -59.90
CA CYS G 129 46.24 29.86 -58.82
C CYS G 129 45.68 31.18 -59.38
N ARG G 130 44.42 31.11 -59.80
CA ARG G 130 43.79 32.23 -60.48
C ARG G 130 43.24 33.25 -59.49
N ARG G 131 43.52 34.53 -59.76
CA ARG G 131 42.92 35.63 -59.04
C ARG G 131 42.23 36.49 -60.06
N SER G 132 42.76 37.66 -60.43
CA SER G 132 42.24 38.39 -61.57
C SER G 132 42.53 37.64 -62.86
N GLY G 133 43.79 37.29 -63.09
CA GLY G 133 44.18 36.43 -64.18
C GLY G 133 44.84 35.17 -63.64
N SER G 134 46.09 34.94 -64.05
CA SER G 134 46.89 33.85 -63.51
C SER G 134 47.87 34.42 -62.49
N SER G 135 47.90 33.82 -61.31
CA SER G 135 48.71 34.32 -60.21
C SER G 135 49.43 33.13 -59.56
N PHE G 136 49.94 33.36 -58.35
CA PHE G 136 50.69 32.34 -57.61
C PHE G 136 50.30 32.47 -56.14
N TYR G 137 51.07 31.83 -55.26
CA TYR G 137 50.82 31.95 -53.83
C TYR G 137 51.12 33.37 -53.36
N ALA G 138 50.26 33.88 -52.49
CA ALA G 138 50.38 35.27 -52.06
C ALA G 138 51.62 35.50 -51.21
N GLU G 139 52.02 34.52 -50.41
CA GLU G 139 53.16 34.65 -49.51
C GLU G 139 54.43 34.04 -50.09
N MET G 140 54.40 33.58 -51.34
CA MET G 140 55.54 32.95 -51.97
C MET G 140 55.90 33.71 -53.26
N LYS G 141 57.10 33.44 -53.76
CA LYS G 141 57.60 34.05 -55.00
C LYS G 141 58.31 32.98 -55.80
N TRP G 142 57.73 32.61 -56.94
CA TRP G 142 58.31 31.61 -57.83
C TRP G 142 59.53 32.21 -58.52
N LEU G 143 60.72 31.70 -58.20
CA LEU G 143 61.95 32.24 -58.75
C LEU G 143 62.33 31.50 -60.03
N LEU G 144 62.32 32.21 -61.14
CA LEU G 144 62.66 31.69 -62.46
C LEU G 144 63.92 32.39 -62.98
N SER G 145 64.39 31.93 -64.14
CA SER G 145 65.48 32.62 -64.81
C SER G 145 64.95 33.89 -65.49
N ASN G 146 65.89 34.72 -65.96
CA ASN G 146 65.49 36.03 -66.47
C ASN G 146 64.77 35.92 -67.81
N THR G 147 65.29 35.10 -68.73
CA THR G 147 64.70 34.95 -70.04
C THR G 147 64.10 33.55 -70.18
N ASP G 148 63.84 33.14 -71.42
CA ASP G 148 63.20 31.84 -71.68
C ASP G 148 64.10 30.67 -71.34
N ASN G 149 65.41 30.88 -71.26
CA ASN G 149 66.33 29.83 -70.84
C ASN G 149 67.41 30.43 -69.96
N ALA G 150 68.41 31.07 -70.57
CA ALA G 150 69.43 31.84 -69.88
C ALA G 150 70.16 31.01 -68.82
N ALA G 151 70.78 31.70 -67.87
CA ALA G 151 71.50 31.06 -66.77
C ALA G 151 71.06 31.72 -65.47
N PHE G 152 70.41 30.95 -64.62
CA PHE G 152 69.98 31.42 -63.31
C PHE G 152 71.19 31.65 -62.43
N PRO G 153 71.49 32.88 -62.03
CA PRO G 153 72.68 33.12 -61.20
C PRO G 153 72.53 32.56 -59.79
N GLN G 154 73.65 32.15 -59.22
CA GLN G 154 73.65 31.65 -57.85
C GLN G 154 73.34 32.79 -56.88
N MET G 155 72.40 32.56 -55.97
CA MET G 155 71.95 33.59 -55.04
C MET G 155 71.92 33.03 -53.62
N THR G 156 72.04 33.95 -52.66
CA THR G 156 72.06 33.60 -51.24
C THR G 156 71.30 34.67 -50.48
N LYS G 157 70.27 34.25 -49.74
CA LYS G 157 69.40 35.15 -49.00
C LYS G 157 69.36 34.71 -47.55
N SER G 158 69.72 35.61 -46.63
CA SER G 158 69.72 35.33 -45.20
C SER G 158 68.63 36.13 -44.51
N TYR G 159 68.07 35.54 -43.45
CA TYR G 159 67.02 36.19 -42.67
C TYR G 159 67.24 35.93 -41.19
N LYS G 160 67.18 36.98 -40.38
CA LYS G 160 67.37 36.87 -38.94
C LYS G 160 66.04 37.17 -38.24
N ASN G 161 65.66 36.30 -37.31
CA ASN G 161 64.43 36.46 -36.54
C ASN G 161 64.67 37.52 -35.48
N THR G 162 64.22 38.75 -35.75
CA THR G 162 64.42 39.87 -34.84
C THR G 162 63.23 40.09 -33.90
N ARG G 163 62.51 39.02 -33.55
CA ARG G 163 61.38 39.11 -32.65
C ARG G 163 61.52 38.07 -31.54
N LYS G 164 60.75 38.27 -30.47
CA LYS G 164 60.86 37.44 -29.28
C LYS G 164 60.20 36.07 -29.43
N SER G 165 59.48 35.83 -30.52
CA SER G 165 58.80 34.56 -30.71
C SER G 165 59.38 33.82 -31.91
N PRO G 166 59.34 32.50 -31.91
CA PRO G 166 59.85 31.74 -33.06
C PRO G 166 59.07 32.05 -34.32
N ALA G 167 59.78 32.06 -35.45
CA ALA G 167 59.19 32.37 -36.75
C ALA G 167 59.01 31.10 -37.56
N LEU G 168 57.94 31.05 -38.33
CA LEU G 168 57.65 29.92 -39.22
C LEU G 168 58.05 30.31 -40.64
N ILE G 169 59.09 29.68 -41.16
CA ILE G 169 59.60 29.96 -42.51
C ILE G 169 59.26 28.78 -43.41
N VAL G 170 58.64 29.07 -44.55
CA VAL G 170 58.20 28.06 -45.50
C VAL G 170 58.71 28.43 -46.88
N TRP G 171 59.46 27.53 -47.49
CA TRP G 171 59.92 27.66 -48.87
C TRP G 171 59.47 26.45 -49.67
N GLY G 172 59.85 26.41 -50.95
CA GLY G 172 59.41 25.35 -51.84
C GLY G 172 60.46 25.01 -52.87
N ILE G 173 60.47 23.73 -53.25
CA ILE G 173 61.33 23.21 -54.29
C ILE G 173 60.43 22.75 -55.44
N HIS G 174 60.70 23.26 -56.64
CA HIS G 174 59.87 22.96 -57.80
C HIS G 174 60.43 21.76 -58.56
N HIS G 175 59.53 20.90 -59.02
CA HIS G 175 59.84 19.70 -59.79
C HIS G 175 59.02 19.78 -61.08
N SER G 176 59.69 20.13 -62.18
CA SER G 176 59.01 20.36 -63.45
C SER G 176 58.57 19.04 -64.07
N VAL G 177 57.73 19.14 -65.10
CA VAL G 177 57.19 17.94 -65.74
C VAL G 177 58.29 17.18 -66.47
N SER G 178 59.18 17.90 -67.16
CA SER G 178 60.30 17.29 -67.86
C SER G 178 61.53 18.17 -67.67
N THR G 179 62.69 17.62 -68.02
CA THR G 179 63.90 18.42 -67.99
C THR G 179 63.93 19.48 -69.08
N ALA G 180 62.98 19.43 -70.02
CA ALA G 180 62.83 20.51 -71.00
C ALA G 180 62.12 21.71 -70.40
N GLU G 181 61.07 21.46 -69.60
CA GLU G 181 60.41 22.55 -68.89
C GLU G 181 61.34 23.21 -67.90
N GLN G 182 62.10 22.41 -67.14
CA GLN G 182 63.06 22.93 -66.19
C GLN G 182 64.06 23.87 -66.87
N THR G 183 64.47 23.53 -68.09
CA THR G 183 65.33 24.43 -68.86
C THR G 183 64.55 25.66 -69.31
N LYS G 184 63.30 25.46 -69.73
CA LYS G 184 62.44 26.56 -70.18
C LYS G 184 62.17 27.57 -69.07
N LEU G 185 62.37 27.19 -67.81
CA LEU G 185 62.18 28.11 -66.70
C LEU G 185 63.48 28.52 -66.02
N TYR G 186 64.47 27.63 -65.94
CA TYR G 186 65.70 27.89 -65.19
C TYR G 186 66.97 27.67 -65.99
N GLY G 187 66.87 27.21 -67.23
CA GLY G 187 68.05 26.88 -68.00
C GLY G 187 68.68 25.58 -67.54
N SER G 188 69.62 25.05 -68.32
CA SER G 188 70.29 23.83 -67.93
C SER G 188 71.37 24.13 -66.89
N GLY G 189 71.77 23.09 -66.16
CA GLY G 189 72.89 23.21 -65.24
C GLY G 189 72.72 22.67 -63.83
N ASN G 190 72.52 21.35 -63.73
CA ASN G 190 72.56 20.57 -62.48
C ASN G 190 72.16 21.37 -61.24
N LYS G 191 70.88 21.75 -61.16
CA LYS G 191 70.42 22.75 -60.19
C LYS G 191 70.68 22.27 -58.75
N LEU G 192 70.60 23.24 -57.83
CA LEU G 192 70.93 23.00 -56.43
C LEU G 192 70.37 24.13 -55.58
N VAL G 193 69.90 23.78 -54.38
CA VAL G 193 69.37 24.73 -53.40
C VAL G 193 69.93 24.35 -52.03
N THR G 194 70.25 25.36 -51.18
CA THR G 194 70.93 25.12 -49.91
C THR G 194 70.44 26.08 -48.82
N VAL G 195 69.26 25.80 -48.27
CA VAL G 195 68.83 26.33 -46.99
C VAL G 195 69.74 25.81 -45.87
N GLY G 196 70.51 26.70 -45.26
CA GLY G 196 71.27 26.37 -44.08
C GLY G 196 71.08 27.39 -42.97
N SER G 197 70.64 26.94 -41.80
CA SER G 197 70.44 27.85 -40.67
C SER G 197 71.53 27.65 -39.64
N SER G 198 71.17 27.74 -38.36
CA SER G 198 72.10 27.35 -37.29
C SER G 198 71.89 25.92 -36.85
N ASN G 199 70.68 25.38 -37.01
CA ASN G 199 70.37 23.99 -36.72
C ASN G 199 69.95 23.20 -37.95
N TYR G 200 69.68 23.85 -39.08
CA TYR G 200 69.17 23.20 -40.27
C TYR G 200 70.16 23.41 -41.42
N GLN G 201 70.22 22.44 -42.32
CA GLN G 201 71.01 22.51 -43.52
C GLN G 201 70.27 21.55 -44.45
N GLN G 202 70.45 21.74 -45.75
CA GLN G 202 70.15 20.87 -46.86
C GLN G 202 69.98 21.74 -48.03
N SER G 203 70.54 21.51 -49.21
CA SER G 203 70.71 20.19 -49.90
C SER G 203 69.43 19.83 -50.65
N PHE G 204 69.27 20.38 -51.86
CA PHE G 204 68.09 20.10 -52.68
C PHE G 204 68.47 20.12 -54.15
N VAL G 205 67.90 19.17 -54.90
CA VAL G 205 68.04 19.10 -56.34
C VAL G 205 66.66 18.80 -56.94
N PRO G 206 66.20 19.55 -57.93
CA PRO G 206 64.93 19.21 -58.58
C PRO G 206 65.00 17.85 -59.24
N SER G 207 63.83 17.23 -59.38
CA SER G 207 63.69 15.89 -59.96
C SER G 207 62.61 15.95 -61.02
N PRO G 208 62.91 16.52 -62.19
CA PRO G 208 61.89 16.64 -63.23
C PRO G 208 61.39 15.28 -63.67
N GLY G 209 60.07 15.17 -63.80
CA GLY G 209 59.43 13.92 -64.16
C GLY G 209 57.93 14.04 -64.17
N ALA G 210 57.27 13.24 -65.00
CA ALA G 210 55.82 13.30 -65.13
C ALA G 210 55.18 12.72 -63.87
N ARG G 211 54.49 13.56 -63.11
CA ARG G 211 53.67 13.11 -62.00
C ARG G 211 52.21 13.00 -62.46
N THR G 212 51.38 12.44 -61.59
CA THR G 212 49.97 12.29 -61.91
C THR G 212 49.32 13.66 -62.05
N GLN G 213 48.45 13.77 -63.06
CA GLN G 213 47.83 15.06 -63.38
C GLN G 213 46.91 15.51 -62.26
N VAL G 214 47.21 16.66 -61.68
CA VAL G 214 46.39 17.29 -60.64
C VAL G 214 46.25 18.77 -60.98
N ASN G 215 45.02 19.28 -60.90
CA ASN G 215 44.72 20.68 -61.27
C ASN G 215 45.13 20.98 -62.72
N GLY G 216 45.35 19.94 -63.51
CA GLY G 216 45.88 20.08 -64.85
C GLY G 216 47.37 19.85 -64.93
N LEU G 217 48.09 20.23 -63.87
CA LEU G 217 49.54 20.17 -63.87
C LEU G 217 50.05 18.78 -63.49
N SER G 218 51.24 18.45 -63.99
CA SER G 218 51.89 17.17 -63.73
C SER G 218 53.25 17.33 -63.09
N GLY G 219 53.64 18.56 -62.76
CA GLY G 219 54.78 18.81 -61.90
C GLY G 219 54.36 18.75 -60.43
N ARG G 220 55.33 19.03 -59.56
CA ARG G 220 55.05 19.04 -58.13
C ARG G 220 55.86 20.14 -57.46
N ILE G 221 55.30 20.70 -56.39
CA ILE G 221 56.02 21.64 -55.53
C ILE G 221 56.09 21.03 -54.14
N ASP G 222 57.31 20.86 -53.63
CA ASP G 222 57.50 20.43 -52.26
C ASP G 222 57.64 21.66 -51.36
N PHE G 223 56.98 21.62 -50.22
CA PHE G 223 57.04 22.72 -49.26
C PHE G 223 57.82 22.26 -48.03
N HIS G 224 58.87 23.01 -47.71
CA HIS G 224 59.66 22.79 -46.51
C HIS G 224 59.51 23.98 -45.59
N TRP G 225 59.80 23.78 -44.31
CA TRP G 225 59.61 24.82 -43.32
C TRP G 225 60.58 24.58 -42.16
N LEU G 226 60.74 25.61 -41.34
CA LEU G 226 61.53 25.50 -40.12
C LEU G 226 61.15 26.64 -39.19
N MET G 227 61.33 26.38 -37.90
CA MET G 227 60.99 27.32 -36.83
C MET G 227 62.27 28.00 -36.37
N LEU G 228 62.47 29.25 -36.80
CA LEU G 228 63.60 30.03 -36.33
C LEU G 228 63.37 30.50 -34.89
N ASN G 229 64.41 30.44 -34.10
CA ASN G 229 64.38 30.94 -32.73
C ASN G 229 64.68 32.43 -32.71
N PRO G 230 64.39 33.11 -31.60
CA PRO G 230 64.76 34.53 -31.50
C PRO G 230 66.26 34.73 -31.65
N ASN G 231 66.63 35.77 -32.41
CA ASN G 231 68.01 36.11 -32.75
C ASN G 231 68.71 35.01 -33.55
N ASP G 232 67.98 33.98 -33.97
CA ASP G 232 68.52 32.93 -34.81
C ASP G 232 68.43 33.33 -36.27
N THR G 233 69.37 32.82 -37.07
CA THR G 233 69.52 33.21 -38.46
C THR G 233 69.38 32.01 -39.38
N VAL G 234 68.58 32.16 -40.43
CA VAL G 234 68.44 31.17 -41.48
C VAL G 234 69.08 31.72 -42.74
N THR G 235 69.48 30.79 -43.63
CA THR G 235 70.20 31.14 -44.84
C THR G 235 69.68 30.28 -45.98
N PHE G 236 69.79 30.80 -47.20
CA PHE G 236 69.37 30.11 -48.41
C PHE G 236 70.42 30.33 -49.48
N SER G 237 70.75 29.27 -50.23
CA SER G 237 71.83 29.34 -51.22
C SER G 237 71.40 28.53 -52.45
N PHE G 238 70.63 29.16 -53.32
CA PHE G 238 69.95 28.47 -54.41
C PHE G 238 70.49 28.95 -55.76
N ASN G 239 70.01 28.28 -56.82
CA ASN G 239 70.28 28.77 -58.18
C ASN G 239 69.21 28.36 -59.17
N GLY G 240 68.01 27.99 -58.74
CA GLY G 240 66.95 27.55 -59.63
C GLY G 240 65.99 26.63 -58.92
N ALA G 241 64.78 26.54 -59.45
CA ALA G 241 63.71 25.71 -58.91
C ALA G 241 63.46 26.01 -57.43
N PHE G 242 63.24 27.30 -57.15
CA PHE G 242 63.10 27.77 -55.78
C PHE G 242 61.84 28.61 -55.66
N ILE G 243 60.97 28.23 -54.72
CA ILE G 243 59.79 29.00 -54.37
C ILE G 243 60.16 29.76 -53.10
N ALA G 244 60.61 31.00 -53.26
CA ALA G 244 61.17 31.75 -52.16
C ALA G 244 60.06 32.28 -51.24
N PRO G 245 60.31 32.34 -49.93
CA PRO G 245 59.34 32.95 -49.03
C PRO G 245 59.44 34.47 -49.04
N ASP G 246 58.27 35.11 -49.00
CA ASP G 246 58.20 36.56 -48.97
C ASP G 246 57.79 37.12 -47.62
N ARG G 247 56.96 36.41 -46.86
CA ARG G 247 56.52 36.85 -45.54
C ARG G 247 56.58 35.67 -44.58
N ALA G 248 57.16 35.90 -43.41
CA ALA G 248 57.23 34.90 -42.35
C ALA G 248 56.01 34.99 -41.45
N SER G 249 55.73 33.88 -40.78
CA SER G 249 54.59 33.77 -39.88
C SER G 249 55.04 33.74 -38.43
N PHE G 250 54.21 34.31 -37.56
CA PHE G 250 54.45 34.32 -36.13
C PHE G 250 53.18 33.93 -35.40
N LEU G 251 53.31 33.02 -34.44
CA LEU G 251 52.15 32.55 -33.69
C LEU G 251 51.63 33.65 -32.78
N ARG G 252 50.32 33.90 -32.84
CA ARG G 252 49.72 34.96 -32.03
C ARG G 252 49.63 34.56 -30.56
N GLY G 253 48.91 33.48 -30.27
CA GLY G 253 48.75 33.04 -28.90
C GLY G 253 48.42 31.57 -28.76
N LYS G 254 47.19 31.27 -28.36
CA LYS G 254 46.76 29.90 -28.11
C LYS G 254 45.32 29.73 -28.58
N SER G 255 45.02 28.55 -29.12
CA SER G 255 43.69 28.24 -29.62
C SER G 255 43.52 26.73 -29.64
N MET G 256 42.46 26.28 -30.31
CA MET G 256 42.17 24.85 -30.45
C MET G 256 41.74 24.58 -31.88
N GLY G 257 42.15 23.43 -32.42
CA GLY G 257 41.79 23.05 -33.76
C GLY G 257 40.91 21.82 -33.82
N ILE G 258 39.78 21.91 -34.52
CA ILE G 258 38.85 20.81 -34.66
C ILE G 258 38.56 20.59 -36.14
N GLN G 259 38.11 19.38 -36.45
CA GLN G 259 37.69 19.00 -37.79
C GLN G 259 36.23 18.57 -37.73
N SER G 260 35.35 19.35 -38.36
CA SER G 260 33.92 19.12 -38.29
C SER G 260 33.30 19.30 -39.67
N GLY G 261 32.03 18.92 -39.77
CA GLY G 261 31.29 19.06 -41.00
C GLY G 261 29.90 19.61 -40.79
N VAL G 262 29.64 20.13 -39.59
CA VAL G 262 28.34 20.69 -39.25
C VAL G 262 28.47 22.21 -39.19
N GLN G 263 27.33 22.88 -39.06
CA GLN G 263 27.29 24.33 -39.09
C GLN G 263 27.84 24.91 -37.78
N VAL G 264 28.03 26.23 -37.78
CA VAL G 264 28.55 26.96 -36.63
C VAL G 264 27.38 27.66 -35.95
N ASP G 265 27.26 27.47 -34.63
CA ASP G 265 26.19 28.06 -33.84
C ASP G 265 26.81 28.95 -32.77
N ALA G 266 26.33 30.19 -32.68
CA ALA G 266 26.86 31.17 -31.74
C ALA G 266 25.94 31.38 -30.54
N ASN G 267 24.90 30.56 -30.39
CA ASN G 267 24.00 30.67 -29.24
C ASN G 267 24.23 29.60 -28.19
N CYS G 268 24.70 28.42 -28.57
CA CYS G 268 25.06 27.38 -27.61
C CYS G 268 26.56 27.44 -27.33
N GLU G 269 26.94 26.98 -26.14
CA GLU G 269 28.31 27.07 -25.68
C GLU G 269 28.78 25.71 -25.19
N GLY G 270 29.97 25.31 -25.59
CA GLY G 270 30.53 24.04 -25.17
C GLY G 270 32.03 24.03 -25.32
N ASP G 271 32.68 23.11 -24.62
CA ASP G 271 34.12 22.93 -24.67
C ASP G 271 34.54 21.55 -25.16
N CYS G 272 33.58 20.73 -25.59
CA CYS G 272 33.85 19.40 -26.11
C CYS G 272 33.33 19.33 -27.54
N TYR G 273 34.22 19.06 -28.49
CA TYR G 273 33.88 19.08 -29.90
C TYR G 273 34.30 17.77 -30.57
N HIS G 274 33.55 17.41 -31.62
CA HIS G 274 33.91 16.30 -32.49
C HIS G 274 33.36 16.59 -33.87
N SER G 275 33.60 15.68 -34.81
CA SER G 275 33.21 15.89 -36.20
C SER G 275 31.69 15.93 -36.37
N GLY G 276 30.93 15.42 -35.40
CA GLY G 276 29.48 15.40 -35.47
C GLY G 276 28.79 16.61 -34.85
N GLY G 277 29.48 17.30 -33.97
CA GLY G 277 28.94 18.48 -33.37
C GLY G 277 29.67 18.76 -32.05
N THR G 278 28.88 19.19 -31.06
CA THR G 278 29.38 19.59 -29.75
C THR G 278 28.70 18.75 -28.67
N ILE G 279 29.50 18.27 -27.72
CA ILE G 279 29.03 17.46 -26.61
C ILE G 279 28.91 18.39 -25.40
N ILE G 280 27.67 18.77 -25.07
CA ILE G 280 27.39 19.64 -23.92
C ILE G 280 26.77 18.76 -22.84
N SER G 281 27.54 18.47 -21.80
CA SER G 281 27.07 17.59 -20.74
C SER G 281 27.91 17.82 -19.49
N ASN G 282 27.34 17.42 -18.35
CA ASN G 282 28.05 17.44 -17.08
C ASN G 282 28.34 16.04 -16.55
N LEU G 283 27.96 15.01 -17.29
CA LEU G 283 28.23 13.65 -16.87
C LEU G 283 29.72 13.32 -17.01
N PRO G 284 30.25 12.41 -16.19
CA PRO G 284 31.68 12.09 -16.26
C PRO G 284 32.06 11.21 -17.44
N PHE G 285 31.11 10.62 -18.16
CA PHE G 285 31.41 9.73 -19.25
C PHE G 285 30.55 10.06 -20.46
N GLN G 286 31.00 9.61 -21.64
CA GLN G 286 30.28 9.84 -22.88
C GLN G 286 30.55 8.69 -23.82
N ASN G 287 29.56 8.38 -24.66
CA ASN G 287 29.64 7.32 -25.66
C ASN G 287 29.22 7.85 -27.03
N ILE G 288 29.85 8.95 -27.44
CA ILE G 288 29.54 9.60 -28.72
C ILE G 288 30.70 9.48 -29.70
N ASP G 289 31.88 9.97 -29.31
CA ASP G 289 33.05 9.93 -30.18
C ASP G 289 34.28 9.74 -29.32
N SER G 290 35.06 8.69 -29.61
CA SER G 290 36.28 8.42 -28.85
C SER G 290 37.37 9.44 -29.16
N ARG G 291 37.30 10.13 -30.29
CA ARG G 291 38.28 11.13 -30.68
C ARG G 291 37.85 12.55 -30.37
N ALA G 292 36.93 12.72 -29.42
CA ALA G 292 36.47 14.06 -29.05
C ALA G 292 37.60 14.83 -28.36
N VAL G 293 37.73 16.11 -28.71
CA VAL G 293 38.81 16.94 -28.22
C VAL G 293 38.25 18.08 -27.39
N GLY G 294 39.13 18.71 -26.62
CA GLY G 294 38.74 19.77 -25.72
C GLY G 294 38.67 19.30 -24.28
N LYS G 295 37.68 19.79 -23.53
CA LYS G 295 37.44 19.36 -22.16
C LYS G 295 36.19 18.48 -22.16
N CYS G 296 36.39 17.21 -22.49
CA CYS G 296 35.32 16.25 -22.69
C CYS G 296 35.21 15.28 -21.52
N PRO G 297 34.04 14.67 -21.33
CA PRO G 297 33.96 13.51 -20.45
C PRO G 297 34.73 12.33 -21.06
N ARG G 298 35.12 11.41 -20.18
CA ARG G 298 35.94 10.28 -20.60
C ARG G 298 35.12 9.31 -21.43
N TYR G 299 35.62 8.94 -22.60
CA TYR G 299 34.89 8.05 -23.48
C TYR G 299 34.90 6.63 -22.93
N VAL G 300 33.73 5.99 -22.98
CA VAL G 300 33.57 4.60 -22.57
C VAL G 300 32.79 3.87 -23.65
N LYS G 301 32.96 2.54 -23.68
CA LYS G 301 32.27 1.73 -24.68
C LYS G 301 30.85 1.37 -24.25
N GLN G 302 30.53 1.49 -22.97
CA GLN G 302 29.17 1.19 -22.52
C GLN G 302 28.20 2.27 -22.99
N ARG G 303 27.05 1.83 -23.48
CA ARG G 303 26.04 2.78 -23.95
C ARG G 303 25.35 3.48 -22.79
N SER G 304 25.08 2.75 -21.71
CA SER G 304 24.39 3.31 -20.56
C SER G 304 24.89 2.64 -19.28
N LEU G 305 25.08 3.46 -18.24
CA LEU G 305 25.48 2.98 -16.92
C LEU G 305 24.65 3.73 -15.89
N LEU G 306 23.57 3.11 -15.43
CA LEU G 306 22.60 3.78 -14.57
C LEU G 306 23.09 3.80 -13.13
N LEU G 307 23.29 5.00 -12.60
CA LEU G 307 23.66 5.19 -11.20
C LEU G 307 22.41 5.25 -10.34
N ALA G 308 22.37 4.42 -9.30
CA ALA G 308 21.19 4.36 -8.45
C ALA G 308 21.11 5.60 -7.56
N THR G 309 19.97 6.27 -7.61
CA THR G 309 19.70 7.44 -6.78
C THR G 309 18.59 7.20 -5.76
N GLY G 310 18.07 5.97 -5.67
CA GLY G 310 17.03 5.66 -4.72
C GLY G 310 17.33 4.35 -4.00
N MET G 311 16.44 4.01 -3.08
CA MET G 311 16.58 2.79 -2.28
C MET G 311 16.19 1.58 -3.11
N LYS G 312 16.35 0.39 -2.52
CA LYS G 312 15.92 -0.83 -3.16
C LYS G 312 14.40 -0.85 -3.26
N ASN G 313 13.89 -1.03 -4.47
CA ASN G 313 12.45 -0.99 -4.74
C ASN G 313 11.86 -2.36 -4.46
N VAL G 314 11.07 -2.45 -3.38
CA VAL G 314 10.39 -3.69 -3.03
C VAL G 314 8.88 -3.45 -3.15
N PRO G 315 8.30 -3.58 -4.33
CA PRO G 315 6.88 -3.23 -4.50
C PRO G 315 5.94 -4.24 -3.86
N GLU G 316 4.64 -3.94 -3.90
CA GLU G 316 3.64 -4.81 -3.31
C GLU G 316 3.23 -5.93 -4.25
N ALA H 7 14.35 -4.82 2.49
CA ALA H 7 13.85 -5.94 1.68
C ALA H 7 13.99 -7.26 2.44
N GLY H 8 13.93 -7.20 3.76
CA GLY H 8 14.08 -8.39 4.58
C GLY H 8 12.80 -8.79 5.28
N PHE H 9 12.74 -8.58 6.60
CA PHE H 9 11.52 -8.85 7.34
C PHE H 9 10.41 -7.85 7.02
N ILE H 10 10.73 -6.76 6.32
CA ILE H 10 9.72 -5.91 5.69
C ILE H 10 9.48 -6.52 4.31
N GLU H 11 8.40 -7.29 4.18
CA GLU H 11 8.18 -8.09 2.99
C GLU H 11 8.04 -7.23 1.73
N ASN H 12 7.55 -6.01 1.88
CA ASN H 12 7.36 -5.13 0.73
C ASN H 12 7.24 -3.69 1.21
N GLY H 13 7.29 -2.76 0.26
CA GLY H 13 7.13 -1.35 0.56
C GLY H 13 5.69 -0.88 0.44
N TRP H 14 5.50 0.40 0.68
CA TRP H 14 4.18 1.03 0.65
C TRP H 14 4.12 1.95 -0.56
N GLU H 15 3.36 1.52 -1.58
CA GLU H 15 3.19 2.36 -2.77
C GLU H 15 2.32 3.58 -2.48
N GLY H 16 1.40 3.46 -1.52
CA GLY H 16 0.59 4.60 -1.12
C GLY H 16 1.36 5.67 -0.39
N LEU H 17 2.48 5.32 0.25
CA LEU H 17 3.32 6.29 0.94
C LEU H 17 4.00 7.17 -0.09
N ILE H 18 3.44 8.35 -0.34
CA ILE H 18 3.97 9.30 -1.30
C ILE H 18 4.49 10.56 -0.62
N ASP H 19 4.59 10.55 0.71
CA ASP H 19 5.02 11.73 1.45
C ASP H 19 6.51 11.73 1.75
N GLY H 20 7.12 10.56 1.91
CA GLY H 20 8.54 10.48 2.18
C GLY H 20 9.07 9.09 1.89
N TRP H 21 10.36 8.91 2.16
CA TRP H 21 11.00 7.62 1.94
C TRP H 21 10.63 6.62 3.03
N TYR H 22 10.60 7.06 4.28
CA TYR H 22 10.22 6.22 5.41
C TYR H 22 9.00 6.83 6.09
N GLY H 23 8.32 6.01 6.89
CA GLY H 23 7.12 6.47 7.57
C GLY H 23 6.57 5.41 8.48
N PHE H 24 5.54 5.81 9.23
CA PHE H 24 4.86 4.95 10.19
C PHE H 24 3.42 4.73 9.75
N ARG H 25 2.91 3.53 10.05
CA ARG H 25 1.50 3.20 9.86
C ARG H 25 0.98 2.72 11.20
N HIS H 26 0.35 3.63 11.95
CA HIS H 26 -0.23 3.26 13.23
C HIS H 26 -1.67 2.79 13.04
N GLN H 27 -2.09 1.89 13.92
CA GLN H 27 -3.47 1.41 13.92
C GLN H 27 -3.88 1.23 15.37
N ASN H 28 -4.82 2.06 15.83
CA ASN H 28 -5.33 1.99 17.19
C ASN H 28 -6.85 1.87 17.17
N ALA H 29 -7.51 2.21 18.26
CA ALA H 29 -8.97 2.15 18.29
C ALA H 29 -9.61 3.39 17.70
N GLN H 30 -8.94 4.54 17.78
CA GLN H 30 -9.51 5.77 17.26
C GLN H 30 -9.53 5.79 15.73
N GLY H 31 -8.47 5.27 15.10
CA GLY H 31 -8.39 5.22 13.66
C GLY H 31 -7.13 4.55 13.16
N GLU H 32 -6.63 4.99 12.01
CA GLU H 32 -5.38 4.48 11.45
C GLU H 32 -4.67 5.63 10.74
N GLY H 33 -3.34 5.63 10.80
CA GLY H 33 -2.58 6.73 10.27
C GLY H 33 -1.34 6.25 9.53
N THR H 34 -0.88 7.12 8.61
CA THR H 34 0.32 6.87 7.80
C THR H 34 1.04 8.21 7.66
N ALA H 35 2.14 8.37 8.39
CA ALA H 35 2.85 9.64 8.42
C ALA H 35 4.34 9.39 8.17
N ALA H 36 4.89 10.10 7.19
CA ALA H 36 6.29 9.91 6.81
C ALA H 36 7.22 10.51 7.85
N ASP H 37 8.33 9.83 8.11
CA ASP H 37 9.37 10.32 9.00
C ASP H 37 10.35 11.17 8.20
N TYR H 38 10.60 12.38 8.69
CA TYR H 38 11.39 13.34 7.92
C TYR H 38 12.89 13.18 8.15
N LYS H 39 13.29 12.74 9.35
CA LYS H 39 14.71 12.72 9.68
C LYS H 39 15.46 11.66 8.88
N SER H 40 14.98 10.41 8.90
CA SER H 40 15.66 9.34 8.18
C SER H 40 15.56 9.54 6.67
N THR H 41 14.37 9.95 6.19
CA THR H 41 14.20 10.24 4.76
C THR H 41 15.19 11.30 4.31
N GLN H 42 15.27 12.41 5.05
CA GLN H 42 16.22 13.46 4.69
C GLN H 42 17.66 12.99 4.84
N SER H 43 17.91 12.01 5.72
CA SER H 43 19.26 11.47 5.85
C SER H 43 19.67 10.72 4.59
N ALA H 44 18.85 9.76 4.17
CA ALA H 44 19.16 9.00 2.95
C ALA H 44 19.20 9.92 1.73
N ILE H 45 18.30 10.91 1.69
CA ILE H 45 18.29 11.85 0.58
C ILE H 45 19.57 12.68 0.55
N ASP H 46 20.06 13.09 1.72
CA ASP H 46 21.31 13.85 1.76
C ASP H 46 22.50 12.98 1.39
N GLN H 47 22.46 11.69 1.73
CA GLN H 47 23.56 10.80 1.36
C GLN H 47 23.61 10.57 -0.14
N ILE H 48 22.46 10.21 -0.73
CA ILE H 48 22.39 10.02 -2.18
C ILE H 48 22.76 11.32 -2.90
N THR H 49 22.29 12.45 -2.37
CA THR H 49 22.64 13.74 -2.97
C THR H 49 24.14 13.99 -2.88
N GLY H 50 24.78 13.56 -1.79
CA GLY H 50 26.22 13.66 -1.70
C GLY H 50 26.92 12.81 -2.75
N LYS H 51 26.44 11.58 -2.96
CA LYS H 51 26.99 10.75 -4.02
C LYS H 51 26.85 11.43 -5.38
N LEU H 52 25.69 12.03 -5.65
CA LEU H 52 25.46 12.68 -6.93
C LEU H 52 26.39 13.89 -7.10
N ASN H 53 26.52 14.72 -6.07
CA ASN H 53 27.40 15.87 -6.16
C ASN H 53 28.87 15.46 -6.27
N ARG H 54 29.21 14.28 -5.78
CA ARG H 54 30.60 13.82 -5.88
C ARG H 54 30.90 13.23 -7.26
N LEU H 55 29.96 12.45 -7.82
CA LEU H 55 30.22 11.79 -9.09
C LEU H 55 30.02 12.73 -10.28
N ILE H 56 28.90 13.44 -10.31
CA ILE H 56 28.68 14.44 -11.36
C ILE H 56 29.74 15.52 -11.19
N GLU H 57 30.72 15.53 -12.08
CA GLU H 57 31.88 16.40 -11.92
C GLU H 57 32.36 16.85 -13.29
N LYS H 58 32.95 18.05 -13.32
CA LYS H 58 33.53 18.62 -14.52
C LYS H 58 35.05 18.54 -14.44
N THR H 59 35.68 18.10 -15.52
CA THR H 59 37.13 17.92 -15.58
C THR H 59 37.77 19.16 -16.19
N ASN H 60 38.76 19.72 -15.51
CA ASN H 60 39.49 20.89 -15.98
C ASN H 60 40.65 20.53 -16.91
N GLN H 61 40.92 19.24 -17.11
CA GLN H 61 42.01 18.81 -17.97
C GLN H 61 41.56 18.87 -19.43
N GLN H 62 42.37 19.51 -20.27
CA GLN H 62 42.09 19.66 -21.68
C GLN H 62 43.02 18.77 -22.50
N PHE H 63 42.45 18.04 -23.45
CA PHE H 63 43.20 17.18 -24.35
C PHE H 63 43.12 17.75 -25.77
N GLU H 64 44.26 17.79 -26.45
CA GLU H 64 44.35 18.36 -27.78
C GLU H 64 44.13 17.29 -28.84
N LEU H 65 43.96 17.73 -30.08
CA LEU H 65 43.75 16.83 -31.20
C LEU H 65 45.08 16.18 -31.58
N ILE H 66 45.15 14.86 -31.45
CA ILE H 66 46.37 14.12 -31.75
C ILE H 66 46.29 13.37 -33.08
N ASP H 67 45.10 13.21 -33.64
CA ASP H 67 44.88 12.53 -34.91
C ASP H 67 44.51 13.54 -35.99
N ASN H 68 43.98 13.04 -37.10
CA ASN H 68 43.53 13.89 -38.20
C ASN H 68 42.49 13.12 -38.99
N GLU H 69 41.25 13.63 -39.02
CA GLU H 69 40.16 12.94 -39.69
C GLU H 69 40.12 13.22 -41.19
N PHE H 70 40.67 14.35 -41.63
CA PHE H 70 40.62 14.71 -43.05
C PHE H 70 41.81 14.19 -43.83
N ASN H 71 43.00 14.19 -43.22
CA ASN H 71 44.23 13.71 -43.86
C ASN H 71 44.92 12.76 -42.87
N GLU H 72 44.79 11.46 -43.13
CA GLU H 72 45.30 10.46 -42.19
C GLU H 72 46.80 10.62 -41.99
N VAL H 73 47.25 10.42 -40.75
CA VAL H 73 48.65 10.58 -40.37
C VAL H 73 49.44 9.36 -40.83
N GLU H 74 50.70 9.28 -40.38
CA GLU H 74 51.51 8.09 -40.65
C GLU H 74 50.84 6.86 -40.07
N LYS H 75 50.94 5.74 -40.80
CA LYS H 75 50.22 4.54 -40.41
C LYS H 75 50.77 3.95 -39.10
N GLN H 76 52.07 4.05 -38.88
CA GLN H 76 52.66 3.47 -37.68
C GLN H 76 52.26 4.27 -36.44
N ILE H 77 52.54 5.58 -36.44
CA ILE H 77 52.17 6.42 -35.31
C ILE H 77 50.66 6.47 -35.16
N GLY H 78 49.92 6.30 -36.25
CA GLY H 78 48.47 6.21 -36.15
C GLY H 78 48.01 4.95 -35.46
N ASN H 79 48.69 3.83 -35.74
CA ASN H 79 48.38 2.59 -35.02
C ASN H 79 48.77 2.68 -33.56
N VAL H 80 49.84 3.40 -33.24
CA VAL H 80 50.21 3.60 -31.85
C VAL H 80 49.15 4.47 -31.14
N ILE H 81 48.68 5.51 -31.82
CA ILE H 81 47.67 6.38 -31.22
C ILE H 81 46.37 5.63 -31.00
N ASN H 82 45.94 4.86 -32.00
CA ASN H 82 44.72 4.06 -31.83
C ASN H 82 44.89 3.00 -30.75
N TRP H 83 46.10 2.44 -30.63
CA TRP H 83 46.36 1.45 -29.59
C TRP H 83 46.25 2.06 -28.20
N THR H 84 46.91 3.21 -27.98
CA THR H 84 46.84 3.88 -26.69
C THR H 84 45.41 4.33 -26.37
N ARG H 85 44.71 4.89 -27.38
CA ARG H 85 43.35 5.35 -27.16
C ARG H 85 42.42 4.18 -26.82
N ASP H 86 42.64 3.02 -27.45
CA ASP H 86 41.82 1.85 -27.13
C ASP H 86 42.12 1.35 -25.73
N SER H 87 43.39 1.36 -25.33
CA SER H 87 43.75 0.94 -23.97
C SER H 87 43.10 1.85 -22.93
N ILE H 88 43.22 3.16 -23.12
CA ILE H 88 42.60 4.11 -22.19
C ILE H 88 41.09 3.93 -22.19
N THR H 89 40.51 3.66 -23.37
CA THR H 89 39.07 3.43 -23.44
C THR H 89 38.67 2.22 -22.61
N GLU H 90 39.45 1.13 -22.68
CA GLU H 90 39.15 -0.03 -21.84
C GLU H 90 39.29 0.30 -20.36
N VAL H 91 40.31 1.07 -20.00
CA VAL H 91 40.51 1.43 -18.60
C VAL H 91 39.32 2.22 -18.06
N TRP H 92 38.90 3.25 -18.80
CA TRP H 92 37.79 4.08 -18.34
C TRP H 92 36.47 3.33 -18.39
N SER H 93 36.31 2.39 -19.32
CA SER H 93 35.10 1.56 -19.34
C SER H 93 35.03 0.68 -18.10
N TYR H 94 36.15 0.05 -17.74
CA TYR H 94 36.19 -0.77 -16.54
C TYR H 94 35.94 0.08 -15.29
N ASN H 95 36.59 1.24 -15.19
CA ASN H 95 36.43 2.09 -14.02
C ASN H 95 35.00 2.60 -13.91
N ALA H 96 34.36 2.89 -15.04
CA ALA H 96 32.97 3.36 -15.00
C ALA H 96 32.03 2.24 -14.59
N GLU H 97 32.19 1.05 -15.17
CA GLU H 97 31.35 -0.08 -14.80
C GLU H 97 31.47 -0.41 -13.32
N LEU H 98 32.70 -0.60 -12.85
CA LEU H 98 32.93 -0.93 -11.44
C LEU H 98 32.45 0.20 -10.53
N LEU H 99 32.66 1.44 -10.93
CA LEU H 99 32.20 2.58 -10.14
C LEU H 99 30.69 2.55 -9.97
N VAL H 100 29.95 2.41 -11.07
CA VAL H 100 28.50 2.39 -11.01
C VAL H 100 28.03 1.22 -10.14
N ALA H 101 28.60 0.04 -10.36
CA ALA H 101 28.19 -1.14 -9.59
C ALA H 101 28.39 -0.92 -8.11
N MET H 102 29.60 -0.52 -7.70
CA MET H 102 29.89 -0.32 -6.28
C MET H 102 29.00 0.75 -5.67
N GLU H 103 28.80 1.86 -6.38
CA GLU H 103 27.97 2.94 -5.85
C GLU H 103 26.53 2.47 -5.66
N ASN H 104 26.01 1.67 -6.61
CA ASN H 104 24.65 1.15 -6.45
C ASN H 104 24.55 0.21 -5.25
N GLN H 105 25.53 -0.69 -5.11
CA GLN H 105 25.53 -1.61 -3.97
C GLN H 105 25.53 -0.84 -2.65
N HIS H 106 26.45 0.12 -2.50
CA HIS H 106 26.53 0.88 -1.26
C HIS H 106 25.30 1.75 -1.05
N THR H 107 24.64 2.17 -2.12
CA THR H 107 23.40 2.93 -1.98
C THR H 107 22.29 2.05 -1.42
N ILE H 108 22.14 0.85 -1.97
CA ILE H 108 21.10 -0.07 -1.49
C ILE H 108 21.34 -0.44 -0.04
N ASP H 109 22.56 -0.92 0.26
CA ASP H 109 22.88 -1.30 1.64
C ASP H 109 22.78 -0.11 2.58
N LEU H 110 23.07 1.09 2.08
CA LEU H 110 22.95 2.30 2.89
C LEU H 110 21.49 2.56 3.27
N ALA H 111 20.60 2.52 2.28
CA ALA H 111 19.18 2.74 2.57
C ALA H 111 18.63 1.68 3.50
N ASP H 112 18.99 0.42 3.28
CA ASP H 112 18.57 -0.63 4.20
C ASP H 112 19.10 -0.36 5.61
N SER H 113 20.33 0.14 5.71
CA SER H 113 20.88 0.49 7.01
C SER H 113 20.06 1.58 7.69
N GLU H 114 19.62 2.58 6.92
CA GLU H 114 18.77 3.62 7.50
C GLU H 114 17.44 3.05 7.98
N MET H 115 16.84 2.16 7.19
CA MET H 115 15.59 1.51 7.61
C MET H 115 15.78 0.78 8.92
N ASP H 116 16.86 0.00 9.05
CA ASP H 116 17.10 -0.71 10.31
C ASP H 116 17.36 0.25 11.46
N LYS H 117 18.03 1.37 11.17
CA LYS H 117 18.24 2.40 12.19
C LYS H 117 16.91 2.89 12.75
N LEU H 118 15.97 3.24 11.86
CA LEU H 118 14.66 3.68 12.31
C LEU H 118 13.95 2.58 13.09
N TYR H 119 14.03 1.35 12.61
CA TYR H 119 13.35 0.23 13.28
C TYR H 119 13.85 0.07 14.71
N GLU H 120 15.16 -0.07 14.89
CA GLU H 120 15.69 -0.25 16.24
C GLU H 120 15.56 1.01 17.09
N ARG H 121 15.44 2.18 16.47
CA ARG H 121 15.19 3.39 17.25
C ARG H 121 13.80 3.35 17.87
N VAL H 122 12.76 3.13 17.04
CA VAL H 122 11.42 3.01 17.58
C VAL H 122 11.33 1.84 18.56
N LYS H 123 12.09 0.77 18.31
CA LYS H 123 12.12 -0.35 19.24
C LYS H 123 12.68 0.10 20.60
N ARG H 124 13.73 0.91 20.59
CA ARG H 124 14.31 1.38 21.84
C ARG H 124 13.41 2.40 22.54
N GLN H 125 12.54 3.08 21.80
CA GLN H 125 11.63 4.03 22.43
C GLN H 125 10.63 3.31 23.34
N LEU H 126 10.02 2.23 22.84
CA LEU H 126 8.90 1.60 23.51
C LEU H 126 9.32 0.69 24.67
N ARG H 127 10.60 0.34 24.78
CA ARG H 127 11.14 -0.48 25.86
C ARG H 127 10.29 -1.72 26.11
N GLU H 128 9.62 -1.76 27.27
CA GLU H 128 8.85 -2.91 27.70
C GLU H 128 7.36 -2.79 27.41
N ASN H 129 6.91 -1.66 26.87
CA ASN H 129 5.48 -1.45 26.64
C ASN H 129 4.99 -2.06 25.33
N ALA H 130 5.89 -2.58 24.51
CA ALA H 130 5.52 -3.20 23.24
C ALA H 130 6.43 -4.39 22.99
N GLU H 131 6.01 -5.24 22.06
CA GLU H 131 6.78 -6.43 21.70
C GLU H 131 6.83 -6.55 20.18
N GLU H 132 7.98 -6.98 19.67
CA GLU H 132 8.12 -7.20 18.24
C GLU H 132 7.18 -8.30 17.77
N ASP H 133 6.74 -8.20 16.50
CA ASP H 133 5.86 -9.19 15.92
C ASP H 133 6.55 -10.11 14.91
N GLY H 134 7.65 -9.67 14.31
CA GLY H 134 8.41 -10.46 13.36
C GLY H 134 8.44 -9.87 11.96
N THR H 135 7.39 -9.15 11.57
CA THR H 135 7.29 -8.58 10.23
C THR H 135 7.46 -7.06 10.24
N GLY H 136 8.23 -6.54 11.19
CA GLY H 136 8.45 -5.11 11.27
C GLY H 136 7.35 -4.33 11.94
N CYS H 137 6.65 -4.95 12.90
CA CYS H 137 5.60 -4.28 13.64
C CYS H 137 5.86 -4.42 15.14
N PHE H 138 5.30 -3.48 15.90
CA PHE H 138 5.43 -3.46 17.35
C PHE H 138 4.03 -3.51 17.95
N GLU H 139 3.66 -4.67 18.48
CA GLU H 139 2.39 -4.80 19.18
C GLU H 139 2.48 -4.09 20.53
N ILE H 140 1.67 -3.05 20.70
CA ILE H 140 1.68 -2.24 21.92
C ILE H 140 0.66 -2.82 22.89
N PHE H 141 1.06 -2.92 24.16
CA PHE H 141 0.23 -3.55 25.19
C PHE H 141 -0.46 -2.52 26.09
N HIS H 142 -0.72 -1.33 25.56
CA HIS H 142 -1.59 -0.36 26.19
C HIS H 142 -2.34 0.39 25.09
N LYS H 143 -3.41 1.08 25.47
CA LYS H 143 -4.21 1.80 24.49
C LYS H 143 -3.50 3.10 24.14
N CYS H 144 -2.76 3.07 23.03
CA CYS H 144 -2.00 4.23 22.55
C CYS H 144 -2.86 4.99 21.55
N ASP H 145 -3.43 6.10 21.97
CA ASP H 145 -4.32 6.87 21.12
C ASP H 145 -3.54 7.61 20.03
N ASP H 146 -4.26 8.39 19.23
CA ASP H 146 -3.62 9.12 18.13
C ASP H 146 -2.60 10.12 18.65
N ASP H 147 -2.89 10.76 19.78
CA ASP H 147 -1.92 11.67 20.38
C ASP H 147 -0.70 10.91 20.91
N CYS H 148 -0.92 9.70 21.42
CA CYS H 148 0.20 8.86 21.85
C CYS H 148 1.03 8.41 20.66
N MET H 149 0.38 8.04 19.55
CA MET H 149 1.10 7.69 18.33
C MET H 149 1.94 8.87 17.84
N ALA H 150 1.33 10.07 17.82
CA ALA H 150 2.08 11.27 17.45
C ALA H 150 3.24 11.52 18.41
N SER H 151 3.07 11.15 19.68
CA SER H 151 4.19 11.25 20.62
C SER H 151 5.29 10.25 20.29
N ILE H 152 4.93 9.09 19.75
CA ILE H 152 5.95 8.12 19.34
C ILE H 152 6.66 8.60 18.08
N ARG H 153 5.95 9.29 17.19
CA ARG H 153 6.57 9.71 15.93
C ARG H 153 7.64 10.77 16.15
N ASN H 154 7.33 11.80 16.95
CA ASN H 154 8.27 12.88 17.20
C ASN H 154 9.23 12.59 18.36
N ASN H 155 9.32 11.32 18.78
CA ASN H 155 10.25 10.89 19.82
C ASN H 155 10.01 11.65 21.13
N THR H 156 8.75 11.67 21.57
CA THR H 156 8.38 12.19 22.88
C THR H 156 7.63 11.16 23.70
N TYR H 157 7.59 9.91 23.26
CA TYR H 157 6.91 8.85 23.99
C TYR H 157 7.62 8.55 25.30
N ASP H 158 6.89 8.64 26.40
CA ASP H 158 7.42 8.34 27.73
C ASP H 158 6.95 6.94 28.11
N HIS H 159 7.86 5.96 28.04
CA HIS H 159 7.50 4.58 28.38
C HIS H 159 7.08 4.46 29.83
N SER H 160 7.59 5.34 30.70
CA SER H 160 7.31 5.23 32.13
C SER H 160 5.85 5.45 32.46
N LYS H 161 5.14 6.23 31.65
CA LYS H 161 3.75 6.55 31.94
C LYS H 161 2.82 5.37 31.67
N TYR H 162 3.20 4.45 30.79
CA TYR H 162 2.38 3.30 30.45
C TYR H 162 3.02 1.97 30.82
N ARG H 163 4.07 2.00 31.66
CA ARG H 163 4.85 0.78 31.87
C ARG H 163 4.08 -0.25 32.69
N GLU H 164 3.35 0.18 33.71
CA GLU H 164 2.62 -0.76 34.55
C GLU H 164 1.47 -1.39 33.77
N GLU H 165 0.65 -0.55 33.12
CA GLU H 165 -0.48 -1.05 32.34
C GLU H 165 -0.02 -2.03 31.27
N ALA H 166 1.04 -1.69 30.54
CA ALA H 166 1.53 -2.59 29.51
C ALA H 166 2.13 -3.86 30.10
N MET H 167 2.85 -3.73 31.21
CA MET H 167 3.43 -4.90 31.86
C MET H 167 2.35 -5.88 32.32
N GLN H 168 1.18 -5.38 32.73
CA GLN H 168 0.11 -6.27 33.14
C GLN H 168 -0.43 -7.08 31.98
N ASN H 169 -0.41 -6.53 30.76
CA ASN H 169 -0.98 -7.20 29.60
C ASN H 169 0.02 -8.16 28.93
N ASP I 1 21.40 2.09 39.40
CA ASP I 1 22.60 1.47 38.83
C ASP I 1 22.52 1.37 37.32
N LYS I 2 23.53 1.93 36.64
CA LYS I 2 23.60 1.91 35.19
C LYS I 2 25.00 1.53 34.74
N ILE I 3 25.10 1.09 33.49
CA ILE I 3 26.37 0.81 32.85
C ILE I 3 26.33 1.37 31.43
N CYS I 4 26.75 2.61 31.27
CA CYS I 4 26.75 3.26 29.97
C CYS I 4 28.12 3.10 29.31
N LEU I 5 28.09 3.00 27.98
CA LEU I 5 29.31 2.80 27.21
C LEU I 5 29.26 3.64 25.94
N GLY I 6 30.42 4.16 25.54
CA GLY I 6 30.50 5.00 24.37
C GLY I 6 31.88 4.98 23.72
N HIS I 7 32.19 5.99 22.93
CA HIS I 7 33.45 6.08 22.22
C HIS I 7 34.12 7.42 22.51
N HIS I 8 35.38 7.53 22.11
CA HIS I 8 36.18 8.72 22.39
C HIS I 8 35.96 9.78 21.32
N ALA I 9 36.43 10.98 21.60
CA ALA I 9 36.33 12.11 20.67
C ALA I 9 37.40 13.13 21.01
N VAL I 10 37.68 14.00 20.05
CA VAL I 10 38.65 15.07 20.22
C VAL I 10 37.98 16.39 19.89
N SER I 11 38.56 17.48 20.44
CA SER I 11 37.99 18.80 20.20
C SER I 11 38.33 19.31 18.82
N ASN I 12 39.53 19.04 18.33
CA ASN I 12 39.99 19.46 17.01
C ASN I 12 40.16 18.23 16.13
N GLY I 13 39.16 17.94 15.31
CA GLY I 13 39.19 16.83 14.39
C GLY I 13 39.82 17.20 13.06
N THR I 14 39.78 16.24 12.14
CA THR I 14 40.35 16.42 10.80
C THR I 14 39.29 16.08 9.77
N LYS I 15 38.97 17.04 8.91
CA LYS I 15 37.96 16.83 7.88
C LYS I 15 38.53 16.01 6.74
N VAL I 16 37.78 15.00 6.30
CA VAL I 16 38.15 14.15 5.18
C VAL I 16 36.96 14.06 4.23
N ASN I 17 37.16 13.34 3.12
CA ASN I 17 36.12 13.14 2.13
C ASN I 17 35.79 11.66 2.05
N THR I 18 34.50 11.35 1.96
CA THR I 18 34.01 9.98 1.91
C THR I 18 33.20 9.78 0.63
N LEU I 19 32.69 8.56 0.48
CA LEU I 19 31.81 8.25 -0.64
C LEU I 19 30.48 8.99 -0.55
N THR I 20 30.09 9.43 0.64
CA THR I 20 28.81 10.07 0.88
C THR I 20 28.95 11.59 1.03
N GLU I 21 29.66 12.04 2.05
CA GLU I 21 29.77 13.46 2.36
C GLU I 21 31.15 13.99 1.95
N ARG I 22 31.34 15.29 2.12
CA ARG I 22 32.61 15.95 1.81
C ARG I 22 32.92 16.90 2.96
N GLY I 23 33.80 16.46 3.87
CA GLY I 23 34.16 17.26 5.02
C GLY I 23 33.80 16.60 6.33
N VAL I 24 33.77 15.27 6.34
CA VAL I 24 33.46 14.52 7.56
C VAL I 24 34.62 14.67 8.54
N GLU I 25 34.34 15.25 9.70
CA GLU I 25 35.37 15.46 10.72
C GLU I 25 35.58 14.15 11.47
N VAL I 26 36.76 13.55 11.31
CA VAL I 26 37.13 12.33 12.02
C VAL I 26 38.15 12.67 13.09
N VAL I 27 38.53 11.67 13.88
CA VAL I 27 39.47 11.89 14.99
C VAL I 27 40.84 12.24 14.46
N ASN I 28 41.44 11.33 13.68
CA ASN I 28 42.77 11.54 13.13
C ASN I 28 42.77 11.12 11.67
N ALA I 29 43.73 11.69 10.92
CA ALA I 29 43.87 11.40 9.51
C ALA I 29 45.31 11.65 9.09
N THR I 30 45.75 10.94 8.06
CA THR I 30 47.11 11.06 7.54
C THR I 30 47.06 11.47 6.07
N GLU I 31 48.23 11.84 5.55
CA GLU I 31 48.36 12.30 4.17
C GLU I 31 48.78 11.14 3.27
N THR I 32 48.21 11.11 2.07
CA THR I 32 48.53 10.08 1.07
C THR I 32 49.23 10.64 -0.16
N VAL I 33 49.20 11.95 -0.37
CA VAL I 33 49.83 12.58 -1.52
C VAL I 33 51.09 13.30 -1.04
N GLU I 34 52.24 12.86 -1.54
CA GLU I 34 53.51 13.43 -1.11
C GLU I 34 53.74 14.79 -1.77
N ARG I 35 54.23 15.75 -0.97
CA ARG I 35 54.60 17.06 -1.47
C ARG I 35 56.00 17.51 -1.05
N THR I 36 56.56 16.94 0.02
CA THR I 36 57.90 17.34 0.45
C THR I 36 58.94 16.84 -0.53
N ASN I 37 59.83 17.74 -0.97
CA ASN I 37 60.86 17.42 -1.94
C ASN I 37 62.23 17.76 -1.36
N ILE I 38 63.19 16.86 -1.57
CA ILE I 38 64.57 17.08 -1.19
C ILE I 38 65.28 17.77 -2.36
N PRO I 39 65.72 19.02 -2.23
CA PRO I 39 66.32 19.72 -3.38
C PRO I 39 67.74 19.27 -3.70
N ARG I 40 67.98 17.96 -3.61
CA ARG I 40 69.28 17.39 -3.93
C ARG I 40 69.08 16.04 -4.60
N ILE I 41 70.11 15.61 -5.34
CA ILE I 41 70.09 14.31 -6.00
C ILE I 41 70.69 13.31 -5.02
N CYS I 42 69.82 12.52 -4.38
CA CYS I 42 70.26 11.53 -3.41
C CYS I 42 70.90 10.35 -4.13
N SER I 43 72.21 10.20 -3.99
CA SER I 43 72.98 9.18 -4.69
C SER I 43 73.78 8.30 -3.72
N LYS I 44 73.25 8.10 -2.52
CA LYS I 44 73.92 7.26 -1.54
C LYS I 44 73.86 5.81 -1.97
N GLY I 45 75.03 5.19 -2.16
CA GLY I 45 75.08 3.79 -2.57
C GLY I 45 74.94 3.55 -4.05
N LYS I 46 75.12 4.58 -4.88
CA LYS I 46 74.99 4.45 -6.33
C LYS I 46 76.20 5.07 -7.01
N ARG I 47 76.71 4.37 -8.02
CA ARG I 47 77.78 4.92 -8.86
C ARG I 47 77.19 6.04 -9.72
N THR I 48 77.58 7.27 -9.42
CA THR I 48 77.01 8.46 -10.06
C THR I 48 78.08 9.18 -10.86
N VAL I 49 77.73 9.57 -12.08
CA VAL I 49 78.61 10.34 -12.95
C VAL I 49 77.88 11.63 -13.30
N ASP I 50 78.34 12.75 -12.76
CA ASP I 50 77.79 14.07 -13.08
C ASP I 50 78.50 14.57 -14.34
N LEU I 51 77.77 14.57 -15.46
CA LEU I 51 78.38 14.94 -16.73
C LEU I 51 78.84 16.38 -16.73
N GLY I 52 78.11 17.27 -16.07
CA GLY I 52 78.52 18.66 -16.01
C GLY I 52 78.43 19.33 -17.37
N GLN I 53 79.54 19.93 -17.79
CA GLN I 53 79.60 20.59 -19.09
C GLN I 53 79.70 19.62 -20.26
N CYS I 54 79.88 18.33 -19.99
CA CYS I 54 79.98 17.32 -21.04
C CYS I 54 78.60 16.79 -21.39
N GLY I 55 78.29 16.78 -22.69
CA GLY I 55 77.04 16.22 -23.16
C GLY I 55 77.08 14.70 -23.18
N LEU I 56 75.90 14.09 -23.02
CA LEU I 56 75.83 12.63 -22.97
C LEU I 56 76.26 12.00 -24.29
N LEU I 57 75.85 12.59 -25.42
CA LEU I 57 76.25 12.05 -26.71
C LEU I 57 77.73 12.27 -26.98
N GLY I 58 78.28 13.38 -26.50
CA GLY I 58 79.69 13.65 -26.71
C GLY I 58 80.60 12.55 -26.17
N THR I 59 80.16 11.86 -25.12
CA THR I 59 80.93 10.76 -24.56
C THR I 59 81.24 9.69 -25.60
N ILE I 60 80.50 9.64 -26.70
CA ILE I 60 80.80 8.70 -27.78
C ILE I 60 81.76 9.30 -28.80
N THR I 61 81.65 10.61 -29.06
CA THR I 61 82.53 11.27 -30.01
C THR I 61 83.78 11.84 -29.36
N GLY I 62 83.64 12.38 -28.15
CA GLY I 62 84.77 12.83 -27.38
C GLY I 62 85.23 14.24 -27.68
N PRO I 63 84.44 15.24 -27.31
CA PRO I 63 84.93 16.62 -27.32
C PRO I 63 85.85 16.87 -26.14
N PRO I 64 86.52 18.01 -26.08
CA PRO I 64 87.40 18.28 -24.93
C PRO I 64 86.69 18.15 -23.58
N GLN I 65 85.51 18.77 -23.44
CA GLN I 65 84.80 18.74 -22.16
C GLN I 65 84.38 17.33 -21.75
N CYS I 66 84.43 16.36 -22.66
CA CYS I 66 84.11 14.97 -22.36
C CYS I 66 85.34 14.08 -22.29
N ASP I 67 86.53 14.67 -22.24
CA ASP I 67 87.74 13.86 -22.22
C ASP I 67 87.82 12.94 -21.00
N GLN I 68 87.13 13.28 -19.91
CA GLN I 68 87.11 12.45 -18.72
C GLN I 68 85.83 11.61 -18.62
N PHE I 69 85.10 11.46 -19.73
CA PHE I 69 83.87 10.67 -19.74
C PHE I 69 83.84 9.72 -20.94
N LEU I 70 85.02 9.35 -21.45
CA LEU I 70 85.07 8.51 -22.64
C LEU I 70 84.74 7.06 -22.32
N GLU I 71 85.10 6.57 -21.14
CA GLU I 71 84.82 5.20 -20.72
C GLU I 71 84.31 5.20 -19.28
N PHE I 72 83.24 5.96 -19.04
CA PHE I 72 82.70 6.07 -17.70
C PHE I 72 81.88 4.82 -17.35
N SER I 73 81.58 4.68 -16.07
CA SER I 73 80.76 3.58 -15.57
C SER I 73 79.95 4.10 -14.39
N ALA I 74 78.63 3.91 -14.45
CA ALA I 74 77.77 4.46 -13.41
C ALA I 74 76.46 3.70 -13.38
N ASP I 75 75.75 3.86 -12.26
CA ASP I 75 74.38 3.38 -12.11
C ASP I 75 73.36 4.50 -12.23
N LEU I 76 73.79 5.75 -12.11
CA LEU I 76 72.91 6.91 -12.22
C LEU I 76 73.63 7.99 -13.01
N ILE I 77 73.10 8.34 -14.17
CA ILE I 77 73.68 9.35 -15.04
C ILE I 77 72.88 10.64 -14.89
N ILE I 78 73.58 11.75 -14.69
CA ILE I 78 72.96 13.06 -14.50
C ILE I 78 73.39 13.97 -15.65
N GLU I 79 72.42 14.54 -16.34
CA GLU I 79 72.66 15.49 -17.41
C GLU I 79 72.46 16.90 -16.87
N ARG I 80 73.40 17.80 -17.18
CA ARG I 80 73.35 19.18 -16.74
C ARG I 80 72.96 20.08 -17.92
N ARG I 81 72.43 21.26 -17.57
CA ARG I 81 71.96 22.18 -18.60
C ARG I 81 73.09 22.84 -19.35
N GLU I 82 74.28 22.95 -18.76
CA GLU I 82 75.44 23.51 -19.43
C GLU I 82 76.20 22.48 -20.26
N GLY I 83 75.66 21.27 -20.40
CA GLY I 83 76.34 20.26 -21.18
C GLY I 83 76.25 20.54 -22.67
N SER I 84 77.28 20.09 -23.40
CA SER I 84 77.35 20.27 -24.84
C SER I 84 77.85 19.00 -25.48
N ASP I 85 77.10 18.49 -26.45
CA ASP I 85 77.48 17.26 -27.15
C ASP I 85 78.60 17.47 -28.15
N VAL I 86 78.80 18.70 -28.61
CA VAL I 86 79.75 18.97 -29.69
C VAL I 86 80.67 20.12 -29.30
N CYS I 87 81.89 20.10 -29.84
CA CYS I 87 82.80 21.23 -29.80
C CYS I 87 82.86 21.96 -31.13
N TYR I 88 82.98 21.22 -32.23
CA TYR I 88 82.71 21.77 -33.55
C TYR I 88 81.21 21.76 -33.80
N PRO I 89 80.65 22.85 -34.34
CA PRO I 89 79.19 22.93 -34.48
C PRO I 89 78.64 21.82 -35.34
N GLY I 90 77.76 21.00 -34.75
CA GLY I 90 77.16 19.89 -35.44
C GLY I 90 75.86 19.48 -34.77
N LYS I 91 75.39 18.29 -35.15
CA LYS I 91 74.13 17.77 -34.62
C LYS I 91 74.09 16.26 -34.83
N PHE I 92 73.38 15.57 -33.94
CA PHE I 92 73.18 14.13 -34.02
C PHE I 92 71.85 13.81 -34.67
N VAL I 93 71.86 12.83 -35.56
CA VAL I 93 70.63 12.31 -36.16
C VAL I 93 70.09 11.21 -35.25
N ASN I 94 68.79 11.28 -34.96
CA ASN I 94 68.17 10.44 -33.93
C ASN I 94 68.90 10.59 -32.60
N GLU I 95 69.03 11.85 -32.16
CA GLU I 95 69.80 12.13 -30.96
C GLU I 95 69.09 11.64 -29.71
N GLU I 96 67.77 11.81 -29.64
CA GLU I 96 67.04 11.45 -28.42
C GLU I 96 67.04 9.95 -28.20
N ALA I 97 66.95 9.17 -29.29
CA ALA I 97 67.00 7.71 -29.16
C ALA I 97 68.36 7.27 -28.61
N LEU I 98 69.45 7.85 -29.13
CA LEU I 98 70.77 7.51 -28.63
C LEU I 98 70.94 7.96 -27.18
N ARG I 99 70.34 9.08 -26.81
CA ARG I 99 70.35 9.51 -25.41
C ARG I 99 69.65 8.48 -24.52
N GLN I 100 68.47 8.03 -24.94
CA GLN I 100 67.74 7.02 -24.17
C GLN I 100 68.50 5.70 -24.12
N ILE I 101 69.31 5.42 -25.14
CA ILE I 101 70.14 4.21 -25.11
C ILE I 101 71.28 4.37 -24.10
N LEU I 102 71.92 5.54 -24.09
CA LEU I 102 73.07 5.76 -23.20
C LEU I 102 72.67 5.97 -21.75
N ARG I 103 71.43 6.39 -21.48
CA ARG I 103 71.01 6.61 -20.10
C ARG I 103 70.96 5.30 -19.33
N GLU I 104 70.41 4.25 -19.93
CA GLU I 104 70.32 2.94 -19.30
C GLU I 104 71.45 2.01 -19.71
N SER I 105 72.56 2.57 -20.20
CA SER I 105 73.66 1.76 -20.70
C SER I 105 74.58 1.26 -19.59
N GLY I 106 74.56 1.90 -18.42
CA GLY I 106 75.47 1.53 -17.36
C GLY I 106 76.92 1.86 -17.63
N GLY I 107 77.18 2.80 -18.53
CA GLY I 107 78.51 3.15 -18.94
C GLY I 107 78.83 2.67 -20.34
N ILE I 108 79.97 3.15 -20.85
CA ILE I 108 80.43 2.80 -22.19
C ILE I 108 81.86 2.30 -22.11
N ASP I 109 82.20 1.38 -23.02
CA ASP I 109 83.54 0.81 -23.10
C ASP I 109 84.01 0.92 -24.55
N LYS I 110 85.06 1.71 -24.77
CA LYS I 110 85.59 1.95 -26.10
C LYS I 110 86.57 0.84 -26.49
N GLU I 111 86.65 0.59 -27.80
CA GLU I 111 87.58 -0.40 -28.34
C GLU I 111 88.02 0.07 -29.71
N ALA I 112 89.32 -0.05 -29.98
CA ALA I 112 89.87 0.40 -31.26
C ALA I 112 89.28 -0.41 -32.41
N MET I 113 88.70 0.31 -33.39
CA MET I 113 88.11 -0.35 -34.54
C MET I 113 89.13 -0.84 -35.54
N GLY I 114 90.37 -0.36 -35.46
CA GLY I 114 91.43 -0.82 -36.33
C GLY I 114 91.29 -0.38 -37.77
N PHE I 115 91.16 0.93 -38.00
CA PHE I 115 91.07 1.48 -39.33
C PHE I 115 92.40 2.12 -39.70
N THR I 116 93.06 1.57 -40.72
CA THR I 116 94.31 2.11 -41.23
C THR I 116 94.05 2.87 -42.53
N TYR I 117 94.83 3.92 -42.75
CA TYR I 117 94.66 4.80 -43.89
C TYR I 117 95.99 4.96 -44.63
N SER I 118 95.90 5.32 -45.91
CA SER I 118 97.09 5.43 -46.75
C SER I 118 96.79 6.40 -47.89
N GLY I 119 97.51 7.51 -47.95
CA GLY I 119 97.42 8.43 -49.06
C GLY I 119 96.66 9.71 -48.83
N ILE I 120 96.20 9.97 -47.59
CA ILE I 120 95.46 11.18 -47.27
C ILE I 120 96.03 11.76 -45.98
N ARG I 121 95.52 12.93 -45.60
CA ARG I 121 95.90 13.60 -44.37
C ARG I 121 94.80 13.38 -43.34
N THR I 122 95.14 12.71 -42.24
CA THR I 122 94.16 12.26 -41.26
C THR I 122 94.11 13.11 -39.99
N ASN I 123 95.00 14.08 -39.85
CA ASN I 123 95.03 14.92 -38.64
C ASN I 123 94.22 16.21 -38.80
N GLY I 124 93.02 16.11 -39.37
CA GLY I 124 92.18 17.30 -39.51
C GLY I 124 91.65 17.72 -38.15
N ALA I 125 91.82 19.01 -37.84
CA ALA I 125 91.42 19.55 -36.54
C ALA I 125 90.74 20.90 -36.75
N THR I 126 90.33 21.52 -35.66
CA THR I 126 89.67 22.81 -35.70
C THR I 126 90.01 23.58 -34.43
N SER I 127 89.83 24.91 -34.50
CA SER I 127 90.14 25.78 -33.38
C SER I 127 89.11 25.70 -32.26
N ALA I 128 87.89 25.24 -32.56
CA ALA I 128 86.86 25.17 -31.53
C ALA I 128 87.12 24.04 -30.54
N CYS I 129 87.61 22.91 -31.03
CA CYS I 129 87.90 21.75 -30.16
C CYS I 129 89.33 21.87 -29.64
N ARG I 130 89.52 22.85 -28.76
CA ARG I 130 90.85 23.17 -28.26
C ARG I 130 91.24 22.27 -27.10
N ARG I 131 92.46 21.72 -27.17
CA ARG I 131 93.07 21.04 -26.04
C ARG I 131 94.34 21.78 -25.69
N SER I 132 95.52 21.23 -26.02
CA SER I 132 96.75 22.01 -25.91
C SER I 132 96.75 23.15 -26.92
N GLY I 133 96.54 22.84 -28.20
CA GLY I 133 96.31 23.84 -29.22
C GLY I 133 94.96 23.65 -29.87
N SER I 134 94.95 23.42 -31.18
CA SER I 134 93.73 23.08 -31.91
C SER I 134 93.69 21.58 -32.14
N SER I 135 92.56 20.96 -31.79
CA SER I 135 92.42 19.51 -31.88
C SER I 135 91.06 19.19 -32.49
N PHE I 136 90.63 17.94 -32.33
CA PHE I 136 89.38 17.45 -32.89
C PHE I 136 88.75 16.51 -31.86
N TYR I 137 87.72 15.79 -32.28
CA TYR I 137 87.09 14.82 -31.39
C TYR I 137 88.05 13.68 -31.08
N ALA I 138 88.04 13.24 -29.82
CA ALA I 138 89.01 12.23 -29.38
C ALA I 138 88.74 10.87 -29.99
N GLU I 139 87.47 10.55 -30.26
CA GLU I 139 87.11 9.25 -30.81
C GLU I 139 86.85 9.29 -32.31
N MET I 140 87.11 10.41 -32.97
CA MET I 140 86.87 10.58 -34.39
C MET I 140 88.15 11.02 -35.09
N LYS I 141 88.14 10.91 -36.41
CA LYS I 141 89.27 11.32 -37.24
C LYS I 141 88.74 12.03 -38.48
N TRP I 142 89.01 13.32 -38.58
CA TRP I 142 88.58 14.13 -39.72
C TRP I 142 89.41 13.74 -40.94
N LEU I 143 88.77 13.13 -41.94
CA LEU I 143 89.47 12.64 -43.12
C LEU I 143 89.48 13.73 -44.19
N LEU I 144 90.66 14.25 -44.50
CA LEU I 144 90.86 15.27 -45.51
C LEU I 144 91.71 14.72 -46.64
N SER I 145 91.90 15.53 -47.68
CA SER I 145 92.81 15.16 -48.75
C SER I 145 94.26 15.37 -48.30
N ASN I 146 95.19 14.87 -49.13
CA ASN I 146 96.59 14.86 -48.71
C ASN I 146 97.18 16.27 -48.71
N THR I 147 96.94 17.04 -49.78
CA THR I 147 97.51 18.37 -49.89
C THR I 147 96.39 19.42 -49.76
N ASP I 148 96.67 20.64 -50.22
CA ASP I 148 95.72 21.74 -50.06
C ASP I 148 94.47 21.53 -50.91
N ASN I 149 94.58 20.81 -52.03
CA ASN I 149 93.42 20.47 -52.84
C ASN I 149 93.47 19.00 -53.21
N ALA I 150 94.31 18.66 -54.20
CA ALA I 150 94.57 17.28 -54.58
C ALA I 150 93.31 16.50 -54.93
N ALA I 151 93.41 15.18 -54.88
CA ALA I 151 92.29 14.29 -55.17
C ALA I 151 92.20 13.25 -54.07
N PHE I 152 91.11 13.27 -53.32
CA PHE I 152 90.87 12.32 -52.25
C PHE I 152 90.59 10.95 -52.85
N PRO I 153 91.44 9.95 -52.65
CA PRO I 153 91.19 8.63 -53.24
C PRO I 153 90.01 7.93 -52.59
N GLN I 154 89.34 7.12 -53.39
CA GLN I 154 88.20 6.34 -52.90
C GLN I 154 88.68 5.29 -51.91
N MET I 155 88.02 5.22 -50.75
CA MET I 155 88.43 4.31 -49.70
C MET I 155 87.22 3.53 -49.18
N THR I 156 87.48 2.34 -48.67
CA THR I 156 86.45 1.45 -48.13
C THR I 156 87.00 0.80 -46.87
N LYS I 157 86.29 0.98 -45.76
CA LYS I 157 86.72 0.46 -44.46
C LYS I 157 85.61 -0.41 -43.88
N SER I 158 85.95 -1.63 -43.49
CA SER I 158 85.00 -2.58 -42.94
C SER I 158 85.36 -2.91 -41.50
N TYR I 159 84.34 -3.15 -40.68
CA TYR I 159 84.55 -3.48 -39.27
C TYR I 159 83.56 -4.56 -38.86
N LYS I 160 84.07 -5.61 -38.22
CA LYS I 160 83.24 -6.72 -37.74
C LYS I 160 83.19 -6.68 -36.22
N ASN I 161 81.98 -6.80 -35.67
CA ASN I 161 81.78 -6.82 -34.22
C ASN I 161 82.13 -8.20 -33.70
N THR I 162 83.33 -8.33 -33.13
CA THR I 162 83.83 -9.61 -32.62
C THR I 162 83.57 -9.79 -31.13
N ARG I 163 82.49 -9.21 -30.61
CA ARG I 163 82.15 -9.33 -29.20
C ARG I 163 80.69 -9.77 -29.08
N LYS I 164 80.33 -10.21 -27.87
CA LYS I 164 79.01 -10.76 -27.61
C LYS I 164 77.93 -9.71 -27.40
N SER I 165 78.28 -8.43 -27.40
CA SER I 165 77.30 -7.37 -27.21
C SER I 165 77.25 -6.46 -28.42
N PRO I 166 76.10 -5.85 -28.69
CA PRO I 166 76.02 -4.92 -29.83
C PRO I 166 76.94 -3.73 -29.65
N ALA I 167 77.52 -3.28 -30.76
CA ALA I 167 78.45 -2.16 -30.76
C ALA I 167 77.76 -0.90 -31.25
N LEU I 168 78.20 0.24 -30.73
CA LEU I 168 77.68 1.54 -31.12
C LEU I 168 78.68 2.21 -32.05
N ILE I 169 78.30 2.35 -33.32
CA ILE I 169 79.16 2.95 -34.34
C ILE I 169 78.63 4.33 -34.66
N VAL I 170 79.51 5.33 -34.62
CA VAL I 170 79.16 6.72 -34.87
C VAL I 170 80.16 7.30 -35.86
N TRP I 171 79.65 7.86 -36.95
CA TRP I 171 80.46 8.55 -37.94
C TRP I 171 79.87 9.95 -38.18
N GLY I 172 80.50 10.70 -39.07
CA GLY I 172 80.08 12.06 -39.33
C GLY I 172 80.26 12.45 -40.78
N ILE I 173 79.36 13.29 -41.26
CA ILE I 173 79.41 13.85 -42.61
C ILE I 173 79.65 15.35 -42.48
N HIS I 174 80.72 15.83 -43.11
CA HIS I 174 81.13 17.22 -42.98
C HIS I 174 80.44 18.09 -44.02
N HIS I 175 80.00 19.27 -43.59
CA HIS I 175 79.34 20.25 -44.46
C HIS I 175 80.14 21.55 -44.36
N SER I 176 80.84 21.90 -45.44
CA SER I 176 81.74 23.04 -45.42
C SER I 176 80.98 24.36 -45.58
N VAL I 177 81.73 25.46 -45.53
CA VAL I 177 81.15 26.80 -45.64
C VAL I 177 80.91 27.21 -47.10
N SER I 178 81.23 26.35 -48.05
CA SER I 178 80.93 26.57 -49.46
C SER I 178 81.37 25.34 -50.23
N THR I 179 80.96 25.28 -51.50
CA THR I 179 81.45 24.22 -52.37
C THR I 179 82.94 24.38 -52.66
N ALA I 180 83.45 25.60 -52.61
CA ALA I 180 84.87 25.82 -52.81
C ALA I 180 85.69 25.21 -51.68
N GLU I 181 85.21 25.34 -50.44
CA GLU I 181 85.90 24.73 -49.31
C GLU I 181 85.81 23.21 -49.37
N GLN I 182 84.69 22.68 -49.88
CA GLN I 182 84.59 21.23 -50.06
C GLN I 182 85.55 20.74 -51.13
N THR I 183 85.72 21.50 -52.20
CA THR I 183 86.72 21.16 -53.21
C THR I 183 88.14 21.35 -52.70
N LYS I 184 88.34 22.21 -51.70
CA LYS I 184 89.67 22.37 -51.11
C LYS I 184 90.00 21.21 -50.19
N LEU I 185 89.08 20.85 -49.29
CA LEU I 185 89.36 19.81 -48.31
C LEU I 185 89.36 18.41 -48.92
N TYR I 186 88.53 18.16 -49.93
CA TYR I 186 88.36 16.82 -50.46
C TYR I 186 88.42 16.72 -51.98
N GLY I 187 88.27 17.81 -52.70
CA GLY I 187 88.32 17.79 -54.16
C GLY I 187 86.96 18.04 -54.78
N SER I 188 86.98 18.20 -56.10
CA SER I 188 85.75 18.46 -56.85
C SER I 188 85.00 17.15 -57.11
N GLY I 189 83.77 17.29 -57.60
CA GLY I 189 82.94 16.14 -57.88
C GLY I 189 81.94 15.87 -56.78
N ASN I 190 80.91 15.11 -57.11
CA ASN I 190 79.85 14.76 -56.17
C ASN I 190 80.40 13.77 -55.14
N LYS I 191 80.71 14.26 -53.95
CA LYS I 191 81.16 13.39 -52.87
C LYS I 191 80.02 12.50 -52.40
N LEU I 192 80.37 11.29 -51.99
CA LEU I 192 79.38 10.28 -51.63
C LEU I 192 79.90 9.45 -50.46
N VAL I 193 79.04 9.22 -49.47
CA VAL I 193 79.38 8.39 -48.32
C VAL I 193 78.33 7.31 -48.17
N THR I 194 78.77 6.05 -48.10
CA THR I 194 77.89 4.90 -48.03
C THR I 194 78.23 4.06 -46.80
N VAL I 195 77.18 3.58 -46.12
CA VAL I 195 77.31 2.71 -44.96
C VAL I 195 76.35 1.54 -45.13
N GLY I 196 76.79 0.35 -44.74
CA GLY I 196 75.96 -0.83 -44.90
C GLY I 196 76.19 -1.84 -43.80
N SER I 197 75.14 -2.61 -43.50
CA SER I 197 75.25 -3.69 -42.52
C SER I 197 74.13 -4.69 -42.80
N SER I 198 73.67 -5.39 -41.75
CA SER I 198 72.66 -6.43 -41.90
C SER I 198 71.24 -5.89 -41.78
N ASN I 199 70.98 -5.06 -40.77
CA ASN I 199 69.67 -4.46 -40.56
C ASN I 199 69.74 -2.93 -40.64
N TYR I 200 70.62 -2.41 -41.50
CA TYR I 200 70.79 -0.98 -41.67
C TYR I 200 71.40 -0.72 -43.03
N GLN I 201 70.83 0.23 -43.76
CA GLN I 201 71.46 0.79 -44.96
C GLN I 201 70.93 2.20 -45.15
N GLN I 202 71.83 3.17 -45.14
CA GLN I 202 71.50 4.54 -45.46
C GLN I 202 72.52 5.04 -46.48
N SER I 203 72.52 6.34 -46.76
CA SER I 203 73.43 6.89 -47.75
C SER I 203 73.49 8.40 -47.55
N PHE I 204 74.67 8.92 -47.28
CA PHE I 204 74.83 10.30 -46.86
C PHE I 204 75.64 11.08 -47.87
N VAL I 205 75.16 12.28 -48.16
CA VAL I 205 75.79 13.22 -49.09
C VAL I 205 75.89 14.57 -48.37
N PRO I 206 77.04 15.23 -48.38
CA PRO I 206 77.15 16.54 -47.73
C PRO I 206 76.40 17.61 -48.50
N SER I 207 76.33 18.79 -47.87
CA SER I 207 75.58 19.93 -48.42
C SER I 207 76.35 21.20 -48.12
N PRO I 208 77.30 21.56 -48.98
CA PRO I 208 78.03 22.81 -48.76
C PRO I 208 77.16 24.02 -49.06
N GLY I 209 77.25 25.02 -48.19
CA GLY I 209 76.48 26.23 -48.35
C GLY I 209 76.92 27.26 -47.33
N ALA I 210 76.04 28.21 -47.03
CA ALA I 210 76.35 29.24 -46.06
C ALA I 210 75.41 29.12 -44.86
N ARG I 211 75.96 29.31 -43.66
CA ARG I 211 75.18 29.29 -42.44
C ARG I 211 75.68 30.41 -41.52
N THR I 212 75.21 30.40 -40.28
CA THR I 212 75.67 31.34 -39.27
C THR I 212 76.92 30.78 -38.58
N GLN I 213 77.53 31.59 -37.72
CA GLN I 213 78.81 31.26 -37.11
C GLN I 213 78.62 30.82 -35.67
N VAL I 214 78.27 29.54 -35.51
CA VAL I 214 78.30 28.91 -34.20
C VAL I 214 79.74 28.53 -33.88
N ASN I 215 80.22 28.96 -32.71
CA ASN I 215 81.65 28.85 -32.36
C ASN I 215 82.52 29.56 -33.38
N GLY I 216 81.99 30.60 -34.02
CA GLY I 216 82.68 31.30 -35.08
C GLY I 216 82.82 30.53 -36.37
N LEU I 217 82.21 29.36 -36.47
CA LEU I 217 82.32 28.50 -37.65
C LEU I 217 80.96 28.36 -38.32
N SER I 218 80.95 28.41 -39.65
CA SER I 218 79.74 28.23 -40.42
C SER I 218 79.61 26.82 -41.01
N GLY I 219 80.60 25.96 -40.77
CA GLY I 219 80.50 24.58 -41.21
C GLY I 219 79.88 23.70 -40.13
N ARG I 220 79.22 22.63 -40.58
CA ARG I 220 78.54 21.71 -39.69
C ARG I 220 79.09 20.30 -39.87
N ILE I 221 78.74 19.42 -38.93
CA ILE I 221 79.13 18.02 -38.97
C ILE I 221 77.95 17.19 -38.48
N ASP I 222 77.36 16.39 -39.36
CA ASP I 222 76.27 15.50 -38.98
C ASP I 222 76.84 14.24 -38.34
N PHE I 223 76.27 13.84 -37.20
CA PHE I 223 76.70 12.64 -36.50
C PHE I 223 75.62 11.58 -36.64
N HIS I 224 75.99 10.45 -37.23
CA HIS I 224 75.08 9.32 -37.42
C HIS I 224 75.61 8.11 -36.66
N TRP I 225 74.72 7.17 -36.38
CA TRP I 225 75.07 6.04 -35.54
C TRP I 225 74.21 4.84 -35.89
N LEU I 226 74.76 3.64 -35.69
CA LEU I 226 74.00 2.41 -35.81
C LEU I 226 74.55 1.41 -34.81
N MET I 227 73.76 0.36 -34.55
CA MET I 227 74.09 -0.67 -33.59
C MET I 227 74.42 -1.96 -34.33
N LEU I 228 75.69 -2.35 -34.33
CA LEU I 228 76.11 -3.61 -34.92
C LEU I 228 75.79 -4.76 -33.98
N ASN I 229 75.35 -5.87 -34.55
CA ASN I 229 75.08 -7.08 -33.80
C ASN I 229 76.34 -7.94 -33.72
N PRO I 230 76.39 -8.89 -32.79
CA PRO I 230 77.54 -9.80 -32.75
C PRO I 230 77.74 -10.54 -34.06
N ASN I 231 79.01 -10.60 -34.50
CA ASN I 231 79.42 -11.23 -35.75
C ASN I 231 78.85 -10.54 -36.98
N ASP I 232 78.17 -9.42 -36.79
CA ASP I 232 77.69 -8.61 -37.89
C ASP I 232 78.77 -7.63 -38.33
N THR I 233 78.77 -7.28 -39.61
CA THR I 233 79.81 -6.47 -40.21
C THR I 233 79.21 -5.19 -40.78
N VAL I 234 79.91 -4.08 -40.58
CA VAL I 234 79.54 -2.79 -41.15
C VAL I 234 80.61 -2.40 -42.18
N THR I 235 80.17 -1.70 -43.22
CA THR I 235 81.04 -1.31 -44.32
C THR I 235 80.83 0.15 -44.67
N PHE I 236 81.94 0.84 -44.92
CA PHE I 236 81.94 2.25 -45.29
C PHE I 236 82.64 2.42 -46.62
N SER I 237 82.00 3.14 -47.55
CA SER I 237 82.59 3.46 -48.83
C SER I 237 82.52 4.97 -49.02
N PHE I 238 83.67 5.64 -48.98
CA PHE I 238 83.69 7.10 -48.97
C PHE I 238 84.81 7.60 -49.87
N ASN I 239 84.82 8.93 -50.07
CA ASN I 239 85.93 9.55 -50.80
C ASN I 239 86.13 11.01 -50.40
N GLY I 240 85.63 11.46 -49.27
CA GLY I 240 85.72 12.84 -48.86
C GLY I 240 84.58 13.22 -47.96
N ALA I 241 84.79 14.28 -47.18
CA ALA I 241 83.80 14.80 -46.23
C ALA I 241 83.35 13.69 -45.27
N PHE I 242 84.33 13.04 -44.66
CA PHE I 242 84.06 11.88 -43.80
C PHE I 242 84.76 12.06 -42.46
N ILE I 243 84.00 11.98 -41.39
CA ILE I 243 84.53 11.98 -40.02
C ILE I 243 84.52 10.53 -39.59
N ALA I 244 85.67 9.87 -39.74
CA ALA I 244 85.73 8.43 -39.55
C ALA I 244 85.75 8.07 -38.07
N PRO I 245 85.13 6.97 -37.68
CA PRO I 245 85.22 6.52 -36.29
C PRO I 245 86.52 5.79 -36.02
N ASP I 246 87.11 6.07 -34.86
CA ASP I 246 88.35 5.43 -34.45
C ASP I 246 88.16 4.39 -33.35
N ARG I 247 87.18 4.58 -32.47
CA ARG I 247 86.90 3.63 -31.40
C ARG I 247 85.39 3.44 -31.28
N ALA I 248 84.96 2.19 -31.22
CA ALA I 248 83.55 1.86 -31.06
C ALA I 248 83.21 1.77 -29.57
N SER I 249 81.92 1.86 -29.28
CA SER I 249 81.41 1.85 -27.92
C SER I 249 80.63 0.56 -27.66
N PHE I 250 80.69 0.10 -26.41
CA PHE I 250 79.96 -1.09 -25.98
C PHE I 250 79.29 -0.79 -24.65
N LEU I 251 78.01 -1.17 -24.54
CA LEU I 251 77.26 -0.90 -23.32
C LEU I 251 77.75 -1.81 -22.18
N ARG I 252 78.05 -1.21 -21.04
CA ARG I 252 78.57 -1.98 -19.91
C ARG I 252 77.48 -2.83 -19.27
N GLY I 253 76.43 -2.19 -18.77
CA GLY I 253 75.36 -2.92 -18.12
C GLY I 253 74.03 -2.20 -18.12
N LYS I 254 73.59 -1.72 -16.95
CA LYS I 254 72.30 -1.08 -16.80
C LYS I 254 72.42 0.06 -15.81
N SER I 255 71.70 1.15 -16.07
CA SER I 255 71.72 2.33 -15.21
C SER I 255 70.44 3.12 -15.43
N MET I 256 70.43 4.37 -14.97
CA MET I 256 69.30 5.26 -15.12
C MET I 256 69.81 6.66 -15.43
N GLY I 257 69.10 7.36 -16.31
CA GLY I 257 69.48 8.70 -16.69
C GLY I 257 68.46 9.75 -16.28
N ILE I 258 68.92 10.82 -15.63
CA ILE I 258 68.06 11.89 -15.17
C ILE I 258 68.62 13.23 -15.63
N GLN I 259 67.74 14.22 -15.71
CA GLN I 259 68.11 15.59 -16.02
C GLN I 259 67.77 16.45 -14.81
N SER I 260 68.78 17.01 -14.15
CA SER I 260 68.59 17.79 -12.94
C SER I 260 69.47 19.03 -12.98
N GLY I 261 69.20 19.93 -12.05
CA GLY I 261 69.98 21.15 -11.92
C GLY I 261 70.36 21.45 -10.49
N VAL I 262 70.19 20.48 -9.60
CA VAL I 262 70.53 20.65 -8.19
C VAL I 262 71.81 19.88 -7.90
N GLN I 263 72.30 19.97 -6.66
CA GLN I 263 73.56 19.36 -6.29
C GLN I 263 73.39 17.87 -6.03
N VAL I 264 74.53 17.18 -5.93
CA VAL I 264 74.57 15.75 -5.67
C VAL I 264 74.87 15.53 -4.20
N ASP I 265 74.04 14.71 -3.53
CA ASP I 265 74.19 14.42 -2.11
C ASP I 265 74.37 12.91 -1.94
N ALA I 266 75.43 12.53 -1.22
CA ALA I 266 75.77 11.13 -1.02
C ALA I 266 75.36 10.62 0.35
N ASN I 267 74.59 11.39 1.12
CA ASN I 267 74.14 10.95 2.44
C ASN I 267 72.67 10.54 2.45
N CYS I 268 71.84 11.11 1.60
CA CYS I 268 70.45 10.69 1.47
C CYS I 268 70.31 9.69 0.34
N GLU I 269 69.30 8.83 0.44
CA GLU I 269 69.09 7.76 -0.51
C GLU I 269 67.67 7.82 -1.04
N GLY I 270 67.51 7.59 -2.35
CA GLY I 270 66.20 7.60 -2.96
C GLY I 270 66.26 6.99 -4.34
N ASP I 271 65.10 6.53 -4.80
CA ASP I 271 64.96 5.93 -6.12
C ASP I 271 64.05 6.72 -7.04
N CYS I 272 63.50 7.85 -6.59
CA CYS I 272 62.64 8.70 -7.40
C CYS I 272 63.33 10.04 -7.59
N TYR I 273 63.54 10.42 -8.84
CA TYR I 273 64.28 11.64 -9.17
C TYR I 273 63.46 12.52 -10.11
N HIS I 274 63.73 13.81 -10.07
CA HIS I 274 63.18 14.77 -11.02
C HIS I 274 64.16 15.93 -11.12
N SER I 275 63.80 16.92 -11.94
CA SER I 275 64.71 18.04 -12.20
C SER I 275 64.89 18.93 -10.97
N GLY I 276 64.01 18.85 -9.99
CA GLY I 276 64.12 19.68 -8.80
C GLY I 276 64.80 18.99 -7.64
N GLY I 277 64.91 17.66 -7.69
CA GLY I 277 65.57 16.92 -6.63
C GLY I 277 65.16 15.47 -6.54
N THR I 278 65.04 14.96 -5.32
CA THR I 278 64.71 13.56 -5.07
C THR I 278 63.45 13.48 -4.22
N ILE I 279 62.54 12.59 -4.60
CA ILE I 279 61.29 12.37 -3.89
C ILE I 279 61.49 11.14 -3.02
N ILE I 280 61.68 11.35 -1.72
CA ILE I 280 61.84 10.28 -0.75
C ILE I 280 60.55 10.18 0.05
N SER I 281 59.77 9.14 -0.22
CA SER I 281 58.47 8.99 0.45
C SER I 281 58.01 7.55 0.33
N ASN I 282 57.13 7.15 1.24
CA ASN I 282 56.47 5.86 1.20
C ASN I 282 54.99 5.98 0.81
N LEU I 283 54.51 7.19 0.56
CA LEU I 283 53.12 7.39 0.20
C LEU I 283 52.87 6.88 -1.23
N PRO I 284 51.66 6.40 -1.51
CA PRO I 284 51.39 5.86 -2.85
C PRO I 284 51.24 6.91 -3.94
N PHE I 285 51.08 8.19 -3.59
CA PHE I 285 50.87 9.24 -4.57
C PHE I 285 51.79 10.41 -4.27
N GLN I 286 51.96 11.26 -5.28
CA GLN I 286 52.80 12.45 -5.15
C GLN I 286 52.29 13.52 -6.11
N ASN I 287 52.47 14.78 -5.71
CA ASN I 287 52.06 15.94 -6.49
C ASN I 287 53.22 16.92 -6.61
N ILE I 288 54.36 16.42 -7.06
CA ILE I 288 55.58 17.22 -7.20
C ILE I 288 55.96 17.40 -8.66
N ASP I 289 56.13 16.31 -9.39
CA ASP I 289 56.53 16.38 -10.79
C ASP I 289 55.89 15.22 -11.54
N SER I 290 55.14 15.53 -12.60
CA SER I 290 54.50 14.47 -13.39
C SER I 290 55.50 13.71 -14.24
N ARG I 291 56.71 14.24 -14.42
CA ARG I 291 57.75 13.60 -15.22
C ARG I 291 58.83 12.96 -14.35
N ALA I 292 58.52 12.63 -13.10
CA ALA I 292 59.49 11.98 -12.24
C ALA I 292 59.78 10.57 -12.72
N VAL I 293 61.05 10.20 -12.72
CA VAL I 293 61.49 8.92 -13.24
C VAL I 293 62.06 8.08 -12.10
N GLY I 294 62.12 6.77 -12.34
CA GLY I 294 62.58 5.83 -11.34
C GLY I 294 61.43 5.07 -10.71
N LYS I 295 61.57 4.71 -9.43
CA LYS I 295 60.51 4.02 -8.70
C LYS I 295 59.79 5.07 -7.86
N CYS I 296 58.85 5.75 -8.49
CA CYS I 296 58.14 6.90 -7.92
C CYS I 296 56.72 6.55 -7.53
N PRO I 297 56.14 7.28 -6.59
CA PRO I 297 54.68 7.21 -6.40
C PRO I 297 53.95 7.75 -7.61
N ARG I 298 52.72 7.29 -7.78
CA ARG I 298 51.93 7.68 -8.95
C ARG I 298 51.52 9.14 -8.83
N TYR I 299 51.82 9.91 -9.87
CA TYR I 299 51.50 11.34 -9.85
C TYR I 299 50.01 11.56 -9.98
N VAL I 300 49.49 12.47 -9.14
CA VAL I 300 48.09 12.85 -9.16
C VAL I 300 48.03 14.37 -9.16
N LYS I 301 46.88 14.89 -9.62
CA LYS I 301 46.68 16.33 -9.67
C LYS I 301 46.19 16.92 -8.36
N GLN I 302 45.63 16.10 -7.47
CA GLN I 302 45.20 16.59 -6.17
C GLN I 302 46.39 16.97 -5.31
N ARG I 303 46.27 18.08 -4.58
CA ARG I 303 47.34 18.50 -3.69
C ARG I 303 47.36 17.69 -2.40
N SER I 304 46.18 17.35 -1.88
CA SER I 304 46.08 16.60 -0.63
C SER I 304 44.88 15.68 -0.68
N LEU I 305 45.06 14.45 -0.19
CA LEU I 305 43.99 13.46 -0.08
C LEU I 305 44.15 12.79 1.29
N LEU I 306 43.41 13.30 2.27
CA LEU I 306 43.54 12.85 3.65
C LEU I 306 42.82 11.52 3.82
N LEU I 307 43.57 10.50 4.26
CA LEU I 307 43.00 9.20 4.58
C LEU I 307 42.65 9.16 6.06
N ALA I 308 41.44 8.70 6.37
CA ALA I 308 40.97 8.67 7.74
C ALA I 308 41.60 7.51 8.50
N THR I 309 42.20 7.82 9.66
CA THR I 309 42.79 6.80 10.51
C THR I 309 42.08 6.67 11.85
N GLY I 310 41.02 7.45 12.08
CA GLY I 310 40.25 7.36 13.30
C GLY I 310 38.76 7.29 13.01
N MET I 311 37.98 7.18 14.09
CA MET I 311 36.54 7.09 13.98
C MET I 311 35.93 8.46 13.70
N LYS I 312 34.63 8.49 13.51
CA LYS I 312 33.93 9.75 13.29
C LYS I 312 33.98 10.58 14.57
N ASN I 313 34.39 11.85 14.43
CA ASN I 313 34.53 12.72 15.57
C ASN I 313 33.19 13.36 15.89
N VAL I 314 32.62 13.03 17.05
CA VAL I 314 31.38 13.64 17.53
C VAL I 314 31.69 14.28 18.88
N PRO I 315 32.10 15.55 18.90
CA PRO I 315 32.50 16.18 20.16
C PRO I 315 31.35 16.34 21.15
N GLU I 316 31.65 16.88 22.33
CA GLU I 316 30.66 17.02 23.39
C GLU I 316 29.93 18.36 23.28
N ALA J 7 27.57 7.29 15.74
CA ALA J 7 27.06 8.64 15.71
C ALA J 7 25.54 8.65 15.53
N GLY J 8 24.89 7.66 16.12
CA GLY J 8 23.44 7.54 16.05
C GLY J 8 22.79 7.68 17.41
N PHE J 9 22.38 6.55 18.01
CA PHE J 9 21.79 6.60 19.34
C PHE J 9 22.83 6.89 20.42
N ILE J 10 24.11 6.86 20.08
CA ILE J 10 25.16 7.42 20.92
C ILE J 10 25.30 8.88 20.47
N GLU J 11 24.73 9.80 21.27
CA GLU J 11 24.58 11.17 20.80
C GLU J 11 25.91 11.86 20.56
N ASN J 12 26.93 11.53 21.34
CA ASN J 12 28.23 12.18 21.20
C ASN J 12 29.30 11.28 21.80
N GLY J 13 30.56 11.69 21.59
CA GLY J 13 31.69 10.95 22.11
C GLY J 13 32.20 11.51 23.43
N TRP J 14 33.11 10.76 24.03
CA TRP J 14 33.69 11.11 25.32
C TRP J 14 35.09 11.69 25.09
N GLU J 15 35.19 13.02 25.18
CA GLU J 15 36.49 13.66 25.03
C GLU J 15 37.43 13.35 26.19
N GLY J 16 36.88 13.01 27.36
CA GLY J 16 37.71 12.63 28.48
C GLY J 16 38.29 11.23 28.39
N LEU J 17 37.69 10.37 27.58
CA LEU J 17 38.19 9.01 27.37
C LEU J 17 39.47 9.07 26.56
N ILE J 18 40.60 9.08 27.25
CA ILE J 18 41.91 9.15 26.61
C ILE J 18 42.67 7.83 26.75
N ASP J 19 42.01 6.77 27.22
CA ASP J 19 42.65 5.48 27.41
C ASP J 19 42.47 4.54 26.23
N GLY J 20 41.42 4.71 25.43
CA GLY J 20 41.20 3.86 24.28
C GLY J 20 40.13 4.42 23.39
N TRP J 21 39.77 3.63 22.37
CA TRP J 21 38.73 4.06 21.44
C TRP J 21 37.34 3.80 22.00
N TYR J 22 37.14 2.66 22.66
CA TYR J 22 35.87 2.32 23.26
C TYR J 22 36.07 2.10 24.76
N GLY J 23 34.97 2.13 25.50
CA GLY J 23 35.04 1.95 26.94
C GLY J 23 33.67 2.04 27.57
N PHE J 24 33.66 1.88 28.90
CA PHE J 24 32.44 1.90 29.69
C PHE J 24 32.52 3.00 30.74
N ARG J 25 31.35 3.54 31.08
CA ARG J 25 31.19 4.47 32.18
C ARG J 25 30.03 3.98 33.03
N HIS J 26 30.34 3.47 34.22
CA HIS J 26 29.34 2.90 35.11
C HIS J 26 29.10 3.83 36.29
N GLN J 27 27.83 4.12 36.55
CA GLN J 27 27.42 4.96 37.68
C GLN J 27 26.54 4.11 38.59
N ASN J 28 27.13 3.55 39.65
CA ASN J 28 26.42 2.76 40.63
C ASN J 28 26.34 3.53 41.95
N ALA J 29 26.21 2.79 43.06
CA ALA J 29 26.10 3.41 44.37
C ALA J 29 27.45 3.63 45.02
N GLN J 30 28.43 2.76 44.76
CA GLN J 30 29.75 2.93 45.37
C GLN J 30 30.50 4.11 44.78
N GLY J 31 30.31 4.39 43.50
CA GLY J 31 31.00 5.50 42.85
C GLY J 31 30.66 5.62 41.38
N GLU J 32 31.70 5.76 40.55
CA GLU J 32 31.51 5.91 39.10
C GLU J 32 32.85 5.72 38.39
N GLY J 33 32.86 4.89 37.35
CA GLY J 33 34.09 4.53 36.69
C GLY J 33 34.02 4.70 35.19
N THR J 34 35.20 4.81 34.58
CA THR J 34 35.35 4.96 33.13
C THR J 34 36.58 4.16 32.72
N ALA J 35 36.37 2.99 32.13
CA ALA J 35 37.46 2.09 31.77
C ALA J 35 37.35 1.70 30.30
N ALA J 36 38.46 1.83 29.57
CA ALA J 36 38.46 1.54 28.14
C ALA J 36 38.50 0.04 27.89
N ASP J 37 37.76 -0.39 26.88
CA ASP J 37 37.76 -1.79 26.45
C ASP J 37 38.90 -2.02 25.47
N TYR J 38 39.75 -3.01 25.76
CA TYR J 38 40.95 -3.22 24.97
C TYR J 38 40.69 -4.06 23.72
N LYS J 39 39.73 -4.98 23.77
CA LYS J 39 39.54 -5.91 22.67
C LYS J 39 39.02 -5.21 21.43
N SER J 40 37.91 -4.47 21.56
CA SER J 40 37.33 -3.79 20.40
C SER J 40 38.24 -2.68 19.90
N THR J 41 38.81 -1.89 20.82
CA THR J 41 39.75 -0.84 20.43
C THR J 41 40.92 -1.42 19.64
N GLN J 42 41.52 -2.50 20.14
CA GLN J 42 42.61 -3.13 19.42
C GLN J 42 42.15 -3.74 18.11
N SER J 43 40.88 -4.14 18.02
CA SER J 43 40.35 -4.66 16.77
C SER J 43 40.30 -3.58 15.70
N ALA J 44 39.66 -2.44 16.02
CA ALA J 44 39.60 -1.34 15.06
C ALA J 44 40.99 -0.83 14.73
N ILE J 45 41.88 -0.78 15.73
CA ILE J 45 43.24 -0.31 15.49
C ILE J 45 43.98 -1.26 14.56
N ASP J 46 43.79 -2.57 14.73
CA ASP J 46 44.43 -3.52 13.83
C ASP J 46 43.85 -3.45 12.43
N GLN J 47 42.55 -3.14 12.30
CA GLN J 47 41.95 -3.02 10.98
C GLN J 47 42.47 -1.78 10.24
N ILE J 48 42.45 -0.62 10.90
CA ILE J 48 42.99 0.59 10.30
C ILE J 48 44.48 0.41 9.99
N THR J 49 45.20 -0.25 10.89
CA THR J 49 46.61 -0.54 10.64
C THR J 49 46.78 -1.42 9.41
N GLY J 50 45.86 -2.37 9.21
CA GLY J 50 45.91 -3.18 8.01
C GLY J 50 45.68 -2.36 6.75
N LYS J 51 44.71 -1.44 6.79
CA LYS J 51 44.50 -0.54 5.66
C LYS J 51 45.75 0.28 5.38
N LEU J 52 46.40 0.79 6.42
CA LEU J 52 47.60 1.60 6.23
C LEU J 52 48.74 0.78 5.65
N ASN J 53 48.95 -0.44 6.15
CA ASN J 53 50.00 -1.29 5.62
C ASN J 53 49.71 -1.71 4.19
N ARG J 54 48.43 -1.77 3.81
CA ARG J 54 48.10 -2.17 2.44
C ARG J 54 48.25 -1.00 1.46
N LEU J 55 47.83 0.20 1.87
CA LEU J 55 47.87 1.33 0.95
C LEU J 55 49.28 1.91 0.82
N ILE J 56 49.93 2.19 1.95
CA ILE J 56 51.31 2.67 1.94
C ILE J 56 52.18 1.57 1.35
N GLU J 57 52.63 1.76 0.11
CA GLU J 57 53.30 0.70 -0.64
C GLU J 57 54.38 1.31 -1.52
N LYS J 58 55.43 0.54 -1.75
CA LYS J 58 56.53 0.93 -2.63
C LYS J 58 56.42 0.16 -3.94
N THR J 59 56.51 0.87 -5.06
CA THR J 59 56.39 0.27 -6.38
C THR J 59 57.77 -0.10 -6.91
N ASN J 60 57.91 -1.34 -7.34
CA ASN J 60 59.17 -1.83 -7.91
C ASN J 60 59.29 -1.56 -9.40
N GLN J 61 58.27 -0.97 -10.01
CA GLN J 61 58.32 -0.65 -11.44
C GLN J 61 59.10 0.64 -11.66
N GLN J 62 60.08 0.59 -12.56
CA GLN J 62 60.92 1.74 -12.87
C GLN J 62 60.55 2.29 -14.23
N PHE J 63 60.36 3.61 -14.30
CA PHE J 63 60.06 4.30 -15.55
C PHE J 63 61.24 5.17 -15.95
N GLU J 64 61.59 5.14 -17.23
CA GLU J 64 62.73 5.89 -17.74
C GLU J 64 62.30 7.25 -18.26
N LEU J 65 63.29 8.10 -18.51
CA LEU J 65 63.04 9.45 -19.03
C LEU J 65 62.67 9.36 -20.50
N ILE J 66 61.44 9.76 -20.83
CA ILE J 66 60.96 9.72 -22.21
C ILE J 66 60.98 11.09 -22.88
N ASP J 67 61.05 12.18 -22.11
CA ASP J 67 61.10 13.53 -22.64
C ASP J 67 62.50 14.11 -22.49
N ASN J 68 62.62 15.42 -22.64
CA ASN J 68 63.90 16.10 -22.50
C ASN J 68 63.63 17.54 -22.11
N GLU J 69 64.10 17.93 -20.92
CA GLU J 69 63.81 19.27 -20.40
C GLU J 69 64.77 20.32 -20.93
N PHE J 70 65.98 19.93 -21.35
CA PHE J 70 66.97 20.89 -21.82
C PHE J 70 66.91 21.11 -23.32
N ASN J 71 66.55 20.08 -24.09
CA ASN J 71 66.45 20.21 -25.55
C ASN J 71 65.15 19.50 -25.96
N GLU J 72 64.13 20.31 -26.28
CA GLU J 72 62.81 19.75 -26.58
C GLU J 72 62.88 18.83 -27.78
N VAL J 73 62.15 17.71 -27.70
CA VAL J 73 62.13 16.71 -28.76
C VAL J 73 61.23 17.17 -29.89
N GLU J 74 60.92 16.27 -30.82
CA GLU J 74 60.02 16.58 -31.90
C GLU J 74 58.65 16.99 -31.38
N LYS J 75 58.03 17.98 -32.02
CA LYS J 75 56.78 18.54 -31.51
C LYS J 75 55.65 17.52 -31.59
N GLN J 76 55.64 16.68 -32.62
CA GLN J 76 54.55 15.71 -32.77
C GLN J 76 54.64 14.63 -31.71
N ILE J 77 55.78 13.92 -31.65
CA ILE J 77 55.95 12.88 -30.64
C ILE J 77 55.91 13.48 -29.24
N GLY J 78 56.31 14.74 -29.11
CA GLY J 78 56.20 15.41 -27.82
C GLY J 78 54.76 15.64 -27.42
N ASN J 79 53.91 15.99 -28.39
CA ASN J 79 52.49 16.12 -28.10
C ASN J 79 51.85 14.78 -27.80
N VAL J 80 52.33 13.70 -28.43
CA VAL J 80 51.84 12.37 -28.11
C VAL J 80 52.23 11.99 -26.69
N ILE J 81 53.48 12.30 -26.30
CA ILE J 81 53.94 11.96 -24.96
C ILE J 81 53.17 12.77 -23.91
N ASN J 82 52.98 14.07 -24.15
CA ASN J 82 52.21 14.87 -23.21
C ASN J 82 50.76 14.41 -23.14
N TRP J 83 50.21 13.96 -24.28
CA TRP J 83 48.84 13.46 -24.30
C TRP J 83 48.70 12.20 -23.45
N THR J 84 49.60 11.23 -23.67
CA THR J 84 49.55 9.99 -22.90
C THR J 84 49.79 10.24 -21.42
N ARG J 85 50.77 11.10 -21.11
CA ARG J 85 51.05 11.41 -19.70
C ARG J 85 49.87 12.09 -19.04
N ASP J 86 49.18 12.96 -19.77
CA ASP J 86 47.99 13.62 -19.20
C ASP J 86 46.87 12.61 -18.98
N SER J 87 46.69 11.66 -19.92
CA SER J 87 45.67 10.64 -19.74
C SER J 87 45.96 9.78 -18.51
N ILE J 88 47.20 9.30 -18.39
CA ILE J 88 47.59 8.50 -17.23
C ILE J 88 47.43 9.31 -15.94
N THR J 89 47.76 10.60 -16.00
CA THR J 89 47.59 11.46 -14.82
C THR J 89 46.13 11.54 -14.41
N GLU J 90 45.22 11.66 -15.38
CA GLU J 90 43.80 11.68 -15.06
C GLU J 90 43.35 10.34 -14.46
N VAL J 91 43.85 9.24 -15.02
CA VAL J 91 43.48 7.92 -14.50
C VAL J 91 43.92 7.76 -13.05
N TRP J 92 45.17 8.12 -12.75
CA TRP J 92 45.68 7.94 -11.39
C TRP J 92 45.04 8.94 -10.43
N SER J 93 44.69 10.14 -10.90
CA SER J 93 43.97 11.07 -10.04
C SER J 93 42.59 10.53 -9.68
N TYR J 94 41.87 9.99 -10.67
CA TYR J 94 40.57 9.39 -10.39
C TYR J 94 40.69 8.22 -9.42
N ASN J 95 41.66 7.33 -9.68
CA ASN J 95 41.82 6.17 -8.82
C ASN J 95 42.21 6.56 -7.39
N ALA J 96 43.01 7.62 -7.26
CA ALA J 96 43.39 8.08 -5.93
C ALA J 96 42.20 8.69 -5.19
N GLU J 97 41.44 9.55 -5.87
CA GLU J 97 40.26 10.16 -5.26
C GLU J 97 39.27 9.10 -4.81
N LEU J 98 38.86 8.22 -5.74
CA LEU J 98 37.88 7.18 -5.40
C LEU J 98 38.43 6.24 -4.33
N LEU J 99 39.73 5.94 -4.39
CA LEU J 99 40.34 5.07 -3.38
C LEU J 99 40.22 5.69 -1.99
N VAL J 100 40.63 6.95 -1.85
CA VAL J 100 40.58 7.61 -0.55
C VAL J 100 39.15 7.70 -0.05
N ALA J 101 38.21 8.08 -0.92
CA ALA J 101 36.83 8.21 -0.50
C ALA J 101 36.27 6.88 -0.01
N MET J 102 36.47 5.82 -0.80
CA MET J 102 35.96 4.50 -0.42
C MET J 102 36.58 4.01 0.88
N GLU J 103 37.91 4.17 1.03
CA GLU J 103 38.57 3.72 2.24
C GLU J 103 38.06 4.48 3.47
N ASN J 104 37.81 5.79 3.32
CA ASN J 104 37.26 6.55 4.44
C ASN J 104 35.86 6.07 4.80
N GLN J 105 35.01 5.85 3.79
CA GLN J 105 33.66 5.36 4.05
C GLN J 105 33.70 4.03 4.81
N HIS J 106 34.45 3.06 4.28
CA HIS J 106 34.52 1.75 4.93
C HIS J 106 35.18 1.84 6.31
N THR J 107 36.05 2.83 6.51
CA THR J 107 36.65 3.01 7.83
C THR J 107 35.62 3.48 8.85
N ILE J 108 34.83 4.50 8.48
CA ILE J 108 33.81 5.01 9.39
C ILE J 108 32.77 3.94 9.69
N ASP J 109 32.23 3.32 8.63
CA ASP J 109 31.25 2.25 8.84
C ASP J 109 31.85 1.09 9.62
N LEU J 110 33.15 0.86 9.47
CA LEU J 110 33.81 -0.20 10.21
C LEU J 110 33.85 0.11 11.71
N ALA J 111 34.26 1.34 12.06
CA ALA J 111 34.29 1.73 13.47
C ALA J 111 32.89 1.68 14.08
N ASP J 112 31.89 2.18 13.34
CA ASP J 112 30.51 2.09 13.83
C ASP J 112 30.10 0.63 14.04
N SER J 113 30.51 -0.24 13.12
CA SER J 113 30.21 -1.67 13.27
C SER J 113 30.81 -2.23 14.55
N GLU J 114 32.07 -1.86 14.85
CA GLU J 114 32.69 -2.33 16.08
C GLU J 114 31.95 -1.82 17.31
N MET J 115 31.55 -0.54 17.28
CA MET J 115 30.78 0.02 18.40
C MET J 115 29.50 -0.77 18.62
N ASP J 116 28.75 -1.04 17.55
CA ASP J 116 27.53 -1.83 17.69
C ASP J 116 27.82 -3.24 18.18
N LYS J 117 28.95 -3.82 17.75
CA LYS J 117 29.34 -5.14 18.25
C LYS J 117 29.52 -5.12 19.76
N LEU J 118 30.23 -4.12 20.28
CA LEU J 118 30.41 -4.02 21.73
C LEU J 118 29.08 -3.81 22.43
N TYR J 119 28.24 -2.93 21.90
CA TYR J 119 26.94 -2.65 22.52
C TYR J 119 26.10 -3.92 22.63
N GLU J 120 25.91 -4.62 21.51
CA GLU J 120 25.09 -5.83 21.53
C GLU J 120 25.75 -6.96 22.31
N ARG J 121 27.08 -6.96 22.43
CA ARG J 121 27.74 -7.96 23.25
C ARG J 121 27.43 -7.75 24.73
N VAL J 122 27.58 -6.51 25.21
CA VAL J 122 27.21 -6.21 26.59
C VAL J 122 25.72 -6.44 26.80
N LYS J 123 24.90 -6.18 25.78
CA LYS J 123 23.48 -6.47 25.87
C LYS J 123 23.22 -7.95 26.06
N ARG J 124 23.95 -8.80 25.32
CA ARG J 124 23.80 -10.24 25.47
C ARG J 124 24.36 -10.74 26.79
N GLN J 125 25.29 -10.01 27.41
CA GLN J 125 25.76 -10.41 28.73
C GLN J 125 24.68 -10.25 29.79
N LEU J 126 23.91 -9.17 29.72
CA LEU J 126 22.83 -8.89 30.67
C LEU J 126 21.53 -9.32 30.01
N ARG J 127 21.09 -10.54 30.30
CA ARG J 127 19.93 -11.11 29.61
C ARG J 127 18.63 -10.48 30.07
N GLU J 128 18.24 -10.72 31.32
CA GLU J 128 17.03 -10.12 31.86
C GLU J 128 17.29 -9.30 33.11
N ASN J 129 18.54 -9.16 33.53
CA ASN J 129 18.88 -8.37 34.70
C ASN J 129 19.02 -6.88 34.41
N ALA J 130 18.92 -6.48 33.14
CA ALA J 130 19.02 -5.08 32.76
C ALA J 130 18.14 -4.83 31.55
N GLU J 131 17.84 -3.56 31.30
CA GLU J 131 16.99 -3.16 30.19
C GLU J 131 17.63 -1.99 29.45
N GLU J 132 17.46 -1.96 28.14
CA GLU J 132 17.96 -0.86 27.34
C GLU J 132 17.24 0.43 27.69
N ASP J 133 17.97 1.54 27.62
CA ASP J 133 17.38 2.85 27.90
C ASP J 133 17.10 3.66 26.64
N GLY J 134 17.75 3.35 25.53
CA GLY J 134 17.51 4.02 24.26
C GLY J 134 18.66 4.89 23.80
N THR J 135 19.56 5.30 24.69
CA THR J 135 20.67 6.19 24.36
C THR J 135 22.01 5.51 24.57
N GLY J 136 22.05 4.19 24.53
CA GLY J 136 23.29 3.46 24.70
C GLY J 136 23.62 3.08 26.13
N CYS J 137 22.63 2.99 27.01
CA CYS J 137 22.84 2.60 28.39
C CYS J 137 21.99 1.38 28.71
N PHE J 138 22.38 0.68 29.78
CA PHE J 138 21.68 -0.50 30.26
C PHE J 138 21.30 -0.26 31.72
N GLU J 139 20.05 0.14 31.95
CA GLU J 139 19.55 0.29 33.31
C GLU J 139 19.53 -1.06 34.00
N ILE J 140 20.24 -1.14 35.13
CA ILE J 140 20.35 -2.37 35.91
C ILE J 140 19.35 -2.31 37.06
N PHE J 141 18.53 -3.35 37.18
CA PHE J 141 17.51 -3.41 38.22
C PHE J 141 18.04 -4.01 39.52
N HIS J 142 19.34 -3.97 39.75
CA HIS J 142 19.94 -4.39 41.01
C HIS J 142 21.26 -3.66 41.18
N LYS J 143 21.55 -3.27 42.42
CA LYS J 143 22.77 -2.51 42.72
C LYS J 143 24.01 -3.34 42.39
N CYS J 144 24.60 -3.12 41.22
CA CYS J 144 25.79 -3.83 40.78
C CYS J 144 27.01 -3.05 41.26
N ASP J 145 27.74 -3.60 42.22
CA ASP J 145 28.87 -2.91 42.82
C ASP J 145 30.03 -2.82 41.83
N ASP J 146 31.12 -2.18 42.29
CA ASP J 146 32.26 -1.98 41.41
C ASP J 146 32.90 -3.29 40.98
N ASP J 147 32.91 -4.28 41.87
CA ASP J 147 33.43 -5.59 41.50
C ASP J 147 32.53 -6.27 40.48
N CYS J 148 31.22 -6.07 40.59
CA CYS J 148 30.29 -6.58 39.60
C CYS J 148 30.47 -5.87 38.27
N MET J 149 30.68 -4.56 38.29
CA MET J 149 30.96 -3.82 37.06
C MET J 149 32.24 -4.34 36.39
N ALA J 150 33.28 -4.56 37.19
CA ALA J 150 34.51 -5.14 36.66
C ALA J 150 34.25 -6.53 36.09
N SER J 151 33.33 -7.29 36.71
CA SER J 151 32.96 -8.58 36.14
C SER J 151 32.24 -8.43 34.81
N ILE J 152 31.49 -7.35 34.64
CA ILE J 152 30.84 -7.11 33.35
C ILE J 152 31.87 -6.70 32.30
N ARG J 153 32.92 -5.98 32.70
CA ARG J 153 33.90 -5.49 31.73
C ARG J 153 34.71 -6.64 31.14
N ASN J 154 35.22 -7.54 31.98
CA ASN J 154 36.04 -8.65 31.52
C ASN J 154 35.21 -9.86 31.11
N ASN J 155 33.90 -9.69 30.90
CA ASN J 155 33.01 -10.75 30.43
C ASN J 155 33.03 -11.97 31.38
N THR J 156 32.86 -11.69 32.66
CA THR J 156 32.68 -12.74 33.66
C THR J 156 31.39 -12.56 34.45
N TYR J 157 30.49 -11.69 33.99
CA TYR J 157 29.24 -11.45 34.68
C TYR J 157 28.31 -12.65 34.54
N ASP J 158 27.94 -13.26 35.66
CA ASP J 158 27.01 -14.37 35.68
C ASP J 158 25.61 -13.80 35.94
N HIS J 159 24.77 -13.80 34.89
CA HIS J 159 23.42 -13.25 35.02
C HIS J 159 22.55 -14.11 35.93
N SER J 160 22.79 -15.42 35.96
CA SER J 160 21.89 -16.33 36.67
C SER J 160 21.90 -16.08 38.17
N LYS J 161 22.99 -15.54 38.72
CA LYS J 161 23.11 -15.29 40.14
C LYS J 161 22.63 -13.90 40.55
N TYR J 162 22.04 -13.15 39.62
CA TYR J 162 21.38 -11.88 39.92
C TYR J 162 19.98 -11.80 39.36
N ARG J 163 19.47 -12.88 38.77
CA ARG J 163 18.26 -12.80 37.94
C ARG J 163 17.01 -12.59 38.78
N GLU J 164 16.88 -13.35 39.87
CA GLU J 164 15.69 -13.24 40.72
C GLU J 164 15.54 -11.82 41.27
N GLU J 165 16.65 -11.23 41.73
CA GLU J 165 16.61 -9.91 42.35
C GLU J 165 16.20 -8.84 41.35
N ALA J 166 16.96 -8.72 40.25
CA ALA J 166 16.64 -7.70 39.25
C ALA J 166 15.29 -7.93 38.59
N MET J 167 14.85 -9.19 38.50
CA MET J 167 13.55 -9.48 37.89
C MET J 167 12.40 -9.14 38.82
N GLN J 168 12.61 -9.23 40.15
CA GLN J 168 11.61 -8.71 41.06
C GLN J 168 11.41 -7.21 40.91
N ASN J 169 12.40 -6.49 40.39
CA ASN J 169 12.31 -5.05 40.21
C ASN J 169 11.89 -4.71 38.78
N ASP K 1 16.33 -27.45 27.13
CA ASP K 1 15.76 -27.32 25.79
C ASP K 1 16.24 -26.03 25.13
N LYS K 2 16.92 -26.17 24.00
CA LYS K 2 17.48 -25.02 23.30
C LYS K 2 17.71 -25.38 21.85
N ILE K 3 17.74 -24.36 21.00
CA ILE K 3 18.02 -24.52 19.57
C ILE K 3 19.11 -23.52 19.22
N CYS K 4 20.34 -24.01 19.10
CA CYS K 4 21.46 -23.18 18.70
C CYS K 4 21.62 -23.22 17.19
N LEU K 5 22.20 -22.16 16.64
CA LEU K 5 22.39 -22.05 15.19
C LEU K 5 23.72 -21.39 14.91
N GLY K 6 24.37 -21.82 13.84
CA GLY K 6 25.64 -21.29 13.45
C GLY K 6 25.91 -21.48 11.98
N HIS K 7 27.19 -21.45 11.62
CA HIS K 7 27.62 -21.60 10.23
C HIS K 7 28.62 -22.74 10.12
N HIS K 8 28.99 -23.06 8.89
CA HIS K 8 29.91 -24.16 8.61
C HIS K 8 31.36 -23.67 8.58
N ALA K 9 32.28 -24.63 8.56
CA ALA K 9 33.70 -24.33 8.52
C ALA K 9 34.46 -25.53 8.00
N VAL K 10 35.69 -25.29 7.57
CA VAL K 10 36.57 -26.34 7.08
C VAL K 10 37.89 -26.27 7.85
N SER K 11 38.60 -27.39 7.86
CA SER K 11 39.88 -27.46 8.58
C SER K 11 40.99 -26.78 7.78
N ASN K 12 40.99 -26.95 6.45
CA ASN K 12 41.99 -26.34 5.58
C ASN K 12 41.30 -25.24 4.77
N GLY K 13 41.42 -24.00 5.23
CA GLY K 13 40.88 -22.86 4.53
C GLY K 13 41.83 -22.33 3.47
N THR K 14 41.45 -21.20 2.87
CA THR K 14 42.25 -20.56 1.84
C THR K 14 42.42 -19.10 2.20
N LYS K 15 43.69 -18.68 2.36
CA LYS K 15 43.99 -17.30 2.71
C LYS K 15 43.82 -16.39 1.50
N VAL K 16 43.11 -15.28 1.69
CA VAL K 16 42.90 -14.28 0.67
C VAL K 16 43.26 -12.91 1.25
N ASN K 17 43.19 -11.89 0.41
CA ASN K 17 43.45 -10.52 0.81
C ASN K 17 42.18 -9.69 0.71
N THR K 18 41.96 -8.83 1.69
CA THR K 18 40.78 -7.99 1.77
C THR K 18 41.19 -6.53 1.85
N LEU K 19 40.19 -5.65 1.89
CA LEU K 19 40.44 -4.22 2.06
C LEU K 19 41.02 -3.91 3.44
N THR K 20 40.80 -4.79 4.41
CA THR K 20 41.24 -4.56 5.79
C THR K 20 42.49 -5.35 6.14
N GLU K 21 42.41 -6.67 6.07
CA GLU K 21 43.50 -7.55 6.47
C GLU K 21 44.17 -8.15 5.23
N ARG K 22 45.23 -8.93 5.48
CA ARG K 22 45.97 -9.60 4.41
C ARG K 22 46.27 -11.02 4.89
N GLY K 23 45.49 -11.98 4.42
CA GLY K 23 45.66 -13.36 4.81
C GLY K 23 44.45 -13.93 5.52
N VAL K 24 43.28 -13.38 5.25
CA VAL K 24 42.05 -13.86 5.86
C VAL K 24 41.74 -15.25 5.33
N GLU K 25 41.67 -16.23 6.22
CA GLU K 25 41.40 -17.60 5.84
C GLU K 25 39.89 -17.77 5.66
N VAL K 26 39.46 -18.01 4.42
CA VAL K 26 38.04 -18.22 4.12
C VAL K 26 37.83 -19.71 3.81
N VAL K 27 36.58 -20.08 3.58
CA VAL K 27 36.25 -21.48 3.33
C VAL K 27 36.83 -21.93 1.99
N ASN K 28 36.41 -21.28 0.91
CA ASN K 28 36.87 -21.63 -0.42
C ASN K 28 37.19 -20.34 -1.19
N ALA K 29 38.04 -20.48 -2.21
CA ALA K 29 38.45 -19.36 -3.02
C ALA K 29 38.90 -19.88 -4.39
N THR K 30 38.76 -19.02 -5.40
CA THR K 30 39.13 -19.38 -6.77
C THR K 30 40.20 -18.40 -7.27
N GLU K 31 40.78 -18.73 -8.42
CA GLU K 31 41.84 -17.94 -9.01
C GLU K 31 41.27 -17.01 -10.07
N THR K 32 41.79 -15.77 -10.11
CA THR K 32 41.37 -14.79 -11.09
C THR K 32 42.45 -14.42 -12.09
N VAL K 33 43.71 -14.76 -11.83
CA VAL K 33 44.82 -14.46 -12.72
C VAL K 33 45.25 -15.75 -13.40
N GLU K 34 45.14 -15.78 -14.73
CA GLU K 34 45.45 -16.99 -15.48
C GLU K 34 46.95 -17.16 -15.66
N ARG K 35 47.42 -18.39 -15.47
CA ARG K 35 48.82 -18.74 -15.69
C ARG K 35 49.03 -19.94 -16.59
N THR K 36 48.04 -20.81 -16.74
CA THR K 36 48.19 -22.00 -17.59
C THR K 36 48.22 -21.59 -19.06
N ASN K 37 49.24 -22.04 -19.79
CA ASN K 37 49.43 -21.72 -21.18
C ASN K 37 49.47 -22.99 -22.02
N ILE K 38 48.78 -22.95 -23.16
CA ILE K 38 48.81 -24.06 -24.12
C ILE K 38 49.97 -23.80 -25.08
N PRO K 39 51.01 -24.64 -25.09
CA PRO K 39 52.19 -24.35 -25.94
C PRO K 39 51.95 -24.66 -27.42
N ARG K 40 50.77 -24.32 -27.92
CA ARG K 40 50.43 -24.52 -29.33
C ARG K 40 49.56 -23.37 -29.79
N ILE K 41 49.54 -23.15 -31.10
CA ILE K 41 48.71 -22.12 -31.72
C ILE K 41 47.37 -22.77 -32.03
N CYS K 42 46.37 -22.49 -31.20
CA CYS K 42 45.04 -23.06 -31.38
C CYS K 42 44.34 -22.35 -32.54
N SER K 43 44.16 -23.07 -33.65
CA SER K 43 43.60 -22.50 -34.87
C SER K 43 42.38 -23.30 -35.34
N LYS K 44 41.64 -23.88 -34.41
CA LYS K 44 40.44 -24.64 -34.77
C LYS K 44 39.35 -23.69 -35.25
N GLY K 45 38.92 -23.88 -36.50
CA GLY K 45 37.89 -23.04 -37.07
C GLY K 45 38.38 -21.73 -37.65
N LYS K 46 39.67 -21.63 -37.96
CA LYS K 46 40.25 -20.41 -38.52
C LYS K 46 41.13 -20.75 -39.70
N ARG K 47 40.98 -19.98 -40.78
CA ARG K 47 41.88 -20.09 -41.93
C ARG K 47 43.26 -19.59 -41.53
N THR K 48 44.22 -20.50 -41.44
CA THR K 48 45.55 -20.20 -40.93
C THR K 48 46.58 -20.43 -42.03
N VAL K 49 47.50 -19.47 -42.17
CA VAL K 49 48.61 -19.56 -43.11
C VAL K 49 49.90 -19.44 -42.31
N ASP K 50 50.63 -20.54 -42.19
CA ASP K 50 51.93 -20.53 -41.53
C ASP K 50 52.98 -20.14 -42.55
N LEU K 51 53.51 -18.91 -42.41
CA LEU K 51 54.44 -18.40 -43.41
C LEU K 51 55.72 -19.22 -43.47
N GLY K 52 56.18 -19.71 -42.31
CA GLY K 52 57.38 -20.54 -42.30
C GLY K 52 58.61 -19.72 -42.66
N GLN K 53 59.37 -20.21 -43.65
CA GLN K 53 60.56 -19.52 -44.11
C GLN K 53 60.24 -18.29 -44.96
N CYS K 54 58.98 -18.08 -45.32
CA CYS K 54 58.59 -16.93 -46.12
C CYS K 54 58.29 -15.74 -45.21
N GLY K 55 58.84 -14.58 -45.57
CA GLY K 55 58.55 -13.37 -44.82
C GLY K 55 57.23 -12.76 -45.25
N LEU K 56 56.62 -12.01 -44.32
CA LEU K 56 55.31 -11.43 -44.59
C LEU K 56 55.38 -10.40 -45.72
N LEU K 57 56.43 -9.56 -45.71
CA LEU K 57 56.57 -8.57 -46.77
C LEU K 57 56.91 -9.21 -48.11
N GLY K 58 57.66 -10.31 -48.08
CA GLY K 58 58.01 -10.98 -49.32
C GLY K 58 56.81 -11.42 -50.13
N THR K 59 55.69 -11.71 -49.46
CA THR K 59 54.46 -12.08 -50.16
C THR K 59 54.01 -11.02 -51.15
N ILE K 60 54.50 -9.79 -51.02
CA ILE K 60 54.18 -8.74 -51.98
C ILE K 60 55.20 -8.70 -53.11
N THR K 61 56.47 -8.96 -52.81
CA THR K 61 57.51 -8.94 -53.82
C THR K 61 57.72 -10.31 -54.46
N GLY K 62 57.64 -11.38 -53.67
CA GLY K 62 57.68 -12.72 -54.20
C GLY K 62 59.08 -13.29 -54.38
N PRO K 63 59.77 -13.57 -53.27
CA PRO K 63 61.00 -14.36 -53.35
C PRO K 63 60.66 -15.83 -53.56
N PRO K 64 61.65 -16.69 -53.84
CA PRO K 64 61.34 -18.12 -54.01
C PRO K 64 60.59 -18.72 -52.83
N GLN K 65 61.05 -18.48 -51.60
CA GLN K 65 60.43 -19.07 -50.43
C GLN K 65 58.97 -18.62 -50.24
N CYS K 66 58.57 -17.54 -50.90
CA CYS K 66 57.19 -17.06 -50.83
C CYS K 66 56.38 -17.38 -52.08
N ASP K 67 56.89 -18.28 -52.94
CA ASP K 67 56.18 -18.58 -54.19
C ASP K 67 54.80 -19.16 -53.94
N GLN K 68 54.60 -19.81 -52.79
CA GLN K 68 53.30 -20.38 -52.43
C GLN K 68 52.50 -19.47 -51.50
N PHE K 69 52.89 -18.20 -51.38
CA PHE K 69 52.17 -17.24 -50.56
C PHE K 69 51.88 -15.94 -51.30
N LEU K 70 51.83 -15.98 -52.63
CA LEU K 70 51.64 -14.76 -53.41
C LEU K 70 50.20 -14.26 -53.35
N GLU K 71 49.22 -15.16 -53.26
CA GLU K 71 47.81 -14.79 -53.19
C GLU K 71 47.13 -15.63 -52.10
N PHE K 72 47.68 -15.57 -50.88
CA PHE K 72 47.13 -16.36 -49.78
C PHE K 72 45.86 -15.70 -49.25
N SER K 73 45.12 -16.46 -48.45
CA SER K 73 43.91 -15.97 -47.80
C SER K 73 43.78 -16.67 -46.45
N ALA K 74 43.64 -15.88 -45.39
CA ALA K 74 43.63 -16.45 -44.05
C ALA K 74 42.93 -15.49 -43.09
N ASP K 75 42.51 -16.05 -41.95
CA ASP K 75 42.00 -15.27 -40.83
C ASP K 75 43.03 -15.12 -39.72
N LEU K 76 44.09 -15.92 -39.74
CA LEU K 76 45.15 -15.85 -38.74
C LEU K 76 46.49 -16.05 -39.45
N ILE K 77 47.35 -15.04 -39.39
CA ILE K 77 48.66 -15.08 -40.03
C ILE K 77 49.72 -15.30 -38.95
N ILE K 78 50.61 -16.26 -39.20
CA ILE K 78 51.66 -16.62 -38.25
C ILE K 78 53.01 -16.32 -38.91
N GLU K 79 53.82 -15.50 -38.25
CA GLU K 79 55.17 -15.20 -38.70
C GLU K 79 56.16 -16.07 -37.94
N ARG K 80 57.09 -16.69 -38.65
CA ARG K 80 58.11 -17.53 -38.05
C ARG K 80 59.44 -16.80 -38.01
N ARG K 81 60.31 -17.28 -37.11
CA ARG K 81 61.61 -16.62 -36.92
C ARG K 81 62.57 -16.90 -38.06
N GLU K 82 62.40 -18.00 -38.79
CA GLU K 82 63.23 -18.31 -39.93
C GLU K 82 62.73 -17.65 -41.22
N GLY K 83 61.71 -16.79 -41.13
CA GLY K 83 61.19 -16.14 -42.31
C GLY K 83 62.14 -15.07 -42.83
N SER K 84 62.10 -14.86 -44.15
CA SER K 84 62.94 -13.87 -44.79
C SER K 84 62.11 -13.11 -45.83
N ASP K 85 62.14 -11.79 -45.75
CA ASP K 85 61.38 -10.96 -46.67
C ASP K 85 62.05 -10.84 -48.03
N VAL K 86 63.35 -11.10 -48.12
CA VAL K 86 64.10 -10.87 -49.35
C VAL K 86 64.94 -12.10 -49.69
N CYS K 87 65.19 -12.29 -50.98
CA CYS K 87 66.18 -13.23 -51.47
C CYS K 87 67.44 -12.52 -51.94
N TYR K 88 67.29 -11.45 -52.70
CA TYR K 88 68.40 -10.54 -52.94
C TYR K 88 68.50 -9.58 -51.75
N PRO K 89 69.70 -9.32 -51.23
CA PRO K 89 69.82 -8.50 -50.01
C PRO K 89 69.24 -7.10 -50.21
N GLY K 90 68.22 -6.80 -49.42
CA GLY K 90 67.58 -5.50 -49.48
C GLY K 90 66.89 -5.17 -48.18
N LYS K 91 66.01 -4.16 -48.24
CA LYS K 91 65.30 -3.73 -47.05
C LYS K 91 64.06 -2.93 -47.48
N PHE K 92 63.03 -2.98 -46.64
CA PHE K 92 61.79 -2.25 -46.86
C PHE K 92 61.79 -0.95 -46.09
N VAL K 93 61.35 0.12 -46.74
CA VAL K 93 61.16 1.41 -46.08
C VAL K 93 59.76 1.42 -45.48
N ASN K 94 59.67 1.83 -44.20
CA ASN K 94 58.44 1.70 -43.42
C ASN K 94 57.96 0.26 -43.41
N GLU K 95 58.86 -0.65 -43.02
CA GLU K 95 58.57 -2.08 -43.08
C GLU K 95 57.53 -2.48 -42.04
N GLU K 96 57.61 -1.92 -40.82
CA GLU K 96 56.71 -2.34 -39.76
C GLU K 96 55.28 -1.90 -40.04
N ALA K 97 55.11 -0.72 -40.64
CA ALA K 97 53.77 -0.26 -41.01
C ALA K 97 53.14 -1.18 -42.04
N LEU K 98 53.91 -1.57 -43.06
CA LEU K 98 53.39 -2.50 -44.06
C LEU K 98 53.10 -3.86 -43.45
N ARG K 99 53.92 -4.29 -42.48
CA ARG K 99 53.63 -5.54 -41.77
C ARG K 99 52.31 -5.44 -41.04
N GLN K 100 52.08 -4.34 -40.32
CA GLN K 100 50.82 -4.17 -39.60
C GLN K 100 49.64 -4.06 -40.55
N ILE K 101 49.87 -3.57 -41.77
CA ILE K 101 48.79 -3.53 -42.76
C ILE K 101 48.48 -4.94 -43.25
N LEU K 102 49.53 -5.75 -43.49
CA LEU K 102 49.33 -7.09 -44.03
C LEU K 102 48.83 -8.09 -42.98
N ARG K 103 49.04 -7.82 -41.70
CA ARG K 103 48.57 -8.74 -40.67
C ARG K 103 47.06 -8.80 -40.60
N GLU K 104 46.40 -7.64 -40.70
CA GLU K 104 44.95 -7.55 -40.66
C GLU K 104 44.33 -7.46 -42.05
N SER K 105 45.07 -7.85 -43.08
CA SER K 105 44.59 -7.73 -44.46
C SER K 105 43.64 -8.85 -44.86
N GLY K 106 43.67 -9.98 -44.16
CA GLY K 106 42.85 -11.10 -44.56
C GLY K 106 43.28 -11.78 -45.84
N GLY K 107 44.53 -11.59 -46.23
CA GLY K 107 45.05 -12.11 -47.49
C GLY K 107 45.29 -11.00 -48.50
N ILE K 108 45.96 -11.40 -49.58
CA ILE K 108 46.30 -10.48 -50.67
C ILE K 108 45.83 -11.07 -51.98
N ASP K 109 45.49 -10.18 -52.92
CA ASP K 109 45.04 -10.57 -54.25
C ASP K 109 45.83 -9.76 -55.27
N LYS K 110 46.64 -10.45 -56.08
CA LYS K 110 47.48 -9.79 -57.06
C LYS K 110 46.71 -9.57 -58.36
N GLU K 111 47.10 -8.50 -59.07
CA GLU K 111 46.52 -8.19 -60.36
C GLU K 111 47.58 -7.56 -61.24
N ALA K 112 47.63 -7.96 -62.51
CA ALA K 112 48.63 -7.46 -63.42
C ALA K 112 48.45 -5.97 -63.64
N MET K 113 49.52 -5.20 -63.38
CA MET K 113 49.47 -3.75 -63.55
C MET K 113 49.54 -3.32 -65.02
N GLY K 114 49.96 -4.21 -65.91
CA GLY K 114 49.99 -3.91 -67.33
C GLY K 114 51.04 -2.90 -67.73
N PHE K 115 52.30 -3.19 -67.40
CA PHE K 115 53.43 -2.34 -67.77
C PHE K 115 54.18 -2.98 -68.92
N THR K 116 54.15 -2.35 -70.09
CA THR K 116 54.89 -2.81 -71.26
C THR K 116 56.15 -1.99 -71.43
N TYR K 117 57.20 -2.65 -71.92
CA TYR K 117 58.51 -2.03 -72.06
C TYR K 117 59.02 -2.22 -73.49
N SER K 118 59.94 -1.34 -73.88
CA SER K 118 60.47 -1.36 -75.25
C SER K 118 61.85 -0.72 -75.25
N GLY K 119 62.86 -1.49 -75.63
CA GLY K 119 64.19 -0.97 -75.83
C GLY K 119 65.20 -1.27 -74.75
N ILE K 120 64.84 -2.06 -73.74
CA ILE K 120 65.73 -2.42 -72.64
C ILE K 120 65.65 -3.92 -72.41
N ARG K 121 66.48 -4.41 -71.50
CA ARG K 121 66.50 -5.81 -71.10
C ARG K 121 65.80 -5.95 -69.75
N THR K 122 64.70 -6.69 -69.72
CA THR K 122 63.83 -6.75 -68.56
C THR K 122 63.98 -8.03 -67.74
N ASN K 123 64.79 -8.99 -68.21
CA ASN K 123 64.95 -10.25 -67.48
C ASN K 123 66.15 -10.23 -66.54
N GLY K 124 66.33 -9.14 -65.80
CA GLY K 124 67.42 -9.08 -64.83
C GLY K 124 67.16 -10.02 -63.67
N ALA K 125 68.15 -10.85 -63.35
CA ALA K 125 68.01 -11.85 -62.30
C ALA K 125 69.29 -11.88 -61.47
N THR K 126 69.31 -12.77 -60.47
CA THR K 126 70.46 -12.92 -59.60
C THR K 126 70.54 -14.37 -59.14
N SER K 127 71.73 -14.76 -58.69
CA SER K 127 71.95 -16.14 -58.25
C SER K 127 71.35 -16.42 -56.87
N ALA K 128 71.06 -15.37 -56.09
CA ALA K 128 70.52 -15.58 -54.74
C ALA K 128 69.07 -16.01 -54.80
N CYS K 129 68.31 -15.46 -55.75
CA CYS K 129 66.88 -15.79 -55.89
C CYS K 129 66.75 -16.97 -56.85
N ARG K 130 67.22 -18.12 -56.39
CA ARG K 130 67.28 -19.31 -57.23
C ARG K 130 65.93 -20.03 -57.28
N ARG K 131 65.50 -20.39 -58.48
CA ARG K 131 64.37 -21.28 -58.68
C ARG K 131 64.87 -22.50 -59.42
N SER K 132 64.58 -22.63 -60.72
CA SER K 132 65.24 -23.65 -61.53
C SER K 132 66.71 -23.33 -61.71
N GLY K 133 67.01 -22.11 -62.16
CA GLY K 133 68.37 -21.61 -62.18
C GLY K 133 68.50 -20.34 -61.36
N SER K 134 68.93 -19.26 -61.98
CA SER K 134 68.98 -17.95 -61.34
C SER K 134 67.76 -17.14 -61.77
N SER K 135 67.03 -16.61 -60.80
CA SER K 135 65.79 -15.88 -61.09
C SER K 135 65.79 -14.59 -60.27
N PHE K 136 64.61 -14.00 -60.13
CA PHE K 136 64.43 -12.73 -59.41
C PHE K 136 63.11 -12.82 -58.66
N TYR K 137 62.66 -11.67 -58.14
CA TYR K 137 61.38 -11.63 -57.45
C TYR K 137 60.24 -11.90 -58.44
N ALA K 138 59.26 -12.70 -58.00
CA ALA K 138 58.19 -13.12 -58.90
C ALA K 138 57.28 -11.95 -59.28
N GLU K 139 57.07 -11.00 -58.37
CA GLU K 139 56.17 -9.88 -58.63
C GLU K 139 56.92 -8.62 -59.05
N MET K 140 58.22 -8.71 -59.27
CA MET K 140 59.05 -7.57 -59.66
C MET K 140 59.76 -7.86 -60.97
N LYS K 141 60.31 -6.81 -61.58
CA LYS K 141 61.05 -6.93 -62.82
C LYS K 141 62.26 -6.00 -62.75
N TRP K 142 63.45 -6.58 -62.69
CA TRP K 142 64.70 -5.81 -62.64
C TRP K 142 64.93 -5.15 -63.99
N LEU K 143 64.87 -3.82 -64.04
CA LEU K 143 65.01 -3.10 -65.29
C LEU K 143 66.47 -2.72 -65.50
N LEU K 144 67.08 -3.29 -66.53
CA LEU K 144 68.47 -3.04 -66.89
C LEU K 144 68.52 -2.39 -68.28
N SER K 145 69.73 -2.01 -68.69
CA SER K 145 69.93 -1.51 -70.04
C SER K 145 69.91 -2.67 -71.03
N ASN K 146 69.88 -2.33 -72.32
CA ASN K 146 69.68 -3.35 -73.35
C ASN K 146 70.93 -4.22 -73.52
N THR K 147 72.11 -3.60 -73.59
CA THR K 147 73.34 -4.33 -73.78
C THR K 147 74.19 -4.27 -72.50
N ASP K 148 75.49 -4.56 -72.63
CA ASP K 148 76.36 -4.62 -71.47
C ASP K 148 76.58 -3.25 -70.83
N ASN K 149 76.45 -2.18 -71.61
CA ASN K 149 76.53 -0.82 -71.08
C ASN K 149 75.41 0.02 -71.66
N ALA K 150 75.59 0.48 -72.90
CA ALA K 150 74.56 1.19 -73.65
C ALA K 150 74.02 2.41 -72.91
N ALA K 151 72.82 2.85 -73.30
CA ALA K 151 72.17 3.99 -72.68
C ALA K 151 70.72 3.61 -72.37
N PHE K 152 70.40 3.58 -71.09
CA PHE K 152 69.04 3.26 -70.64
C PHE K 152 68.11 4.42 -71.01
N PRO K 153 67.14 4.22 -71.90
CA PRO K 153 66.26 5.32 -72.29
C PRO K 153 65.33 5.73 -71.15
N GLN K 154 64.97 7.02 -71.15
CA GLN K 154 64.03 7.53 -70.15
C GLN K 154 62.65 6.95 -70.40
N MET K 155 62.03 6.43 -69.34
CA MET K 155 60.72 5.79 -69.45
C MET K 155 59.78 6.33 -68.38
N THR K 156 58.48 6.28 -68.68
CA THR K 156 57.44 6.74 -67.78
C THR K 156 56.29 5.76 -67.85
N LYS K 157 55.91 5.20 -66.71
CA LYS K 157 54.85 4.20 -66.62
C LYS K 157 53.79 4.67 -65.62
N SER K 158 52.54 4.70 -66.07
CA SER K 158 51.43 5.14 -65.24
C SER K 158 50.46 3.98 -64.99
N TYR K 159 49.85 3.98 -63.81
CA TYR K 159 48.92 2.94 -63.42
C TYR K 159 47.75 3.56 -62.65
N LYS K 160 46.53 3.23 -63.07
CA LYS K 160 45.33 3.73 -62.43
C LYS K 160 44.63 2.59 -61.69
N ASN K 161 44.25 2.85 -60.44
CA ASN K 161 43.56 1.86 -59.62
C ASN K 161 42.09 1.82 -60.03
N THR K 162 41.73 0.82 -60.85
CA THR K 162 40.37 0.69 -61.36
C THR K 162 39.51 -0.24 -60.52
N ARG K 163 39.76 -0.32 -59.22
CA ARG K 163 38.98 -1.16 -58.33
C ARG K 163 38.52 -0.34 -57.13
N LYS K 164 37.56 -0.90 -56.39
CA LYS K 164 36.93 -0.18 -55.29
C LYS K 164 37.75 -0.19 -54.01
N SER K 165 38.86 -0.91 -53.97
CA SER K 165 39.69 -0.98 -52.78
C SER K 165 41.08 -0.40 -53.07
N PRO K 166 41.75 0.15 -52.05
CA PRO K 166 43.09 0.69 -52.27
C PRO K 166 44.07 -0.40 -52.69
N ALA K 167 44.99 -0.05 -53.57
CA ALA K 167 45.98 -0.98 -54.09
C ALA K 167 47.33 -0.75 -53.43
N LEU K 168 48.07 -1.83 -53.22
CA LEU K 168 49.40 -1.78 -52.62
C LEU K 168 50.44 -1.83 -53.73
N ILE K 169 51.16 -0.73 -53.93
CA ILE K 169 52.17 -0.62 -54.96
C ILE K 169 53.55 -0.65 -54.30
N VAL K 170 54.41 -1.55 -54.79
CA VAL K 170 55.75 -1.73 -54.25
C VAL K 170 56.74 -1.71 -55.40
N TRP K 171 57.74 -0.83 -55.31
CA TRP K 171 58.83 -0.76 -56.28
C TRP K 171 60.15 -0.83 -55.53
N GLY K 172 61.25 -0.76 -56.28
CA GLY K 172 62.56 -0.89 -55.68
C GLY K 172 63.58 -0.02 -56.39
N ILE K 173 64.54 0.48 -55.62
CA ILE K 173 65.67 1.25 -56.12
C ILE K 173 66.92 0.42 -55.90
N HIS K 174 67.64 0.13 -56.99
CA HIS K 174 68.81 -0.72 -56.92
C HIS K 174 70.05 0.09 -56.56
N HIS K 175 70.91 -0.50 -55.73
CA HIS K 175 72.17 0.10 -55.31
C HIS K 175 73.28 -0.89 -55.60
N SER K 176 74.07 -0.62 -56.63
CA SER K 176 75.11 -1.53 -57.06
C SER K 176 76.30 -1.50 -56.10
N VAL K 177 77.26 -2.39 -56.34
CA VAL K 177 78.43 -2.48 -55.48
C VAL K 177 79.34 -1.27 -55.68
N SER K 178 79.30 -0.65 -56.85
CA SER K 178 80.12 0.52 -57.13
C SER K 178 79.44 1.34 -58.23
N THR K 179 80.01 2.52 -58.48
CA THR K 179 79.49 3.37 -59.56
C THR K 179 79.77 2.77 -60.93
N ALA K 180 80.84 1.98 -61.05
CA ALA K 180 81.14 1.34 -62.32
C ALA K 180 80.08 0.31 -62.68
N GLU K 181 79.60 -0.44 -61.69
CA GLU K 181 78.52 -1.40 -61.94
C GLU K 181 77.21 -0.69 -62.26
N GLN K 182 76.97 0.48 -61.67
CA GLN K 182 75.79 1.25 -62.02
C GLN K 182 75.87 1.77 -63.44
N THR K 183 77.06 2.20 -63.88
CA THR K 183 77.24 2.59 -65.26
C THR K 183 77.19 1.40 -66.20
N LYS K 184 77.45 0.19 -65.71
CA LYS K 184 77.34 -1.01 -66.54
C LYS K 184 75.89 -1.41 -66.73
N LEU K 185 75.13 -1.49 -65.64
CA LEU K 185 73.75 -1.96 -65.71
C LEU K 185 72.81 -0.94 -66.34
N TYR K 186 73.07 0.36 -66.15
CA TYR K 186 72.13 1.40 -66.58
C TYR K 186 72.78 2.55 -67.34
N GLY K 187 74.08 2.75 -67.25
CA GLY K 187 74.75 3.83 -67.95
C GLY K 187 75.24 4.90 -66.98
N SER K 188 76.01 5.82 -67.55
CA SER K 188 76.56 6.92 -66.77
C SER K 188 75.53 8.03 -66.59
N GLY K 189 75.87 8.98 -65.73
CA GLY K 189 74.98 10.09 -65.44
C GLY K 189 74.19 9.87 -64.16
N ASN K 190 73.70 10.97 -63.60
CA ASN K 190 72.93 10.93 -62.35
C ASN K 190 71.59 10.27 -62.62
N LYS K 191 71.46 8.99 -62.24
CA LYS K 191 70.19 8.29 -62.38
C LYS K 191 69.15 8.90 -61.45
N LEU K 192 67.90 8.87 -61.90
CA LEU K 192 66.81 9.50 -61.17
C LEU K 192 65.55 8.67 -61.32
N VAL K 193 64.88 8.40 -60.20
CA VAL K 193 63.61 7.69 -60.18
C VAL K 193 62.59 8.57 -59.48
N THR K 194 61.40 8.68 -60.06
CA THR K 194 60.37 9.56 -59.52
C THR K 194 59.03 8.85 -59.50
N VAL K 195 58.25 9.10 -58.45
CA VAL K 195 56.94 8.51 -58.25
C VAL K 195 55.99 9.62 -57.80
N GLY K 196 54.78 9.60 -58.33
CA GLY K 196 53.80 10.63 -57.98
C GLY K 196 52.40 10.06 -57.94
N SER K 197 51.56 10.66 -57.10
CA SER K 197 50.17 10.26 -57.01
C SER K 197 49.37 11.44 -56.45
N SER K 198 48.28 11.14 -55.72
CA SER K 198 47.48 12.19 -55.10
C SER K 198 47.92 12.48 -53.67
N ASN K 199 48.39 11.48 -52.94
CA ASN K 199 48.81 11.62 -51.55
C ASN K 199 50.31 11.43 -51.36
N TYR K 200 51.08 11.45 -52.45
CA TYR K 200 52.48 11.06 -52.35
C TYR K 200 53.23 11.49 -53.59
N GLN K 201 54.49 11.78 -53.33
CA GLN K 201 55.44 12.17 -54.29
C GLN K 201 56.69 11.63 -53.59
N GLN K 202 57.70 11.29 -54.36
CA GLN K 202 59.10 11.16 -54.01
C GLN K 202 59.65 10.39 -55.12
N SER K 203 60.72 10.73 -55.82
CA SER K 203 61.89 11.43 -55.37
C SER K 203 62.96 10.46 -54.95
N PHE K 204 63.55 9.77 -55.91
CA PHE K 204 64.57 8.82 -55.57
C PHE K 204 65.81 8.90 -56.32
N VAL K 205 66.88 9.00 -55.58
CA VAL K 205 68.21 9.03 -56.19
C VAL K 205 68.98 7.82 -55.67
N PRO K 206 69.59 7.02 -56.54
CA PRO K 206 70.33 5.84 -56.08
C PRO K 206 71.58 6.23 -55.33
N SER K 207 72.22 5.22 -54.74
CA SER K 207 73.43 5.43 -53.93
C SER K 207 74.33 4.23 -54.08
N PRO K 208 75.19 4.21 -55.10
CA PRO K 208 76.09 3.08 -55.27
C PRO K 208 77.18 3.05 -54.23
N GLY K 209 77.57 1.84 -53.84
CA GLY K 209 78.59 1.67 -52.82
C GLY K 209 78.63 0.24 -52.34
N ALA K 210 79.68 -0.07 -51.59
CA ALA K 210 79.90 -1.41 -51.07
C ALA K 210 79.29 -1.54 -49.69
N ARG K 211 78.29 -2.40 -49.56
CA ARG K 211 77.70 -2.72 -48.27
C ARG K 211 78.22 -4.07 -47.77
N THR K 212 77.81 -4.45 -46.57
CA THR K 212 78.21 -5.73 -46.01
C THR K 212 77.70 -6.87 -46.87
N GLN K 213 78.58 -7.82 -47.18
CA GLN K 213 78.26 -8.91 -48.09
C GLN K 213 77.20 -9.82 -47.47
N VAL K 214 76.00 -9.80 -48.03
CA VAL K 214 74.90 -10.68 -47.63
C VAL K 214 74.49 -11.50 -48.83
N ASN K 215 74.28 -12.80 -48.62
CA ASN K 215 74.01 -13.75 -49.71
C ASN K 215 75.11 -13.73 -50.76
N GLY K 216 76.34 -13.43 -50.34
CA GLY K 216 77.45 -13.25 -51.26
C GLY K 216 77.44 -11.94 -52.02
N LEU K 217 76.37 -11.16 -51.93
CA LEU K 217 76.22 -9.93 -52.70
C LEU K 217 76.49 -8.72 -51.83
N SER K 218 77.11 -7.70 -52.41
CA SER K 218 77.36 -6.43 -51.75
C SER K 218 76.41 -5.33 -52.20
N GLY K 219 75.53 -5.62 -53.17
CA GLY K 219 74.54 -4.66 -53.60
C GLY K 219 73.22 -4.79 -52.84
N ARG K 220 72.47 -3.71 -52.81
CA ARG K 220 71.21 -3.65 -52.07
C ARG K 220 70.07 -3.26 -53.00
N ILE K 221 68.85 -3.43 -52.51
CA ILE K 221 67.63 -3.04 -53.21
C ILE K 221 66.66 -2.48 -52.18
N ASP K 222 66.35 -1.20 -52.28
CA ASP K 222 65.38 -0.58 -51.40
C ASP K 222 63.97 -0.82 -51.91
N PHE K 223 63.09 -1.29 -51.02
CA PHE K 223 61.70 -1.57 -51.36
C PHE K 223 60.82 -0.48 -50.78
N HIS K 224 60.12 0.23 -51.65
CA HIS K 224 59.20 1.29 -51.25
C HIS K 224 57.78 0.91 -51.66
N TRP K 225 56.80 1.52 -51.00
CA TRP K 225 55.41 1.15 -51.21
C TRP K 225 54.51 2.34 -50.92
N LEU K 226 53.36 2.38 -51.61
CA LEU K 226 52.33 3.35 -51.32
C LEU K 226 50.97 2.71 -51.61
N MET K 227 49.92 3.34 -51.08
CA MET K 227 48.56 2.85 -51.20
C MET K 227 47.78 3.77 -52.14
N LEU K 228 47.45 3.26 -53.32
CA LEU K 228 46.63 3.99 -54.27
C LEU K 228 45.16 3.90 -53.88
N ASN K 229 44.46 5.03 -53.99
CA ASN K 229 43.03 5.08 -53.74
C ASN K 229 42.26 4.69 -54.99
N PRO K 230 40.99 4.32 -54.86
CA PRO K 230 40.17 4.05 -56.05
C PRO K 230 40.14 5.25 -56.99
N ASN K 231 40.27 4.98 -58.28
CA ASN K 231 40.36 5.94 -59.38
C ASN K 231 41.56 6.88 -59.26
N ASP K 232 42.42 6.71 -58.28
CA ASP K 232 43.66 7.46 -58.19
C ASP K 232 44.72 6.82 -59.08
N THR K 233 45.65 7.64 -59.56
CA THR K 233 46.65 7.21 -60.51
C THR K 233 48.05 7.50 -59.98
N VAL K 234 48.94 6.52 -60.14
CA VAL K 234 50.35 6.66 -59.79
C VAL K 234 51.16 6.72 -61.06
N THR K 235 52.29 7.44 -61.01
CA THR K 235 53.14 7.63 -62.18
C THR K 235 54.59 7.47 -61.77
N PHE K 236 55.36 6.80 -62.64
CA PHE K 236 56.77 6.55 -62.43
C PHE K 236 57.56 7.14 -63.60
N SER K 237 58.62 7.88 -63.29
CA SER K 237 59.51 8.43 -64.30
C SER K 237 60.93 8.02 -63.93
N PHE K 238 61.50 7.11 -64.72
CA PHE K 238 62.79 6.53 -64.37
C PHE K 238 63.68 6.45 -65.60
N ASN K 239 64.94 6.06 -65.35
CA ASN K 239 65.85 5.80 -66.47
C ASN K 239 66.96 4.81 -66.10
N GLY K 240 66.80 4.01 -65.05
CA GLY K 240 67.83 3.10 -64.60
C GLY K 240 67.74 2.86 -63.11
N ALA K 241 68.31 1.74 -62.69
CA ALA K 241 68.29 1.32 -61.27
C ALA K 241 66.86 1.28 -60.74
N PHE K 242 66.00 0.56 -61.46
CA PHE K 242 64.58 0.49 -61.14
C PHE K 242 64.13 -0.96 -61.10
N ILE K 243 63.54 -1.36 -59.98
CA ILE K 243 62.90 -2.65 -59.82
C ILE K 243 61.41 -2.40 -60.00
N ALA K 244 60.91 -2.60 -61.22
CA ALA K 244 59.55 -2.22 -61.55
C ALA K 244 58.54 -3.22 -60.98
N PRO K 245 57.37 -2.74 -60.57
CA PRO K 245 56.31 -3.66 -60.14
C PRO K 245 55.56 -4.24 -61.32
N ASP K 246 55.28 -5.53 -61.24
CA ASP K 246 54.53 -6.24 -62.27
C ASP K 246 53.09 -6.55 -61.87
N ARG K 247 52.84 -6.79 -60.59
CA ARG K 247 51.49 -7.08 -60.11
C ARG K 247 51.26 -6.32 -58.81
N ALA K 248 50.09 -5.67 -58.72
CA ALA K 248 49.69 -4.95 -57.52
C ALA K 248 48.91 -5.86 -56.59
N SER K 249 48.86 -5.46 -55.32
CA SER K 249 48.21 -6.24 -54.27
C SER K 249 46.94 -5.52 -53.80
N PHE K 250 45.93 -6.31 -53.47
CA PHE K 250 44.66 -5.81 -52.95
C PHE K 250 44.30 -6.58 -51.71
N LEU K 251 43.90 -5.87 -50.65
CA LEU K 251 43.56 -6.52 -49.39
C LEU K 251 42.25 -7.27 -49.54
N ARG K 252 42.23 -8.54 -49.12
CA ARG K 252 41.04 -9.35 -49.26
C ARG K 252 39.97 -8.95 -48.25
N GLY K 253 40.29 -9.03 -46.96
CA GLY K 253 39.33 -8.70 -45.93
C GLY K 253 39.95 -8.31 -44.60
N LYS K 254 39.79 -9.15 -43.59
CA LYS K 254 40.26 -8.87 -42.25
C LYS K 254 40.81 -10.14 -41.63
N SER K 255 41.88 -10.01 -40.84
CA SER K 255 42.51 -11.14 -40.19
C SER K 255 43.30 -10.63 -38.99
N MET K 256 44.16 -11.48 -38.44
CA MET K 256 45.01 -11.14 -37.31
C MET K 256 46.39 -11.72 -37.53
N GLY K 257 47.41 -10.97 -37.14
CA GLY K 257 48.78 -11.42 -37.30
C GLY K 257 49.51 -11.63 -35.98
N ILE K 258 50.16 -12.78 -35.84
CA ILE K 258 50.88 -13.12 -34.61
C ILE K 258 52.28 -13.59 -34.98
N GLN K 259 53.19 -13.47 -34.01
CA GLN K 259 54.56 -13.97 -34.13
C GLN K 259 54.74 -15.05 -33.07
N SER K 260 54.93 -16.29 -33.51
CA SER K 260 55.04 -17.43 -32.61
C SER K 260 56.16 -18.34 -33.06
N GLY K 261 56.51 -19.29 -32.19
CA GLY K 261 57.53 -20.27 -32.50
C GLY K 261 57.12 -21.68 -32.11
N VAL K 262 55.84 -21.87 -31.83
CA VAL K 262 55.31 -23.17 -31.46
C VAL K 262 54.50 -23.73 -32.64
N GLN K 263 54.07 -24.98 -32.50
CA GLN K 263 53.36 -25.66 -33.57
C GLN K 263 51.92 -25.17 -33.68
N VAL K 264 51.27 -25.58 -34.77
CA VAL K 264 49.88 -25.22 -35.03
C VAL K 264 49.00 -26.39 -34.67
N ASP K 265 47.95 -26.14 -33.90
CA ASP K 265 47.01 -27.17 -33.45
C ASP K 265 45.62 -26.81 -33.94
N ALA K 266 44.97 -27.76 -34.61
CA ALA K 266 43.64 -27.54 -35.18
C ALA K 266 42.53 -28.16 -34.35
N ASN K 267 42.84 -28.66 -33.15
CA ASN K 267 41.82 -29.25 -32.28
C ASN K 267 41.43 -28.36 -31.12
N CYS K 268 42.33 -27.51 -30.62
CA CYS K 268 42.01 -26.55 -29.59
C CYS K 268 41.66 -25.21 -30.22
N GLU K 269 40.83 -24.44 -29.53
CA GLU K 269 40.33 -23.16 -30.04
C GLU K 269 40.62 -22.06 -29.03
N GLY K 270 41.03 -20.90 -29.53
CA GLY K 270 41.32 -19.76 -28.67
C GLY K 270 41.42 -18.50 -29.49
N ASP K 271 41.22 -17.38 -28.80
CA ASP K 271 41.30 -16.06 -29.42
C ASP K 271 42.41 -15.20 -28.85
N CYS K 272 43.23 -15.73 -27.93
CA CYS K 272 44.35 -15.00 -27.36
C CYS K 272 45.63 -15.74 -27.69
N TYR K 273 46.56 -15.05 -28.34
CA TYR K 273 47.80 -15.67 -28.79
C TYR K 273 49.00 -14.88 -28.31
N HIS K 274 50.13 -15.58 -28.15
CA HIS K 274 51.42 -14.96 -27.88
C HIS K 274 52.50 -15.84 -28.47
N SER K 275 53.76 -15.42 -28.31
CA SER K 275 54.86 -16.15 -28.91
C SER K 275 55.06 -17.52 -28.31
N GLY K 276 54.53 -17.78 -27.11
CA GLY K 276 54.69 -19.07 -26.46
C GLY K 276 53.54 -20.03 -26.71
N GLY K 277 52.41 -19.51 -27.17
CA GLY K 277 51.27 -20.36 -27.45
C GLY K 277 49.93 -19.64 -27.41
N THR K 278 48.91 -20.31 -26.87
CA THR K 278 47.56 -19.80 -26.82
C THR K 278 47.08 -19.74 -25.38
N ILE K 279 46.43 -18.65 -25.02
CA ILE K 279 45.88 -18.45 -23.68
C ILE K 279 44.38 -18.72 -23.76
N ILE K 280 43.97 -19.90 -23.31
CA ILE K 280 42.57 -20.29 -23.28
C ILE K 280 42.09 -20.18 -21.84
N SER K 281 41.29 -19.15 -21.56
CA SER K 281 40.83 -18.93 -20.19
C SER K 281 39.61 -18.03 -20.22
N ASN K 282 38.83 -18.11 -19.14
CA ASN K 282 37.69 -17.22 -18.92
C ASN K 282 37.97 -16.22 -17.81
N LEU K 283 39.13 -16.27 -17.19
CA LEU K 283 39.45 -15.35 -16.11
C LEU K 283 39.68 -13.94 -16.65
N PRO K 284 39.39 -12.91 -15.86
CA PRO K 284 39.56 -11.53 -16.34
C PRO K 284 41.00 -11.06 -16.41
N PHE K 285 41.94 -11.77 -15.81
CA PHE K 285 43.34 -11.35 -15.78
C PHE K 285 44.24 -12.51 -16.15
N GLN K 286 45.47 -12.18 -16.55
CA GLN K 286 46.45 -13.18 -16.93
C GLN K 286 47.85 -12.63 -16.66
N ASN K 287 48.76 -13.53 -16.31
CA ASN K 287 50.15 -13.19 -16.01
C ASN K 287 51.08 -14.09 -16.82
N ILE K 288 50.87 -14.13 -18.13
CA ILE K 288 51.66 -14.96 -19.03
C ILE K 288 52.53 -14.12 -19.97
N ASP K 289 51.91 -13.20 -20.70
CA ASP K 289 52.64 -12.35 -21.64
C ASP K 289 51.95 -10.99 -21.71
N SER K 290 52.72 -9.93 -21.47
CA SER K 290 52.15 -8.58 -21.53
C SER K 290 51.89 -8.13 -22.97
N ARG K 291 52.45 -8.82 -23.95
CA ARG K 291 52.28 -8.47 -25.37
C ARG K 291 51.33 -9.42 -26.08
N ALA K 292 50.43 -10.08 -25.36
CA ALA K 292 49.47 -10.97 -25.99
C ALA K 292 48.47 -10.18 -26.81
N VAL K 293 48.15 -10.69 -28.00
CA VAL K 293 47.26 -10.01 -28.93
C VAL K 293 45.99 -10.83 -29.10
N GLY K 294 44.96 -10.17 -29.61
CA GLY K 294 43.66 -10.79 -29.79
C GLY K 294 42.66 -10.36 -28.73
N LYS K 295 41.79 -11.27 -28.32
CA LYS K 295 40.83 -11.01 -27.25
C LYS K 295 41.35 -11.71 -26.00
N CYS K 296 42.22 -11.01 -25.28
CA CYS K 296 42.95 -11.55 -24.14
C CYS K 296 42.44 -10.97 -22.83
N PRO K 297 42.63 -11.67 -21.72
CA PRO K 297 42.45 -11.05 -20.41
C PRO K 297 43.49 -9.96 -20.18
N ARG K 298 43.14 -9.03 -19.30
CA ARG K 298 44.02 -7.90 -19.03
C ARG K 298 45.27 -8.37 -18.27
N TYR K 299 46.43 -8.01 -18.79
CA TYR K 299 47.69 -8.45 -18.17
C TYR K 299 47.93 -7.69 -16.87
N VAL K 300 48.32 -8.43 -15.83
CA VAL K 300 48.68 -7.87 -14.54
C VAL K 300 50.03 -8.45 -14.13
N LYS K 301 50.70 -7.75 -13.22
CA LYS K 301 51.99 -8.20 -12.71
C LYS K 301 51.86 -9.20 -11.57
N GLN K 302 50.71 -9.25 -10.89
CA GLN K 302 50.52 -10.20 -9.81
C GLN K 302 50.44 -11.62 -10.36
N ARG K 303 51.07 -12.56 -9.66
CA ARG K 303 51.04 -13.95 -10.07
C ARG K 303 49.71 -14.62 -9.71
N SER K 304 49.16 -14.28 -8.55
CA SER K 304 47.90 -14.87 -8.10
C SER K 304 47.10 -13.84 -7.32
N LEU K 305 45.79 -13.82 -7.57
CA LEU K 305 44.85 -12.95 -6.86
C LEU K 305 43.61 -13.79 -6.55
N LEU K 306 43.59 -14.38 -5.35
CA LEU K 306 42.53 -15.30 -4.98
C LEU K 306 41.26 -14.54 -4.61
N LEU K 307 40.17 -14.84 -5.31
CA LEU K 307 38.86 -14.29 -5.00
C LEU K 307 38.12 -15.21 -4.05
N ALA K 308 37.58 -14.64 -2.97
CA ALA K 308 36.90 -15.45 -1.97
C ALA K 308 35.53 -15.88 -2.48
N THR K 309 35.25 -17.18 -2.41
CA THR K 309 33.96 -17.74 -2.80
C THR K 309 33.19 -18.32 -1.62
N GLY K 310 33.75 -18.27 -0.42
CA GLY K 310 33.09 -18.77 0.76
C GLY K 310 33.16 -17.78 1.91
N MET K 311 32.54 -18.15 3.02
CA MET K 311 32.50 -17.30 4.20
C MET K 311 33.83 -17.36 4.93
N LYS K 312 33.94 -16.59 6.01
CA LYS K 312 35.13 -16.61 6.85
C LYS K 312 35.25 -17.96 7.54
N ASN K 313 36.43 -18.56 7.44
CA ASN K 313 36.66 -19.90 7.99
C ASN K 313 37.10 -19.77 9.45
N VAL K 314 36.20 -20.12 10.36
CA VAL K 314 36.53 -20.18 11.78
C VAL K 314 36.45 -21.64 12.21
N PRO K 315 37.55 -22.39 12.12
CA PRO K 315 37.49 -23.83 12.38
C PRO K 315 37.15 -24.14 13.83
N GLU K 316 36.77 -25.40 14.07
CA GLU K 316 36.44 -25.86 15.41
C GLU K 316 37.70 -26.03 16.25
N ALA L 7 29.82 -14.32 12.47
CA ALA L 7 31.17 -14.82 12.68
C ALA L 7 31.85 -14.11 13.85
N GLY L 8 31.03 -13.47 14.68
CA GLY L 8 31.54 -12.76 15.83
C GLY L 8 31.29 -13.50 17.14
N PHE L 9 30.10 -13.32 17.71
CA PHE L 9 29.74 -14.04 18.93
C PHE L 9 29.55 -15.53 18.68
N ILE L 10 29.39 -15.94 17.42
CA ILE L 10 29.49 -17.35 17.06
C ILE L 10 30.98 -17.70 17.10
N GLU L 11 31.39 -18.40 18.15
CA GLU L 11 32.83 -18.54 18.42
C GLU L 11 33.54 -19.31 17.32
N ASN L 12 32.86 -20.24 16.66
CA ASN L 12 33.48 -21.03 15.61
C ASN L 12 32.39 -21.64 14.74
N GLY L 13 32.81 -22.19 13.59
CA GLY L 13 31.91 -22.83 12.67
C GLY L 13 31.68 -24.29 13.01
N TRP L 14 30.89 -24.95 12.15
CA TRP L 14 30.56 -26.37 12.31
C TRP L 14 31.17 -27.13 11.15
N GLU L 15 32.28 -27.83 11.42
CA GLU L 15 32.91 -28.62 10.36
C GLU L 15 32.07 -29.84 10.00
N GLY L 16 31.23 -30.31 10.92
CA GLY L 16 30.34 -31.42 10.62
C GLY L 16 29.17 -31.04 9.75
N LEU L 17 28.83 -29.76 9.69
CA LEU L 17 27.72 -29.28 8.85
C LEU L 17 28.17 -29.31 7.41
N ILE L 18 27.83 -30.39 6.70
CA ILE L 18 28.20 -30.56 5.30
C ILE L 18 26.99 -30.47 4.39
N ASP L 19 25.83 -30.06 4.91
CA ASP L 19 24.61 -29.98 4.13
C ASP L 19 24.35 -28.60 3.56
N GLY L 20 24.88 -27.55 4.18
CA GLY L 20 24.66 -26.21 3.68
C GLY L 20 25.59 -25.23 4.38
N TRP L 21 25.42 -23.96 4.02
CA TRP L 21 26.25 -22.91 4.64
C TRP L 21 25.76 -22.54 6.03
N TYR L 22 24.44 -22.49 6.22
CA TYR L 22 23.85 -22.19 7.52
C TYR L 22 22.96 -23.35 7.94
N GLY L 23 22.62 -23.37 9.22
CA GLY L 23 21.78 -24.44 9.73
C GLY L 23 21.55 -24.29 11.21
N PHE L 24 20.75 -25.22 11.75
CA PHE L 24 20.38 -25.26 13.16
C PHE L 24 20.85 -26.55 13.79
N ARG L 25 21.22 -26.47 15.06
CA ARG L 25 21.50 -27.63 15.89
C ARG L 25 20.66 -27.50 17.16
N HIS L 26 19.65 -28.34 17.29
CA HIS L 26 18.72 -28.30 18.42
C HIS L 26 18.97 -29.50 19.32
N GLN L 27 19.07 -29.24 20.62
CA GLN L 27 19.26 -30.28 21.63
C GLN L 27 18.12 -30.17 22.63
N ASN L 28 17.09 -31.00 22.44
CA ASN L 28 15.91 -31.04 23.29
C ASN L 28 15.93 -32.32 24.11
N ALA L 29 14.76 -32.80 24.52
CA ALA L 29 14.66 -34.02 25.32
C ALA L 29 14.54 -35.27 24.48
N GLN L 30 13.91 -35.18 23.31
CA GLN L 30 13.75 -36.37 22.46
C GLN L 30 15.08 -36.79 21.85
N GLY L 31 15.96 -35.85 21.55
CA GLY L 31 17.24 -36.17 20.97
C GLY L 31 18.06 -34.94 20.59
N GLU L 32 18.44 -34.86 19.32
CA GLU L 32 19.25 -33.75 18.83
C GLU L 32 19.23 -33.77 17.31
N GLY L 33 19.34 -32.59 16.71
CA GLY L 33 19.28 -32.48 15.27
C GLY L 33 20.19 -31.38 14.75
N THR L 34 20.57 -31.53 13.49
CA THR L 34 21.42 -30.55 12.79
C THR L 34 20.94 -30.50 11.34
N ALA L 35 20.15 -29.49 11.00
CA ALA L 35 19.55 -29.37 9.68
C ALA L 35 19.91 -28.02 9.07
N ALA L 36 20.39 -28.05 7.83
CA ALA L 36 20.82 -26.84 7.16
C ALA L 36 19.63 -26.03 6.67
N ASP L 37 19.74 -24.70 6.78
CA ASP L 37 18.73 -23.79 6.27
C ASP L 37 19.00 -23.50 4.81
N TYR L 38 18.00 -23.71 3.96
CA TYR L 38 18.20 -23.61 2.52
C TYR L 38 18.06 -22.18 2.01
N LYS L 39 17.24 -21.35 2.65
CA LYS L 39 16.95 -20.02 2.11
C LYS L 39 18.18 -19.11 2.21
N SER L 40 18.76 -18.99 3.40
CA SER L 40 19.91 -18.11 3.57
C SER L 40 21.13 -18.64 2.83
N THR L 41 21.36 -19.95 2.90
CA THR L 41 22.47 -20.56 2.17
C THR L 41 22.33 -20.27 0.67
N GLN L 42 21.14 -20.48 0.12
CA GLN L 42 20.94 -20.21 -1.30
C GLN L 42 21.05 -18.71 -1.60
N SER L 43 20.74 -17.86 -0.61
CA SER L 43 20.89 -16.42 -0.82
C SER L 43 22.36 -16.04 -0.96
N ALA L 44 23.19 -16.44 0.00
CA ALA L 44 24.63 -16.15 -0.09
C ALA L 44 25.24 -16.80 -1.33
N ILE L 45 24.80 -18.03 -1.67
CA ILE L 45 25.31 -18.70 -2.84
C ILE L 45 24.94 -17.95 -4.11
N ASP L 46 23.71 -17.44 -4.18
CA ASP L 46 23.31 -16.67 -5.36
C ASP L 46 24.06 -15.34 -5.43
N GLN L 47 24.39 -14.74 -4.29
CA GLN L 47 25.13 -13.50 -4.31
C GLN L 47 26.57 -13.71 -4.78
N ILE L 48 27.26 -14.70 -4.20
CA ILE L 48 28.62 -15.02 -4.64
C ILE L 48 28.62 -15.43 -6.10
N THR L 49 27.61 -16.20 -6.52
CA THR L 49 27.48 -16.59 -7.92
C THR L 49 27.29 -15.35 -8.81
N GLY L 50 26.56 -14.36 -8.30
CA GLY L 50 26.44 -13.11 -9.05
C GLY L 50 27.77 -12.39 -9.21
N LYS L 51 28.56 -12.34 -8.13
CA LYS L 51 29.89 -11.76 -8.23
C LYS L 51 30.75 -12.51 -9.25
N LEU L 52 30.67 -13.84 -9.24
CA LEU L 52 31.47 -14.63 -10.17
C LEU L 52 31.03 -14.39 -11.62
N ASN L 53 29.72 -14.35 -11.86
CA ASN L 53 29.23 -14.10 -13.21
C ASN L 53 29.55 -12.68 -13.67
N ARG L 54 29.70 -11.74 -12.74
CA ARG L 54 30.02 -10.37 -13.12
C ARG L 54 31.50 -10.18 -13.39
N LEU L 55 32.37 -10.81 -12.59
CA LEU L 55 33.81 -10.62 -12.75
C LEU L 55 34.36 -11.47 -13.89
N ILE L 56 34.05 -12.75 -13.91
CA ILE L 56 34.46 -13.63 -15.01
C ILE L 56 33.78 -13.13 -16.27
N GLU L 57 34.55 -12.49 -17.15
CA GLU L 57 33.99 -11.81 -18.31
C GLU L 57 34.94 -11.92 -19.48
N LYS L 58 34.38 -11.91 -20.69
CA LYS L 58 35.15 -11.94 -21.93
C LYS L 58 35.12 -10.57 -22.57
N THR L 59 36.29 -10.07 -22.97
CA THR L 59 36.41 -8.75 -23.58
C THR L 59 36.34 -8.86 -25.09
N ASN L 60 35.44 -8.08 -25.69
CA ASN L 60 35.29 -8.07 -27.14
C ASN L 60 36.27 -7.13 -27.83
N GLN L 61 37.05 -6.35 -27.06
CA GLN L 61 38.01 -5.44 -27.64
C GLN L 61 39.26 -6.21 -28.08
N GLN L 62 39.68 -5.99 -29.32
CA GLN L 62 40.84 -6.65 -29.89
C GLN L 62 41.98 -5.66 -30.02
N PHE L 63 43.17 -6.06 -29.57
CA PHE L 63 44.37 -5.25 -29.69
C PHE L 63 45.34 -5.89 -30.67
N GLU L 64 45.91 -5.07 -31.55
CA GLU L 64 46.80 -5.56 -32.58
C GLU L 64 48.25 -5.54 -32.09
N LEU L 65 49.11 -6.18 -32.87
CA LEU L 65 50.54 -6.25 -32.55
C LEU L 65 51.19 -4.91 -32.88
N ILE L 66 51.67 -4.21 -31.86
CA ILE L 66 52.31 -2.91 -32.06
C ILE L 66 53.83 -3.00 -32.06
N ASP L 67 54.41 -4.09 -31.54
CA ASP L 67 55.84 -4.29 -31.49
C ASP L 67 56.25 -5.34 -32.52
N ASN L 68 57.50 -5.81 -32.41
CA ASN L 68 58.03 -6.83 -33.31
C ASN L 68 59.11 -7.59 -32.56
N GLU L 69 58.89 -8.89 -32.35
CA GLU L 69 59.81 -9.70 -31.57
C GLU L 69 60.98 -10.22 -32.39
N PHE L 70 60.83 -10.33 -33.71
CA PHE L 70 61.89 -10.86 -34.57
C PHE L 70 62.81 -9.77 -35.11
N ASN L 71 62.29 -8.58 -35.36
CA ASN L 71 63.10 -7.46 -35.86
C ASN L 71 62.69 -6.22 -35.07
N GLU L 72 63.55 -5.80 -34.13
CA GLU L 72 63.22 -4.68 -33.25
C GLU L 72 62.99 -3.41 -34.05
N VAL L 73 61.98 -2.65 -33.64
CA VAL L 73 61.61 -1.41 -34.32
C VAL L 73 62.58 -0.30 -33.92
N GLU L 74 62.22 0.94 -34.25
CA GLU L 74 63.03 2.08 -33.84
C GLU L 74 63.12 2.16 -32.32
N LYS L 75 64.30 2.53 -31.81
CA LYS L 75 64.54 2.51 -30.38
C LYS L 75 63.70 3.56 -29.66
N GLN L 76 63.45 4.71 -30.29
CA GLN L 76 62.67 5.77 -29.63
C GLN L 76 61.21 5.37 -29.51
N ILE L 77 60.57 5.04 -30.63
CA ILE L 77 59.17 4.63 -30.60
C ILE L 77 59.02 3.32 -29.84
N GLY L 78 60.06 2.49 -29.82
CA GLY L 78 60.02 1.29 -29.01
C GLY L 78 60.03 1.59 -27.53
N ASN L 79 60.82 2.59 -27.12
CA ASN L 79 60.81 3.01 -25.72
C ASN L 79 59.49 3.67 -25.34
N VAL L 80 58.86 4.37 -26.29
CA VAL L 80 57.53 4.93 -26.03
C VAL L 80 56.50 3.82 -25.86
N ILE L 81 56.58 2.80 -26.71
CA ILE L 81 55.64 1.69 -26.62
C ILE L 81 55.82 0.93 -25.31
N ASN L 82 57.08 0.65 -24.94
CA ASN L 82 57.33 -0.02 -23.67
C ASN L 82 56.91 0.84 -22.49
N TRP L 83 57.06 2.16 -22.60
CA TRP L 83 56.64 3.05 -21.53
C TRP L 83 55.12 3.02 -21.35
N THR L 84 54.37 3.16 -22.45
CA THR L 84 52.92 3.12 -22.36
C THR L 84 52.43 1.76 -21.88
N ARG L 85 53.03 0.68 -22.39
CA ARG L 85 52.63 -0.66 -21.97
C ARG L 85 52.91 -0.88 -20.49
N ASP L 86 54.02 -0.34 -19.98
CA ASP L 86 54.32 -0.47 -18.56
C ASP L 86 53.33 0.33 -17.72
N SER L 87 52.97 1.54 -18.18
CA SER L 87 51.99 2.33 -17.45
C SER L 87 50.64 1.61 -17.38
N ILE L 88 50.17 1.12 -18.53
CA ILE L 88 48.91 0.38 -18.55
C ILE L 88 48.99 -0.86 -17.68
N THR L 89 50.14 -1.52 -17.68
CA THR L 89 50.33 -2.70 -16.83
C THR L 89 50.19 -2.34 -15.36
N GLU L 90 50.77 -1.21 -14.95
CA GLU L 90 50.62 -0.76 -13.57
C GLU L 90 49.17 -0.44 -13.24
N VAL L 91 48.47 0.21 -14.18
CA VAL L 91 47.07 0.56 -13.95
C VAL L 91 46.23 -0.69 -13.74
N TRP L 92 46.37 -1.67 -14.64
CA TRP L 92 45.56 -2.88 -14.53
C TRP L 92 45.97 -3.73 -13.33
N SER L 93 47.24 -3.69 -12.94
CA SER L 93 47.66 -4.40 -11.73
C SER L 93 47.01 -3.78 -10.49
N TYR L 94 47.02 -2.45 -10.40
CA TYR L 94 46.37 -1.77 -9.28
C TYR L 94 44.87 -2.06 -9.26
N ASN L 95 44.22 -1.97 -10.42
CA ASN L 95 42.78 -2.21 -10.49
C ASN L 95 42.43 -3.64 -10.12
N ALA L 96 43.29 -4.60 -10.51
CA ALA L 96 43.03 -5.99 -10.16
C ALA L 96 43.22 -6.23 -8.67
N GLU L 97 44.29 -5.70 -8.09
CA GLU L 97 44.54 -5.87 -6.67
C GLU L 97 43.40 -5.27 -5.85
N LEU L 98 43.08 -4.00 -6.10
CA LEU L 98 42.01 -3.33 -5.35
C LEU L 98 40.67 -4.02 -5.59
N LEU L 99 40.42 -4.48 -6.82
CA LEU L 99 39.18 -5.18 -7.12
C LEU L 99 39.05 -6.45 -6.27
N VAL L 100 40.08 -7.29 -6.27
CA VAL L 100 40.02 -8.54 -5.52
C VAL L 100 39.86 -8.26 -4.04
N ALA L 101 40.63 -7.29 -3.50
CA ALA L 101 40.54 -6.98 -2.08
C ALA L 101 39.13 -6.52 -1.71
N MET L 102 38.58 -5.58 -2.47
CA MET L 102 37.24 -5.06 -2.17
C MET L 102 36.19 -6.15 -2.27
N GLU L 103 36.25 -6.97 -3.33
CA GLU L 103 35.26 -8.03 -3.50
C GLU L 103 35.34 -9.04 -2.36
N ASN L 104 36.55 -9.36 -1.89
CA ASN L 104 36.67 -10.26 -0.76
C ASN L 104 36.09 -9.65 0.51
N GLN L 105 36.39 -8.37 0.77
CA GLN L 105 35.83 -7.69 1.93
C GLN L 105 34.31 -7.73 1.92
N HIS L 106 33.70 -7.30 0.80
CA HIS L 106 32.25 -7.29 0.72
C HIS L 106 31.67 -8.69 0.75
N THR L 107 32.43 -9.70 0.32
CA THR L 107 31.96 -11.07 0.40
C THR L 107 31.88 -11.53 1.86
N ILE L 108 32.94 -11.30 2.62
CA ILE L 108 32.96 -11.70 4.02
C ILE L 108 31.87 -10.97 4.81
N ASP L 109 31.83 -9.64 4.67
CA ASP L 109 30.79 -8.87 5.37
C ASP L 109 29.40 -9.26 4.91
N LEU L 110 29.27 -9.69 3.65
CA LEU L 110 27.98 -10.14 3.15
C LEU L 110 27.53 -11.42 3.82
N ALA L 111 28.43 -12.41 3.90
CA ALA L 111 28.09 -13.66 4.57
C ALA L 111 27.77 -13.43 6.04
N ASP L 112 28.56 -12.60 6.72
CA ASP L 112 28.25 -12.27 8.11
C ASP L 112 26.89 -11.60 8.22
N SER L 113 26.55 -10.74 7.27
CA SER L 113 25.24 -10.10 7.27
C SER L 113 24.13 -11.12 7.14
N GLU L 114 24.31 -12.12 6.28
CA GLU L 114 23.29 -13.16 6.14
C GLU L 114 23.15 -13.97 7.43
N MET L 115 24.27 -14.30 8.07
CA MET L 115 24.22 -15.01 9.34
C MET L 115 23.43 -14.22 10.38
N ASP L 116 23.70 -12.91 10.49
CA ASP L 116 22.97 -12.09 11.44
C ASP L 116 21.49 -12.01 11.07
N LYS L 117 21.19 -11.99 9.76
CA LYS L 117 19.79 -12.00 9.32
C LYS L 117 19.07 -13.24 9.83
N LEU L 118 19.69 -14.41 9.64
CA LEU L 118 19.08 -15.65 10.12
C LEU L 118 18.91 -15.63 11.64
N TYR L 119 19.95 -15.20 12.35
CA TYR L 119 19.89 -15.16 13.82
C TYR L 119 18.73 -14.29 14.30
N GLU L 120 18.66 -13.05 13.82
CA GLU L 120 17.59 -12.16 14.27
C GLU L 120 16.22 -12.60 13.76
N ARG L 121 16.16 -13.34 12.66
CA ARG L 121 14.89 -13.87 12.20
C ARG L 121 14.37 -14.93 13.16
N VAL L 122 15.21 -15.92 13.51
CA VAL L 122 14.82 -16.91 14.49
C VAL L 122 14.51 -16.26 15.83
N LYS L 123 15.24 -15.18 16.17
CA LYS L 123 14.94 -14.46 17.40
C LYS L 123 13.55 -13.84 17.35
N ARG L 124 13.17 -13.25 16.22
CA ARG L 124 11.84 -12.68 16.08
C ARG L 124 10.75 -13.74 16.02
N GLN L 125 11.10 -14.98 15.67
CA GLN L 125 10.10 -16.05 15.69
C GLN L 125 9.63 -16.35 17.12
N LEU L 126 10.55 -16.80 17.97
CA LEU L 126 10.24 -17.05 19.38
C LEU L 126 10.28 -15.71 20.11
N ARG L 127 9.10 -15.16 20.42
CA ARG L 127 9.03 -13.81 20.97
C ARG L 127 9.44 -13.79 22.43
N GLU L 128 8.55 -14.20 23.33
CA GLU L 128 8.86 -14.30 24.74
C GLU L 128 9.04 -15.73 25.22
N ASN L 129 8.88 -16.71 24.33
CA ASN L 129 8.99 -18.11 24.71
C ASN L 129 10.45 -18.58 24.83
N ALA L 130 11.40 -17.73 24.46
CA ALA L 130 12.82 -18.08 24.55
C ALA L 130 13.62 -16.83 24.86
N GLU L 131 14.85 -17.05 25.32
CA GLU L 131 15.74 -15.95 25.67
C GLU L 131 17.13 -16.20 25.10
N GLU L 132 17.80 -15.13 24.68
CA GLU L 132 19.14 -15.25 24.14
C GLU L 132 20.10 -15.72 25.23
N ASP L 133 21.14 -16.43 24.82
CA ASP L 133 22.15 -16.91 25.76
C ASP L 133 23.46 -16.15 25.67
N GLY L 134 23.75 -15.51 24.54
CA GLY L 134 24.94 -14.71 24.35
C GLY L 134 25.91 -15.28 23.33
N THR L 135 25.87 -16.59 23.10
CA THR L 135 26.78 -17.25 22.18
C THR L 135 26.05 -17.80 20.95
N GLY L 136 24.93 -17.18 20.58
CA GLY L 136 24.19 -17.62 19.41
C GLY L 136 23.19 -18.72 19.67
N CYS L 137 22.68 -18.84 20.88
CA CYS L 137 21.68 -19.84 21.22
C CYS L 137 20.43 -19.16 21.76
N PHE L 138 19.31 -19.88 21.72
CA PHE L 138 18.03 -19.41 22.23
C PHE L 138 17.53 -20.44 23.24
N GLU L 139 17.76 -20.18 24.52
CA GLU L 139 17.24 -21.05 25.57
C GLU L 139 15.71 -21.00 25.56
N ILE L 140 15.09 -22.16 25.38
CA ILE L 140 13.64 -22.30 25.29
C ILE L 140 13.10 -22.65 26.66
N PHE L 141 12.01 -21.98 27.05
CA PHE L 141 11.40 -22.20 28.36
C PHE L 141 10.11 -23.01 28.28
N HIS L 142 9.94 -23.78 27.20
CA HIS L 142 8.83 -24.72 27.09
C HIS L 142 9.35 -25.97 26.38
N LYS L 143 8.60 -27.06 26.53
CA LYS L 143 8.94 -28.31 25.86
C LYS L 143 8.76 -28.14 24.36
N CYS L 144 9.87 -28.12 23.63
CA CYS L 144 9.86 -28.01 22.17
C CYS L 144 10.39 -29.34 21.61
N ASP L 145 9.47 -30.22 21.24
CA ASP L 145 9.84 -31.52 20.71
C ASP L 145 10.45 -31.39 19.31
N ASP L 146 10.76 -32.53 18.70
CA ASP L 146 11.37 -32.51 17.38
C ASP L 146 10.42 -31.93 16.34
N ASP L 147 9.13 -32.20 16.48
CA ASP L 147 8.14 -31.58 15.60
C ASP L 147 8.05 -30.08 15.83
N CYS L 148 8.21 -29.64 17.08
CA CYS L 148 8.27 -28.21 17.37
C CYS L 148 9.51 -27.58 16.75
N MET L 149 10.66 -28.25 16.86
CA MET L 149 11.89 -27.74 16.24
C MET L 149 11.72 -27.63 14.74
N ALA L 150 11.15 -28.67 14.11
CA ALA L 150 10.88 -28.61 12.68
C ALA L 150 9.92 -27.48 12.33
N SER L 151 8.98 -27.18 13.23
CA SER L 151 8.10 -26.05 13.02
C SER L 151 8.86 -24.73 13.10
N ILE L 152 9.91 -24.68 13.94
CA ILE L 152 10.73 -23.47 14.01
C ILE L 152 11.59 -23.34 12.76
N ARG L 153 12.03 -24.45 12.18
CA ARG L 153 12.93 -24.39 11.03
C ARG L 153 12.20 -23.85 9.79
N ASN L 154 11.02 -24.38 9.50
CA ASN L 154 10.26 -23.95 8.33
C ASN L 154 9.38 -22.73 8.60
N ASN L 155 9.65 -22.00 9.68
CA ASN L 155 8.94 -20.76 10.01
C ASN L 155 7.43 -20.99 10.14
N THR L 156 7.07 -21.97 10.97
CA THR L 156 5.67 -22.23 11.28
C THR L 156 5.43 -22.31 12.78
N TYR L 157 6.41 -21.95 13.60
CA TYR L 157 6.26 -21.99 15.05
C TYR L 157 5.27 -20.92 15.50
N ASP L 158 4.23 -21.34 16.22
CA ASP L 158 3.24 -20.41 16.75
C ASP L 158 3.82 -19.67 17.94
N HIS L 159 3.92 -18.35 17.83
CA HIS L 159 4.49 -17.51 18.86
C HIS L 159 3.51 -17.18 19.98
N SER L 160 2.40 -17.90 20.09
CA SER L 160 1.41 -17.64 21.13
C SER L 160 0.82 -18.90 21.76
N LYS L 161 0.82 -20.05 21.09
CA LYS L 161 0.30 -21.28 21.66
C LYS L 161 1.31 -21.96 22.60
N TYR L 162 2.45 -21.32 22.84
CA TYR L 162 3.39 -21.75 23.87
C TYR L 162 3.77 -20.61 24.80
N ARG L 163 3.01 -19.52 24.81
CA ARG L 163 3.44 -18.31 25.51
C ARG L 163 3.36 -18.47 27.03
N GLU L 164 2.19 -18.88 27.53
CA GLU L 164 2.00 -18.91 28.98
C GLU L 164 2.93 -19.90 29.66
N GLU L 165 3.14 -21.06 29.04
CA GLU L 165 3.99 -22.09 29.63
C GLU L 165 5.41 -21.59 29.80
N ALA L 166 5.96 -20.94 28.76
CA ALA L 166 7.31 -20.42 28.86
C ALA L 166 7.39 -19.18 29.75
N MET L 167 6.30 -18.41 29.81
CA MET L 167 6.28 -17.24 30.68
C MET L 167 6.30 -17.63 32.14
N GLN L 168 5.64 -18.74 32.50
CA GLN L 168 5.70 -19.22 33.88
C GLN L 168 7.11 -19.65 34.25
N ASN L 169 7.92 -20.06 33.29
CA ASN L 169 9.29 -20.50 33.55
C ASN L 169 10.27 -19.35 33.36
#